data_6W4Q
#
_entry.id   6W4Q
#
_cell.length_a   82.992
_cell.length_b   259.009
_cell.length_c   269.696
_cell.angle_alpha   90.000
_cell.angle_beta   90.000
_cell.angle_gamma   90.000
#
_symmetry.space_group_name_H-M   'P 21 21 21'
#
loop_
_entity.id
_entity.type
_entity.pdbx_description
1 polymer 'Tail fiber'
2 non-polymer GLYCEROL
3 non-polymer 'SULFATE ION'
4 non-polymer 'CHLORIDE ION'
5 non-polymer 'CARBONATE ION'
6 non-polymer 1,2-ETHANEDIOL
7 water water
#
_entity_poly.entity_id   1
_entity_poly.type   'polypeptide(L)'
_entity_poly.pdbx_seq_one_letter_code
;MTRNVEELFGGVITAPHQIPFTYKSNVGGETFLSLPFYPVTGVVTINGGMQVPLDNFEIEGNTLNLGRALSKGDVVYCLF
DKILSPEDTAKGIRIYKFQAVGGETEFTPDFTSYGVQSLYIGGEYKTPEIEYSYDSTTGKVSLQTALSAGVWVVAEMSVK
QPNISPAFDRSIQEIARSANVKDSEVIVSTDTISLLDGKKVVYDIATQTSYGLPTIPDGSVISSVSAGKLNYNPGDVQVD
LLPLEDSFINVINTLGRNDGAKYIGECHSVADLRNTEPTMDGQRIILKQHTAGTLLGGGVFRALIDGTGKTDNNGTVIKT
VGGAAWLRVNADRVNPFMFGALGGSNDDTIPVQSCVDSGKATQLTDAHYVSNIQLKYNTSSIYGSGLHYSRLHQLPSATG
NCITIKDTCSLIVLDAFGVYGTGAQQGTSFTAGTTGIYVETPSGLSADYPFHTTADPRRDLCISKVHIAGFDEYGLNIDS
GNFSVTTDSLLVNHINQVGVRCATTDWTWTNIQVNTCGKQCLVLDGCGNGRIIGGKFIWANWQPYGTVGQFPGITINNSQ
NMVINGIEVQDCGGNGIEISESYSISMNGLNTNRNGINANNTFYNIVFNKSDAVINGFVGLNYAANSGSGANSSAGNFQF
LSNDCSVTINGVVETGYMGINFIGDNNIINPTNSDLSINGLVNYSKTGLQTMNETPTFDGVSTTPVYVSVPSSVGQVNGL
RLSQANKDKLLYSRTAGPEGITMAAVIVPTISGAEVFNFMAIGSGFSDTSNSLHLQLVIDASGKQTIALLLGGDGTTQIL
SGDLPNDLKLQSGVPYHIAIGAKPGYFWWSILNIQTGKRIRRSFRGAYLAVPFNSIFGLTSSLTFFSDSNAGGDACSGVG
AKVYVGMFSSENDYVASRYYNLINPVDPTKLISYRILDSSIHHHHHH
;
_entity_poly.pdbx_strand_id   A,B,C,D,E,F
#
loop_
_chem_comp.id
_chem_comp.type
_chem_comp.name
_chem_comp.formula
CL non-polymer 'CHLORIDE ION' 'Cl -1'
CO3 non-polymer 'CARBONATE ION' 'C O3 -2'
EDO non-polymer 1,2-ETHANEDIOL 'C2 H6 O2'
GOL non-polymer GLYCEROL 'C3 H8 O3'
SO4 non-polymer 'SULFATE ION' 'O4 S -2'
#
# COMPACT_ATOMS: atom_id res chain seq x y z
N ALA A 167 -8.91 110.30 -94.86
CA ALA A 167 -8.80 111.36 -93.80
C ALA A 167 -7.32 111.61 -93.44
N PHE A 168 -7.10 112.10 -92.21
CA PHE A 168 -5.83 112.31 -91.51
C PHE A 168 -5.92 111.55 -90.17
N ASP A 169 -7.13 111.00 -89.97
CA ASP A 169 -7.56 110.19 -88.85
C ASP A 169 -7.10 108.75 -89.08
N ARG A 170 -5.95 108.44 -88.46
CA ARG A 170 -5.37 107.12 -88.48
C ARG A 170 -5.96 106.28 -87.35
N SER A 171 -7.23 106.51 -86.97
CA SER A 171 -7.84 105.88 -85.82
C SER A 171 -7.84 104.36 -85.98
N ILE A 172 -8.36 103.87 -87.12
CA ILE A 172 -8.45 102.43 -87.36
C ILE A 172 -7.05 101.80 -87.25
N GLN A 173 -6.04 102.36 -87.92
CA GLN A 173 -4.73 101.76 -87.90
C GLN A 173 -4.19 101.73 -86.46
N GLU A 174 -4.43 102.82 -85.70
CA GLU A 174 -3.89 102.94 -84.36
C GLU A 174 -4.47 101.81 -83.49
N ILE A 175 -5.79 101.65 -83.56
CA ILE A 175 -6.54 100.64 -82.85
C ILE A 175 -6.07 99.24 -83.24
N ALA A 176 -5.82 99.02 -84.53
CA ALA A 176 -5.52 97.68 -85.03
C ALA A 176 -4.09 97.32 -84.66
N ARG A 177 -3.14 98.26 -84.85
CA ARG A 177 -1.78 97.93 -84.46
C ARG A 177 -1.72 97.68 -82.95
N SER A 178 -2.52 98.44 -82.18
CA SER A 178 -2.56 98.32 -80.73
C SER A 178 -2.98 96.93 -80.28
N ALA A 179 -4.04 96.41 -80.90
CA ALA A 179 -4.56 95.08 -80.60
C ALA A 179 -3.88 94.01 -81.45
N ASN A 180 -2.86 94.42 -82.23
CA ASN A 180 -2.14 93.54 -83.14
C ASN A 180 -3.12 92.73 -84.01
N VAL A 181 -4.14 93.38 -84.58
CA VAL A 181 -5.01 92.76 -85.58
C VAL A 181 -4.95 93.57 -86.87
N LYS A 182 -5.75 93.12 -87.86
CA LYS A 182 -5.83 93.73 -89.18
C LYS A 182 -6.78 94.93 -89.15
N ASP A 183 -6.47 95.94 -89.98
CA ASP A 183 -7.42 97.04 -90.17
C ASP A 183 -8.85 96.54 -90.20
N SER A 184 -9.15 95.51 -91.01
CA SER A 184 -10.53 95.13 -91.28
C SER A 184 -11.16 94.42 -90.08
N GLU A 185 -10.34 94.07 -89.08
CA GLU A 185 -10.81 93.39 -87.89
C GLU A 185 -11.27 94.37 -86.80
N VAL A 186 -11.12 95.69 -87.06
CA VAL A 186 -11.55 96.73 -86.14
C VAL A 186 -12.91 97.27 -86.56
N ILE A 187 -13.79 97.54 -85.61
CA ILE A 187 -15.06 98.22 -85.91
C ILE A 187 -15.31 99.23 -84.79
N VAL A 188 -15.74 100.46 -85.17
CA VAL A 188 -16.02 101.49 -84.17
C VAL A 188 -17.48 101.47 -83.77
N SER A 189 -17.79 102.03 -82.58
CA SER A 189 -19.06 101.78 -81.92
C SER A 189 -20.22 102.40 -82.69
N THR A 190 -19.93 103.47 -83.45
CA THR A 190 -20.97 104.29 -84.07
C THR A 190 -21.33 103.72 -85.44
N ASP A 191 -20.51 102.79 -85.93
CA ASP A 191 -20.64 102.26 -87.27
C ASP A 191 -21.68 101.14 -87.27
N THR A 192 -22.89 101.43 -87.79
CA THR A 192 -23.98 100.47 -87.71
C THR A 192 -24.23 99.82 -89.07
N ILE A 193 -23.35 100.14 -90.03
CA ILE A 193 -23.46 99.72 -91.42
C ILE A 193 -22.74 98.38 -91.60
N SER A 194 -21.46 98.30 -91.18
CA SER A 194 -20.56 97.17 -91.33
C SER A 194 -21.13 95.89 -90.71
N LEU A 195 -20.89 94.76 -91.38
CA LEU A 195 -21.23 93.47 -90.79
C LEU A 195 -20.21 93.15 -89.69
N LEU A 196 -20.67 92.45 -88.66
CA LEU A 196 -19.76 92.09 -87.57
C LEU A 196 -18.88 90.90 -87.96
N ASP A 197 -19.16 90.28 -89.13
CA ASP A 197 -18.40 89.17 -89.69
C ASP A 197 -16.92 89.56 -89.82
N GLY A 198 -16.07 88.77 -89.16
CA GLY A 198 -14.62 88.95 -89.26
C GLY A 198 -14.04 89.98 -88.29
N LYS A 199 -14.90 90.61 -87.47
CA LYS A 199 -14.47 91.63 -86.52
C LYS A 199 -13.89 90.98 -85.26
N LYS A 200 -12.72 91.46 -84.80
CA LYS A 200 -12.14 90.94 -83.57
C LYS A 200 -12.21 92.00 -82.45
N VAL A 201 -12.10 93.29 -82.81
CA VAL A 201 -12.01 94.40 -81.87
C VAL A 201 -13.10 95.44 -82.14
N VAL A 202 -13.83 95.78 -81.08
CA VAL A 202 -14.75 96.90 -81.07
C VAL A 202 -14.15 98.03 -80.21
N TYR A 203 -14.11 99.24 -80.80
CA TYR A 203 -13.65 100.47 -80.16
C TYR A 203 -14.86 101.31 -79.78
N ASP A 204 -15.10 101.43 -78.47
CA ASP A 204 -16.17 102.26 -77.95
C ASP A 204 -15.68 103.71 -77.94
N ILE A 205 -16.19 104.53 -78.87
CA ILE A 205 -15.64 105.86 -79.09
C ILE A 205 -15.95 106.72 -77.89
N ALA A 206 -17.16 106.57 -77.33
CA ALA A 206 -17.56 107.35 -76.16
C ALA A 206 -16.49 107.30 -75.07
N THR A 207 -15.91 106.12 -74.80
CA THR A 207 -14.98 105.96 -73.69
C THR A 207 -13.55 105.80 -74.18
N GLN A 208 -13.34 105.79 -75.51
CA GLN A 208 -12.02 105.52 -76.07
C GLN A 208 -11.40 104.21 -75.54
N THR A 209 -12.21 103.14 -75.50
CA THR A 209 -11.69 101.85 -75.06
C THR A 209 -11.89 100.82 -76.18
N SER A 210 -10.83 100.05 -76.46
CA SER A 210 -10.96 98.86 -77.29
C SER A 210 -11.44 97.69 -76.44
N TYR A 211 -12.36 96.89 -77.02
CA TYR A 211 -12.77 95.62 -76.44
C TYR A 211 -12.59 94.48 -77.42
N GLY A 212 -12.50 93.24 -76.90
CA GLY A 212 -12.65 92.06 -77.74
C GLY A 212 -14.13 91.71 -77.93
N LEU A 213 -14.43 91.18 -79.13
CA LEU A 213 -15.76 90.70 -79.51
C LEU A 213 -16.02 89.22 -79.16
N PRO A 214 -17.17 88.89 -78.54
CA PRO A 214 -17.53 87.48 -78.30
C PRO A 214 -18.12 87.00 -79.63
N THR A 215 -18.43 85.69 -79.76
CA THR A 215 -18.91 85.24 -81.06
C THR A 215 -20.35 85.70 -81.28
N ILE A 216 -20.57 86.26 -82.48
CA ILE A 216 -21.84 86.82 -82.88
C ILE A 216 -22.20 86.15 -84.22
N PRO A 217 -23.47 85.76 -84.40
CA PRO A 217 -23.92 85.16 -85.67
C PRO A 217 -23.55 86.03 -86.86
N ASP A 218 -23.16 85.41 -87.98
CA ASP A 218 -22.83 86.13 -89.20
C ASP A 218 -24.00 86.97 -89.69
N GLY A 219 -23.70 88.03 -90.45
CA GLY A 219 -24.67 89.01 -90.92
C GLY A 219 -25.29 89.83 -89.78
N SER A 220 -24.51 90.07 -88.72
CA SER A 220 -24.98 90.96 -87.67
C SER A 220 -24.38 92.35 -87.88
N VAL A 221 -25.04 93.35 -87.26
CA VAL A 221 -24.59 94.74 -87.25
C VAL A 221 -24.74 95.27 -85.82
N ILE A 222 -23.98 96.33 -85.49
CA ILE A 222 -24.12 96.96 -84.20
C ILE A 222 -25.46 97.70 -84.19
N SER A 223 -26.23 97.47 -83.13
CA SER A 223 -27.32 98.36 -82.76
C SER A 223 -26.74 99.49 -81.91
N SER A 224 -26.25 99.18 -80.69
CA SER A 224 -25.55 100.15 -79.86
C SER A 224 -24.36 99.49 -79.13
N VAL A 225 -23.56 100.32 -78.42
CA VAL A 225 -22.41 99.87 -77.64
C VAL A 225 -22.34 100.75 -76.40
N SER A 226 -22.27 100.14 -75.21
CA SER A 226 -21.97 100.95 -74.04
C SER A 226 -21.87 100.12 -72.75
N ALA A 227 -21.09 100.63 -71.81
CA ALA A 227 -20.97 100.11 -70.46
C ALA A 227 -20.59 98.64 -70.51
N GLY A 228 -19.60 98.33 -71.35
CA GLY A 228 -19.09 96.97 -71.50
C GLY A 228 -20.05 96.06 -72.27
N LYS A 229 -21.15 96.64 -72.79
CA LYS A 229 -22.16 95.86 -73.50
C LYS A 229 -22.22 96.29 -74.96
N LEU A 230 -22.54 95.33 -75.83
CA LEU A 230 -22.91 95.56 -77.21
C LEU A 230 -24.30 94.96 -77.44
N ASN A 231 -25.12 95.69 -78.21
CA ASN A 231 -26.38 95.19 -78.72
C ASN A 231 -26.24 95.03 -80.22
N TYR A 232 -26.66 93.87 -80.75
CA TYR A 232 -26.63 93.68 -82.20
C TYR A 232 -28.01 93.32 -82.77
N ASN A 233 -28.15 93.65 -84.06
CA ASN A 233 -29.27 93.30 -84.92
C ASN A 233 -28.74 92.45 -86.06
N PRO A 234 -29.56 91.51 -86.63
CA PRO A 234 -30.95 91.26 -86.18
C PRO A 234 -31.22 90.76 -84.76
N GLY A 235 -32.22 91.37 -84.10
CA GLY A 235 -32.82 90.85 -82.88
C GLY A 235 -32.63 91.73 -81.65
N ASP A 236 -31.72 92.72 -81.73
CA ASP A 236 -31.34 93.58 -80.62
C ASP A 236 -30.84 92.78 -79.41
N VAL A 237 -29.97 91.78 -79.64
CA VAL A 237 -29.51 90.95 -78.55
C VAL A 237 -28.26 91.56 -77.92
N GLN A 238 -28.27 91.63 -76.57
CA GLN A 238 -27.20 92.22 -75.77
C GLN A 238 -26.15 91.15 -75.45
N VAL A 239 -24.88 91.42 -75.75
CA VAL A 239 -23.77 90.53 -75.41
C VAL A 239 -22.77 91.30 -74.54
N ASP A 240 -21.96 90.56 -73.77
CA ASP A 240 -20.90 91.20 -72.99
C ASP A 240 -19.62 91.24 -73.80
N LEU A 241 -18.95 92.41 -73.78
CA LEU A 241 -17.69 92.58 -74.48
C LEU A 241 -16.56 91.97 -73.66
N LEU A 242 -15.48 91.56 -74.33
CA LEU A 242 -14.36 90.87 -73.71
C LEU A 242 -13.21 91.83 -73.48
N PRO A 243 -12.34 91.57 -72.47
CA PRO A 243 -11.02 92.22 -72.41
C PRO A 243 -10.25 91.75 -73.64
N LEU A 244 -9.25 92.52 -74.06
CA LEU A 244 -8.42 92.18 -75.19
C LEU A 244 -7.59 90.95 -74.85
N GLU A 245 -7.21 90.20 -75.90
CA GLU A 245 -6.48 88.96 -75.72
C GLU A 245 -5.20 89.23 -74.94
N ASP A 246 -4.47 90.30 -75.28
CA ASP A 246 -3.15 90.46 -74.66
C ASP A 246 -3.20 91.29 -73.39
N SER A 247 -4.37 91.44 -72.76
CA SER A 247 -4.46 92.26 -71.57
C SER A 247 -4.14 91.48 -70.29
N PHE A 248 -3.73 92.26 -69.27
CA PHE A 248 -3.52 91.77 -67.92
C PHE A 248 -4.78 91.05 -67.47
N ILE A 249 -5.93 91.69 -67.62
CA ILE A 249 -7.16 91.08 -67.11
C ILE A 249 -7.44 89.74 -67.75
N ASN A 250 -7.09 89.59 -69.04
CA ASN A 250 -7.27 88.34 -69.73
C ASN A 250 -6.32 87.28 -69.17
N VAL A 251 -5.04 87.62 -68.98
CA VAL A 251 -4.09 86.66 -68.45
C VAL A 251 -4.48 86.20 -67.04
N ILE A 252 -4.70 87.14 -66.12
CA ILE A 252 -5.18 86.86 -64.78
C ILE A 252 -6.47 86.06 -64.79
N ASN A 253 -7.44 86.40 -65.63
CA ASN A 253 -8.67 85.61 -65.66
C ASN A 253 -8.36 84.17 -66.09
N THR A 254 -7.40 83.99 -67.00
CA THR A 254 -7.12 82.67 -67.49
C THR A 254 -6.48 81.81 -66.38
N LEU A 255 -5.41 82.31 -65.78
CA LEU A 255 -4.67 81.60 -64.74
C LEU A 255 -5.57 81.24 -63.58
N GLY A 256 -6.55 82.10 -63.34
CA GLY A 256 -7.54 81.97 -62.29
C GLY A 256 -8.67 80.99 -62.59
N ARG A 257 -8.68 80.36 -63.77
CA ARG A 257 -9.78 79.42 -63.99
C ARG A 257 -9.46 78.12 -63.25
N ASN A 258 -10.48 77.27 -63.09
CA ASN A 258 -10.48 75.96 -62.46
C ASN A 258 -9.19 75.19 -62.71
N ASP A 259 -8.76 75.18 -63.97
CA ASP A 259 -7.68 74.34 -64.42
C ASP A 259 -6.35 75.08 -64.48
N GLY A 260 -6.29 76.27 -63.84
CA GLY A 260 -5.18 77.18 -63.98
C GLY A 260 -3.83 76.60 -63.61
N ALA A 261 -3.81 75.58 -62.73
CA ALA A 261 -2.53 75.03 -62.29
C ALA A 261 -1.77 74.46 -63.47
N LYS A 262 -2.50 74.11 -64.53
CA LYS A 262 -1.83 73.51 -65.67
C LYS A 262 -0.87 74.48 -66.36
N TYR A 263 -0.98 75.80 -66.14
CA TYR A 263 -0.08 76.71 -66.85
C TYR A 263 1.31 76.77 -66.22
N ILE A 264 1.50 76.18 -65.03
CA ILE A 264 2.81 76.24 -64.42
C ILE A 264 3.61 75.02 -64.87
N GLY A 265 4.77 75.23 -65.48
CA GLY A 265 5.52 74.15 -66.05
C GLY A 265 6.15 73.27 -64.97
N GLU A 266 6.77 72.16 -65.40
CA GLU A 266 7.34 71.18 -64.48
C GLU A 266 8.47 70.42 -65.15
N CYS A 267 9.38 69.93 -64.33
CA CYS A 267 10.47 69.12 -64.84
C CYS A 267 9.96 67.68 -65.03
N HIS A 268 10.33 67.01 -66.15
CA HIS A 268 9.59 65.83 -66.59
C HIS A 268 10.15 64.54 -65.98
N SER A 269 11.36 64.64 -65.39
CA SER A 269 12.13 63.50 -64.98
C SER A 269 13.29 64.07 -64.16
N VAL A 270 13.94 63.25 -63.30
CA VAL A 270 15.15 63.66 -62.59
C VAL A 270 16.34 63.89 -63.54
N ALA A 271 16.30 63.20 -64.69
CA ALA A 271 17.33 63.39 -65.71
C ALA A 271 17.26 64.85 -66.20
N ASP A 272 16.06 65.32 -66.52
CA ASP A 272 15.87 66.74 -66.86
C ASP A 272 16.28 67.64 -65.71
N LEU A 273 15.90 67.24 -64.48
CA LEU A 273 16.17 68.07 -63.31
C LEU A 273 17.66 68.27 -63.19
N ARG A 274 18.47 67.30 -63.64
CA ARG A 274 19.92 67.37 -63.47
C ARG A 274 20.49 68.41 -64.44
N ASN A 275 19.69 68.74 -65.45
CA ASN A 275 20.05 69.74 -66.46
C ASN A 275 19.26 71.05 -66.30
N THR A 276 18.90 71.43 -65.07
CA THR A 276 18.08 72.60 -64.87
C THR A 276 18.75 73.41 -63.77
N GLU A 277 19.50 74.45 -64.16
CA GLU A 277 20.24 75.20 -63.15
C GLU A 277 19.33 76.17 -62.42
N PRO A 278 19.32 76.18 -61.06
CA PRO A 278 18.58 77.21 -60.33
C PRO A 278 19.29 78.56 -60.48
N THR A 279 18.56 79.67 -60.33
CA THR A 279 19.10 81.02 -60.45
C THR A 279 18.72 81.85 -59.22
N MET A 280 18.34 81.17 -58.12
CA MET A 280 17.94 81.82 -56.88
C MET A 280 17.89 80.75 -55.79
N ASP A 281 18.49 81.07 -54.64
CA ASP A 281 18.66 80.08 -53.60
C ASP A 281 17.28 79.77 -53.05
N GLY A 282 16.98 78.49 -52.84
CA GLY A 282 15.72 78.08 -52.27
C GLY A 282 14.62 78.01 -53.34
N GLN A 283 15.01 78.13 -54.62
CA GLN A 283 14.03 78.17 -55.71
C GLN A 283 13.14 76.91 -55.69
N ARG A 284 11.83 77.05 -55.84
CA ARG A 284 10.89 75.94 -55.89
C ARG A 284 10.79 75.42 -57.34
N ILE A 285 10.83 74.09 -57.51
CA ILE A 285 10.53 73.49 -58.82
C ILE A 285 9.60 72.31 -58.60
N ILE A 286 8.72 72.04 -59.58
CA ILE A 286 7.82 70.90 -59.51
C ILE A 286 8.42 69.79 -60.34
N LEU A 287 8.55 68.57 -59.74
CA LEU A 287 8.93 67.39 -60.52
C LEU A 287 7.69 66.56 -60.79
N LYS A 288 7.39 66.35 -62.07
CA LYS A 288 6.17 65.63 -62.41
C LYS A 288 6.26 64.14 -62.01
N GLN A 289 7.45 63.51 -62.15
CA GLN A 289 7.64 62.09 -61.90
C GLN A 289 9.15 61.83 -61.91
N HIS A 290 9.62 60.71 -61.30
CA HIS A 290 11.05 60.43 -61.22
C HIS A 290 11.57 60.06 -62.62
N THR A 291 10.80 59.20 -63.29
CA THR A 291 11.23 58.61 -64.54
C THR A 291 10.18 58.89 -65.61
N ALA A 292 10.63 59.20 -66.83
CA ALA A 292 9.71 59.67 -67.87
C ALA A 292 8.59 58.65 -68.11
N GLY A 293 7.33 59.08 -68.20
CA GLY A 293 6.25 58.20 -68.62
C GLY A 293 5.46 57.56 -67.49
N THR A 294 5.90 57.71 -66.24
CA THR A 294 5.41 56.82 -65.20
C THR A 294 4.36 57.51 -64.35
N LEU A 295 4.47 58.83 -64.23
CA LEU A 295 3.62 59.52 -63.27
C LEU A 295 3.85 58.97 -61.85
N LEU A 296 5.10 58.58 -61.51
CA LEU A 296 5.36 58.16 -60.13
C LEU A 296 6.59 58.91 -59.62
N GLY A 297 6.60 59.21 -58.32
CA GLY A 297 7.84 59.64 -57.68
C GLY A 297 8.12 61.15 -57.80
N GLY A 298 7.10 61.90 -58.27
CA GLY A 298 7.23 63.34 -58.41
C GLY A 298 7.04 64.01 -57.05
N GLY A 299 7.12 65.35 -57.04
CA GLY A 299 7.01 66.13 -55.81
C GLY A 299 7.63 67.51 -56.03
N VAL A 300 7.85 68.26 -54.94
CA VAL A 300 8.38 69.61 -55.02
C VAL A 300 9.80 69.51 -54.54
N PHE A 301 10.72 70.22 -55.18
CA PHE A 301 12.08 70.29 -54.72
C PHE A 301 12.50 71.76 -54.59
N ARG A 302 13.59 72.00 -53.86
CA ARG A 302 14.11 73.35 -53.62
C ARG A 302 15.60 73.34 -53.82
N ALA A 303 16.15 74.46 -54.31
CA ALA A 303 17.52 74.45 -54.79
C ALA A 303 18.49 74.92 -53.69
N LEU A 304 19.66 74.30 -53.69
CA LEU A 304 20.82 74.88 -53.04
C LEU A 304 21.79 75.20 -54.15
N ILE A 305 22.11 76.51 -54.33
CA ILE A 305 22.94 76.82 -55.47
C ILE A 305 24.33 76.28 -55.20
N ASP A 306 24.75 76.38 -53.92
CA ASP A 306 25.99 75.73 -53.52
C ASP A 306 25.66 74.28 -53.16
N GLY A 307 25.96 73.37 -54.08
CA GLY A 307 25.64 71.97 -53.92
C GLY A 307 26.68 71.20 -53.10
N THR A 308 27.93 71.66 -53.10
CA THR A 308 29.06 70.86 -52.60
C THR A 308 28.76 70.34 -51.20
N GLY A 309 29.34 69.18 -50.86
CA GLY A 309 28.97 68.54 -49.62
C GLY A 309 27.60 67.86 -49.70
N LYS A 310 27.03 67.73 -50.90
CA LYS A 310 25.78 66.99 -51.07
C LYS A 310 25.97 66.05 -52.24
N THR A 311 25.39 64.86 -52.10
CA THR A 311 25.64 63.77 -53.03
C THR A 311 24.30 63.37 -53.63
N ASP A 312 24.31 63.19 -54.93
CA ASP A 312 23.12 62.76 -55.64
C ASP A 312 22.77 61.37 -55.11
N ASN A 313 21.49 61.15 -54.77
CA ASN A 313 21.10 59.82 -54.32
C ASN A 313 19.94 59.29 -55.14
N ASN A 314 19.60 60.00 -56.22
CA ASN A 314 18.67 59.51 -57.23
C ASN A 314 17.23 59.57 -56.72
N GLY A 315 16.95 60.23 -55.59
CA GLY A 315 15.54 60.39 -55.26
C GLY A 315 15.20 61.62 -54.41
N THR A 316 16.09 61.97 -53.47
CA THR A 316 15.77 63.11 -52.61
C THR A 316 16.82 64.21 -52.70
N VAL A 317 17.99 63.88 -53.25
CA VAL A 317 19.06 64.84 -53.51
C VAL A 317 19.50 64.62 -54.94
N ILE A 318 19.26 65.62 -55.79
CA ILE A 318 19.60 65.49 -57.20
C ILE A 318 20.58 66.63 -57.52
N LYS A 319 21.75 66.28 -58.04
CA LYS A 319 22.78 67.29 -58.34
C LYS A 319 22.74 67.63 -59.83
N THR A 320 22.89 68.94 -60.13
CA THR A 320 22.86 69.43 -61.52
C THR A 320 24.29 69.40 -62.06
N VAL A 321 24.39 69.23 -63.38
CA VAL A 321 25.67 69.34 -64.09
C VAL A 321 26.50 70.53 -63.62
N GLY A 322 25.86 71.58 -63.07
CA GLY A 322 26.52 72.80 -62.66
C GLY A 322 26.86 72.84 -61.18
N GLY A 323 26.40 71.84 -60.40
CA GLY A 323 26.85 71.72 -59.01
C GLY A 323 25.87 72.25 -57.96
N ALA A 324 24.68 72.63 -58.39
CA ALA A 324 23.60 72.90 -57.43
C ALA A 324 22.98 71.56 -56.95
N ALA A 325 22.36 71.57 -55.76
CA ALA A 325 21.55 70.44 -55.31
C ALA A 325 20.09 70.84 -55.33
N TRP A 326 19.26 70.01 -55.97
CA TRP A 326 17.81 70.04 -55.76
C TRP A 326 17.43 69.11 -54.59
N LEU A 327 16.72 69.60 -53.57
CA LEU A 327 16.38 68.78 -52.40
C LEU A 327 14.88 68.57 -52.35
N ARG A 328 14.45 67.32 -52.24
CA ARG A 328 13.03 67.02 -52.22
C ARG A 328 12.42 67.61 -50.98
N VAL A 329 11.25 68.24 -51.07
CA VAL A 329 10.57 68.67 -49.86
C VAL A 329 9.86 67.44 -49.31
N ASN A 330 10.41 66.89 -48.22
CA ASN A 330 9.91 65.66 -47.66
C ASN A 330 10.40 65.59 -46.22
N ALA A 331 9.52 65.85 -45.25
CA ALA A 331 9.94 65.97 -43.86
C ALA A 331 10.35 64.61 -43.23
N ASP A 332 9.59 63.54 -43.58
CA ASP A 332 9.61 62.30 -42.79
C ASP A 332 10.16 61.13 -43.62
N ARG A 333 9.33 60.10 -43.85
CA ARG A 333 9.85 58.86 -44.38
C ARG A 333 10.02 58.94 -45.89
N VAL A 334 10.92 58.10 -46.46
CA VAL A 334 10.99 58.02 -47.91
C VAL A 334 10.14 56.86 -48.36
N ASN A 335 9.77 56.85 -49.64
CA ASN A 335 9.19 55.63 -50.17
C ASN A 335 9.92 55.25 -51.46
N PRO A 336 9.89 53.96 -51.91
CA PRO A 336 10.68 53.56 -53.09
C PRO A 336 10.33 54.33 -54.36
N PHE A 337 9.07 54.78 -54.49
CA PHE A 337 8.68 55.50 -55.69
C PHE A 337 9.48 56.81 -55.81
N MET A 338 9.88 57.39 -54.68
CA MET A 338 10.75 58.58 -54.75
C MET A 338 12.05 58.28 -55.49
N PHE A 339 12.48 57.01 -55.50
CA PHE A 339 13.82 56.71 -55.98
C PHE A 339 13.77 55.97 -57.32
N GLY A 340 12.59 55.93 -57.97
CA GLY A 340 12.52 55.30 -59.28
C GLY A 340 11.77 53.96 -59.29
N ALA A 341 11.17 53.50 -58.19
CA ALA A 341 10.50 52.20 -58.24
C ALA A 341 9.27 52.36 -59.14
N LEU A 342 8.84 51.30 -59.79
CA LEU A 342 7.69 51.37 -60.67
C LEU A 342 6.58 50.48 -60.15
N GLY A 343 6.89 49.58 -59.21
CA GLY A 343 5.85 48.67 -58.75
C GLY A 343 5.51 47.59 -59.79
N GLY A 344 4.32 46.98 -59.67
CA GLY A 344 3.91 45.95 -60.60
C GLY A 344 4.98 44.87 -60.75
N SER A 345 5.36 44.59 -61.99
CA SER A 345 6.25 43.49 -62.30
C SER A 345 7.72 43.93 -62.25
N ASN A 346 8.01 45.18 -61.93
CA ASN A 346 9.37 45.69 -62.09
C ASN A 346 10.28 45.29 -60.94
N ASP A 347 11.57 45.01 -61.22
CA ASP A 347 12.56 44.79 -60.16
C ASP A 347 12.89 46.12 -59.50
N ASP A 348 12.39 46.30 -58.26
CA ASP A 348 12.55 47.56 -57.55
C ASP A 348 13.71 47.49 -56.55
N THR A 349 14.63 46.54 -56.71
CA THR A 349 15.65 46.33 -55.69
C THR A 349 16.45 47.62 -55.43
N ILE A 350 16.91 48.31 -56.49
CA ILE A 350 17.81 49.44 -56.26
C ILE A 350 17.04 50.60 -55.60
N PRO A 351 15.82 50.95 -56.06
CA PRO A 351 15.03 51.94 -55.35
C PRO A 351 14.84 51.63 -53.86
N VAL A 352 14.51 50.38 -53.54
CA VAL A 352 14.27 49.99 -52.16
C VAL A 352 15.57 50.07 -51.35
N GLN A 353 16.67 49.63 -51.94
CA GLN A 353 17.97 49.69 -51.26
C GLN A 353 18.35 51.13 -50.97
N SER A 354 18.07 52.06 -51.93
CA SER A 354 18.32 53.49 -51.75
C SER A 354 17.53 54.08 -50.59
N CYS A 355 16.26 53.68 -50.47
CA CYS A 355 15.46 54.07 -49.32
C CYS A 355 16.11 53.69 -47.97
N VAL A 356 16.46 52.41 -47.81
CA VAL A 356 16.95 51.94 -46.51
C VAL A 356 18.36 52.46 -46.29
N ASP A 357 18.98 52.97 -47.36
CA ASP A 357 20.30 53.59 -47.22
C ASP A 357 20.21 55.11 -47.06
N SER A 358 18.99 55.67 -47.08
CA SER A 358 18.84 57.10 -47.34
C SER A 358 19.16 57.97 -46.14
N GLY A 359 19.11 57.42 -44.93
CA GLY A 359 19.22 58.25 -43.74
C GLY A 359 17.85 58.45 -43.09
N LYS A 360 16.80 57.96 -43.73
CA LYS A 360 15.50 58.03 -43.07
C LYS A 360 14.78 56.66 -43.12
N ALA A 361 13.73 56.52 -42.32
CA ALA A 361 12.92 55.31 -42.35
C ALA A 361 12.18 55.23 -43.68
N THR A 362 11.81 54.02 -44.07
CA THR A 362 11.13 53.78 -45.35
C THR A 362 9.69 53.47 -45.07
N GLN A 363 8.79 54.02 -45.91
CA GLN A 363 7.41 53.58 -45.89
C GLN A 363 7.15 52.75 -47.15
N LEU A 364 6.59 51.54 -47.02
CA LEU A 364 6.16 50.77 -48.17
C LEU A 364 4.67 51.01 -48.36
N THR A 365 4.29 51.52 -49.55
CA THR A 365 2.93 51.96 -49.77
C THR A 365 2.21 50.97 -50.68
N ASP A 366 2.94 49.93 -51.11
CA ASP A 366 2.50 49.02 -52.16
C ASP A 366 3.37 47.76 -52.07
N ALA A 367 3.19 46.81 -53.00
CA ALA A 367 4.04 45.63 -53.14
C ALA A 367 5.19 45.94 -54.10
N HIS A 368 6.43 45.64 -53.69
CA HIS A 368 7.61 45.85 -54.53
C HIS A 368 8.39 44.54 -54.65
N TYR A 369 8.69 44.12 -55.88
CA TYR A 369 9.63 43.04 -56.10
C TYR A 369 11.07 43.46 -55.85
N VAL A 370 11.82 42.58 -55.17
CA VAL A 370 13.22 42.82 -54.94
C VAL A 370 13.93 41.49 -55.11
N SER A 371 15.26 41.55 -55.19
CA SER A 371 16.06 40.36 -55.15
C SER A 371 16.59 40.18 -53.72
N ASN A 372 17.45 41.12 -53.30
CA ASN A 372 18.08 41.04 -51.98
C ASN A 372 18.30 42.47 -51.49
N ILE A 373 17.87 42.78 -50.24
CA ILE A 373 18.07 44.07 -49.58
C ILE A 373 18.92 43.90 -48.31
N GLN A 374 19.83 44.84 -48.01
CA GLN A 374 20.59 44.87 -46.78
CA GLN A 374 20.65 44.90 -46.80
C GLN A 374 20.20 46.08 -45.94
N LEU A 375 19.95 45.86 -44.65
CA LEU A 375 19.67 46.94 -43.68
C LEU A 375 20.95 47.19 -42.91
N LYS A 376 21.46 48.43 -42.93
CA LYS A 376 22.84 48.66 -42.53
C LYS A 376 22.94 49.67 -41.38
N TYR A 377 21.92 50.50 -41.21
CA TYR A 377 22.09 51.69 -40.36
C TYR A 377 20.97 51.76 -39.32
N ASN A 378 21.15 52.64 -38.33
CA ASN A 378 20.14 52.88 -37.31
C ASN A 378 18.98 53.68 -37.90
N THR A 379 19.10 54.07 -39.18
CA THR A 379 17.99 54.74 -39.81
C THR A 379 17.18 53.78 -40.71
N SER A 380 17.53 52.50 -40.79
CA SER A 380 17.05 51.60 -41.81
C SER A 380 15.74 50.92 -41.38
N SER A 381 14.86 51.65 -40.69
CA SER A 381 13.57 51.11 -40.34
C SER A 381 12.68 50.97 -41.59
N ILE A 382 11.65 50.12 -41.49
CA ILE A 382 10.74 49.93 -42.60
C ILE A 382 9.37 49.76 -41.96
N TYR A 383 8.39 50.48 -42.50
CA TYR A 383 7.02 50.45 -42.03
C TYR A 383 6.09 50.24 -43.23
N GLY A 384 4.98 49.51 -43.04
CA GLY A 384 3.95 49.38 -44.05
C GLY A 384 2.62 49.71 -43.43
N SER A 385 1.54 49.15 -43.96
CA SER A 385 0.25 49.44 -43.37
C SER A 385 -0.57 48.16 -43.31
N GLY A 386 0.07 47.01 -43.28
CA GLY A 386 -0.73 45.79 -43.30
C GLY A 386 0.21 44.60 -43.44
N LEU A 387 -0.26 43.39 -43.12
CA LEU A 387 0.60 42.22 -43.22
C LEU A 387 0.66 41.64 -44.63
N HIS A 388 0.07 42.30 -45.62
CA HIS A 388 0.00 41.69 -46.94
C HIS A 388 0.19 42.73 -48.05
N TYR A 389 -0.66 43.78 -48.11
CA TYR A 389 -0.73 44.58 -49.35
C TYR A 389 0.54 45.44 -49.52
N SER A 390 1.10 45.89 -48.40
CA SER A 390 2.39 46.58 -48.38
C SER A 390 3.49 45.58 -48.05
N ARG A 391 4.40 45.31 -49.00
CA ARG A 391 5.30 44.19 -48.81
C ARG A 391 6.49 44.30 -49.74
N LEU A 392 7.58 43.64 -49.37
CA LEU A 392 8.56 43.25 -50.36
C LEU A 392 8.28 41.82 -50.80
N HIS A 393 8.56 41.54 -52.08
CA HIS A 393 8.29 40.22 -52.64
C HIS A 393 9.53 39.83 -53.40
N GLN A 394 10.14 38.69 -53.01
CA GLN A 394 11.38 38.28 -53.65
C GLN A 394 11.06 37.75 -55.04
N LEU A 395 11.79 38.24 -56.03
CA LEU A 395 11.67 37.81 -57.44
C LEU A 395 11.90 36.31 -57.59
N PRO A 396 11.20 35.66 -58.53
CA PRO A 396 11.37 34.21 -58.74
C PRO A 396 12.74 33.86 -59.30
N SER A 397 13.46 34.90 -59.72
CA SER A 397 14.79 34.78 -60.32
C SER A 397 15.90 34.99 -59.28
N ALA A 398 15.55 35.32 -58.04
CA ALA A 398 16.55 35.63 -57.04
C ALA A 398 16.73 34.43 -56.09
N THR A 399 17.90 34.40 -55.44
CA THR A 399 18.14 33.44 -54.37
CA THR A 399 18.23 33.44 -54.40
C THR A 399 18.74 34.16 -53.16
N GLY A 400 19.01 33.41 -52.06
CA GLY A 400 19.55 34.03 -50.85
C GLY A 400 18.53 34.78 -49.99
N ASN A 401 19.03 35.73 -49.23
CA ASN A 401 18.22 36.39 -48.20
C ASN A 401 17.50 37.58 -48.79
N CYS A 402 16.18 37.61 -48.70
CA CYS A 402 15.41 38.71 -49.21
C CYS A 402 15.75 39.99 -48.43
N ILE A 403 15.85 39.89 -47.09
CA ILE A 403 16.35 40.97 -46.22
C ILE A 403 17.47 40.41 -45.37
N THR A 404 18.62 41.11 -45.30
CA THR A 404 19.68 40.77 -44.38
C THR A 404 19.84 41.95 -43.44
N ILE A 405 19.73 41.73 -42.12
CA ILE A 405 20.10 42.74 -41.14
C ILE A 405 21.60 42.62 -40.84
N LYS A 406 22.38 43.64 -41.22
CA LYS A 406 23.82 43.64 -41.08
C LYS A 406 24.20 43.95 -39.66
N ASP A 407 25.42 43.59 -39.28
CA ASP A 407 25.84 43.74 -37.89
C ASP A 407 26.16 45.19 -37.54
N THR A 408 25.94 46.12 -38.48
CA THR A 408 26.13 47.54 -38.18
C THR A 408 24.79 48.20 -37.82
N CYS A 409 23.69 47.45 -37.99
CA CYS A 409 22.32 47.94 -37.92
C CYS A 409 21.69 47.58 -36.57
N SER A 410 21.33 48.60 -35.78
CA SER A 410 20.75 48.45 -34.45
C SER A 410 19.61 49.47 -34.32
N LEU A 411 18.67 49.22 -33.41
CA LEU A 411 17.72 50.25 -32.94
C LEU A 411 16.72 50.64 -34.01
N ILE A 412 16.46 49.73 -34.97
CA ILE A 412 15.45 50.00 -36.00
C ILE A 412 14.14 49.34 -35.62
N VAL A 413 13.12 49.67 -36.39
CA VAL A 413 11.82 49.05 -36.22
C VAL A 413 11.44 48.54 -37.61
N LEU A 414 10.93 47.30 -37.66
CA LEU A 414 10.32 46.79 -38.86
C LEU A 414 8.90 46.47 -38.49
N ASP A 415 7.95 47.05 -39.20
CA ASP A 415 6.60 47.07 -38.67
C ASP A 415 5.53 47.08 -39.76
N ALA A 416 4.64 46.11 -39.68
CA ALA A 416 3.40 46.08 -40.48
C ALA A 416 3.68 46.02 -41.98
N PHE A 417 4.40 45.00 -42.44
CA PHE A 417 4.53 44.82 -43.87
C PHE A 417 4.84 43.36 -44.09
N GLY A 418 4.73 42.92 -45.34
CA GLY A 418 4.93 41.52 -45.69
C GLY A 418 6.30 41.35 -46.34
N VAL A 419 6.87 40.17 -46.15
CA VAL A 419 8.07 39.73 -46.84
C VAL A 419 7.73 38.38 -47.47
N TYR A 420 7.61 38.34 -48.81
CA TYR A 420 7.03 37.17 -49.46
C TYR A 420 8.02 36.63 -50.46
N GLY A 421 8.11 35.30 -50.60
CA GLY A 421 8.87 34.71 -51.67
C GLY A 421 7.96 33.84 -52.56
N THR A 422 8.60 33.08 -53.46
CA THR A 422 7.93 32.37 -54.56
C THR A 422 6.76 31.55 -54.05
N GLY A 423 6.87 30.96 -52.85
CA GLY A 423 5.86 30.02 -52.41
C GLY A 423 4.79 30.61 -51.48
N ALA A 424 4.55 31.94 -51.54
CA ALA A 424 3.79 32.59 -50.48
C ALA A 424 2.34 32.12 -50.57
N GLN A 425 1.83 31.96 -51.80
CA GLN A 425 0.47 31.49 -51.92
C GLN A 425 0.37 29.99 -51.55
N GLN A 426 -0.66 29.67 -50.75
CA GLN A 426 -0.97 28.30 -50.34
C GLN A 426 -0.78 27.33 -51.51
N GLY A 427 -0.06 26.22 -51.27
CA GLY A 427 -0.01 25.14 -52.23
C GLY A 427 0.89 25.42 -53.43
N THR A 428 1.86 26.33 -53.32
CA THR A 428 2.70 26.68 -54.47
C THR A 428 4.16 26.30 -54.23
N SER A 429 4.96 26.33 -55.30
CA SER A 429 6.33 25.85 -55.19
CA SER A 429 6.34 25.87 -55.27
C SER A 429 7.27 27.00 -54.82
N PHE A 430 8.53 26.68 -54.55
CA PHE A 430 9.49 27.56 -53.91
C PHE A 430 10.66 27.77 -54.84
N THR A 431 11.47 28.81 -54.60
CA THR A 431 12.74 28.90 -55.28
C THR A 431 13.79 28.41 -54.31
N ALA A 432 14.64 27.49 -54.77
CA ALA A 432 15.64 26.90 -53.89
C ALA A 432 16.62 27.95 -53.36
N GLY A 433 17.02 27.78 -52.08
CA GLY A 433 18.11 28.51 -51.46
C GLY A 433 17.67 29.89 -50.95
N THR A 434 16.34 30.14 -50.72
CA THR A 434 15.85 31.45 -50.29
C THR A 434 15.54 31.50 -48.78
N THR A 435 15.72 32.68 -48.19
CA THR A 435 15.40 32.95 -46.78
C THR A 435 14.68 34.30 -46.73
N GLY A 436 13.70 34.46 -45.81
CA GLY A 436 12.96 35.72 -45.71
C GLY A 436 13.85 36.82 -45.11
N ILE A 437 14.18 36.70 -43.81
CA ILE A 437 14.97 37.68 -43.08
C ILE A 437 16.09 36.90 -42.41
N TYR A 438 17.33 37.35 -42.65
CA TYR A 438 18.52 36.77 -42.06
C TYR A 438 19.19 37.83 -41.21
N VAL A 439 19.52 37.48 -39.94
CA VAL A 439 20.29 38.38 -39.08
C VAL A 439 21.71 37.83 -38.96
N GLU A 440 22.69 38.49 -39.57
CA GLU A 440 24.02 37.88 -39.69
C GLU A 440 24.79 37.88 -38.36
N THR A 441 25.79 37.01 -38.24
CA THR A 441 26.57 36.85 -37.02
C THR A 441 27.49 38.05 -36.90
N PRO A 442 27.44 38.82 -35.81
CA PRO A 442 28.30 40.01 -35.69
C PRO A 442 29.81 39.70 -35.70
N SER A 443 30.60 40.57 -36.31
CA SER A 443 32.02 40.32 -36.57
C SER A 443 32.87 41.18 -35.64
N GLY A 444 32.26 41.86 -34.67
CA GLY A 444 33.03 42.76 -33.84
C GLY A 444 32.12 43.37 -32.79
N LEU A 445 32.73 44.19 -31.90
CA LEU A 445 32.07 44.83 -30.78
C LEU A 445 32.50 46.31 -30.71
N SER A 446 31.55 47.22 -30.72
CA SER A 446 31.89 48.63 -30.77
C SER A 446 31.81 49.17 -29.35
N ALA A 447 32.39 50.35 -29.14
CA ALA A 447 32.53 50.89 -27.79
C ALA A 447 31.80 52.24 -27.72
N ASP A 448 30.99 52.58 -28.72
CA ASP A 448 30.26 53.83 -28.72
C ASP A 448 28.76 53.63 -29.00
N TYR A 449 28.18 52.49 -28.59
CA TYR A 449 26.74 52.27 -28.72
C TYR A 449 26.08 53.40 -27.95
N PRO A 450 24.90 53.92 -28.34
CA PRO A 450 24.10 53.51 -29.50
C PRO A 450 24.45 54.24 -30.80
N PHE A 451 25.59 54.94 -30.82
CA PHE A 451 25.97 55.80 -31.94
C PHE A 451 26.99 55.08 -32.85
N HIS A 452 27.13 53.76 -32.70
CA HIS A 452 28.12 52.99 -33.42
C HIS A 452 27.82 52.98 -34.92
N THR A 453 28.88 52.85 -35.70
CA THR A 453 28.78 52.73 -37.16
C THR A 453 29.54 51.48 -37.63
N THR A 454 30.06 50.68 -36.68
CA THR A 454 30.81 49.47 -36.99
C THR A 454 30.10 48.28 -36.36
N ALA A 455 30.52 47.05 -36.66
CA ALA A 455 29.90 45.84 -36.16
C ALA A 455 29.72 45.88 -34.64
N ASP A 456 28.56 45.36 -34.20
CA ASP A 456 28.25 45.26 -32.78
C ASP A 456 27.20 44.15 -32.64
N PRO A 457 27.22 43.40 -31.53
CA PRO A 457 26.19 42.37 -31.26
C PRO A 457 24.83 42.87 -30.79
N ARG A 458 24.72 44.16 -30.39
CA ARG A 458 23.50 44.70 -29.81
C ARG A 458 22.54 45.13 -30.92
N ARG A 459 21.69 44.20 -31.36
CA ARG A 459 20.75 44.54 -32.42
C ARG A 459 19.71 45.51 -31.85
N ASP A 460 19.20 45.22 -30.65
CA ASP A 460 18.27 46.06 -29.93
C ASP A 460 17.17 46.53 -30.89
N LEU A 461 16.49 45.64 -31.61
CA LEU A 461 15.56 46.15 -32.61
C LEU A 461 14.27 45.34 -32.48
N CYS A 462 13.21 45.84 -33.14
CA CYS A 462 11.88 45.27 -33.02
C CYS A 462 11.30 44.92 -34.38
N ILE A 463 10.91 43.67 -34.50
CA ILE A 463 10.21 43.20 -35.67
C ILE A 463 8.78 42.98 -35.22
N SER A 464 7.89 43.86 -35.66
CA SER A 464 6.54 43.88 -35.12
C SER A 464 5.49 43.82 -36.24
N LYS A 465 4.55 42.87 -36.14
CA LYS A 465 3.45 42.70 -37.10
C LYS A 465 3.99 42.56 -38.51
N VAL A 466 5.02 41.73 -38.67
CA VAL A 466 5.60 41.43 -39.97
C VAL A 466 5.18 40.01 -40.37
N HIS A 467 4.84 39.84 -41.64
CA HIS A 467 4.34 38.57 -42.14
C HIS A 467 5.33 38.04 -43.17
N ILE A 468 5.97 36.91 -42.87
CA ILE A 468 6.97 36.32 -43.73
C ILE A 468 6.34 35.07 -44.33
N ALA A 469 6.41 34.92 -45.66
CA ALA A 469 5.75 33.75 -46.25
C ALA A 469 6.44 33.36 -47.55
N GLY A 470 6.55 32.02 -47.80
CA GLY A 470 6.90 31.50 -49.11
C GLY A 470 8.37 31.32 -49.45
N PHE A 471 9.27 31.20 -48.44
CA PHE A 471 10.71 31.01 -48.62
C PHE A 471 11.07 29.54 -48.43
N ASP A 472 12.23 29.15 -48.98
CA ASP A 472 12.66 27.77 -49.02
C ASP A 472 13.27 27.32 -47.68
N GLU A 473 14.43 27.87 -47.33
CA GLU A 473 15.20 27.39 -46.21
C GLU A 473 14.64 27.85 -44.86
N TYR A 474 14.49 29.16 -44.67
CA TYR A 474 14.06 29.77 -43.40
C TYR A 474 13.12 30.94 -43.73
N GLY A 475 12.10 31.13 -42.91
CA GLY A 475 11.38 32.38 -42.91
C GLY A 475 12.22 33.47 -42.25
N LEU A 476 12.50 33.28 -40.95
CA LEU A 476 13.35 34.21 -40.18
C LEU A 476 14.51 33.36 -39.64
N ASN A 477 15.75 33.83 -39.80
CA ASN A 477 16.92 33.08 -39.33
C ASN A 477 17.84 34.04 -38.57
N ILE A 478 17.88 33.96 -37.23
CA ILE A 478 18.67 34.86 -36.40
C ILE A 478 19.92 34.11 -35.98
N ASP A 479 21.04 34.51 -36.56
CA ASP A 479 22.27 33.75 -36.32
C ASP A 479 22.92 34.10 -34.97
N SER A 480 23.89 33.28 -34.59
CA SER A 480 24.59 33.38 -33.31
CA SER A 480 24.49 33.43 -33.27
C SER A 480 25.18 34.78 -33.11
N GLY A 481 25.21 35.24 -31.85
CA GLY A 481 25.96 36.41 -31.44
C GLY A 481 25.16 37.71 -31.46
N ASN A 482 23.87 37.67 -31.84
CA ASN A 482 22.98 38.82 -31.87
C ASN A 482 22.16 38.91 -30.59
N PHE A 483 22.17 40.05 -29.90
CA PHE A 483 21.41 40.25 -28.67
C PHE A 483 20.19 41.13 -28.95
N SER A 484 19.08 40.81 -28.28
CA SER A 484 17.87 41.64 -28.25
C SER A 484 17.26 41.86 -29.64
N VAL A 485 17.21 40.81 -30.46
CA VAL A 485 16.24 40.87 -31.55
C VAL A 485 14.84 40.56 -31.00
N THR A 486 14.01 41.60 -30.86
CA THR A 486 12.68 41.39 -30.34
C THR A 486 11.73 41.08 -31.49
N THR A 487 10.79 40.16 -31.25
CA THR A 487 9.70 40.05 -32.21
C THR A 487 8.39 40.13 -31.45
N ASP A 488 7.43 40.67 -32.17
CA ASP A 488 6.12 40.98 -31.61
C ASP A 488 5.07 40.74 -32.69
N SER A 489 4.14 39.81 -32.48
CA SER A 489 3.13 39.52 -33.52
C SER A 489 3.75 39.22 -34.88
N LEU A 490 4.83 38.45 -34.88
CA LEU A 490 5.40 37.92 -36.10
C LEU A 490 4.53 36.78 -36.61
N LEU A 491 4.22 36.80 -37.90
CA LEU A 491 3.44 35.73 -38.51
C LEU A 491 4.29 35.12 -39.63
N VAL A 492 4.63 33.83 -39.52
CA VAL A 492 5.40 33.14 -40.55
C VAL A 492 4.55 32.01 -41.12
N ASN A 493 4.38 31.93 -42.44
CA ASN A 493 3.50 30.96 -43.10
CA ASN A 493 3.72 30.74 -42.93
C ASN A 493 4.21 30.33 -44.30
N HIS A 494 3.83 29.07 -44.66
CA HIS A 494 4.21 28.49 -45.95
C HIS A 494 5.71 28.55 -46.17
N ILE A 495 6.46 27.82 -45.39
CA ILE A 495 7.90 27.79 -45.59
C ILE A 495 8.26 26.35 -45.96
N ASN A 496 9.05 26.20 -47.01
CA ASN A 496 9.38 24.86 -47.47
C ASN A 496 10.12 24.04 -46.41
N GLN A 497 11.04 24.67 -45.66
CA GLN A 497 11.77 23.92 -44.62
C GLN A 497 11.44 24.45 -43.22
N VAL A 498 12.25 25.38 -42.67
CA VAL A 498 12.14 25.76 -41.24
C VAL A 498 11.49 27.16 -41.13
N GLY A 499 10.35 27.27 -40.42
CA GLY A 499 9.71 28.58 -40.22
C GLY A 499 10.70 29.62 -39.64
N VAL A 500 11.23 29.36 -38.43
CA VAL A 500 12.05 30.31 -37.70
C VAL A 500 13.24 29.56 -37.11
N ARG A 501 14.45 30.09 -37.29
CA ARG A 501 15.57 29.51 -36.59
C ARG A 501 16.19 30.61 -35.74
N CYS A 502 16.52 30.28 -34.48
CA CYS A 502 17.27 31.21 -33.67
C CYS A 502 18.46 30.44 -33.10
N ALA A 503 19.64 31.04 -33.09
CA ALA A 503 20.83 30.40 -32.56
C ALA A 503 21.58 31.37 -31.67
N THR A 504 20.87 32.20 -30.95
CA THR A 504 21.54 33.19 -30.13
C THR A 504 20.90 33.29 -28.73
N THR A 505 21.36 34.30 -27.94
CA THR A 505 21.03 34.50 -26.54
C THR A 505 20.39 35.87 -26.32
N ASP A 506 19.65 36.03 -25.19
CA ASP A 506 19.22 37.30 -24.62
C ASP A 506 18.19 38.00 -25.49
N TRP A 507 16.98 37.43 -25.64
CA TRP A 507 15.94 38.02 -26.46
C TRP A 507 14.55 37.63 -25.92
N THR A 508 13.54 38.39 -26.34
CA THR A 508 12.17 38.13 -26.00
C THR A 508 11.32 38.18 -27.28
N TRP A 509 10.43 37.21 -27.43
CA TRP A 509 9.42 37.21 -28.47
C TRP A 509 8.03 37.09 -27.84
N THR A 510 7.06 37.84 -28.37
CA THR A 510 5.70 37.77 -27.90
CA THR A 510 5.70 37.83 -27.90
C THR A 510 4.77 37.56 -29.08
N ASN A 511 3.81 36.65 -28.89
CA ASN A 511 2.77 36.40 -29.86
C ASN A 511 3.39 36.02 -31.21
N ILE A 512 4.19 34.95 -31.20
CA ILE A 512 4.75 34.45 -32.45
C ILE A 512 3.82 33.39 -33.02
N GLN A 513 3.53 33.44 -34.32
CA GLN A 513 2.68 32.42 -34.91
C GLN A 513 3.37 31.89 -36.16
N VAL A 514 3.58 30.57 -36.24
CA VAL A 514 4.24 29.96 -37.39
C VAL A 514 3.32 28.85 -37.87
N ASN A 515 3.00 28.81 -39.17
CA ASN A 515 1.98 27.90 -39.66
C ASN A 515 2.49 27.25 -40.97
N THR A 516 2.52 25.91 -41.11
CA THR A 516 2.71 25.24 -42.40
C THR A 516 4.15 25.35 -42.91
N CYS A 517 5.00 24.49 -42.36
CA CYS A 517 6.41 24.42 -42.72
C CYS A 517 6.73 22.97 -43.10
N GLY A 518 7.65 22.78 -44.06
CA GLY A 518 7.98 21.43 -44.49
C GLY A 518 8.84 20.67 -43.47
N LYS A 519 9.62 21.39 -42.67
CA LYS A 519 10.33 20.77 -41.57
C LYS A 519 9.80 21.39 -40.28
N GLN A 520 10.68 21.82 -39.33
CA GLN A 520 10.21 22.47 -38.10
C GLN A 520 9.52 23.80 -38.36
N CYS A 521 8.53 24.15 -37.52
CA CYS A 521 8.14 25.52 -37.40
C CYS A 521 9.23 26.35 -36.70
N LEU A 522 9.90 25.82 -35.66
CA LEU A 522 10.88 26.61 -34.92
C LEU A 522 12.05 25.73 -34.58
N VAL A 523 13.26 26.23 -34.84
CA VAL A 523 14.49 25.63 -34.34
C VAL A 523 15.17 26.58 -33.35
N LEU A 524 15.39 26.12 -32.10
CA LEU A 524 16.25 26.84 -31.17
C LEU A 524 17.50 25.97 -31.08
N ASP A 525 18.63 26.46 -31.56
CA ASP A 525 19.82 25.65 -31.58
C ASP A 525 20.98 26.45 -30.98
N GLY A 526 21.46 26.09 -29.80
CA GLY A 526 22.46 26.90 -29.13
C GLY A 526 21.91 28.21 -28.54
N CYS A 527 20.63 28.23 -28.19
CA CYS A 527 20.06 29.41 -27.56
C CYS A 527 20.27 29.41 -26.05
N GLY A 528 20.25 30.60 -25.48
CA GLY A 528 20.18 30.71 -24.03
C GLY A 528 19.52 32.03 -23.64
N ASN A 529 18.95 32.05 -22.42
CA ASN A 529 18.46 33.29 -21.87
C ASN A 529 17.47 33.93 -22.83
N GLY A 530 16.55 33.13 -23.33
CA GLY A 530 15.51 33.61 -24.20
C GLY A 530 14.13 33.41 -23.55
N ARG A 531 13.17 34.21 -24.01
CA ARG A 531 11.78 34.19 -23.54
C ARG A 531 10.89 34.14 -24.75
N ILE A 532 9.95 33.19 -24.74
CA ILE A 532 8.89 33.23 -25.73
C ILE A 532 7.59 33.29 -24.95
N ILE A 533 6.81 34.36 -25.15
CA ILE A 533 5.57 34.50 -24.40
C ILE A 533 4.42 34.59 -25.40
N GLY A 534 3.61 33.57 -25.46
CA GLY A 534 2.52 33.60 -26.42
C GLY A 534 3.07 33.11 -27.78
N GLY A 535 2.67 31.89 -28.17
CA GLY A 535 3.16 31.35 -29.42
C GLY A 535 2.23 30.24 -29.93
N LYS A 536 2.17 30.08 -31.26
CA LYS A 536 1.42 28.98 -31.84
C LYS A 536 2.25 28.43 -33.00
N PHE A 537 2.48 27.12 -33.03
CA PHE A 537 3.33 26.47 -34.01
C PHE A 537 2.53 25.28 -34.56
N ILE A 538 2.01 25.40 -35.78
CA ILE A 538 1.03 24.41 -36.22
C ILE A 538 1.40 23.99 -37.65
N TRP A 539 0.99 22.75 -38.00
CA TRP A 539 1.19 22.23 -39.35
C TRP A 539 2.67 22.24 -39.77
N ALA A 540 3.58 21.87 -38.86
CA ALA A 540 4.96 21.57 -39.21
C ALA A 540 5.07 20.19 -39.87
N ASN A 541 6.25 19.94 -40.46
CA ASN A 541 6.49 18.69 -41.18
C ASN A 541 5.32 18.43 -42.15
N TRP A 542 4.91 19.49 -42.85
CA TRP A 542 3.74 19.51 -43.72
C TRP A 542 4.01 18.59 -44.90
N GLN A 543 3.23 17.52 -44.99
CA GLN A 543 3.52 16.44 -45.94
C GLN A 543 3.56 16.90 -47.42
N PRO A 544 2.62 17.72 -47.95
CA PRO A 544 2.75 18.23 -49.32
C PRO A 544 4.06 18.93 -49.69
N TYR A 545 4.83 19.45 -48.73
CA TYR A 545 6.08 20.10 -49.09
C TYR A 545 7.21 19.08 -49.30
N GLY A 546 6.95 17.80 -48.99
CA GLY A 546 7.70 16.73 -49.64
C GLY A 546 9.04 16.44 -48.96
N THR A 547 9.23 16.95 -47.74
CA THR A 547 10.53 16.81 -47.11
C THR A 547 10.77 15.32 -46.82
N VAL A 548 12.03 14.90 -46.91
CA VAL A 548 12.34 13.50 -46.65
C VAL A 548 12.66 13.37 -45.16
N GLY A 549 11.79 12.66 -44.40
CA GLY A 549 12.11 12.45 -43.00
C GLY A 549 11.18 13.16 -42.01
N GLN A 550 11.31 12.84 -40.71
CA GLN A 550 10.49 13.42 -39.67
C GLN A 550 11.21 14.65 -39.06
N PHE A 551 10.45 15.70 -38.80
CA PHE A 551 10.96 16.89 -38.14
C PHE A 551 9.89 17.30 -37.15
N PRO A 552 10.27 17.72 -35.91
CA PRO A 552 9.26 18.13 -34.94
C PRO A 552 8.66 19.51 -35.23
N GLY A 553 7.53 19.85 -34.59
CA GLY A 553 7.06 21.23 -34.63
C GLY A 553 8.17 22.18 -34.13
N ILE A 554 8.80 21.82 -32.99
CA ILE A 554 9.83 22.65 -32.40
C ILE A 554 11.00 21.74 -32.04
N THR A 555 12.19 22.20 -32.39
CA THR A 555 13.43 21.58 -31.95
C THR A 555 14.01 22.57 -30.92
N ILE A 556 14.33 22.09 -29.71
CA ILE A 556 15.16 22.82 -28.77
C ILE A 556 16.39 21.96 -28.55
N ASN A 557 17.53 22.42 -29.06
CA ASN A 557 18.73 21.61 -29.07
C ASN A 557 19.89 22.41 -28.47
N ASN A 558 20.64 21.82 -27.57
CA ASN A 558 21.86 22.49 -27.04
C ASN A 558 21.54 23.87 -26.47
N SER A 559 20.43 24.01 -25.73
CA SER A 559 20.01 25.31 -25.26
C SER A 559 19.93 25.29 -23.75
N GLN A 560 19.71 26.46 -23.12
CA GLN A 560 19.74 26.52 -21.66
C GLN A 560 19.03 27.79 -21.21
N ASN A 561 18.44 27.77 -20.00
CA ASN A 561 17.82 28.93 -19.39
C ASN A 561 16.78 29.54 -20.34
N MET A 562 15.86 28.74 -20.82
CA MET A 562 14.82 29.27 -21.69
C MET A 562 13.50 29.31 -20.92
N VAL A 563 12.75 30.41 -21.10
CA VAL A 563 11.44 30.49 -20.49
C VAL A 563 10.44 30.60 -21.64
N ILE A 564 9.55 29.61 -21.76
CA ILE A 564 8.67 29.51 -22.91
C ILE A 564 7.26 29.34 -22.32
N ASN A 565 6.46 30.42 -22.31
CA ASN A 565 5.16 30.49 -21.65
C ASN A 565 4.04 30.69 -22.69
N GLY A 566 2.94 29.96 -22.52
CA GLY A 566 1.74 30.19 -23.29
C GLY A 566 1.92 29.86 -24.76
N ILE A 567 2.50 28.69 -25.10
CA ILE A 567 2.56 28.27 -26.51
C ILE A 567 1.71 27.01 -26.75
N GLU A 568 1.46 26.76 -28.03
CA GLU A 568 0.64 25.67 -28.52
C GLU A 568 1.36 25.04 -29.70
N VAL A 569 1.51 23.70 -29.69
CA VAL A 569 2.01 22.98 -30.87
C VAL A 569 0.91 21.97 -31.25
N GLN A 570 0.36 22.09 -32.46
CA GLN A 570 -0.79 21.28 -32.83
C GLN A 570 -0.69 20.99 -34.32
N ASP A 571 -1.20 19.82 -34.75
CA ASP A 571 -1.37 19.54 -36.17
C ASP A 571 -0.04 19.26 -36.89
N CYS A 572 1.06 19.04 -36.15
CA CYS A 572 2.33 18.83 -36.79
C CYS A 572 2.46 17.38 -37.28
N GLY A 573 3.21 17.18 -38.36
CA GLY A 573 3.31 15.90 -39.04
C GLY A 573 4.01 14.82 -38.21
N GLY A 574 5.03 15.24 -37.41
CA GLY A 574 5.78 14.31 -36.58
C GLY A 574 5.65 14.65 -35.08
N ASN A 575 6.78 14.60 -34.35
CA ASN A 575 6.74 14.87 -32.92
C ASN A 575 6.36 16.34 -32.73
N GLY A 576 5.77 16.67 -31.58
CA GLY A 576 5.46 18.05 -31.26
C GLY A 576 6.72 18.87 -30.99
N ILE A 577 7.45 18.51 -29.93
CA ILE A 577 8.63 19.24 -29.44
C ILE A 577 9.71 18.21 -29.12
N GLU A 578 10.92 18.42 -29.64
CA GLU A 578 12.04 17.57 -29.25
C GLU A 578 13.05 18.44 -28.51
N ILE A 579 13.31 18.12 -27.25
CA ILE A 579 14.27 18.79 -26.40
C ILE A 579 15.46 17.86 -26.25
N SER A 580 16.63 18.28 -26.76
CA SER A 580 17.85 17.47 -26.83
C SER A 580 19.01 18.28 -26.27
N GLU A 581 19.84 17.62 -25.46
CA GLU A 581 21.05 18.14 -24.86
C GLU A 581 20.83 19.54 -24.32
N SER A 582 19.74 19.77 -23.56
CA SER A 582 19.41 21.11 -23.12
C SER A 582 19.27 21.14 -21.60
N TYR A 583 19.80 22.20 -21.00
CA TYR A 583 19.62 22.42 -19.57
C TYR A 583 18.44 23.38 -19.33
N SER A 584 17.84 23.29 -18.15
CA SER A 584 17.02 24.38 -17.57
C SER A 584 16.05 25.03 -18.58
N ILE A 585 15.13 24.22 -19.12
CA ILE A 585 14.04 24.65 -19.99
C ILE A 585 12.82 24.78 -19.08
N SER A 586 12.30 26.01 -18.92
CA SER A 586 11.13 26.27 -18.09
C SER A 586 9.92 26.57 -18.99
N MET A 587 8.82 25.87 -18.80
CA MET A 587 7.61 26.09 -19.62
C MET A 587 6.39 26.26 -18.72
N ASN A 588 5.67 27.40 -18.83
CA ASN A 588 4.58 27.68 -17.92
C ASN A 588 3.34 28.01 -18.75
N GLY A 589 2.47 27.02 -18.86
CA GLY A 589 1.29 27.13 -19.71
C GLY A 589 1.66 26.62 -21.09
N LEU A 590 1.40 25.33 -21.38
CA LEU A 590 1.88 24.70 -22.59
C LEU A 590 0.74 23.82 -23.11
N ASN A 591 0.48 23.87 -24.42
CA ASN A 591 -0.58 23.11 -25.04
C ASN A 591 0.01 22.31 -26.20
N THR A 592 0.13 20.98 -26.11
CA THR A 592 0.55 20.19 -27.25
C THR A 592 -0.49 19.09 -27.50
N ASN A 593 -1.07 19.02 -28.72
CA ASN A 593 -2.03 17.98 -28.96
C ASN A 593 -2.11 17.74 -30.46
N ARG A 594 -2.54 16.51 -30.84
CA ARG A 594 -2.93 16.16 -32.20
C ARG A 594 -1.80 16.45 -33.17
N ASN A 595 -0.59 16.07 -32.77
CA ASN A 595 0.55 16.08 -33.65
C ASN A 595 0.67 14.67 -34.25
N GLY A 596 1.86 14.31 -34.73
CA GLY A 596 2.08 13.04 -35.39
C GLY A 596 1.07 12.75 -36.52
N ILE A 597 0.66 13.77 -37.32
CA ILE A 597 -0.41 13.56 -38.28
C ILE A 597 0.05 12.82 -39.53
N ASN A 598 1.37 12.67 -39.72
CA ASN A 598 1.77 11.97 -40.93
C ASN A 598 1.72 10.45 -40.75
N ALA A 599 1.61 9.91 -39.53
CA ALA A 599 1.51 8.45 -39.34
C ALA A 599 0.85 8.22 -38.00
N ASN A 600 -0.33 7.61 -38.01
CA ASN A 600 -1.11 7.49 -36.80
C ASN A 600 -0.36 6.70 -35.73
N ASN A 601 -0.51 7.16 -34.48
CA ASN A 601 -0.12 6.38 -33.32
C ASN A 601 1.38 6.11 -33.31
N THR A 602 2.21 7.10 -33.74
CA THR A 602 3.62 6.81 -33.96
C THR A 602 4.49 7.82 -33.22
N PHE A 603 4.03 9.07 -33.16
CA PHE A 603 4.84 10.17 -32.68
C PHE A 603 4.31 10.70 -31.34
N TYR A 604 5.14 11.50 -30.66
CA TYR A 604 4.85 11.99 -29.32
C TYR A 604 4.88 13.51 -29.25
N ASN A 605 4.11 14.09 -28.33
CA ASN A 605 3.95 15.53 -28.27
C ASN A 605 5.21 16.18 -27.72
N ILE A 606 5.91 15.56 -26.76
CA ILE A 606 7.18 16.09 -26.26
C ILE A 606 8.15 14.92 -26.13
N VAL A 607 9.35 15.06 -26.73
CA VAL A 607 10.37 14.00 -26.70
C VAL A 607 11.60 14.57 -26.00
N PHE A 608 12.00 13.93 -24.90
CA PHE A 608 13.13 14.37 -24.09
C PHE A 608 14.32 13.48 -24.41
N ASN A 609 15.46 14.10 -24.69
CA ASN A 609 16.64 13.30 -24.94
C ASN A 609 17.78 14.05 -24.28
N LYS A 610 18.34 13.47 -23.20
CA LYS A 610 19.49 14.07 -22.49
C LYS A 610 19.23 15.54 -22.13
N SER A 611 18.09 15.81 -21.49
CA SER A 611 17.67 17.18 -21.23
C SER A 611 16.98 17.29 -19.87
N ASP A 612 16.98 18.50 -19.31
CA ASP A 612 16.26 18.80 -18.09
C ASP A 612 15.18 19.84 -18.39
N ALA A 613 14.05 19.77 -17.72
CA ALA A 613 12.97 20.73 -18.03
C ALA A 613 12.01 20.75 -16.86
N VAL A 614 11.39 21.92 -16.63
CA VAL A 614 10.30 22.04 -15.68
CA VAL A 614 10.32 22.11 -15.67
C VAL A 614 9.11 22.58 -16.46
N ILE A 615 8.03 21.78 -16.52
CA ILE A 615 6.87 22.13 -17.33
C ILE A 615 5.69 22.23 -16.39
N ASN A 616 5.04 23.39 -16.39
CA ASN A 616 3.89 23.61 -15.53
C ASN A 616 2.67 23.98 -16.39
N GLY A 617 1.44 23.75 -15.87
CA GLY A 617 0.24 24.14 -16.59
C GLY A 617 0.11 23.52 -17.99
N PHE A 618 0.54 22.26 -18.11
CA PHE A 618 0.44 21.46 -19.32
C PHE A 618 -1.04 21.12 -19.59
N VAL A 619 -1.45 21.24 -20.86
CA VAL A 619 -2.75 20.74 -21.35
C VAL A 619 -2.49 20.16 -22.75
N GLY A 620 -3.41 19.29 -23.21
CA GLY A 620 -3.27 18.70 -24.52
C GLY A 620 -4.52 17.87 -24.94
N LEU A 621 -5.71 18.45 -24.86
CA LEU A 621 -6.87 17.75 -25.40
C LEU A 621 -6.68 17.44 -26.88
N ASN A 622 -6.57 16.14 -27.20
CA ASN A 622 -6.45 15.70 -28.57
C ASN A 622 -7.85 15.74 -29.22
N TYR A 623 -8.10 16.80 -30.04
CA TYR A 623 -9.44 17.06 -30.56
C TYR A 623 -9.87 15.93 -31.49
N ALA A 624 -8.92 15.23 -32.17
CA ALA A 624 -9.27 14.13 -33.07
C ALA A 624 -9.77 12.91 -32.29
N ALA A 625 -9.09 12.56 -31.19
CA ALA A 625 -9.62 11.48 -30.36
C ALA A 625 -10.96 11.89 -29.73
N ASN A 626 -11.10 13.14 -29.33
CA ASN A 626 -12.35 13.58 -28.74
C ASN A 626 -13.55 13.45 -29.73
N SER A 627 -13.38 13.91 -30.99
CA SER A 627 -14.44 13.94 -31.97
C SER A 627 -14.67 12.54 -32.55
N GLY A 628 -13.66 11.69 -32.47
CA GLY A 628 -13.75 10.36 -33.05
C GLY A 628 -13.60 10.34 -34.56
N SER A 629 -12.86 11.31 -35.12
CA SER A 629 -12.71 11.44 -36.56
C SER A 629 -11.84 10.31 -37.10
N GLY A 630 -11.03 9.63 -36.30
CA GLY A 630 -10.09 8.66 -36.87
C GLY A 630 -8.84 9.29 -37.51
N ALA A 631 -8.70 10.61 -37.49
CA ALA A 631 -7.53 11.26 -38.12
C ALA A 631 -6.26 10.84 -37.40
N ASN A 632 -5.15 10.70 -38.12
CA ASN A 632 -3.85 10.42 -37.52
C ASN A 632 -3.54 11.38 -36.38
N SER A 633 -3.09 10.85 -35.23
CA SER A 633 -2.61 11.75 -34.19
C SER A 633 -1.55 11.06 -33.32
N SER A 634 -1.00 11.89 -32.41
CA SER A 634 0.14 11.45 -31.58
C SER A 634 -0.23 10.17 -30.82
N ALA A 635 0.74 9.25 -30.69
CA ALA A 635 0.60 8.11 -29.78
C ALA A 635 0.33 8.52 -28.33
N GLY A 636 0.99 9.59 -27.86
CA GLY A 636 0.74 10.08 -26.52
C GLY A 636 1.64 11.31 -26.22
N ASN A 637 1.56 11.81 -25.00
CA ASN A 637 2.10 13.12 -24.69
C ASN A 637 3.63 13.08 -24.59
N PHE A 638 4.23 12.06 -23.93
CA PHE A 638 5.65 12.18 -23.53
C PHE A 638 6.46 10.93 -23.92
N GLN A 639 7.69 11.15 -24.47
CA GLN A 639 8.60 10.05 -24.71
C GLN A 639 10.00 10.44 -24.18
N PHE A 640 10.66 9.54 -23.47
CA PHE A 640 12.01 9.72 -22.95
C PHE A 640 12.96 8.80 -23.71
N LEU A 641 13.83 9.37 -24.53
CA LEU A 641 14.76 8.59 -25.33
C LEU A 641 16.01 8.28 -24.50
N SER A 642 16.16 8.92 -23.34
CA SER A 642 17.28 8.51 -22.49
C SER A 642 16.77 8.49 -21.04
N ASN A 643 17.54 7.93 -20.10
CA ASN A 643 17.06 7.84 -18.73
C ASN A 643 17.95 8.72 -17.84
N ASP A 644 18.68 9.67 -18.44
CA ASP A 644 19.49 10.59 -17.66
C ASP A 644 18.89 11.99 -17.64
N CYS A 645 17.56 12.08 -17.92
CA CYS A 645 16.87 13.36 -17.94
C CYS A 645 16.36 13.68 -16.54
N SER A 646 16.32 14.98 -16.18
CA SER A 646 15.73 15.39 -14.91
CA SER A 646 15.75 15.42 -14.91
C SER A 646 14.56 16.32 -15.22
N VAL A 647 13.33 15.79 -15.11
CA VAL A 647 12.16 16.46 -15.68
C VAL A 647 11.03 16.52 -14.63
N THR A 648 10.37 17.69 -14.46
CA THR A 648 9.14 17.79 -13.72
CA THR A 648 9.12 17.72 -13.73
C THR A 648 8.03 18.17 -14.72
N ILE A 649 6.85 17.50 -14.64
CA ILE A 649 5.74 17.89 -15.53
C ILE A 649 4.51 17.99 -14.63
N ASN A 650 3.79 19.13 -14.74
CA ASN A 650 2.54 19.25 -14.00
C ASN A 650 1.44 19.77 -14.93
N GLY A 651 0.26 19.14 -14.85
CA GLY A 651 -0.88 19.73 -15.53
C GLY A 651 -1.94 18.65 -15.80
N VAL A 652 -2.63 18.75 -16.95
CA VAL A 652 -3.68 17.80 -17.31
C VAL A 652 -3.12 16.89 -18.39
N VAL A 653 -2.50 15.79 -17.96
CA VAL A 653 -1.77 14.85 -18.80
C VAL A 653 -2.75 13.98 -19.58
N GLU A 654 -3.93 13.71 -18.99
CA GLU A 654 -5.02 13.05 -19.71
C GLU A 654 -6.30 13.82 -19.43
N THR A 655 -6.95 14.30 -20.52
CA THR A 655 -7.93 15.38 -20.41
C THR A 655 -9.23 14.89 -19.76
N GLY A 656 -9.65 13.66 -20.06
CA GLY A 656 -10.86 13.16 -19.41
C GLY A 656 -12.17 13.35 -20.21
N TYR A 657 -12.12 13.36 -21.55
CA TYR A 657 -13.32 13.36 -22.38
C TYR A 657 -13.76 11.90 -22.57
N MET A 658 -14.92 11.69 -23.22
CA MET A 658 -15.57 10.37 -23.13
C MET A 658 -14.77 9.24 -23.76
N GLY A 659 -14.16 9.44 -24.95
CA GLY A 659 -13.49 8.35 -25.64
C GLY A 659 -14.40 7.55 -26.58
N ILE A 660 -15.00 8.22 -27.58
CA ILE A 660 -15.94 7.60 -28.50
C ILE A 660 -15.30 6.41 -29.23
N ASN A 661 -14.01 6.51 -29.54
CA ASN A 661 -13.31 5.43 -30.20
C ASN A 661 -12.32 4.72 -29.25
N PHE A 662 -12.57 4.82 -27.95
CA PHE A 662 -11.84 4.08 -26.92
C PHE A 662 -10.42 4.63 -26.75
N ILE A 663 -10.11 5.81 -27.31
CA ILE A 663 -8.79 6.40 -27.13
C ILE A 663 -8.88 7.79 -26.55
N GLY A 664 -7.71 8.34 -26.21
CA GLY A 664 -7.66 9.66 -25.60
C GLY A 664 -6.30 10.28 -25.96
N ASP A 665 -5.73 10.97 -25.00
CA ASP A 665 -4.51 11.72 -25.32
C ASP A 665 -3.33 10.77 -25.28
N ASN A 666 -3.28 9.86 -24.29
CA ASN A 666 -2.14 8.94 -24.13
C ASN A 666 -2.56 7.52 -24.49
N ASN A 667 -2.24 7.09 -25.69
CA ASN A 667 -2.73 5.85 -26.28
C ASN A 667 -1.64 4.79 -26.27
N ILE A 668 -0.36 5.22 -26.16
CA ILE A 668 0.71 4.27 -25.96
C ILE A 668 1.58 4.92 -24.89
N ILE A 669 1.84 4.19 -23.80
CA ILE A 669 2.59 4.74 -22.68
C ILE A 669 3.91 3.99 -22.55
N ASN A 670 5.03 4.68 -22.57
CA ASN A 670 6.29 3.98 -22.48
C ASN A 670 6.87 4.46 -21.16
N PRO A 671 7.01 3.62 -20.11
CA PRO A 671 7.41 4.13 -18.81
C PRO A 671 8.93 4.41 -18.86
N THR A 672 9.45 5.08 -17.85
CA THR A 672 10.84 5.53 -17.95
C THR A 672 11.48 5.36 -16.57
N ASN A 673 12.78 5.15 -16.51
CA ASN A 673 13.51 5.16 -15.25
C ASN A 673 14.28 6.46 -15.13
N SER A 674 13.96 7.45 -15.98
CA SER A 674 14.45 8.82 -15.77
C SER A 674 14.10 9.36 -14.40
N ASP A 675 14.83 10.41 -14.03
CA ASP A 675 14.54 11.22 -12.85
C ASP A 675 13.31 12.14 -13.11
N LEU A 676 12.12 11.54 -13.13
CA LEU A 676 10.90 12.21 -13.53
C LEU A 676 10.02 12.41 -12.30
N SER A 677 9.42 13.62 -12.18
CA SER A 677 8.32 13.85 -11.26
C SER A 677 7.12 14.39 -12.06
N ILE A 678 5.98 13.71 -12.00
CA ILE A 678 4.81 14.15 -12.77
C ILE A 678 3.62 14.35 -11.83
N ASN A 679 3.02 15.54 -11.88
CA ASN A 679 1.79 15.83 -11.14
C ASN A 679 2.07 15.78 -9.65
N GLY A 680 3.33 16.00 -9.24
CA GLY A 680 3.64 15.85 -7.82
C GLY A 680 3.41 14.44 -7.25
N LEU A 681 3.23 13.41 -8.09
CA LEU A 681 2.97 12.05 -7.57
C LEU A 681 4.30 11.38 -7.17
N VAL A 682 4.30 10.75 -5.97
CA VAL A 682 5.39 9.91 -5.53
C VAL A 682 5.38 8.68 -6.42
N ASN A 683 6.54 8.36 -6.97
CA ASN A 683 6.75 7.14 -7.75
C ASN A 683 6.86 5.96 -6.76
N TYR A 684 5.97 4.97 -6.90
CA TYR A 684 5.92 3.90 -5.93
C TYR A 684 7.27 3.16 -5.89
N SER A 685 7.96 3.05 -7.03
CA SER A 685 9.24 2.36 -7.03
C SER A 685 10.31 3.15 -6.25
N LYS A 686 10.08 4.42 -5.95
CA LYS A 686 11.12 5.26 -5.32
C LYS A 686 10.75 5.58 -3.87
N THR A 687 9.73 4.92 -3.32
CA THR A 687 9.24 5.40 -2.02
C THR A 687 9.56 4.41 -0.92
N GLY A 688 9.75 4.93 0.30
CA GLY A 688 9.73 4.10 1.50
C GLY A 688 8.56 4.45 2.43
N LEU A 689 7.60 5.26 1.99
CA LEU A 689 6.48 5.64 2.89
C LEU A 689 5.71 4.41 3.32
N GLN A 690 5.33 4.38 4.61
CA GLN A 690 4.48 3.35 5.16
C GLN A 690 3.02 3.77 5.05
N THR A 691 2.20 2.83 4.60
CA THR A 691 0.78 3.13 4.46
C THR A 691 -0.08 2.02 5.08
N MET A 692 -1.39 2.26 5.19
CA MET A 692 -2.36 1.17 5.33
C MET A 692 -2.14 0.15 4.24
N ASN A 693 -2.49 -1.09 4.56
CA ASN A 693 -2.55 -2.10 3.52
C ASN A 693 -3.63 -3.11 3.89
N GLU A 694 -4.87 -2.83 3.49
CA GLU A 694 -5.97 -3.72 3.93
C GLU A 694 -5.82 -5.11 3.35
N THR A 695 -6.27 -6.11 4.11
CA THR A 695 -6.16 -7.51 3.74
C THR A 695 -7.49 -7.98 3.17
N PRO A 696 -7.56 -8.49 1.92
CA PRO A 696 -8.81 -9.05 1.43
C PRO A 696 -8.92 -10.52 1.86
N THR A 697 -10.12 -11.11 1.74
CA THR A 697 -10.23 -12.54 1.95
CA THR A 697 -10.34 -12.53 1.96
C THR A 697 -10.48 -13.23 0.61
N PHE A 698 -9.75 -14.33 0.39
CA PHE A 698 -9.97 -15.11 -0.81
C PHE A 698 -11.34 -15.79 -0.70
N ASP A 699 -12.05 -15.87 -1.81
CA ASP A 699 -13.23 -16.73 -1.83
C ASP A 699 -13.25 -17.50 -3.14
N GLY A 700 -13.76 -18.72 -3.08
CA GLY A 700 -14.02 -19.53 -4.25
C GLY A 700 -14.88 -20.72 -3.82
N VAL A 701 -15.26 -21.56 -4.79
CA VAL A 701 -16.12 -22.69 -4.46
C VAL A 701 -15.33 -23.60 -3.52
N SER A 702 -14.04 -23.83 -3.84
CA SER A 702 -13.03 -24.22 -2.88
C SER A 702 -12.31 -22.96 -2.36
N THR A 703 -12.13 -22.81 -1.05
CA THR A 703 -11.63 -21.55 -0.54
C THR A 703 -10.10 -21.56 -0.39
N THR A 704 -9.44 -22.55 -0.98
CA THR A 704 -7.99 -22.57 -1.05
C THR A 704 -7.53 -21.86 -2.33
N PRO A 705 -6.72 -20.78 -2.23
CA PRO A 705 -6.24 -20.07 -3.42
C PRO A 705 -5.33 -21.04 -4.20
N VAL A 706 -5.31 -20.89 -5.53
CA VAL A 706 -4.44 -21.57 -6.47
C VAL A 706 -3.63 -20.49 -7.18
N TYR A 707 -2.35 -20.75 -7.43
CA TYR A 707 -1.45 -19.82 -8.10
C TYR A 707 -0.84 -20.53 -9.29
N VAL A 708 -0.73 -19.81 -10.42
CA VAL A 708 -0.16 -20.32 -11.66
C VAL A 708 0.77 -19.23 -12.19
N SER A 709 1.56 -19.59 -13.21
CA SER A 709 2.60 -18.65 -13.62
C SER A 709 2.00 -17.47 -14.38
N VAL A 710 2.72 -16.34 -14.33
CA VAL A 710 2.42 -15.16 -15.13
C VAL A 710 3.59 -14.94 -16.10
N PRO A 711 3.35 -14.19 -17.22
CA PRO A 711 4.45 -13.78 -18.12
C PRO A 711 5.46 -12.94 -17.35
N SER A 712 6.73 -13.03 -17.77
CA SER A 712 7.78 -12.35 -17.02
C SER A 712 7.62 -10.82 -17.01
N SER A 713 6.90 -10.23 -17.97
CA SER A 713 6.60 -8.80 -17.94
C SER A 713 5.83 -8.39 -16.69
N VAL A 714 5.17 -9.33 -15.98
CA VAL A 714 4.42 -8.99 -14.79
C VAL A 714 5.37 -8.76 -13.60
N GLY A 715 6.64 -9.17 -13.71
CA GLY A 715 7.64 -8.87 -12.67
C GLY A 715 7.48 -9.70 -11.38
N GLN A 716 6.91 -10.91 -11.45
CA GLN A 716 6.72 -11.79 -10.30
C GLN A 716 6.58 -13.20 -10.87
N VAL A 717 6.70 -14.26 -10.07
CA VAL A 717 6.72 -15.62 -10.60
C VAL A 717 5.32 -16.14 -10.94
N ASN A 718 4.40 -16.04 -9.99
CA ASN A 718 3.05 -16.56 -10.17
C ASN A 718 2.06 -15.45 -9.87
N GLY A 719 0.78 -15.67 -10.25
CA GLY A 719 -0.29 -14.86 -9.73
C GLY A 719 -1.47 -15.75 -9.34
N LEU A 720 -2.59 -15.14 -8.94
CA LEU A 720 -3.77 -15.86 -8.50
C LEU A 720 -4.52 -16.46 -9.70
N ARG A 721 -4.74 -17.77 -9.68
CA ARG A 721 -5.45 -18.46 -10.77
C ARG A 721 -6.94 -18.09 -10.76
N LEU A 722 -7.44 -17.55 -11.87
CA LEU A 722 -8.83 -17.12 -11.91
C LEU A 722 -9.57 -18.08 -12.82
N SER A 723 -10.71 -18.64 -12.34
CA SER A 723 -11.52 -19.50 -13.20
C SER A 723 -13.00 -19.24 -12.94
N GLN A 724 -13.85 -19.53 -13.93
CA GLN A 724 -15.29 -19.44 -13.71
C GLN A 724 -15.76 -20.59 -12.83
N ALA A 725 -15.10 -21.76 -12.94
CA ALA A 725 -15.54 -22.96 -12.23
C ALA A 725 -15.40 -22.80 -10.73
N ASN A 726 -14.28 -22.26 -10.26
CA ASN A 726 -14.11 -22.07 -8.84
C ASN A 726 -14.52 -20.67 -8.38
N LYS A 727 -14.87 -19.73 -9.29
CA LYS A 727 -15.27 -18.36 -8.93
C LYS A 727 -14.24 -17.66 -8.01
N ASP A 728 -12.95 -17.82 -8.32
CA ASP A 728 -11.91 -17.26 -7.46
C ASP A 728 -12.05 -15.73 -7.42
N LYS A 729 -11.98 -15.13 -6.23
CA LYS A 729 -12.08 -13.70 -6.13
C LYS A 729 -11.44 -13.20 -4.84
N LEU A 730 -11.28 -11.89 -4.75
CA LEU A 730 -10.76 -11.28 -3.54
C LEU A 730 -11.79 -10.29 -3.01
N LEU A 731 -12.28 -10.53 -1.79
CA LEU A 731 -13.29 -9.71 -1.16
C LEU A 731 -12.61 -8.75 -0.18
N TYR A 732 -12.85 -7.43 -0.33
CA TYR A 732 -12.53 -6.46 0.72
C TYR A 732 -13.83 -6.12 1.43
N SER A 733 -13.78 -5.95 2.74
CA SER A 733 -14.93 -5.53 3.50
C SER A 733 -15.16 -4.02 3.34
N ARG A 734 -14.11 -3.27 2.95
CA ARG A 734 -14.25 -1.83 2.76
C ARG A 734 -15.44 -1.52 1.83
N THR A 735 -16.25 -0.52 2.18
CA THR A 735 -17.31 -0.07 1.28
C THR A 735 -16.91 1.25 0.58
N ALA A 736 -17.44 1.47 -0.63
CA ALA A 736 -17.18 2.74 -1.33
C ALA A 736 -17.89 3.90 -0.62
N GLY A 737 -17.19 5.05 -0.42
CA GLY A 737 -17.74 6.25 0.22
C GLY A 737 -17.87 7.41 -0.78
N PRO A 738 -18.44 8.57 -0.40
CA PRO A 738 -18.74 9.60 -1.41
C PRO A 738 -17.53 10.29 -2.05
N GLU A 739 -16.35 10.17 -1.43
CA GLU A 739 -15.14 10.69 -2.07
C GLU A 739 -14.70 9.78 -3.24
N GLY A 740 -15.15 8.51 -3.26
CA GLY A 740 -14.85 7.63 -4.39
C GLY A 740 -13.67 6.68 -4.11
N ILE A 741 -13.24 5.95 -5.13
CA ILE A 741 -12.28 4.86 -4.96
C ILE A 741 -11.59 4.65 -6.31
N THR A 742 -10.37 4.12 -6.28
CA THR A 742 -9.71 3.63 -7.47
C THR A 742 -9.38 2.16 -7.21
N MET A 743 -9.49 1.35 -8.25
CA MET A 743 -9.20 -0.06 -8.13
C MET A 743 -8.44 -0.42 -9.38
N ALA A 744 -7.39 -1.23 -9.21
CA ALA A 744 -6.59 -1.61 -10.36
C ALA A 744 -6.00 -2.99 -10.15
N ALA A 745 -5.75 -3.74 -11.25
CA ALA A 745 -5.09 -5.04 -11.15
C ALA A 745 -4.44 -5.36 -12.48
N VAL A 746 -3.44 -6.27 -12.44
CA VAL A 746 -3.00 -6.91 -13.64
C VAL A 746 -3.91 -8.13 -13.83
N ILE A 747 -4.45 -8.29 -15.01
CA ILE A 747 -5.20 -9.50 -15.34
C ILE A 747 -4.61 -10.02 -16.64
N VAL A 748 -4.25 -11.30 -16.63
CA VAL A 748 -3.82 -11.99 -17.83
C VAL A 748 -5.01 -12.86 -18.26
N PRO A 749 -5.88 -12.40 -19.18
CA PRO A 749 -7.14 -13.11 -19.44
C PRO A 749 -6.89 -14.28 -20.38
N THR A 750 -7.55 -15.41 -20.08
CA THR A 750 -7.63 -16.47 -21.07
C THR A 750 -8.94 -16.31 -21.84
N ILE A 751 -8.84 -16.06 -23.14
CA ILE A 751 -10.01 -15.68 -23.91
C ILE A 751 -10.29 -16.76 -24.95
N SER A 752 -11.51 -17.32 -24.89
CA SER A 752 -11.89 -18.37 -25.84
C SER A 752 -13.34 -18.15 -26.26
N GLY A 753 -14.32 -18.87 -25.71
CA GLY A 753 -15.68 -18.69 -26.22
C GLY A 753 -16.42 -17.62 -25.44
N ALA A 754 -17.76 -17.68 -25.56
CA ALA A 754 -18.68 -16.74 -24.94
C ALA A 754 -18.38 -16.66 -23.46
N GLU A 755 -18.35 -15.47 -22.89
CA GLU A 755 -17.96 -15.38 -21.49
C GLU A 755 -18.19 -13.97 -20.98
N VAL A 756 -18.45 -13.84 -19.69
CA VAL A 756 -18.44 -12.55 -19.04
C VAL A 756 -17.31 -12.59 -18.01
N PHE A 757 -16.38 -11.65 -18.12
CA PHE A 757 -15.37 -11.42 -17.09
C PHE A 757 -15.79 -10.25 -16.24
N ASN A 758 -15.94 -10.46 -14.92
CA ASN A 758 -16.16 -9.36 -14.02
C ASN A 758 -14.79 -8.99 -13.47
N PHE A 759 -14.16 -7.97 -14.04
CA PHE A 759 -12.80 -7.64 -13.61
C PHE A 759 -12.82 -7.12 -12.18
N MET A 760 -13.76 -6.22 -11.86
CA MET A 760 -13.86 -5.75 -10.48
C MET A 760 -15.24 -5.14 -10.29
N ALA A 761 -15.67 -4.99 -9.03
CA ALA A 761 -17.04 -4.62 -8.72
C ALA A 761 -17.08 -3.85 -7.41
N ILE A 762 -18.16 -3.05 -7.26
CA ILE A 762 -18.55 -2.45 -5.98
C ILE A 762 -19.95 -3.01 -5.71
N GLY A 763 -20.10 -3.69 -4.59
CA GLY A 763 -21.38 -4.33 -4.25
C GLY A 763 -21.66 -5.49 -5.19
N SER A 764 -22.97 -5.73 -5.42
CA SER A 764 -23.33 -6.86 -6.28
C SER A 764 -24.76 -6.67 -6.79
N GLY A 765 -25.17 -7.54 -7.72
CA GLY A 765 -26.50 -7.47 -8.30
C GLY A 765 -26.54 -6.35 -9.35
N PHE A 766 -27.70 -6.17 -9.99
CA PHE A 766 -27.83 -5.12 -10.97
C PHE A 766 -29.31 -4.77 -11.08
N SER A 767 -29.73 -3.74 -10.37
CA SER A 767 -31.11 -3.27 -10.38
C SER A 767 -31.17 -1.83 -9.88
N ASP A 768 -32.41 -1.32 -9.81
CA ASP A 768 -32.67 0.05 -9.43
C ASP A 768 -32.12 0.32 -8.05
N THR A 769 -32.01 -0.73 -7.22
CA THR A 769 -31.56 -0.52 -5.86
C THR A 769 -30.30 -1.34 -5.53
N SER A 770 -29.58 -1.87 -6.52
CA SER A 770 -28.45 -2.74 -6.24
C SER A 770 -27.24 -1.98 -5.64
N ASN A 771 -27.18 -0.66 -5.84
CA ASN A 771 -26.05 0.16 -5.35
C ASN A 771 -24.72 -0.46 -5.80
N SER A 772 -24.62 -0.79 -7.10
CA SER A 772 -23.52 -1.64 -7.52
C SER A 772 -22.83 -1.05 -8.76
N LEU A 773 -21.57 -1.44 -8.92
CA LEU A 773 -20.82 -1.20 -10.14
C LEU A 773 -20.15 -2.50 -10.58
N HIS A 774 -20.13 -2.81 -11.89
CA HIS A 774 -19.35 -3.91 -12.42
C HIS A 774 -18.59 -3.41 -13.63
N LEU A 775 -17.29 -3.73 -13.71
CA LEU A 775 -16.56 -3.52 -14.94
C LEU A 775 -16.40 -4.86 -15.64
N GLN A 776 -16.84 -4.97 -16.90
CA GLN A 776 -16.88 -6.30 -17.50
C GLN A 776 -16.26 -6.31 -18.87
N LEU A 777 -15.67 -7.47 -19.20
CA LEU A 777 -15.35 -7.77 -20.58
C LEU A 777 -16.28 -8.90 -21.00
N VAL A 778 -17.05 -8.69 -22.06
CA VAL A 778 -18.03 -9.69 -22.50
C VAL A 778 -17.57 -10.18 -23.86
N ILE A 779 -17.33 -11.48 -23.97
CA ILE A 779 -16.96 -12.02 -25.25
C ILE A 779 -18.21 -12.72 -25.78
N ASP A 780 -18.57 -12.47 -27.03
CA ASP A 780 -19.72 -13.18 -27.52
C ASP A 780 -19.24 -14.43 -28.23
N ALA A 781 -20.21 -15.22 -28.69
CA ALA A 781 -19.94 -16.52 -29.28
C ALA A 781 -19.14 -16.34 -30.57
N SER A 782 -19.28 -15.20 -31.25
CA SER A 782 -18.49 -14.99 -32.46
C SER A 782 -17.09 -14.41 -32.14
N GLY A 783 -16.77 -14.09 -30.89
CA GLY A 783 -15.45 -13.55 -30.62
C GLY A 783 -15.41 -12.03 -30.51
N LYS A 784 -16.55 -11.37 -30.70
CA LYS A 784 -16.65 -9.93 -30.53
C LYS A 784 -16.51 -9.60 -29.05
N GLN A 785 -15.80 -8.50 -28.77
CA GLN A 785 -15.54 -8.11 -27.41
C GLN A 785 -16.23 -6.77 -27.10
N THR A 786 -16.77 -6.66 -25.90
CA THR A 786 -17.46 -5.47 -25.47
C THR A 786 -16.90 -5.12 -24.11
N ILE A 787 -16.63 -3.84 -23.86
CA ILE A 787 -16.31 -3.47 -22.50
C ILE A 787 -17.54 -2.77 -21.96
N ALA A 788 -17.99 -3.17 -20.75
CA ALA A 788 -19.26 -2.72 -20.25
C ALA A 788 -19.06 -2.26 -18.82
N LEU A 789 -19.61 -1.09 -18.49
CA LEU A 789 -19.71 -0.65 -17.12
C LEU A 789 -21.19 -0.65 -16.76
N LEU A 790 -21.57 -1.41 -15.73
CA LEU A 790 -22.95 -1.56 -15.25
C LEU A 790 -23.08 -0.82 -13.95
N LEU A 791 -24.04 0.11 -13.89
CA LEU A 791 -24.36 0.91 -12.71
C LEU A 791 -25.82 0.69 -12.33
N GLY A 792 -26.03 0.36 -11.05
CA GLY A 792 -27.37 0.23 -10.51
C GLY A 792 -27.50 1.05 -9.24
N GLY A 793 -28.52 1.91 -9.20
CA GLY A 793 -28.71 2.75 -8.02
C GLY A 793 -29.44 4.04 -8.36
N ASP A 794 -29.74 4.85 -7.32
CA ASP A 794 -30.45 6.11 -7.46
C ASP A 794 -31.74 5.83 -8.23
N GLY A 795 -32.33 4.64 -8.03
CA GLY A 795 -33.65 4.37 -8.62
C GLY A 795 -33.59 3.87 -10.05
N THR A 796 -32.41 3.57 -10.60
CA THR A 796 -32.35 3.23 -11.99
C THR A 796 -31.12 2.37 -12.25
N THR A 797 -30.91 2.00 -13.52
CA THR A 797 -29.72 1.25 -13.91
C THR A 797 -29.23 1.82 -15.21
N GLN A 798 -27.93 1.63 -15.51
CA GLN A 798 -27.43 2.08 -16.80
C GLN A 798 -26.32 1.12 -17.21
N ILE A 799 -26.30 0.79 -18.53
CA ILE A 799 -25.19 0.01 -19.03
C ILE A 799 -24.43 0.95 -19.95
N LEU A 800 -23.14 1.21 -19.63
CA LEU A 800 -22.33 1.99 -20.56
C LEU A 800 -21.36 1.03 -21.25
N SER A 801 -21.67 0.65 -22.49
CA SER A 801 -20.85 -0.37 -23.10
C SER A 801 -20.47 0.04 -24.50
N GLY A 802 -19.40 -0.57 -25.01
CA GLY A 802 -19.00 -0.37 -26.39
C GLY A 802 -18.30 -1.61 -26.90
N ASP A 803 -18.54 -1.90 -28.17
CA ASP A 803 -17.91 -3.00 -28.88
C ASP A 803 -16.54 -2.54 -29.34
N LEU A 804 -15.51 -3.35 -29.07
CA LEU A 804 -14.19 -2.95 -29.45
C LEU A 804 -14.00 -3.26 -30.92
N PRO A 805 -13.35 -2.36 -31.73
CA PRO A 805 -12.95 -2.78 -33.07
C PRO A 805 -11.94 -3.92 -32.99
N ASN A 806 -11.80 -4.68 -34.09
CA ASN A 806 -10.98 -5.88 -34.07
C ASN A 806 -9.57 -5.58 -33.61
N ASP A 807 -9.02 -4.44 -34.01
CA ASP A 807 -7.61 -4.24 -33.73
C ASP A 807 -7.37 -3.74 -32.31
N LEU A 808 -8.42 -3.54 -31.50
CA LEU A 808 -8.23 -3.11 -30.11
C LEU A 808 -8.58 -4.24 -29.10
N LYS A 809 -8.91 -5.43 -29.61
CA LYS A 809 -9.35 -6.54 -28.78
C LYS A 809 -8.24 -6.95 -27.82
N LEU A 810 -8.60 -7.39 -26.61
CA LEU A 810 -7.64 -8.03 -25.71
C LEU A 810 -7.25 -9.41 -26.26
N GLN A 811 -5.98 -9.77 -26.03
CA GLN A 811 -5.36 -10.99 -26.53
CA GLN A 811 -5.37 -10.99 -26.53
C GLN A 811 -5.17 -11.99 -25.39
N SER A 812 -5.56 -13.22 -25.63
CA SER A 812 -5.41 -14.29 -24.66
C SER A 812 -3.95 -14.43 -24.24
N GLY A 813 -3.71 -14.52 -22.92
CA GLY A 813 -2.39 -14.80 -22.37
C GLY A 813 -1.49 -13.55 -22.27
N VAL A 814 -2.02 -12.36 -22.66
CA VAL A 814 -1.27 -11.11 -22.58
C VAL A 814 -1.64 -10.42 -21.28
N PRO A 815 -0.70 -9.84 -20.49
CA PRO A 815 -1.12 -9.11 -19.29
C PRO A 815 -1.59 -7.70 -19.60
N TYR A 816 -2.67 -7.27 -18.92
CA TYR A 816 -3.24 -5.94 -19.05
C TYR A 816 -3.29 -5.34 -17.66
N HIS A 817 -2.98 -4.04 -17.59
CA HIS A 817 -3.30 -3.31 -16.38
C HIS A 817 -4.71 -2.77 -16.53
N ILE A 818 -5.59 -3.13 -15.60
CA ILE A 818 -6.98 -2.73 -15.69
C ILE A 818 -7.34 -1.85 -14.50
N ALA A 819 -7.85 -0.64 -14.76
CA ALA A 819 -8.04 0.29 -13.66
C ALA A 819 -9.40 0.95 -13.80
N ILE A 820 -10.04 1.32 -12.68
CA ILE A 820 -11.18 2.21 -12.69
C ILE A 820 -11.01 3.26 -11.60
N GLY A 821 -11.62 4.45 -11.88
CA GLY A 821 -11.91 5.44 -10.88
C GLY A 821 -13.42 5.56 -10.81
N ALA A 822 -13.98 5.62 -9.59
CA ALA A 822 -15.42 5.65 -9.47
C ALA A 822 -15.78 6.51 -8.28
N LYS A 823 -16.61 7.52 -8.52
CA LYS A 823 -17.17 8.36 -7.48
C LYS A 823 -18.51 8.87 -8.00
N PRO A 824 -19.36 9.49 -7.14
CA PRO A 824 -20.64 10.03 -7.62
C PRO A 824 -20.37 10.94 -8.80
N GLY A 825 -21.09 10.68 -9.89
CA GLY A 825 -21.00 11.53 -11.06
C GLY A 825 -19.73 11.39 -11.91
N TYR A 826 -18.90 10.38 -11.66
CA TYR A 826 -17.59 10.39 -12.32
C TYR A 826 -17.02 8.97 -12.33
N PHE A 827 -17.00 8.31 -13.52
CA PHE A 827 -16.54 6.96 -13.67
C PHE A 827 -15.59 6.91 -14.85
N TRP A 828 -14.39 6.30 -14.71
CA TRP A 828 -13.53 6.09 -15.86
C TRP A 828 -12.93 4.69 -15.79
N TRP A 829 -12.58 4.12 -16.95
CA TRP A 829 -11.91 2.83 -16.95
C TRP A 829 -10.81 2.85 -17.99
N SER A 830 -9.81 2.00 -17.76
CA SER A 830 -8.67 1.95 -18.63
C SER A 830 -8.11 0.53 -18.66
N ILE A 831 -7.66 0.11 -19.84
CA ILE A 831 -7.12 -1.22 -20.10
C ILE A 831 -5.82 -1.09 -20.89
N LEU A 832 -4.71 -1.50 -20.28
CA LEU A 832 -3.39 -1.15 -20.82
C LEU A 832 -2.61 -2.45 -21.05
N ASN A 833 -2.21 -2.73 -22.29
CA ASN A 833 -1.44 -3.91 -22.61
C ASN A 833 0.00 -3.63 -22.12
N ILE A 834 0.55 -4.45 -21.20
CA ILE A 834 1.79 -4.03 -20.55
C ILE A 834 2.98 -4.43 -21.41
N GLN A 835 2.75 -5.21 -22.46
CA GLN A 835 3.80 -5.60 -23.37
C GLN A 835 3.95 -4.59 -24.51
N THR A 836 2.91 -3.88 -24.95
CA THR A 836 3.06 -3.01 -26.09
C THR A 836 2.89 -1.56 -25.64
N GLY A 837 2.43 -1.32 -24.38
CA GLY A 837 2.05 0.02 -23.94
C GLY A 837 0.73 0.57 -24.53
N LYS A 838 0.00 -0.20 -25.34
CA LYS A 838 -1.22 0.37 -25.96
C LYS A 838 -2.41 0.32 -25.03
N ARG A 839 -3.15 1.43 -24.97
CA ARG A 839 -4.19 1.59 -23.97
C ARG A 839 -5.55 1.86 -24.67
N ILE A 840 -6.61 1.43 -24.03
CA ILE A 840 -7.97 1.83 -24.38
C ILE A 840 -8.67 2.28 -23.10
N ARG A 841 -9.71 3.13 -23.24
CA ARG A 841 -10.28 3.76 -22.05
C ARG A 841 -11.57 4.47 -22.41
N ARG A 842 -12.44 4.72 -21.40
CA ARG A 842 -13.57 5.63 -21.58
C ARG A 842 -13.75 6.35 -20.27
N SER A 843 -14.44 7.51 -20.32
CA SER A 843 -14.70 8.23 -19.08
C SER A 843 -16.11 8.80 -19.15
N PHE A 844 -16.85 8.81 -18.04
CA PHE A 844 -18.25 9.17 -18.05
C PHE A 844 -18.55 10.18 -16.96
N ARG A 845 -18.97 11.39 -17.39
CA ARG A 845 -19.40 12.47 -16.50
C ARG A 845 -20.58 13.18 -17.18
N GLY A 846 -21.38 13.93 -16.42
CA GLY A 846 -22.31 14.87 -17.02
C GLY A 846 -23.42 14.11 -17.77
N ALA A 847 -23.71 14.55 -18.98
CA ALA A 847 -24.85 14.06 -19.73
C ALA A 847 -24.65 12.60 -20.16
N TYR A 848 -23.42 12.05 -20.10
CA TYR A 848 -23.30 10.62 -20.35
C TYR A 848 -23.93 9.74 -19.25
N LEU A 849 -24.21 10.29 -18.07
CA LEU A 849 -24.72 9.49 -16.96
C LEU A 849 -26.18 9.86 -16.75
N ALA A 850 -27.04 8.86 -16.53
CA ALA A 850 -28.47 9.11 -16.38
C ALA A 850 -28.73 9.76 -15.02
N VAL A 851 -27.95 9.38 -14.01
CA VAL A 851 -28.01 9.98 -12.67
C VAL A 851 -26.56 9.96 -12.16
N PRO A 852 -26.24 10.57 -11.02
CA PRO A 852 -24.86 10.49 -10.50
C PRO A 852 -24.49 9.15 -9.88
N PHE A 853 -25.51 8.35 -9.55
CA PHE A 853 -25.33 7.07 -8.87
C PHE A 853 -24.76 7.30 -7.48
N ASN A 854 -25.31 8.30 -6.80
CA ASN A 854 -24.91 8.57 -5.42
C ASN A 854 -24.98 7.32 -4.54
N SER A 855 -26.03 6.50 -4.70
CA SER A 855 -26.26 5.42 -3.73
C SER A 855 -25.24 4.28 -3.88
N ILE A 856 -24.43 4.27 -4.94
CA ILE A 856 -23.34 3.30 -4.98
C ILE A 856 -22.33 3.61 -3.86
N PHE A 857 -22.33 4.85 -3.38
CA PHE A 857 -21.25 5.37 -2.52
C PHE A 857 -21.79 5.73 -1.14
N GLY A 858 -22.88 5.07 -0.72
CA GLY A 858 -23.45 5.31 0.61
C GLY A 858 -22.86 4.43 1.74
N LEU A 859 -21.64 3.92 1.58
CA LEU A 859 -20.98 3.13 2.60
C LEU A 859 -21.70 1.78 2.80
N THR A 860 -22.31 1.21 1.75
CA THR A 860 -23.00 -0.06 1.92
C THR A 860 -22.44 -1.13 0.96
N SER A 861 -21.65 -0.77 -0.05
CA SER A 861 -21.32 -1.71 -1.11
C SER A 861 -19.81 -1.95 -1.12
N SER A 862 -19.41 -3.21 -0.97
CA SER A 862 -18.02 -3.52 -0.67
C SER A 862 -17.25 -3.81 -1.97
N LEU A 863 -15.92 -3.81 -1.90
CA LEU A 863 -15.11 -3.91 -3.12
C LEU A 863 -14.66 -5.34 -3.41
N THR A 864 -14.71 -5.76 -4.68
CA THR A 864 -14.31 -7.11 -4.97
C THR A 864 -13.42 -7.09 -6.20
N PHE A 865 -12.35 -7.89 -6.25
CA PHE A 865 -11.67 -8.10 -7.50
C PHE A 865 -12.03 -9.47 -8.05
N PHE A 866 -12.16 -9.52 -9.38
CA PHE A 866 -12.26 -10.71 -10.21
C PHE A 866 -13.68 -11.31 -10.14
N SER A 867 -14.58 -10.71 -9.36
CA SER A 867 -16.01 -11.07 -9.39
C SER A 867 -16.77 -9.93 -8.70
N ASP A 868 -17.94 -10.18 -8.11
CA ASP A 868 -18.56 -9.23 -7.21
C ASP A 868 -18.82 -9.90 -5.88
N SER A 869 -19.51 -9.21 -4.94
CA SER A 869 -19.54 -9.72 -3.58
C SER A 869 -20.61 -10.80 -3.37
N ASN A 870 -21.36 -11.20 -4.40
CA ASN A 870 -22.33 -12.26 -4.22
C ASN A 870 -21.74 -13.60 -4.69
N ALA A 871 -22.12 -14.69 -4.02
CA ALA A 871 -21.59 -16.02 -4.32
C ALA A 871 -21.89 -16.44 -5.76
N GLY A 872 -23.01 -16.03 -6.33
CA GLY A 872 -23.26 -16.49 -7.69
C GLY A 872 -22.58 -15.71 -8.84
N GLY A 873 -21.94 -14.55 -8.56
CA GLY A 873 -21.51 -13.62 -9.62
C GLY A 873 -20.57 -14.25 -10.67
N ASP A 874 -20.63 -13.79 -11.93
CA ASP A 874 -19.59 -14.16 -12.87
C ASP A 874 -18.22 -13.80 -12.30
N ALA A 875 -17.17 -14.53 -12.69
CA ALA A 875 -15.84 -14.21 -12.20
C ALA A 875 -14.94 -13.99 -13.43
N CYS A 876 -13.73 -14.59 -13.50
CA CYS A 876 -12.85 -14.31 -14.62
C CYS A 876 -12.16 -15.62 -15.01
N SER A 877 -11.41 -15.65 -16.12
CA SER A 877 -10.57 -16.76 -16.50
C SER A 877 -9.17 -16.21 -16.78
N GLY A 878 -8.14 -16.73 -16.06
CA GLY A 878 -6.76 -16.38 -16.39
C GLY A 878 -5.96 -16.26 -15.11
N VAL A 879 -5.25 -15.13 -14.90
CA VAL A 879 -4.43 -14.92 -13.70
C VAL A 879 -4.52 -13.47 -13.27
N GLY A 880 -4.60 -13.24 -11.95
CA GLY A 880 -4.64 -11.88 -11.42
C GLY A 880 -3.33 -11.58 -10.66
N ALA A 881 -2.95 -10.30 -10.59
CA ALA A 881 -1.74 -9.92 -9.84
C ALA A 881 -1.85 -8.45 -9.47
N LYS A 882 -1.06 -8.03 -8.47
CA LYS A 882 -0.86 -6.61 -8.21
C LYS A 882 -2.20 -5.85 -8.16
N VAL A 883 -3.00 -6.28 -7.20
CA VAL A 883 -4.26 -5.65 -6.86
C VAL A 883 -4.00 -4.42 -6.01
N TYR A 884 -4.54 -3.29 -6.45
CA TYR A 884 -4.44 -2.01 -5.75
C TYR A 884 -5.83 -1.43 -5.47
N VAL A 885 -6.01 -0.95 -4.24
CA VAL A 885 -7.15 -0.12 -3.87
C VAL A 885 -6.57 1.20 -3.37
N GLY A 886 -7.07 2.33 -3.90
CA GLY A 886 -6.71 3.66 -3.50
C GLY A 886 -7.96 4.53 -3.35
N MET A 887 -7.80 5.65 -2.67
CA MET A 887 -8.84 6.67 -2.70
C MET A 887 -8.85 7.27 -4.13
N PHE A 888 -9.86 8.08 -4.48
CA PHE A 888 -10.10 8.41 -5.88
C PHE A 888 -8.94 9.18 -6.53
N SER A 889 -8.49 8.66 -7.68
CA SER A 889 -7.56 9.30 -8.60
C SER A 889 -8.29 9.63 -9.90
N SER A 890 -8.01 10.82 -10.45
CA SER A 890 -8.39 11.12 -11.81
C SER A 890 -7.67 10.20 -12.81
N GLU A 891 -8.25 10.09 -14.02
CA GLU A 891 -7.52 9.44 -15.09
C GLU A 891 -6.23 10.20 -15.39
N ASN A 892 -6.25 11.54 -15.23
CA ASN A 892 -5.05 12.37 -15.34
C ASN A 892 -3.91 11.74 -14.49
N ASP A 893 -4.16 11.58 -13.20
CA ASP A 893 -3.14 11.04 -12.32
C ASP A 893 -2.84 9.58 -12.60
N TYR A 894 -3.86 8.77 -12.95
CA TYR A 894 -3.57 7.39 -13.34
C TYR A 894 -2.58 7.35 -14.48
N VAL A 895 -2.84 8.13 -15.55
CA VAL A 895 -1.96 8.09 -16.70
C VAL A 895 -0.58 8.65 -16.31
N ALA A 896 -0.51 9.76 -15.60
CA ALA A 896 0.77 10.31 -15.17
C ALA A 896 1.62 9.25 -14.46
N SER A 897 1.00 8.49 -13.52
CA SER A 897 1.70 7.42 -12.80
C SER A 897 2.20 6.28 -13.68
N ARG A 898 1.52 6.00 -14.83
CA ARG A 898 1.97 4.97 -15.77
C ARG A 898 3.31 5.32 -16.41
N TYR A 899 3.67 6.60 -16.49
CA TYR A 899 5.00 6.96 -17.00
C TYR A 899 6.12 6.50 -16.07
N TYR A 900 5.85 6.31 -14.77
CA TYR A 900 6.85 5.69 -13.88
C TYR A 900 6.98 4.19 -14.11
N ASN A 901 5.82 3.52 -14.30
CA ASN A 901 5.83 2.06 -14.38
C ASN A 901 4.40 1.65 -14.77
N LEU A 902 4.25 0.67 -15.66
CA LEU A 902 2.91 0.37 -16.16
C LEU A 902 2.03 -0.37 -15.15
N ILE A 903 2.59 -1.00 -14.10
CA ILE A 903 1.78 -1.91 -13.29
C ILE A 903 1.77 -1.63 -11.80
N ASN A 904 2.55 -0.65 -11.35
CA ASN A 904 2.66 -0.33 -9.94
C ASN A 904 1.41 0.41 -9.42
N PRO A 905 1.26 0.53 -8.08
CA PRO A 905 0.22 1.36 -7.46
C PRO A 905 0.16 2.79 -8.04
N VAL A 906 -1.04 3.34 -8.04
CA VAL A 906 -1.30 4.62 -8.70
C VAL A 906 -0.73 5.77 -7.89
N ASP A 907 -1.03 5.81 -6.59
CA ASP A 907 -0.75 7.01 -5.80
C ASP A 907 -0.43 6.60 -4.38
N PRO A 908 0.88 6.50 -3.99
CA PRO A 908 1.22 6.00 -2.65
C PRO A 908 0.54 6.80 -1.54
N THR A 909 0.27 8.10 -1.76
CA THR A 909 -0.40 8.84 -0.69
C THR A 909 -1.88 8.49 -0.53
N LYS A 910 -2.46 7.72 -1.46
CA LYS A 910 -3.90 7.44 -1.40
C LYS A 910 -4.10 5.93 -1.32
N LEU A 911 -2.98 5.20 -1.21
CA LEU A 911 -3.00 3.74 -1.24
C LEU A 911 -3.68 3.22 0.04
N ILE A 912 -4.62 2.29 -0.15
CA ILE A 912 -5.39 1.66 0.93
C ILE A 912 -5.05 0.17 0.99
N SER A 913 -4.80 -0.47 -0.15
CA SER A 913 -4.35 -1.85 -0.20
C SER A 913 -3.49 -2.07 -1.42
N TYR A 914 -2.52 -2.96 -1.31
CA TYR A 914 -1.76 -3.40 -2.48
C TYR A 914 -1.25 -4.81 -2.19
N ARG A 915 -1.69 -5.77 -3.01
CA ARG A 915 -1.32 -7.16 -2.82
C ARG A 915 -0.80 -7.71 -4.12
N ILE A 916 0.49 -8.12 -4.14
CA ILE A 916 1.15 -8.60 -5.33
C ILE A 916 0.54 -9.93 -5.78
N LEU A 917 0.21 -10.84 -4.83
CA LEU A 917 -0.38 -12.15 -5.10
C LEU A 917 0.60 -13.15 -5.74
N ASP A 918 1.90 -13.04 -5.40
CA ASP A 918 2.89 -14.00 -5.86
C ASP A 918 2.88 -15.19 -4.90
N SER A 919 1.87 -16.08 -5.05
CA SER A 919 1.75 -17.27 -4.23
C SER A 919 1.45 -16.91 -2.76
N SER A 920 0.74 -15.81 -2.54
CA SER A 920 0.49 -15.39 -1.17
C SER A 920 -0.51 -14.26 -1.22
N ILE A 921 -1.38 -14.20 -0.22
CA ILE A 921 -2.31 -13.08 -0.07
C ILE A 921 -1.71 -12.05 0.89
N HIS A 922 -0.55 -12.30 1.52
CA HIS A 922 0.08 -11.28 2.38
C HIS A 922 0.95 -10.24 1.64
N HIS A 923 1.82 -9.57 2.43
CA HIS A 923 2.76 -8.58 1.93
C HIS A 923 4.05 -8.65 2.77
N ALA B 167 7.86 110.09 -95.17
CA ALA B 167 6.45 109.66 -94.85
C ALA B 167 5.62 110.83 -94.32
N PHE B 168 4.38 110.87 -94.79
CA PHE B 168 3.27 111.50 -94.08
C PHE B 168 2.41 110.33 -93.61
N ASP B 169 3.13 109.22 -93.37
CA ASP B 169 2.56 107.97 -92.92
C ASP B 169 3.17 107.59 -91.56
N ARG B 170 2.31 107.19 -90.63
CA ARG B 170 2.80 107.08 -89.26
C ARG B 170 2.90 105.62 -88.79
N SER B 171 2.95 104.67 -89.75
CA SER B 171 2.89 103.24 -89.44
CA SER B 171 2.91 103.24 -89.46
C SER B 171 4.02 102.86 -88.49
N ILE B 172 5.24 103.36 -88.76
CA ILE B 172 6.38 103.03 -87.90
C ILE B 172 6.05 103.44 -86.47
N GLN B 173 5.54 104.67 -86.28
CA GLN B 173 5.17 105.16 -84.96
C GLN B 173 4.06 104.32 -84.36
N GLU B 174 3.03 103.96 -85.16
CA GLU B 174 1.92 103.22 -84.58
C GLU B 174 2.40 101.87 -84.05
N ILE B 175 3.32 101.24 -84.78
CA ILE B 175 3.83 99.91 -84.47
C ILE B 175 4.77 100.04 -83.26
N ALA B 176 5.63 101.07 -83.26
CA ALA B 176 6.62 101.26 -82.21
C ALA B 176 5.91 101.53 -80.88
N ARG B 177 4.86 102.35 -80.88
CA ARG B 177 4.18 102.65 -79.63
C ARG B 177 3.34 101.45 -79.21
N SER B 178 2.78 100.69 -80.15
CA SER B 178 2.01 99.50 -79.82
C SER B 178 2.82 98.47 -79.03
N ALA B 179 4.12 98.33 -79.33
CA ALA B 179 4.99 97.36 -78.69
C ALA B 179 5.87 98.06 -77.65
N ASN B 180 5.68 99.37 -77.48
CA ASN B 180 6.43 100.11 -76.46
C ASN B 180 7.92 100.02 -76.73
N VAL B 181 8.33 100.14 -78.00
CA VAL B 181 9.75 100.26 -78.29
C VAL B 181 10.00 101.59 -79.02
N LYS B 182 11.26 101.94 -79.24
CA LYS B 182 11.63 103.10 -80.03
C LYS B 182 11.33 102.87 -81.52
N ASP B 183 11.13 103.98 -82.23
CA ASP B 183 10.96 104.04 -83.68
C ASP B 183 12.02 103.19 -84.40
N SER B 184 13.28 103.44 -84.09
CA SER B 184 14.41 102.78 -84.72
C SER B 184 14.51 101.28 -84.42
N GLU B 185 13.69 100.72 -83.52
CA GLU B 185 13.73 99.30 -83.17
C GLU B 185 12.68 98.53 -83.97
N VAL B 186 11.92 99.23 -84.80
CA VAL B 186 10.92 98.61 -85.65
C VAL B 186 11.50 98.44 -87.06
N ILE B 187 11.19 97.29 -87.69
CA ILE B 187 11.47 97.11 -89.11
C ILE B 187 10.22 96.54 -89.76
N VAL B 188 9.90 97.04 -90.96
CA VAL B 188 8.76 96.53 -91.72
C VAL B 188 9.27 95.46 -92.70
N SER B 189 8.37 94.51 -93.03
CA SER B 189 8.70 93.32 -93.79
C SER B 189 9.33 93.67 -95.13
N THR B 190 8.96 94.82 -95.71
CA THR B 190 9.41 95.16 -97.07
C THR B 190 10.78 95.83 -97.03
N ASP B 191 11.34 96.09 -95.86
CA ASP B 191 12.58 96.87 -95.80
C ASP B 191 13.73 95.87 -95.86
N THR B 192 14.36 95.74 -97.04
CA THR B 192 15.42 94.76 -97.19
C THR B 192 16.76 95.47 -97.19
N ILE B 193 16.78 96.76 -96.78
CA ILE B 193 18.02 97.53 -96.81
C ILE B 193 18.54 97.76 -95.40
N SER B 194 17.65 98.04 -94.42
CA SER B 194 18.12 98.32 -93.05
C SER B 194 18.77 97.07 -92.46
N LEU B 195 19.92 97.22 -91.77
CA LEU B 195 20.37 96.15 -90.87
C LEU B 195 19.28 95.76 -89.87
N LEU B 196 19.39 94.52 -89.36
CA LEU B 196 18.46 94.00 -88.38
C LEU B 196 19.04 94.26 -86.99
N ASP B 197 20.30 94.71 -86.93
CA ASP B 197 20.99 95.09 -85.70
C ASP B 197 20.10 95.96 -84.81
N GLY B 198 19.91 95.58 -83.55
CA GLY B 198 19.09 96.43 -82.69
C GLY B 198 17.58 96.42 -83.00
N LYS B 199 17.11 95.75 -84.07
CA LYS B 199 15.66 95.68 -84.29
C LYS B 199 15.00 94.74 -83.28
N LYS B 200 13.79 95.06 -82.81
CA LYS B 200 13.20 94.18 -81.82
C LYS B 200 11.82 93.73 -82.31
N VAL B 201 11.24 94.50 -83.24
CA VAL B 201 9.91 94.19 -83.74
C VAL B 201 9.93 94.21 -85.27
N VAL B 202 9.29 93.19 -85.87
CA VAL B 202 9.15 93.15 -87.31
C VAL B 202 7.66 93.14 -87.58
N TYR B 203 7.25 94.02 -88.51
CA TYR B 203 5.86 94.12 -88.88
C TYR B 203 5.63 93.41 -90.22
N ASP B 204 4.73 92.44 -90.27
CA ASP B 204 4.51 91.73 -91.52
C ASP B 204 3.39 92.45 -92.24
N ILE B 205 3.78 93.14 -93.33
CA ILE B 205 2.82 93.93 -94.10
C ILE B 205 1.66 93.08 -94.65
N ALA B 206 1.93 91.83 -95.06
CA ALA B 206 0.90 91.04 -95.72
C ALA B 206 -0.20 90.66 -94.73
N THR B 207 0.16 90.38 -93.47
CA THR B 207 -0.91 89.98 -92.56
C THR B 207 -1.19 91.08 -91.54
N GLN B 208 -0.34 92.12 -91.56
CA GLN B 208 -0.65 93.24 -90.67
C GLN B 208 -0.47 92.79 -89.22
N THR B 209 0.64 92.08 -88.99
CA THR B 209 0.91 91.47 -87.69
C THR B 209 2.30 91.89 -87.25
N SER B 210 2.41 92.30 -85.95
CA SER B 210 3.72 92.52 -85.35
C SER B 210 4.26 91.23 -84.69
N TYR B 211 5.59 91.03 -84.78
CA TYR B 211 6.27 89.92 -84.15
C TYR B 211 7.54 90.40 -83.46
N GLY B 212 7.94 89.70 -82.37
CA GLY B 212 9.28 89.91 -81.84
C GLY B 212 10.30 89.20 -82.73
N LEU B 213 11.52 89.73 -82.74
CA LEU B 213 12.58 89.17 -83.54
C LEU B 213 13.42 88.25 -82.65
N PRO B 214 13.74 87.00 -83.09
CA PRO B 214 14.71 86.16 -82.37
C PRO B 214 16.12 86.74 -82.54
N THR B 215 17.10 86.14 -81.88
CA THR B 215 18.49 86.58 -82.00
C THR B 215 18.96 86.32 -83.43
N ILE B 216 19.66 87.28 -84.03
CA ILE B 216 20.07 87.22 -85.43
C ILE B 216 21.48 87.79 -85.49
N PRO B 217 22.47 87.16 -86.18
CA PRO B 217 23.85 87.66 -86.13
C PRO B 217 23.84 89.11 -86.62
N ASP B 218 24.77 89.93 -86.08
CA ASP B 218 24.94 91.31 -86.56
C ASP B 218 25.19 91.27 -88.05
N GLY B 219 24.76 92.31 -88.79
CA GLY B 219 25.10 92.47 -90.20
C GLY B 219 24.03 91.92 -91.15
N SER B 220 22.95 91.37 -90.60
CA SER B 220 21.99 90.69 -91.46
C SER B 220 20.98 91.67 -92.02
N VAL B 221 20.28 91.27 -93.10
CA VAL B 221 19.16 92.00 -93.68
C VAL B 221 18.02 91.03 -93.95
N ILE B 222 16.81 91.55 -94.22
CA ILE B 222 15.68 90.67 -94.50
C ILE B 222 15.82 90.08 -95.90
N SER B 223 15.61 88.75 -96.00
CA SER B 223 15.38 88.06 -97.27
C SER B 223 13.87 87.98 -97.55
N SER B 224 13.10 87.56 -96.55
CA SER B 224 11.64 87.58 -96.71
C SER B 224 11.03 87.36 -95.34
N VAL B 225 9.70 87.48 -95.28
CA VAL B 225 8.91 87.30 -94.09
C VAL B 225 7.61 86.70 -94.58
N SER B 226 7.26 85.51 -94.10
CA SER B 226 6.00 84.91 -94.50
C SER B 226 5.60 83.89 -93.44
N ALA B 227 4.30 83.88 -93.16
CA ALA B 227 3.60 83.02 -92.22
C ALA B 227 4.47 82.71 -91.00
N GLY B 228 4.80 83.76 -90.26
CA GLY B 228 5.37 83.57 -88.94
C GLY B 228 6.85 83.22 -88.97
N LYS B 229 7.48 83.26 -90.16
CA LYS B 229 8.89 82.92 -90.27
C LYS B 229 9.57 84.07 -90.98
N LEU B 230 10.89 84.21 -90.76
CA LEU B 230 11.69 85.22 -91.43
C LEU B 230 12.91 84.52 -92.00
N ASN B 231 13.26 84.84 -93.26
CA ASN B 231 14.53 84.42 -93.83
C ASN B 231 15.42 85.65 -93.88
N TYR B 232 16.68 85.50 -93.49
CA TYR B 232 17.61 86.62 -93.50
C TYR B 232 18.88 86.28 -94.28
N ASN B 233 19.55 87.33 -94.81
CA ASN B 233 20.84 87.21 -95.47
C ASN B 233 21.93 87.86 -94.60
N PRO B 234 23.23 87.49 -94.73
CA PRO B 234 23.71 86.47 -95.68
C PRO B 234 23.29 85.04 -95.32
N GLY B 235 23.10 84.19 -96.33
CA GLY B 235 22.95 82.75 -96.13
C GLY B 235 21.50 82.27 -96.19
N ASP B 236 20.55 83.18 -96.38
CA ASP B 236 19.16 82.77 -96.52
C ASP B 236 18.73 81.82 -95.39
N VAL B 237 18.93 82.21 -94.13
CA VAL B 237 18.68 81.37 -92.96
C VAL B 237 17.25 81.56 -92.49
N GLN B 238 16.50 80.49 -92.28
CA GLN B 238 15.11 80.70 -91.89
C GLN B 238 15.00 80.67 -90.35
N VAL B 239 14.23 81.58 -89.76
CA VAL B 239 14.06 81.54 -88.32
C VAL B 239 12.60 81.78 -87.99
N ASP B 240 12.13 81.31 -86.82
CA ASP B 240 10.74 81.58 -86.43
C ASP B 240 10.64 82.93 -85.72
N LEU B 241 9.58 83.66 -86.07
CA LEU B 241 9.28 84.91 -85.39
C LEU B 241 8.62 84.59 -84.05
N LEU B 242 8.91 85.43 -83.04
CA LEU B 242 8.39 85.26 -81.68
C LEU B 242 7.11 86.05 -81.50
N PRO B 243 6.28 85.70 -80.49
CA PRO B 243 5.19 86.61 -80.10
C PRO B 243 5.85 87.89 -79.56
N LEU B 244 5.05 88.95 -79.39
CA LEU B 244 5.62 90.13 -78.74
C LEU B 244 5.84 89.86 -77.25
N GLU B 245 6.77 90.64 -76.65
CA GLU B 245 7.08 90.55 -75.23
C GLU B 245 5.78 90.64 -74.45
N ASP B 246 4.97 91.64 -74.80
CA ASP B 246 3.78 91.99 -74.04
C ASP B 246 2.56 91.22 -74.57
N SER B 247 2.70 89.91 -74.75
CA SER B 247 1.55 89.14 -75.24
C SER B 247 1.10 88.05 -74.27
N PHE B 248 -0.15 87.64 -74.42
CA PHE B 248 -0.69 86.47 -73.77
C PHE B 248 0.25 85.29 -73.97
N ILE B 249 0.55 85.00 -75.24
CA ILE B 249 1.32 83.81 -75.59
C ILE B 249 2.68 83.86 -74.89
N ASN B 250 3.32 85.02 -74.83
CA ASN B 250 4.67 85.03 -74.28
C ASN B 250 4.62 84.68 -72.79
N VAL B 251 3.61 85.19 -72.06
CA VAL B 251 3.45 84.90 -70.65
C VAL B 251 3.25 83.39 -70.46
N ILE B 252 2.28 82.80 -71.21
CA ILE B 252 1.95 81.38 -71.13
C ILE B 252 3.21 80.55 -71.42
N ASN B 253 3.96 80.94 -72.44
CA ASN B 253 5.14 80.17 -72.75
C ASN B 253 6.16 80.28 -71.61
N THR B 254 6.24 81.43 -70.95
CA THR B 254 7.29 81.61 -69.94
C THR B 254 6.92 80.77 -68.70
N LEU B 255 5.64 80.76 -68.32
CA LEU B 255 5.22 80.06 -67.10
C LEU B 255 5.26 78.55 -67.31
N GLY B 256 5.13 78.14 -68.57
CA GLY B 256 5.04 76.75 -68.99
C GLY B 256 6.40 76.10 -69.13
N ARG B 257 7.49 76.87 -68.92
CA ARG B 257 8.81 76.27 -68.92
C ARG B 257 9.00 75.34 -67.70
N ASN B 258 10.01 74.46 -67.82
CA ASN B 258 10.32 73.42 -66.85
C ASN B 258 10.39 73.99 -65.44
N ASP B 259 10.96 75.20 -65.35
CA ASP B 259 11.35 75.77 -64.07
C ASP B 259 10.31 76.80 -63.65
N GLY B 260 9.11 76.68 -64.26
CA GLY B 260 8.09 77.71 -64.22
C GLY B 260 7.54 77.95 -62.82
N ALA B 261 7.67 76.94 -61.94
CA ALA B 261 7.21 77.14 -60.57
C ALA B 261 7.95 78.32 -59.91
N LYS B 262 9.15 78.68 -60.40
CA LYS B 262 9.85 79.77 -59.74
C LYS B 262 9.14 81.13 -59.87
N TYR B 263 8.12 81.26 -60.73
CA TYR B 263 7.52 82.57 -60.95
C TYR B 263 6.42 82.87 -59.94
N ILE B 264 6.00 81.86 -59.17
CA ILE B 264 4.95 82.10 -58.20
C ILE B 264 5.64 82.50 -56.92
N GLY B 265 5.28 83.67 -56.37
CA GLY B 265 5.96 84.16 -55.19
C GLY B 265 5.53 83.42 -53.91
N GLU B 266 6.32 83.65 -52.86
CA GLU B 266 5.98 83.01 -51.59
C GLU B 266 6.37 83.91 -50.42
N CYS B 267 5.77 83.67 -49.27
CA CYS B 267 6.25 84.34 -48.07
CA CYS B 267 6.19 84.29 -48.03
C CYS B 267 7.52 83.69 -47.59
N HIS B 268 8.46 84.52 -47.15
CA HIS B 268 9.77 83.97 -46.83
C HIS B 268 9.89 83.56 -45.36
N SER B 269 8.84 83.76 -44.53
CA SER B 269 8.93 83.41 -43.12
C SER B 269 7.57 83.64 -42.50
N VAL B 270 7.33 83.05 -41.30
CA VAL B 270 6.04 83.30 -40.63
C VAL B 270 5.95 84.76 -40.21
N ALA B 271 7.10 85.41 -39.92
CA ALA B 271 7.11 86.83 -39.57
C ALA B 271 6.45 87.66 -40.70
N ASP B 272 6.80 87.38 -41.98
CA ASP B 272 6.19 88.03 -43.13
C ASP B 272 4.75 87.59 -43.35
N LEU B 273 4.47 86.31 -43.10
CA LEU B 273 3.09 85.86 -43.23
C LEU B 273 2.21 86.70 -42.31
N ARG B 274 2.74 87.20 -41.17
CA ARG B 274 1.89 87.90 -40.21
C ARG B 274 1.55 89.32 -40.73
N ASN B 275 2.35 89.75 -41.69
CA ASN B 275 2.22 91.05 -42.32
C ASN B 275 1.57 90.93 -43.70
N THR B 276 0.94 89.80 -44.01
CA THR B 276 0.38 89.59 -45.35
C THR B 276 -1.10 89.33 -45.19
N GLU B 277 -1.92 90.27 -45.63
CA GLU B 277 -3.35 90.14 -45.47
C GLU B 277 -3.92 89.41 -46.66
N PRO B 278 -4.77 88.39 -46.43
CA PRO B 278 -5.48 87.73 -47.52
C PRO B 278 -6.61 88.64 -47.97
N THR B 279 -6.95 88.56 -49.25
CA THR B 279 -8.01 89.36 -49.88
C THR B 279 -9.22 88.47 -50.23
N MET B 280 -9.13 87.16 -50.03
CA MET B 280 -10.26 86.30 -50.37
C MET B 280 -10.26 85.10 -49.44
N ASP B 281 -11.45 84.60 -49.14
CA ASP B 281 -11.56 83.55 -48.14
C ASP B 281 -11.15 82.22 -48.77
N GLY B 282 -10.37 81.44 -48.01
CA GLY B 282 -9.80 80.22 -48.58
C GLY B 282 -8.52 80.45 -49.39
N GLN B 283 -8.01 81.68 -49.41
CA GLN B 283 -6.85 82.03 -50.23
C GLN B 283 -5.66 81.12 -49.92
N ARG B 284 -5.00 80.59 -50.95
CA ARG B 284 -3.82 79.77 -50.87
C ARG B 284 -2.56 80.64 -50.86
N ILE B 285 -1.60 80.39 -49.97
CA ILE B 285 -0.32 81.07 -50.02
C ILE B 285 0.75 80.02 -49.77
N ILE B 286 1.97 80.26 -50.28
CA ILE B 286 3.06 79.34 -50.09
C ILE B 286 4.02 79.96 -49.09
N LEU B 287 4.33 79.19 -48.03
CA LEU B 287 5.32 79.60 -47.06
C LEU B 287 6.63 78.90 -47.40
N LYS B 288 7.66 79.70 -47.65
CA LYS B 288 8.94 79.11 -48.03
C LYS B 288 9.53 78.33 -46.84
N GLN B 289 9.46 78.88 -45.63
CA GLN B 289 10.14 78.29 -44.49
C GLN B 289 9.63 79.01 -43.25
N HIS B 290 9.76 78.43 -42.05
CA HIS B 290 9.24 79.10 -40.85
C HIS B 290 10.09 80.33 -40.54
N THR B 291 11.40 80.14 -40.55
CA THR B 291 12.32 81.16 -40.05
C THR B 291 13.32 81.44 -41.19
N ALA B 292 13.58 82.72 -41.43
CA ALA B 292 14.36 83.11 -42.62
C ALA B 292 15.70 82.39 -42.69
N GLY B 293 16.04 81.90 -43.91
CA GLY B 293 17.33 81.32 -44.24
C GLY B 293 17.56 79.89 -43.74
N THR B 294 16.54 79.02 -43.74
CA THR B 294 16.64 77.75 -43.04
C THR B 294 16.06 76.68 -43.94
N LEU B 295 15.09 77.08 -44.77
CA LEU B 295 14.47 76.12 -45.66
C LEU B 295 13.78 75.01 -44.87
N LEU B 296 13.44 75.27 -43.61
CA LEU B 296 12.73 74.27 -42.86
C LEU B 296 11.33 74.79 -42.51
N GLY B 297 10.33 73.92 -42.53
CA GLY B 297 9.07 74.27 -41.90
C GLY B 297 8.11 74.97 -42.84
N GLY B 298 8.46 74.95 -44.15
CA GLY B 298 7.64 75.61 -45.15
C GLY B 298 6.39 74.79 -45.40
N GLY B 299 5.51 75.24 -46.29
CA GLY B 299 4.25 74.54 -46.50
C GLY B 299 3.26 75.45 -47.22
N VAL B 300 2.01 75.01 -47.31
CA VAL B 300 0.99 75.80 -47.95
C VAL B 300 0.01 76.16 -46.83
N PHE B 301 -0.51 77.37 -46.85
CA PHE B 301 -1.50 77.83 -45.88
C PHE B 301 -2.71 78.37 -46.63
N ARG B 302 -3.87 78.31 -45.95
CA ARG B 302 -5.15 78.77 -46.43
C ARG B 302 -5.71 79.81 -45.45
N ALA B 303 -6.33 80.86 -46.00
CA ALA B 303 -6.69 82.01 -45.18
C ALA B 303 -8.14 81.90 -44.74
N LEU B 304 -8.37 82.40 -43.51
CA LEU B 304 -9.67 82.79 -42.98
C LEU B 304 -9.58 84.27 -42.69
N ILE B 305 -10.38 85.06 -43.42
CA ILE B 305 -10.43 86.51 -43.24
C ILE B 305 -10.89 86.85 -41.82
N ASP B 306 -11.97 86.18 -41.40
CA ASP B 306 -12.43 86.33 -40.03
C ASP B 306 -11.67 85.34 -39.14
N GLY B 307 -10.69 85.84 -38.35
CA GLY B 307 -9.77 84.98 -37.62
C GLY B 307 -10.08 84.92 -36.13
N THR B 308 -11.21 85.50 -35.74
CA THR B 308 -11.65 85.47 -34.35
C THR B 308 -11.93 84.00 -34.04
N GLY B 309 -11.57 83.57 -32.84
CA GLY B 309 -11.72 82.15 -32.52
C GLY B 309 -10.43 81.35 -32.64
N LYS B 310 -9.45 81.89 -33.37
CA LYS B 310 -8.23 81.15 -33.67
C LYS B 310 -7.11 81.87 -32.93
N THR B 311 -6.06 81.15 -32.50
CA THR B 311 -4.97 81.80 -31.77
C THR B 311 -3.65 81.49 -32.47
N ASP B 312 -2.77 82.48 -32.60
CA ASP B 312 -1.51 82.22 -33.24
C ASP B 312 -0.79 81.15 -32.42
N ASN B 313 -0.28 80.09 -33.04
CA ASN B 313 0.52 79.12 -32.27
C ASN B 313 1.93 79.04 -32.83
N ASN B 314 2.30 79.92 -33.77
CA ASN B 314 3.67 79.94 -34.28
C ASN B 314 4.00 78.74 -35.18
N GLY B 315 3.02 77.96 -35.67
CA GLY B 315 3.43 76.96 -36.65
C GLY B 315 2.28 76.48 -37.55
N THR B 316 1.07 76.31 -37.03
CA THR B 316 0.01 75.86 -37.92
C THR B 316 -1.17 76.83 -37.96
N VAL B 317 -1.21 77.81 -37.05
CA VAL B 317 -2.20 78.88 -37.12
C VAL B 317 -1.40 80.16 -36.97
N ILE B 318 -1.29 80.94 -38.05
CA ILE B 318 -0.55 82.19 -37.98
C ILE B 318 -1.54 83.32 -38.20
N LYS B 319 -1.63 84.26 -37.24
CA LYS B 319 -2.61 85.34 -37.32
C LYS B 319 -1.96 86.60 -37.86
N THR B 320 -2.71 87.39 -38.66
CA THR B 320 -2.10 88.62 -39.21
C THR B 320 -2.40 89.84 -38.34
N VAL B 321 -1.63 90.90 -38.54
CA VAL B 321 -1.82 92.18 -37.88
C VAL B 321 -3.26 92.68 -38.02
N GLY B 322 -3.93 92.51 -39.17
CA GLY B 322 -5.34 92.88 -39.24
C GLY B 322 -6.31 91.74 -38.92
N GLY B 323 -5.85 90.72 -38.20
CA GLY B 323 -6.79 89.79 -37.59
C GLY B 323 -7.34 88.66 -38.48
N ALA B 324 -6.68 88.37 -39.63
CA ALA B 324 -7.00 87.11 -40.29
C ALA B 324 -6.15 85.97 -39.71
N ALA B 325 -6.52 84.73 -40.08
CA ALA B 325 -5.78 83.52 -39.71
C ALA B 325 -5.30 82.76 -40.95
N TRP B 326 -4.00 82.51 -41.04
CA TRP B 326 -3.50 81.55 -42.01
C TRP B 326 -3.42 80.16 -41.36
N LEU B 327 -3.99 79.15 -42.03
CA LEU B 327 -4.07 77.79 -41.52
C LEU B 327 -3.16 76.88 -42.32
N ARG B 328 -2.25 76.14 -41.66
CA ARG B 328 -1.36 75.28 -42.43
C ARG B 328 -2.21 74.12 -42.96
N VAL B 329 -1.97 73.74 -44.21
CA VAL B 329 -2.65 72.61 -44.82
C VAL B 329 -1.84 71.37 -44.44
N ASN B 330 -2.43 70.53 -43.58
CA ASN B 330 -1.74 69.47 -42.85
C ASN B 330 -2.83 68.64 -42.18
N ALA B 331 -3.26 67.57 -42.84
CA ALA B 331 -4.41 66.79 -42.36
C ALA B 331 -4.08 66.06 -41.04
N ASP B 332 -2.83 65.63 -40.85
CA ASP B 332 -2.51 64.68 -39.77
C ASP B 332 -1.53 65.27 -38.74
N ARG B 333 -0.35 64.65 -38.56
CA ARG B 333 0.48 65.00 -37.42
C ARG B 333 1.30 66.26 -37.67
N VAL B 334 1.82 66.86 -36.59
CA VAL B 334 2.69 68.03 -36.70
C VAL B 334 4.10 67.57 -36.40
N ASN B 335 5.09 68.39 -36.78
CA ASN B 335 6.45 68.05 -36.44
C ASN B 335 7.20 69.32 -36.01
N PRO B 336 8.23 69.22 -35.16
CA PRO B 336 8.85 70.44 -34.62
C PRO B 336 9.30 71.49 -35.65
N PHE B 337 9.63 71.06 -36.88
CA PHE B 337 10.10 72.00 -37.90
C PHE B 337 9.02 73.00 -38.31
N MET B 338 7.75 72.57 -38.31
CA MET B 338 6.62 73.43 -38.57
C MET B 338 6.54 74.60 -37.58
N PHE B 339 7.08 74.45 -36.36
CA PHE B 339 6.96 75.48 -35.34
C PHE B 339 8.32 76.16 -35.15
N GLY B 340 9.28 75.93 -36.04
CA GLY B 340 10.48 76.70 -35.89
C GLY B 340 11.71 75.93 -35.41
N ALA B 341 11.58 74.62 -35.19
CA ALA B 341 12.74 73.82 -34.79
C ALA B 341 13.85 73.92 -35.84
N LEU B 342 15.12 73.83 -35.43
CA LEU B 342 16.20 73.90 -36.40
C LEU B 342 17.01 72.61 -36.38
N GLY B 343 16.85 71.78 -35.36
CA GLY B 343 17.64 70.57 -35.27
C GLY B 343 19.10 70.90 -34.99
N GLY B 344 20.01 69.97 -35.24
CA GLY B 344 21.42 70.22 -34.95
C GLY B 344 21.63 70.54 -33.47
N SER B 345 22.38 71.61 -33.21
CA SER B 345 22.68 71.89 -31.82
C SER B 345 21.73 72.95 -31.26
N ASN B 346 20.66 73.25 -31.97
CA ASN B 346 19.75 74.28 -31.52
C ASN B 346 18.93 73.81 -30.30
N ASP B 347 18.50 74.75 -29.45
CA ASP B 347 17.56 74.40 -28.42
C ASP B 347 16.13 74.41 -29.00
N ASP B 348 15.52 73.22 -29.18
CA ASP B 348 14.23 73.06 -29.82
C ASP B 348 13.10 72.92 -28.81
N THR B 349 13.37 73.26 -27.56
CA THR B 349 12.36 73.02 -26.54
C THR B 349 11.01 73.64 -26.92
N ILE B 350 11.03 74.93 -27.34
CA ILE B 350 9.76 75.63 -27.51
C ILE B 350 8.96 75.05 -28.68
N PRO B 351 9.58 74.83 -29.84
CA PRO B 351 8.89 74.16 -30.94
C PRO B 351 8.38 72.74 -30.63
N VAL B 352 9.17 71.93 -29.89
CA VAL B 352 8.63 70.65 -29.44
C VAL B 352 7.46 70.83 -28.50
N GLN B 353 7.58 71.78 -27.54
CA GLN B 353 6.46 71.99 -26.63
C GLN B 353 5.20 72.45 -27.38
N SER B 354 5.36 73.30 -28.42
CA SER B 354 4.19 73.72 -29.19
C SER B 354 3.55 72.53 -29.93
N CYS B 355 4.36 71.60 -30.44
CA CYS B 355 3.80 70.41 -31.12
C CYS B 355 2.90 69.61 -30.19
N VAL B 356 3.41 69.30 -29.00
CA VAL B 356 2.63 68.45 -28.13
C VAL B 356 1.40 69.17 -27.60
N ASP B 357 1.46 70.52 -27.57
CA ASP B 357 0.31 71.31 -27.15
C ASP B 357 -0.62 71.67 -28.31
N SER B 358 -0.30 71.24 -29.55
CA SER B 358 -0.94 71.78 -30.76
C SER B 358 -2.37 71.29 -30.89
N GLY B 359 -2.77 70.16 -30.29
CA GLY B 359 -4.07 69.61 -30.69
C GLY B 359 -3.97 68.40 -31.64
N LYS B 360 -2.76 68.07 -32.10
CA LYS B 360 -2.52 66.88 -32.92
C LYS B 360 -1.37 66.05 -32.35
N ALA B 361 -1.28 64.76 -32.73
CA ALA B 361 -0.10 63.95 -32.46
C ALA B 361 1.13 64.56 -33.12
N THR B 362 2.30 64.41 -32.49
CA THR B 362 3.59 64.83 -33.05
C THR B 362 4.34 63.64 -33.67
N GLN B 363 4.97 63.89 -34.83
CA GLN B 363 5.89 62.96 -35.41
C GLN B 363 7.28 63.58 -35.22
N LEU B 364 8.23 62.83 -34.65
CA LEU B 364 9.64 63.23 -34.63
C LEU B 364 10.34 62.64 -35.83
N THR B 365 10.99 63.48 -36.65
CA THR B 365 11.53 63.07 -37.92
C THR B 365 13.06 63.10 -37.85
N ASP B 366 13.59 63.50 -36.68
CA ASP B 366 15.01 63.82 -36.55
C ASP B 366 15.36 63.87 -35.05
N ALA B 367 16.61 64.24 -34.71
CA ALA B 367 16.98 64.37 -33.30
C ALA B 367 16.86 65.84 -32.88
N HIS B 368 16.21 66.13 -31.74
CA HIS B 368 15.96 67.50 -31.30
C HIS B 368 16.38 67.66 -29.85
N TYR B 369 17.30 68.62 -29.57
CA TYR B 369 17.58 68.98 -28.18
C TYR B 369 16.45 69.74 -27.51
N VAL B 370 16.19 69.43 -26.23
CA VAL B 370 15.18 70.08 -25.42
C VAL B 370 15.71 70.16 -24.00
N SER B 371 15.01 70.93 -23.17
CA SER B 371 15.33 71.05 -21.77
C SER B 371 14.30 70.25 -20.99
N ASN B 372 13.03 70.63 -21.06
CA ASN B 372 12.04 69.87 -20.37
C ASN B 372 10.75 70.05 -21.17
N ILE B 373 9.92 68.99 -21.35
CA ILE B 373 8.71 69.00 -22.19
C ILE B 373 7.59 68.43 -21.35
N GLN B 374 6.38 68.94 -21.49
CA GLN B 374 5.25 68.43 -20.73
CA GLN B 374 5.25 68.44 -20.73
C GLN B 374 4.14 67.97 -21.67
N LEU B 375 3.61 66.76 -21.40
CA LEU B 375 2.50 66.27 -22.18
C LEU B 375 1.25 66.47 -21.35
N LYS B 376 0.29 67.21 -21.92
CA LYS B 376 -0.86 67.65 -21.15
C LYS B 376 -2.21 67.17 -21.64
N TYR B 377 -2.33 66.71 -22.90
CA TYR B 377 -3.70 66.53 -23.44
C TYR B 377 -3.84 65.13 -24.00
N ASN B 378 -5.07 64.74 -24.39
CA ASN B 378 -5.26 63.45 -25.00
C ASN B 378 -4.80 63.46 -26.46
N THR B 379 -4.30 64.60 -26.94
CA THR B 379 -3.77 64.64 -28.28
C THR B 379 -2.24 64.63 -28.23
N SER B 380 -1.63 64.61 -27.03
CA SER B 380 -0.17 64.75 -26.97
C SER B 380 0.62 63.46 -27.24
N SER B 381 0.14 62.60 -28.17
CA SER B 381 0.93 61.47 -28.65
C SER B 381 2.22 61.95 -29.31
N ILE B 382 3.24 61.08 -29.24
CA ILE B 382 4.49 61.26 -29.98
C ILE B 382 4.83 59.94 -30.65
N TYR B 383 5.13 60.01 -31.95
CA TYR B 383 5.59 58.91 -32.77
C TYR B 383 6.89 59.27 -33.47
N GLY B 384 7.80 58.29 -33.55
CA GLY B 384 9.06 58.43 -34.28
C GLY B 384 9.10 57.36 -35.36
N SER B 385 10.31 57.00 -35.77
CA SER B 385 10.46 55.91 -36.73
C SER B 385 11.61 54.98 -36.36
N GLY B 386 11.95 54.88 -35.07
CA GLY B 386 13.11 54.08 -34.68
C GLY B 386 13.48 54.40 -33.23
N LEU B 387 14.28 53.56 -32.60
CA LEU B 387 14.58 53.78 -31.19
C LEU B 387 15.81 54.68 -31.05
N HIS B 388 16.39 55.20 -32.14
CA HIS B 388 17.59 56.02 -32.01
C HIS B 388 17.49 57.36 -32.77
N TYR B 389 17.20 57.28 -34.07
CA TYR B 389 17.49 58.44 -34.90
C TYR B 389 16.41 59.53 -34.72
N SER B 390 15.14 59.14 -34.48
CA SER B 390 14.10 60.10 -34.19
C SER B 390 13.98 60.16 -32.67
N ARG B 391 14.39 61.29 -32.07
CA ARG B 391 14.57 61.29 -30.62
C ARG B 391 14.50 62.73 -30.10
N LEU B 392 14.17 62.86 -28.79
CA LEU B 392 14.46 64.04 -27.98
C LEU B 392 15.72 63.78 -27.20
N HIS B 393 16.56 64.78 -27.09
CA HIS B 393 17.82 64.69 -26.35
C HIS B 393 17.88 65.87 -25.38
N GLN B 394 18.03 65.57 -24.10
CA GLN B 394 18.08 66.61 -23.10
C GLN B 394 19.40 67.39 -23.22
N LEU B 395 19.30 68.72 -23.20
CA LEU B 395 20.50 69.54 -23.28
C LEU B 395 21.38 69.34 -22.06
N PRO B 396 22.71 69.47 -22.20
CA PRO B 396 23.61 69.17 -21.09
C PRO B 396 23.41 70.02 -19.84
N SER B 397 22.92 71.23 -20.00
CA SER B 397 22.80 72.07 -18.82
C SER B 397 21.40 71.95 -18.23
N ALA B 398 20.48 71.18 -18.88
CA ALA B 398 19.14 71.08 -18.29
C ALA B 398 19.13 70.03 -17.16
N THR B 399 18.24 70.21 -16.17
CA THR B 399 18.09 69.23 -15.10
CA THR B 399 18.10 69.20 -15.13
C THR B 399 16.60 68.92 -15.00
N GLY B 400 16.21 67.96 -14.14
CA GLY B 400 14.78 67.64 -14.07
C GLY B 400 14.37 66.63 -15.15
N ASN B 401 13.07 66.47 -15.36
CA ASN B 401 12.54 65.45 -16.26
C ASN B 401 12.53 65.93 -17.72
N CYS B 402 13.08 65.10 -18.61
CA CYS B 402 13.05 65.44 -20.00
C CYS B 402 11.58 65.47 -20.50
N ILE B 403 10.81 64.45 -20.17
CA ILE B 403 9.38 64.44 -20.52
C ILE B 403 8.60 64.20 -19.25
N THR B 404 7.55 64.99 -19.01
CA THR B 404 6.65 64.72 -17.90
C THR B 404 5.26 64.47 -18.47
N ILE B 405 4.62 63.38 -18.04
CA ILE B 405 3.22 63.18 -18.36
C ILE B 405 2.42 63.75 -17.21
N LYS B 406 1.63 64.80 -17.48
CA LYS B 406 0.86 65.49 -16.46
C LYS B 406 -0.45 64.74 -16.27
N ASP B 407 -1.13 65.03 -15.15
CA ASP B 407 -2.29 64.23 -14.73
C ASP B 407 -3.54 64.57 -15.53
N THR B 408 -3.40 65.53 -16.47
CA THR B 408 -4.51 65.85 -17.36
C THR B 408 -4.42 65.02 -18.65
N CYS B 409 -3.29 64.30 -18.83
CA CYS B 409 -2.97 63.62 -20.09
C CYS B 409 -3.28 62.11 -20.00
N SER B 410 -4.24 61.68 -20.79
CA SER B 410 -4.63 60.28 -20.87
C SER B 410 -4.74 59.84 -22.35
N LEU B 411 -4.70 58.53 -22.58
CA LEU B 411 -5.13 57.90 -23.83
C LEU B 411 -4.23 58.28 -24.99
N ILE B 412 -2.95 58.57 -24.70
CA ILE B 412 -2.03 58.93 -25.76
C ILE B 412 -1.16 57.69 -26.08
N VAL B 413 -0.42 57.76 -27.18
CA VAL B 413 0.56 56.74 -27.49
C VAL B 413 1.91 57.42 -27.57
N LEU B 414 2.94 56.88 -26.91
CA LEU B 414 4.33 57.25 -27.23
C LEU B 414 4.97 56.06 -27.91
N ASP B 415 5.47 56.25 -29.13
CA ASP B 415 5.78 55.09 -29.95
C ASP B 415 7.00 55.35 -30.83
N ALA B 416 8.01 54.48 -30.69
CA ALA B 416 9.15 54.33 -31.61
C ALA B 416 9.98 55.62 -31.65
N PHE B 417 10.55 56.06 -30.53
CA PHE B 417 11.49 57.18 -30.60
C PHE B 417 12.41 57.07 -29.40
N GLY B 418 13.49 57.86 -29.38
CA GLY B 418 14.42 57.76 -28.26
C GLY B 418 14.30 58.99 -27.35
N VAL B 419 14.62 58.81 -26.07
CA VAL B 419 14.70 59.88 -25.07
C VAL B 419 16.09 59.77 -24.45
N TYR B 420 16.99 60.69 -24.77
CA TYR B 420 18.38 60.47 -24.44
C TYR B 420 18.87 61.63 -23.58
N GLY B 421 19.78 61.28 -22.65
CA GLY B 421 20.34 62.27 -21.76
C GLY B 421 21.84 62.29 -21.99
N THR B 422 22.54 63.06 -21.13
CA THR B 422 23.96 63.35 -21.32
C THR B 422 24.77 62.08 -21.38
N GLY B 423 24.41 61.06 -20.58
CA GLY B 423 25.21 59.83 -20.56
C GLY B 423 24.74 58.71 -21.52
N ALA B 424 24.04 59.09 -22.59
CA ALA B 424 23.39 58.11 -23.47
C ALA B 424 24.43 57.19 -24.13
N GLN B 425 25.59 57.74 -24.48
CA GLN B 425 26.59 56.91 -25.13
C GLN B 425 27.34 56.11 -24.08
N GLN B 426 27.70 54.88 -24.46
CA GLN B 426 28.31 53.92 -23.56
C GLN B 426 29.55 54.60 -22.93
N GLY B 427 29.72 54.45 -21.61
CA GLY B 427 30.93 54.84 -20.88
C GLY B 427 31.04 56.36 -20.69
N THR B 428 29.93 57.11 -20.78
CA THR B 428 30.05 58.56 -20.72
C THR B 428 29.44 59.07 -19.42
N SER B 429 29.66 60.35 -19.14
CA SER B 429 29.24 60.88 -17.86
C SER B 429 27.87 61.54 -17.96
N PHE B 430 27.27 61.89 -16.83
CA PHE B 430 25.87 62.27 -16.85
C PHE B 430 25.68 63.71 -16.40
N THR B 431 24.45 64.26 -16.52
CA THR B 431 24.08 65.48 -15.83
C THR B 431 23.28 65.10 -14.60
N ALA B 432 23.73 65.61 -13.44
CA ALA B 432 23.07 65.28 -12.18
C ALA B 432 21.63 65.77 -12.14
N GLY B 433 20.75 64.96 -11.54
CA GLY B 433 19.40 65.35 -11.25
C GLY B 433 18.44 65.23 -12.44
N THR B 434 18.76 64.40 -13.44
CA THR B 434 17.91 64.24 -14.61
C THR B 434 17.11 62.92 -14.59
N THR B 435 15.93 62.94 -15.21
CA THR B 435 15.06 61.78 -15.40
C THR B 435 14.56 61.78 -16.83
N GLY B 436 14.38 60.59 -17.43
CA GLY B 436 14.00 60.53 -18.83
C GLY B 436 12.51 60.82 -18.98
N ILE B 437 11.67 59.99 -18.38
CA ILE B 437 10.23 60.20 -18.50
C ILE B 437 9.64 60.06 -17.11
N TYR B 438 8.85 61.05 -16.67
CA TYR B 438 8.23 61.05 -15.35
C TYR B 438 6.72 61.10 -15.52
N VAL B 439 5.98 60.26 -14.80
CA VAL B 439 4.54 60.35 -14.75
C VAL B 439 4.16 60.82 -13.36
N GLU B 440 3.67 62.06 -13.27
CA GLU B 440 3.48 62.74 -11.99
C GLU B 440 2.26 62.19 -11.24
N THR B 441 2.27 62.36 -9.92
CA THR B 441 1.16 61.88 -9.09
C THR B 441 -0.10 62.68 -9.38
N PRO B 442 -1.25 62.07 -9.69
CA PRO B 442 -2.45 62.85 -10.00
C PRO B 442 -2.97 63.62 -8.79
N SER B 443 -3.54 64.81 -9.02
CA SER B 443 -4.02 65.64 -7.92
C SER B 443 -5.53 65.63 -7.82
N GLY B 444 -6.25 64.84 -8.61
CA GLY B 444 -7.71 64.77 -8.42
C GLY B 444 -8.30 63.71 -9.33
N LEU B 445 -9.64 63.67 -9.42
CA LEU B 445 -10.34 62.64 -10.14
C LEU B 445 -11.45 63.30 -10.97
N SER B 446 -11.48 63.07 -12.27
CA SER B 446 -12.50 63.74 -13.05
C SER B 446 -13.71 62.83 -13.21
N ALA B 447 -14.83 63.38 -13.68
CA ALA B 447 -16.01 62.55 -13.77
C ALA B 447 -16.50 62.54 -15.21
N ASP B 448 -15.66 62.98 -16.14
CA ASP B 448 -16.14 63.02 -17.51
C ASP B 448 -15.20 62.25 -18.45
N TYR B 449 -14.45 61.26 -17.90
CA TYR B 449 -13.57 60.38 -18.66
C TYR B 449 -14.40 59.74 -19.75
N PRO B 450 -13.90 59.59 -21.00
CA PRO B 450 -12.55 59.96 -21.43
C PRO B 450 -12.34 61.36 -22.03
N PHE B 451 -13.31 62.25 -21.82
CA PHE B 451 -13.28 63.59 -22.37
C PHE B 451 -12.74 64.60 -21.35
N HIS B 452 -12.12 64.17 -20.25
CA HIS B 452 -11.74 65.10 -19.23
C HIS B 452 -10.62 66.01 -19.70
N THR B 453 -10.56 67.20 -19.07
CA THR B 453 -9.51 68.17 -19.27
C THR B 453 -8.89 68.53 -17.92
N THR B 454 -9.34 67.87 -16.84
CA THR B 454 -8.77 68.08 -15.52
C THR B 454 -8.11 66.77 -15.03
N ALA B 455 -7.37 66.85 -13.92
CA ALA B 455 -6.54 65.84 -13.29
C ALA B 455 -7.36 64.58 -13.17
N ASP B 456 -6.75 63.43 -13.50
CA ASP B 456 -7.43 62.16 -13.40
C ASP B 456 -6.38 61.03 -13.27
N PRO B 457 -6.64 59.97 -12.46
CA PRO B 457 -5.67 58.88 -12.28
C PRO B 457 -5.57 57.95 -13.49
N ARG B 458 -6.57 57.95 -14.39
CA ARG B 458 -6.59 57.00 -15.49
C ARG B 458 -5.72 57.48 -16.65
N ARG B 459 -4.44 57.08 -16.62
CA ARG B 459 -3.50 57.44 -17.66
C ARG B 459 -3.92 56.72 -18.96
N ASP B 460 -4.29 55.44 -18.87
CA ASP B 460 -4.78 54.65 -19.99
C ASP B 460 -3.93 54.90 -21.24
N LEU B 461 -2.59 54.93 -21.10
CA LEU B 461 -1.74 55.26 -22.22
C LEU B 461 -0.70 54.16 -22.52
N CYS B 462 -0.12 54.15 -23.73
CA CYS B 462 0.84 53.11 -24.07
C CYS B 462 2.18 53.77 -24.39
N ILE B 463 3.22 53.26 -23.75
CA ILE B 463 4.57 53.60 -24.15
C ILE B 463 5.12 52.37 -24.86
N SER B 464 5.41 52.50 -26.15
CA SER B 464 5.68 51.35 -26.99
C SER B 464 6.95 51.56 -27.82
N LYS B 465 7.93 50.68 -27.72
CA LYS B 465 9.13 50.78 -28.54
C LYS B 465 9.82 52.11 -28.31
N VAL B 466 9.90 52.55 -27.05
CA VAL B 466 10.62 53.76 -26.72
C VAL B 466 11.95 53.38 -26.07
N HIS B 467 13.02 54.10 -26.40
CA HIS B 467 14.35 53.83 -25.90
C HIS B 467 14.77 55.02 -25.03
N ILE B 468 14.97 54.76 -23.74
CA ILE B 468 15.41 55.80 -22.82
C ILE B 468 16.85 55.51 -22.44
N ALA B 469 17.70 56.52 -22.50
CA ALA B 469 19.10 56.25 -22.21
C ALA B 469 19.77 57.52 -21.66
N GLY B 470 20.66 57.36 -20.67
CA GLY B 470 21.63 58.41 -20.39
C GLY B 470 21.21 59.43 -19.33
N PHE B 471 20.23 59.08 -18.49
CA PHE B 471 19.79 59.93 -17.41
C PHE B 471 20.42 59.53 -16.09
N ASP B 472 20.36 60.45 -15.14
CA ASP B 472 21.03 60.29 -13.85
C ASP B 472 20.16 59.50 -12.88
N GLU B 473 19.03 60.06 -12.45
CA GLU B 473 18.22 59.49 -11.40
C GLU B 473 17.36 58.30 -11.86
N TYR B 474 16.62 58.47 -12.94
CA TYR B 474 15.70 57.45 -13.40
C TYR B 474 15.61 57.50 -14.91
N GLY B 475 15.52 56.32 -15.57
CA GLY B 475 15.08 56.37 -16.96
C GLY B 475 13.59 56.71 -17.02
N LEU B 476 12.77 55.83 -16.43
CA LEU B 476 11.32 55.97 -16.40
C LEU B 476 10.92 55.92 -14.93
N ASN B 477 10.12 56.86 -14.48
CA ASN B 477 9.67 56.92 -13.09
C ASN B 477 8.18 57.19 -13.12
N ILE B 478 7.40 56.18 -12.75
CA ILE B 478 5.95 56.30 -12.72
C ILE B 478 5.52 56.44 -11.26
N ASP B 479 4.97 57.60 -10.92
CA ASP B 479 4.72 57.89 -9.54
C ASP B 479 3.40 57.33 -9.10
N SER B 480 3.15 57.35 -7.78
CA SER B 480 1.98 56.67 -7.28
C SER B 480 0.71 57.39 -7.74
N GLY B 481 -0.40 56.64 -7.78
CA GLY B 481 -1.73 57.13 -8.09
C GLY B 481 -2.14 57.06 -9.56
N ASN B 482 -1.27 56.55 -10.44
CA ASN B 482 -1.54 56.50 -11.86
C ASN B 482 -1.94 55.09 -12.30
N PHE B 483 -3.08 54.95 -12.94
CA PHE B 483 -3.53 53.62 -13.32
C PHE B 483 -3.31 53.39 -14.81
N SER B 484 -3.01 52.15 -15.23
CA SER B 484 -2.88 51.72 -16.65
C SER B 484 -1.87 52.50 -17.48
N VAL B 485 -0.65 52.67 -16.97
CA VAL B 485 0.46 53.04 -17.82
C VAL B 485 0.99 51.72 -18.36
N THR B 486 0.69 51.43 -19.63
CA THR B 486 1.17 50.24 -20.31
C THR B 486 2.55 50.52 -20.87
N THR B 487 3.49 49.59 -20.72
CA THR B 487 4.68 49.68 -21.54
C THR B 487 4.78 48.42 -22.38
N ASP B 488 5.37 48.57 -23.57
CA ASP B 488 5.58 47.43 -24.42
C ASP B 488 6.87 47.64 -25.21
N SER B 489 7.81 46.69 -25.10
CA SER B 489 9.10 46.82 -25.76
C SER B 489 9.81 48.11 -25.36
N LEU B 490 9.73 48.46 -24.11
CA LEU B 490 10.48 49.61 -23.60
C LEU B 490 11.93 49.18 -23.48
N LEU B 491 12.86 50.03 -23.87
CA LEU B 491 14.26 49.70 -23.72
C LEU B 491 15.01 50.82 -22.98
N VAL B 492 15.61 50.49 -21.82
CA VAL B 492 16.26 51.48 -20.98
C VAL B 492 17.70 51.06 -20.83
N ASN B 493 18.64 51.96 -21.09
CA ASN B 493 19.99 51.60 -20.75
C ASN B 493 20.84 52.81 -20.36
N HIS B 494 21.99 52.53 -19.77
CA HIS B 494 22.94 53.59 -19.38
C HIS B 494 22.29 54.61 -18.47
N ILE B 495 21.87 54.19 -17.27
CA ILE B 495 21.24 55.07 -16.31
C ILE B 495 22.14 55.07 -15.08
N ASN B 496 22.45 56.26 -14.61
CA ASN B 496 23.49 56.37 -13.59
C ASN B 496 22.97 55.75 -12.29
N GLN B 497 21.65 55.88 -12.04
CA GLN B 497 21.09 55.27 -10.88
C GLN B 497 20.07 54.20 -11.28
N VAL B 498 18.77 54.53 -11.20
CA VAL B 498 17.72 53.51 -11.31
C VAL B 498 17.11 53.51 -12.72
N GLY B 499 17.13 52.36 -13.40
CA GLY B 499 16.58 52.30 -14.75
C GLY B 499 15.08 52.65 -14.77
N VAL B 500 14.31 51.95 -13.98
CA VAL B 500 12.85 52.10 -13.98
C VAL B 500 12.31 52.04 -12.58
N ARG B 501 11.48 53.05 -12.22
CA ARG B 501 10.84 53.02 -10.92
C ARG B 501 9.33 53.02 -11.14
N CYS B 502 8.62 52.21 -10.40
CA CYS B 502 7.16 52.25 -10.44
C CYS B 502 6.67 52.21 -8.99
N ALA B 503 5.74 53.08 -8.65
CA ALA B 503 5.24 53.18 -7.29
C ALA B 503 3.71 53.20 -7.35
N THR B 504 3.13 52.56 -8.36
CA THR B 504 1.68 52.67 -8.48
C THR B 504 1.05 51.29 -8.72
N THR B 505 -0.28 51.26 -8.97
CA THR B 505 -1.05 50.03 -9.05
C THR B 505 -1.78 49.93 -10.39
N ASP B 506 -2.17 48.70 -10.75
CA ASP B 506 -3.07 48.42 -11.86
C ASP B 506 -2.43 48.71 -13.22
N TRP B 507 -1.43 47.91 -13.64
CA TRP B 507 -0.80 48.12 -14.92
C TRP B 507 -0.20 46.83 -15.45
N THR B 508 0.17 46.85 -16.73
CA THR B 508 0.81 45.72 -17.41
C THR B 508 1.97 46.23 -18.22
N TRP B 509 3.12 45.56 -18.11
CA TRP B 509 4.25 45.80 -18.99
C TRP B 509 4.56 44.51 -19.71
N THR B 510 4.89 44.58 -21.01
CA THR B 510 5.32 43.41 -21.77
CA THR B 510 5.37 43.39 -21.68
C THR B 510 6.68 43.70 -22.37
N ASN B 511 7.59 42.73 -22.35
CA ASN B 511 8.87 42.82 -23.03
C ASN B 511 9.60 44.10 -22.61
N ILE B 512 9.86 44.26 -21.31
CA ILE B 512 10.69 45.36 -20.84
C ILE B 512 12.15 44.92 -20.80
N GLN B 513 13.08 45.80 -21.22
CA GLN B 513 14.47 45.42 -21.13
C GLN B 513 15.23 46.59 -20.52
N VAL B 514 15.96 46.31 -19.44
CA VAL B 514 16.74 47.37 -18.82
C VAL B 514 18.17 46.87 -18.70
N ASN B 515 19.16 47.71 -19.01
CA ASN B 515 20.54 47.26 -19.09
CA ASN B 515 20.53 47.23 -18.94
C ASN B 515 21.49 48.35 -18.60
N THR B 516 22.45 48.04 -17.71
CA THR B 516 23.55 48.93 -17.34
C THR B 516 23.02 50.15 -16.58
N CYS B 517 22.80 49.93 -15.27
CA CYS B 517 22.30 50.91 -14.35
C CYS B 517 23.26 50.91 -13.17
N GLY B 518 23.53 52.11 -12.61
CA GLY B 518 24.48 52.23 -11.51
C GLY B 518 23.90 51.70 -10.19
N LYS B 519 22.56 51.75 -10.03
CA LYS B 519 21.87 51.15 -8.91
C LYS B 519 20.92 50.07 -9.47
N GLN B 520 19.66 50.00 -9.05
CA GLN B 520 18.78 48.94 -9.55
C GLN B 520 18.44 49.17 -11.02
N CYS B 521 18.19 48.09 -11.77
CA CYS B 521 17.51 48.20 -13.06
C CYS B 521 16.05 48.57 -12.82
N LEU B 522 15.44 47.99 -11.79
CA LEU B 522 14.01 48.16 -11.54
C LEU B 522 13.79 48.35 -10.04
N VAL B 523 12.95 49.31 -9.69
CA VAL B 523 12.43 49.45 -8.34
C VAL B 523 10.91 49.39 -8.42
N LEU B 524 10.30 48.42 -7.74
CA LEU B 524 8.86 48.44 -7.50
C LEU B 524 8.70 48.77 -6.03
N ASP B 525 8.07 49.91 -5.74
CA ASP B 525 8.03 50.40 -4.36
C ASP B 525 6.61 50.87 -4.05
N GLY B 526 5.87 50.10 -3.25
CA GLY B 526 4.47 50.41 -3.01
C GLY B 526 3.59 50.08 -4.22
N CYS B 527 3.97 49.10 -5.03
CA CYS B 527 3.13 48.73 -6.17
C CYS B 527 2.10 47.67 -5.79
N GLY B 528 1.05 47.55 -6.61
CA GLY B 528 0.04 46.54 -6.36
C GLY B 528 -0.66 46.22 -7.68
N ASN B 529 -1.18 45.00 -7.81
CA ASN B 529 -1.91 44.59 -9.00
C ASN B 529 -1.17 44.91 -10.29
N GLY B 530 0.14 44.65 -10.33
CA GLY B 530 0.94 44.84 -11.54
C GLY B 530 1.23 43.50 -12.22
N ARG B 531 1.43 43.53 -13.55
CA ARG B 531 1.87 42.39 -14.32
C ARG B 531 3.09 42.80 -15.12
N ILE B 532 4.13 42.02 -15.02
CA ILE B 532 5.25 42.10 -15.94
C ILE B 532 5.34 40.77 -16.65
N ILE B 533 5.30 40.80 -17.99
CA ILE B 533 5.28 39.62 -18.83
C ILE B 533 6.40 39.76 -19.83
N GLY B 534 7.53 39.12 -19.52
CA GLY B 534 8.68 39.11 -20.41
C GLY B 534 9.52 40.30 -20.04
N GLY B 535 10.72 40.03 -19.52
CA GLY B 535 11.54 41.14 -19.06
C GLY B 535 12.98 40.67 -18.89
N LYS B 536 13.92 41.61 -19.00
CA LYS B 536 15.31 41.28 -18.89
C LYS B 536 15.97 42.46 -18.18
N PHE B 537 16.67 42.19 -17.09
CA PHE B 537 17.26 43.22 -16.22
C PHE B 537 18.71 42.81 -16.00
N ILE B 538 19.64 43.50 -16.68
CA ILE B 538 20.99 42.98 -16.64
C ILE B 538 21.97 44.13 -16.32
N TRP B 539 23.13 43.80 -15.75
CA TRP B 539 24.19 44.77 -15.53
C TRP B 539 23.74 45.89 -14.61
N ALA B 540 22.97 45.56 -13.57
CA ALA B 540 22.64 46.51 -12.56
C ALA B 540 23.85 46.73 -11.63
N ASN B 541 23.77 47.75 -10.78
CA ASN B 541 24.86 48.06 -9.85
C ASN B 541 26.16 48.03 -10.65
N TRP B 542 26.19 48.71 -11.80
CA TRP B 542 27.30 48.66 -12.74
C TRP B 542 28.49 49.43 -12.16
N GLN B 543 29.59 48.72 -11.85
CA GLN B 543 30.60 49.31 -10.98
C GLN B 543 31.23 50.59 -11.60
N PRO B 544 31.55 50.71 -12.91
CA PRO B 544 32.09 51.96 -13.45
C PRO B 544 31.23 53.19 -13.20
N TYR B 545 29.93 53.02 -12.91
CA TYR B 545 29.14 54.20 -12.60
C TYR B 545 29.38 54.71 -11.18
N GLY B 546 30.20 54.01 -10.38
CA GLY B 546 30.75 54.57 -9.14
C GLY B 546 29.76 54.76 -7.99
N THR B 547 28.60 54.12 -8.06
CA THR B 547 27.68 54.19 -6.95
C THR B 547 28.32 53.55 -5.73
N VAL B 548 28.07 54.19 -4.59
CA VAL B 548 28.59 53.78 -3.30
C VAL B 548 27.54 52.85 -2.70
N GLY B 549 27.91 51.57 -2.54
CA GLY B 549 26.99 50.63 -1.87
C GLY B 549 26.34 49.59 -2.81
N GLN B 550 25.61 48.65 -2.22
CA GLN B 550 25.08 47.52 -2.95
C GLN B 550 23.64 47.90 -3.29
N PHE B 551 23.23 47.59 -4.52
CA PHE B 551 21.83 47.67 -4.91
C PHE B 551 21.50 46.44 -5.76
N PRO B 552 20.30 45.83 -5.63
CA PRO B 552 20.01 44.63 -6.42
C PRO B 552 19.62 44.98 -7.85
N GLY B 553 19.60 43.97 -8.73
CA GLY B 553 19.02 44.21 -10.03
C GLY B 553 17.58 44.70 -9.90
N ILE B 554 16.77 44.04 -9.06
CA ILE B 554 15.38 44.43 -8.84
C ILE B 554 15.08 44.55 -7.34
N THR B 555 14.46 45.67 -6.94
CA THR B 555 13.89 45.82 -5.61
C THR B 555 12.38 45.67 -5.76
N ILE B 556 11.78 44.77 -4.99
CA ILE B 556 10.35 44.67 -4.79
C ILE B 556 10.07 44.98 -3.33
N ASN B 557 9.59 46.18 -3.06
CA ASN B 557 9.47 46.62 -1.67
C ASN B 557 8.04 47.08 -1.42
N ASN B 558 7.49 46.64 -0.29
CA ASN B 558 6.18 47.12 0.16
C ASN B 558 5.13 46.93 -0.95
N SER B 559 5.18 45.81 -1.68
CA SER B 559 4.30 45.63 -2.82
C SER B 559 3.37 44.44 -2.59
N GLN B 560 2.43 44.21 -3.49
CA GLN B 560 1.50 43.12 -3.21
C GLN B 560 0.76 42.79 -4.50
N ASN B 561 0.29 41.54 -4.59
CA ASN B 561 -0.51 41.06 -5.72
C ASN B 561 0.20 41.37 -7.06
N MET B 562 1.46 40.98 -7.16
CA MET B 562 2.23 41.19 -8.37
C MET B 562 2.33 39.85 -9.09
N VAL B 563 2.19 39.87 -10.42
CA VAL B 563 2.44 38.70 -11.25
C VAL B 563 3.57 39.06 -12.20
N ILE B 564 4.67 38.35 -12.07
CA ILE B 564 5.88 38.64 -12.81
C ILE B 564 6.29 37.37 -13.53
N ASN B 565 6.11 37.32 -14.85
CA ASN B 565 6.30 36.08 -15.57
C ASN B 565 7.36 36.27 -16.65
N GLY B 566 8.21 35.28 -16.82
CA GLY B 566 9.13 35.28 -17.96
C GLY B 566 10.17 36.38 -17.82
N ILE B 567 10.78 36.56 -16.65
CA ILE B 567 11.85 37.55 -16.57
C ILE B 567 13.21 36.91 -16.27
N GLU B 568 14.27 37.68 -16.53
CA GLU B 568 15.63 37.25 -16.28
C GLU B 568 16.38 38.37 -15.55
N VAL B 569 17.24 38.00 -14.60
CA VAL B 569 18.11 38.96 -13.97
C VAL B 569 19.50 38.33 -13.98
N GLN B 570 20.44 38.99 -14.64
CA GLN B 570 21.73 38.37 -14.88
C GLN B 570 22.80 39.47 -14.90
N ASP B 571 24.00 39.13 -14.44
CA ASP B 571 25.17 40.00 -14.56
C ASP B 571 25.01 41.27 -13.72
N CYS B 572 24.25 41.23 -12.61
CA CYS B 572 24.12 42.41 -11.79
C CYS B 572 25.26 42.40 -10.75
N GLY B 573 25.67 43.57 -10.32
CA GLY B 573 26.86 43.68 -9.47
C GLY B 573 26.60 43.18 -8.04
N GLY B 574 25.34 43.19 -7.57
CA GLY B 574 25.05 42.73 -6.20
C GLY B 574 23.97 41.63 -6.24
N ASN B 575 23.04 41.66 -5.31
CA ASN B 575 21.96 40.68 -5.32
C ASN B 575 21.12 40.78 -6.61
N GLY B 576 20.47 39.67 -6.98
CA GLY B 576 19.58 39.65 -8.14
C GLY B 576 18.29 40.42 -7.82
N ILE B 577 17.45 39.84 -6.98
CA ILE B 577 16.14 40.34 -6.63
C ILE B 577 16.03 40.42 -5.12
N GLU B 578 15.66 41.59 -4.59
CA GLU B 578 15.46 41.67 -3.15
C GLU B 578 13.97 41.90 -2.93
N ILE B 579 13.28 40.97 -2.29
CA ILE B 579 11.85 41.12 -2.02
C ILE B 579 11.70 41.40 -0.53
N SER B 580 11.08 42.55 -0.18
CA SER B 580 11.03 43.08 1.19
C SER B 580 9.64 43.58 1.50
N GLU B 581 9.16 43.18 2.68
CA GLU B 581 7.88 43.66 3.19
C GLU B 581 6.79 43.55 2.12
N SER B 582 6.74 42.44 1.38
CA SER B 582 5.76 42.34 0.30
C SER B 582 4.88 41.11 0.50
N TYR B 583 3.60 41.23 0.17
CA TYR B 583 2.67 40.12 0.16
C TYR B 583 2.45 39.59 -1.26
N SER B 584 2.00 38.33 -1.38
CA SER B 584 1.45 37.75 -2.59
C SER B 584 2.19 38.17 -3.85
N ILE B 585 3.51 37.93 -3.90
CA ILE B 585 4.28 38.01 -5.13
C ILE B 585 4.27 36.65 -5.86
N SER B 586 3.79 36.64 -7.12
CA SER B 586 3.65 35.42 -7.90
C SER B 586 4.56 35.51 -9.12
N MET B 587 5.48 34.57 -9.27
CA MET B 587 6.40 34.61 -10.39
C MET B 587 6.36 33.27 -11.13
N ASN B 588 6.24 33.29 -12.45
CA ASN B 588 6.03 32.07 -13.18
C ASN B 588 6.95 32.03 -14.38
N GLY B 589 8.06 31.28 -14.22
CA GLY B 589 9.09 31.30 -15.26
C GLY B 589 10.08 32.41 -14.89
N LEU B 590 11.20 32.08 -14.23
CA LEU B 590 12.07 33.11 -13.68
C LEU B 590 13.51 32.60 -13.81
N ASN B 591 14.36 33.41 -14.42
CA ASN B 591 15.74 33.05 -14.66
C ASN B 591 16.61 34.06 -13.89
N THR B 592 17.34 33.62 -12.85
CA THR B 592 18.30 34.51 -12.22
C THR B 592 19.64 33.78 -12.11
N ASN B 593 20.70 34.37 -12.66
CA ASN B 593 22.00 33.70 -12.62
C ASN B 593 23.16 34.71 -12.73
N ARG B 594 24.33 34.33 -12.22
CA ARG B 594 25.55 35.11 -12.47
C ARG B 594 25.34 36.57 -12.10
N ASN B 595 24.80 36.81 -10.92
CA ASN B 595 24.76 38.14 -10.36
C ASN B 595 25.95 38.23 -9.38
N GLY B 596 25.88 39.12 -8.40
CA GLY B 596 26.98 39.28 -7.46
C GLY B 596 28.31 39.56 -8.15
N ILE B 597 28.30 40.28 -9.28
CA ILE B 597 29.54 40.30 -10.03
C ILE B 597 30.56 41.28 -9.41
N ASN B 598 30.19 42.10 -8.46
CA ASN B 598 31.18 43.04 -7.92
C ASN B 598 32.06 42.43 -6.82
N ALA B 599 31.66 41.30 -6.21
CA ALA B 599 32.49 40.57 -5.23
C ALA B 599 32.08 39.09 -5.28
N ASN B 600 33.06 38.23 -5.54
CA ASN B 600 32.82 36.82 -5.77
C ASN B 600 32.18 36.18 -4.53
N ASN B 601 31.26 35.22 -4.76
CA ASN B 601 30.81 34.38 -3.67
C ASN B 601 30.27 35.13 -2.48
N THR B 602 29.59 36.25 -2.74
CA THR B 602 29.12 37.13 -1.68
C THR B 602 27.61 37.35 -1.76
N PHE B 603 27.03 37.46 -2.95
CA PHE B 603 25.66 37.97 -3.01
C PHE B 603 24.73 36.84 -3.44
N TYR B 604 23.43 37.08 -3.47
CA TYR B 604 22.50 35.97 -3.73
C TYR B 604 21.51 36.40 -4.79
N ASN B 605 20.90 35.42 -5.49
CA ASN B 605 20.06 35.75 -6.66
C ASN B 605 18.71 36.28 -6.23
N ILE B 606 18.17 35.73 -5.14
CA ILE B 606 16.93 36.22 -4.58
C ILE B 606 17.08 36.29 -3.08
N VAL B 607 16.78 37.46 -2.55
CA VAL B 607 16.89 37.70 -1.13
C VAL B 607 15.51 38.01 -0.65
N PHE B 608 15.01 37.25 0.35
CA PHE B 608 13.71 37.44 0.91
C PHE B 608 13.83 38.07 2.31
N ASN B 609 13.03 39.11 2.54
CA ASN B 609 12.97 39.73 3.85
C ASN B 609 11.52 40.12 4.15
N LYS B 610 10.94 39.50 5.17
CA LYS B 610 9.61 39.76 5.64
C LYS B 610 8.63 39.77 4.46
N SER B 611 8.77 38.81 3.53
CA SER B 611 7.87 38.74 2.39
C SER B 611 7.30 37.34 2.17
N ASP B 612 6.21 37.26 1.41
CA ASP B 612 5.60 36.03 0.95
C ASP B 612 5.64 35.96 -0.58
N ALA B 613 6.00 34.80 -1.13
CA ALA B 613 6.12 34.69 -2.59
C ALA B 613 5.84 33.26 -3.01
N VAL B 614 5.39 33.16 -4.25
CA VAL B 614 5.19 31.87 -4.89
CA VAL B 614 5.15 31.90 -4.90
C VAL B 614 5.94 31.93 -6.22
N ILE B 615 6.99 31.13 -6.32
CA ILE B 615 7.84 31.17 -7.50
C ILE B 615 7.80 29.80 -8.19
N ASN B 616 7.49 29.79 -9.48
CA ASN B 616 7.38 28.54 -10.20
C ASN B 616 8.23 28.63 -11.46
N GLY B 617 8.67 27.48 -12.01
CA GLY B 617 9.43 27.54 -13.24
C GLY B 617 10.79 28.23 -13.04
N PHE B 618 11.35 28.17 -11.84
CA PHE B 618 12.64 28.82 -11.61
C PHE B 618 13.76 28.09 -12.37
N VAL B 619 14.65 28.86 -13.03
CA VAL B 619 15.91 28.33 -13.55
C VAL B 619 17.04 29.32 -13.25
N GLY B 620 18.29 28.88 -13.43
CA GLY B 620 19.38 29.78 -13.08
C GLY B 620 20.78 29.20 -13.34
N LEU B 621 21.04 28.73 -14.54
CA LEU B 621 22.33 28.14 -14.86
C LEU B 621 23.40 29.24 -14.80
N ASN B 622 24.31 29.10 -13.83
CA ASN B 622 25.38 30.07 -13.63
C ASN B 622 26.41 29.84 -14.74
N TYR B 623 26.41 30.66 -15.79
CA TYR B 623 27.30 30.35 -16.91
C TYR B 623 28.80 30.55 -16.58
N ALA B 624 29.13 31.33 -15.54
CA ALA B 624 30.54 31.47 -15.15
C ALA B 624 31.02 30.20 -14.42
N ALA B 625 30.17 29.62 -13.56
CA ALA B 625 30.56 28.35 -12.95
C ALA B 625 30.61 27.26 -14.03
N ASN B 626 29.70 27.34 -14.99
CA ASN B 626 29.66 26.27 -15.98
C ASN B 626 30.94 26.32 -16.84
N SER B 627 31.38 27.53 -17.22
CA SER B 627 32.49 27.61 -18.17
C SER B 627 33.78 27.45 -17.39
N GLY B 628 33.75 27.64 -16.08
CA GLY B 628 34.99 27.66 -15.34
C GLY B 628 35.85 28.91 -15.53
N SER B 629 35.24 30.06 -15.83
CA SER B 629 35.97 31.28 -16.14
C SER B 629 36.65 31.83 -14.88
N GLY B 630 36.14 31.51 -13.69
CA GLY B 630 36.56 32.21 -12.49
C GLY B 630 35.96 33.59 -12.27
N ALA B 631 35.03 34.06 -13.14
CA ALA B 631 34.48 35.41 -12.96
C ALA B 631 33.65 35.47 -11.67
N ASN B 632 33.60 36.62 -10.97
CA ASN B 632 32.78 36.82 -9.79
C ASN B 632 31.32 36.36 -10.07
N SER B 633 30.73 35.59 -9.16
CA SER B 633 29.32 35.30 -9.31
C SER B 633 28.68 35.05 -7.97
N SER B 634 27.34 34.97 -7.99
CA SER B 634 26.51 34.81 -6.81
C SER B 634 27.01 33.62 -6.00
N ALA B 635 26.97 33.74 -4.66
CA ALA B 635 27.29 32.64 -3.75
C ALA B 635 26.20 31.56 -3.92
N GLY B 636 24.95 31.95 -4.22
CA GLY B 636 23.92 30.91 -4.40
C GLY B 636 22.58 31.54 -4.73
N ASN B 637 21.53 30.72 -4.85
CA ASN B 637 20.29 31.24 -5.39
C ASN B 637 19.48 32.02 -4.37
N PHE B 638 19.33 31.52 -3.15
CA PHE B 638 18.36 32.11 -2.24
C PHE B 638 19.01 32.48 -0.91
N GLN B 639 18.59 33.62 -0.34
CA GLN B 639 18.91 34.01 1.03
C GLN B 639 17.65 34.49 1.74
N PHE B 640 17.44 34.05 3.00
CA PHE B 640 16.33 34.55 3.79
C PHE B 640 16.86 35.40 4.90
N LEU B 641 16.48 36.67 4.90
CA LEU B 641 16.97 37.57 5.91
C LEU B 641 16.10 37.54 7.16
N SER B 642 14.93 36.91 7.08
CA SER B 642 14.11 36.77 8.27
C SER B 642 13.47 35.37 8.24
N ASN B 643 12.83 34.97 9.35
CA ASN B 643 12.27 33.63 9.39
C ASN B 643 10.74 33.68 9.43
N ASP B 644 10.17 34.84 9.14
CA ASP B 644 8.73 35.03 9.11
C ASP B 644 8.24 35.16 7.65
N CYS B 645 9.00 34.64 6.67
CA CYS B 645 8.54 34.65 5.29
C CYS B 645 7.75 33.36 5.03
N SER B 646 6.76 33.41 4.13
CA SER B 646 6.03 32.21 3.69
C SER B 646 6.26 32.13 2.18
N VAL B 647 7.05 31.15 1.72
CA VAL B 647 7.60 31.19 0.37
C VAL B 647 7.56 29.78 -0.22
N THR B 648 7.15 29.66 -1.46
CA THR B 648 7.32 28.38 -2.13
C THR B 648 8.12 28.65 -3.38
N ILE B 649 9.02 27.71 -3.72
CA ILE B 649 9.86 27.82 -4.87
C ILE B 649 9.87 26.46 -5.52
N ASN B 650 9.72 26.47 -6.83
CA ASN B 650 9.72 25.24 -7.62
C ASN B 650 10.55 25.50 -8.85
N GLY B 651 11.47 24.59 -9.16
CA GLY B 651 12.09 24.64 -10.47
C GLY B 651 13.47 23.98 -10.39
N VAL B 652 14.42 24.47 -11.20
CA VAL B 652 15.71 23.82 -11.28
C VAL B 652 16.67 24.63 -10.42
N VAL B 653 16.72 24.29 -9.14
CA VAL B 653 17.45 25.05 -8.16
C VAL B 653 18.96 24.82 -8.33
N GLU B 654 19.38 23.65 -8.79
CA GLU B 654 20.78 23.39 -9.11
C GLU B 654 20.76 22.73 -10.47
N THR B 655 21.45 23.36 -11.45
CA THR B 655 21.31 23.01 -12.86
C THR B 655 21.78 21.60 -13.22
N GLY B 656 22.96 21.19 -12.74
CA GLY B 656 23.45 19.85 -13.09
C GLY B 656 24.43 19.77 -14.26
N TYR B 657 25.26 20.82 -14.44
CA TYR B 657 26.41 20.79 -15.35
C TYR B 657 27.59 20.25 -14.53
N MET B 658 28.73 20.02 -15.17
CA MET B 658 29.71 19.09 -14.65
C MET B 658 30.43 19.69 -13.46
N GLY B 659 30.78 20.99 -13.53
CA GLY B 659 31.47 21.60 -12.40
C GLY B 659 32.99 21.56 -12.52
N ILE B 660 33.50 22.13 -13.61
CA ILE B 660 34.91 22.12 -13.95
C ILE B 660 35.75 22.69 -12.80
N ASN B 661 35.25 23.67 -12.05
CA ASN B 661 36.00 24.23 -10.93
C ASN B 661 35.37 23.84 -9.58
N PHE B 662 34.62 22.72 -9.58
CA PHE B 662 34.03 22.09 -8.40
C PHE B 662 32.91 22.94 -7.83
N ILE B 663 32.45 23.95 -8.59
CA ILE B 663 31.37 24.76 -8.06
C ILE B 663 30.18 24.69 -9.05
N GLY B 664 29.06 25.23 -8.64
CA GLY B 664 27.82 25.23 -9.43
C GLY B 664 27.05 26.52 -9.14
N ASP B 665 25.74 26.36 -9.02
CA ASP B 665 24.86 27.51 -8.89
C ASP B 665 24.75 27.83 -7.41
N ASN B 666 24.84 26.82 -6.55
CA ASN B 666 24.64 27.09 -5.13
C ASN B 666 25.92 26.73 -4.37
N ASN B 667 26.79 27.70 -4.06
CA ASN B 667 28.12 27.38 -3.57
C ASN B 667 28.25 27.65 -2.08
N ILE B 668 27.37 28.49 -1.54
CA ILE B 668 27.18 28.67 -0.10
C ILE B 668 25.71 28.50 0.20
N ILE B 669 25.33 27.59 1.11
CA ILE B 669 23.92 27.40 1.44
C ILE B 669 23.70 27.78 2.90
N ASN B 670 22.76 28.71 3.10
CA ASN B 670 22.35 29.12 4.43
C ASN B 670 20.93 28.58 4.62
N PRO B 671 20.74 27.59 5.51
CA PRO B 671 19.39 27.06 5.78
C PRO B 671 18.57 28.11 6.55
N THR B 672 17.25 27.88 6.58
CA THR B 672 16.32 28.82 7.18
C THR B 672 15.27 28.06 7.97
N ASN B 673 14.72 28.74 8.98
CA ASN B 673 13.59 28.24 9.73
C ASN B 673 12.30 28.90 9.24
N SER B 674 12.34 29.58 8.09
CA SER B 674 11.17 30.21 7.49
C SER B 674 10.14 29.16 7.13
N ASP B 675 8.91 29.58 6.85
CA ASP B 675 7.87 28.67 6.37
C ASP B 675 8.05 28.50 4.86
N LEU B 676 8.94 27.59 4.47
CA LEU B 676 9.46 27.48 3.11
C LEU B 676 9.10 26.10 2.61
N SER B 677 8.66 26.04 1.36
CA SER B 677 8.51 24.75 0.71
C SER B 677 9.20 24.83 -0.64
N ILE B 678 10.13 23.91 -0.90
CA ILE B 678 10.87 24.03 -2.13
C ILE B 678 10.84 22.71 -2.88
N ASN B 679 10.51 22.76 -4.17
CA ASN B 679 10.39 21.62 -5.05
C ASN B 679 9.31 20.65 -4.55
N GLY B 680 8.38 21.11 -3.73
CA GLY B 680 7.38 20.23 -3.12
C GLY B 680 8.04 19.18 -2.22
N LEU B 681 9.26 19.44 -1.74
CA LEU B 681 9.89 18.45 -0.87
C LEU B 681 9.40 18.65 0.56
N VAL B 682 9.09 17.54 1.20
CA VAL B 682 8.80 17.49 2.63
C VAL B 682 10.08 17.83 3.42
N ASN B 683 9.98 18.82 4.31
CA ASN B 683 11.06 19.18 5.23
C ASN B 683 11.12 18.11 6.35
N TYR B 684 12.24 17.35 6.44
CA TYR B 684 12.36 16.30 7.45
C TYR B 684 12.08 16.85 8.87
N SER B 685 12.59 18.05 9.22
CA SER B 685 12.34 18.73 10.48
C SER B 685 10.84 18.88 10.75
N LYS B 686 9.98 18.85 9.74
CA LYS B 686 8.59 19.19 9.94
C LYS B 686 7.70 17.96 9.72
N THR B 687 8.27 16.77 9.59
CA THR B 687 7.36 15.70 9.20
C THR B 687 7.16 14.71 10.36
N GLY B 688 5.97 14.07 10.39
CA GLY B 688 5.82 12.89 11.20
C GLY B 688 5.52 11.63 10.37
N LEU B 689 5.82 11.64 9.07
CA LEU B 689 5.55 10.46 8.25
C LEU B 689 6.43 9.30 8.70
N GLN B 690 5.82 8.10 8.75
CA GLN B 690 6.59 6.88 9.02
C GLN B 690 7.04 6.31 7.68
N THR B 691 8.27 5.80 7.69
CA THR B 691 8.91 5.26 6.50
C THR B 691 9.59 3.95 6.89
N MET B 692 10.04 3.20 5.89
CA MET B 692 11.02 2.14 6.07
C MET B 692 12.23 2.75 6.75
N ASN B 693 12.98 1.90 7.45
CA ASN B 693 14.26 2.34 8.01
C ASN B 693 15.12 1.09 8.11
N GLU B 694 15.81 0.72 7.02
CA GLU B 694 16.53 -0.52 6.99
C GLU B 694 17.71 -0.43 7.95
N THR B 695 18.12 -1.59 8.49
CA THR B 695 19.10 -1.62 9.57
C THR B 695 20.41 -2.08 8.95
N PRO B 696 21.50 -1.28 8.99
CA PRO B 696 22.78 -1.75 8.46
C PRO B 696 23.42 -2.67 9.52
N THR B 697 24.38 -3.49 9.12
CA THR B 697 25.13 -4.25 10.09
CA THR B 697 25.16 -4.30 10.04
C THR B 697 26.53 -3.65 10.25
N PHE B 698 26.91 -3.38 11.48
CA PHE B 698 28.26 -2.86 11.69
C PHE B 698 29.30 -3.93 11.39
N ASP B 699 30.42 -3.57 10.76
CA ASP B 699 31.49 -4.54 10.64
C ASP B 699 32.83 -3.86 10.96
N GLY B 700 33.78 -4.65 11.46
CA GLY B 700 35.10 -4.16 11.82
C GLY B 700 35.98 -5.39 12.12
N VAL B 701 37.29 -5.21 12.28
CA VAL B 701 38.15 -6.34 12.64
C VAL B 701 37.68 -6.82 14.02
N SER B 702 37.45 -5.88 14.95
CA SER B 702 36.55 -6.06 16.08
C SER B 702 35.16 -5.58 15.71
N THR B 703 34.13 -6.42 15.92
CA THR B 703 32.80 -6.09 15.43
C THR B 703 32.03 -5.32 16.50
N THR B 704 32.70 -4.77 17.50
CA THR B 704 31.99 -3.93 18.44
C THR B 704 32.15 -2.45 18.06
N PRO B 705 31.05 -1.70 17.81
CA PRO B 705 31.15 -0.28 17.47
C PRO B 705 31.73 0.55 18.58
N VAL B 706 32.55 1.52 18.18
CA VAL B 706 33.10 2.51 19.10
C VAL B 706 32.51 3.87 18.73
N TYR B 707 32.11 4.64 19.74
CA TYR B 707 31.63 5.99 19.48
C TYR B 707 32.56 7.02 20.10
N VAL B 708 32.69 8.15 19.42
CA VAL B 708 33.49 9.25 19.94
C VAL B 708 32.74 10.55 19.67
N SER B 709 33.31 11.62 20.20
CA SER B 709 32.79 12.98 20.22
C SER B 709 32.70 13.52 18.78
N VAL B 710 31.63 14.26 18.45
CA VAL B 710 31.56 15.06 17.22
C VAL B 710 31.45 16.52 17.62
N PRO B 711 31.79 17.48 16.73
CA PRO B 711 31.45 18.90 16.99
C PRO B 711 29.94 19.15 17.17
N SER B 712 29.61 20.20 17.93
CA SER B 712 28.22 20.47 18.29
C SER B 712 27.36 20.79 17.06
N SER B 713 27.98 21.24 15.96
CA SER B 713 27.23 21.56 14.76
C SER B 713 26.54 20.32 14.19
N VAL B 714 27.01 19.12 14.56
CA VAL B 714 26.47 17.89 14.03
C VAL B 714 25.12 17.60 14.67
N GLY B 715 24.89 18.24 15.82
CA GLY B 715 23.66 18.17 16.58
C GLY B 715 23.42 16.82 17.25
N GLN B 716 24.48 16.18 17.72
CA GLN B 716 24.35 14.99 18.57
C GLN B 716 25.67 14.96 19.35
N VAL B 717 25.74 14.11 20.38
CA VAL B 717 26.88 14.11 21.26
C VAL B 717 28.07 13.35 20.67
N ASN B 718 27.83 12.11 20.23
CA ASN B 718 28.86 11.24 19.68
C ASN B 718 28.43 10.74 18.29
N GLY B 719 29.40 10.20 17.56
CA GLY B 719 29.21 9.49 16.32
C GLY B 719 30.08 8.25 16.28
N LEU B 720 30.03 7.52 15.15
CA LEU B 720 30.74 6.27 14.96
C LEU B 720 32.19 6.56 14.65
N ARG B 721 33.07 5.97 15.47
CA ARG B 721 34.49 6.13 15.30
C ARG B 721 34.89 5.38 14.04
N LEU B 722 35.51 6.07 13.07
CA LEU B 722 36.00 5.43 11.84
C LEU B 722 37.52 5.36 11.92
N SER B 723 38.08 4.18 11.61
CA SER B 723 39.52 4.00 11.64
C SER B 723 39.87 3.02 10.55
N GLN B 724 41.11 3.16 10.02
CA GLN B 724 41.62 2.23 9.04
C GLN B 724 42.07 0.94 9.74
N ALA B 725 42.50 1.05 11.00
CA ALA B 725 42.97 -0.16 11.72
C ALA B 725 41.79 -1.10 11.97
N ASN B 726 40.64 -0.56 12.41
CA ASN B 726 39.51 -1.43 12.68
C ASN B 726 38.65 -1.69 11.44
N LYS B 727 38.84 -0.91 10.36
CA LYS B 727 38.00 -0.98 9.18
CA LYS B 727 38.00 -0.97 9.17
C LYS B 727 36.51 -0.86 9.53
N ASP B 728 36.18 0.14 10.35
CA ASP B 728 34.80 0.34 10.80
C ASP B 728 33.93 0.72 9.61
N LYS B 729 32.73 0.10 9.53
CA LYS B 729 31.88 0.39 8.37
C LYS B 729 30.45 -0.08 8.62
N LEU B 730 29.52 0.40 7.76
CA LEU B 730 28.14 -0.02 7.88
C LEU B 730 27.72 -0.69 6.58
N LEU B 731 27.36 -1.97 6.68
CA LEU B 731 26.99 -2.72 5.50
C LEU B 731 25.45 -2.82 5.43
N TYR B 732 24.86 -2.38 4.32
CA TYR B 732 23.45 -2.65 4.00
C TYR B 732 23.39 -3.84 3.06
N SER B 733 22.44 -4.76 3.27
CA SER B 733 22.26 -5.84 2.30
C SER B 733 21.58 -5.38 1.01
N ARG B 734 20.83 -4.27 1.06
CA ARG B 734 20.21 -3.71 -0.15
C ARG B 734 21.20 -3.55 -1.32
N THR B 735 20.77 -3.93 -2.52
CA THR B 735 21.55 -3.75 -3.75
C THR B 735 21.02 -2.58 -4.59
N ALA B 736 21.90 -1.87 -5.30
CA ALA B 736 21.48 -0.77 -6.17
C ALA B 736 20.67 -1.33 -7.35
N GLY B 737 19.58 -0.61 -7.70
CA GLY B 737 18.69 -1.02 -8.78
C GLY B 737 18.69 0.04 -9.87
N PRO B 738 18.09 -0.23 -11.05
CA PRO B 738 18.10 0.71 -12.17
C PRO B 738 17.48 2.08 -11.96
N GLU B 739 16.64 2.27 -10.93
CA GLU B 739 16.16 3.62 -10.72
CA GLU B 739 16.09 3.56 -10.54
C GLU B 739 17.20 4.45 -9.96
N GLY B 740 18.27 3.81 -9.42
CA GLY B 740 19.35 4.54 -8.76
C GLY B 740 19.18 4.66 -7.25
N ILE B 741 20.15 5.36 -6.63
CA ILE B 741 20.18 5.47 -5.18
C ILE B 741 20.80 6.84 -4.81
N THR B 742 20.42 7.39 -3.67
CA THR B 742 21.10 8.50 -3.04
C THR B 742 21.68 8.01 -1.70
N MET B 743 22.93 8.40 -1.41
CA MET B 743 23.51 8.05 -0.12
C MET B 743 24.20 9.29 0.43
N ALA B 744 24.09 9.53 1.73
CA ALA B 744 24.69 10.70 2.32
C ALA B 744 25.03 10.41 3.78
N ALA B 745 25.98 11.20 4.30
CA ALA B 745 26.40 11.06 5.67
C ALA B 745 27.14 12.31 6.11
N VAL B 746 27.08 12.59 7.41
CA VAL B 746 28.04 13.53 7.96
C VAL B 746 29.35 12.78 8.22
N ILE B 747 30.46 13.31 7.73
CA ILE B 747 31.77 12.72 8.01
C ILE B 747 32.68 13.83 8.51
N VAL B 748 33.31 13.58 9.64
CA VAL B 748 34.27 14.50 10.23
C VAL B 748 35.62 13.83 10.06
N PRO B 749 36.35 14.12 8.98
CA PRO B 749 37.55 13.36 8.64
C PRO B 749 38.75 13.86 9.45
N THR B 750 39.56 12.89 9.87
CA THR B 750 40.87 13.16 10.47
C THR B 750 41.90 13.07 9.37
N ILE B 751 42.47 14.21 9.00
CA ILE B 751 43.35 14.19 7.85
C ILE B 751 44.78 14.35 8.34
N SER B 752 45.61 13.38 8.04
CA SER B 752 47.03 13.47 8.33
C SER B 752 47.77 13.10 7.04
N GLY B 753 48.40 11.96 6.97
CA GLY B 753 49.18 11.83 5.74
C GLY B 753 48.44 11.08 4.64
N ALA B 754 49.23 10.45 3.75
CA ALA B 754 48.74 9.73 2.63
C ALA B 754 47.65 8.78 3.09
N GLU B 755 46.54 8.71 2.36
CA GLU B 755 45.45 7.86 2.82
C GLU B 755 44.37 7.78 1.75
N VAL B 756 43.65 6.66 1.70
CA VAL B 756 42.46 6.55 0.87
C VAL B 756 41.25 6.43 1.78
N PHE B 757 40.31 7.39 1.71
CA PHE B 757 39.08 7.32 2.48
C PHE B 757 37.99 6.80 1.55
N ASN B 758 37.34 5.67 1.83
CA ASN B 758 36.18 5.27 1.05
C ASN B 758 34.93 5.81 1.76
N PHE B 759 34.43 6.97 1.34
CA PHE B 759 33.30 7.52 2.06
C PHE B 759 32.07 6.63 1.90
N MET B 760 31.84 6.13 0.70
CA MET B 760 30.67 5.28 0.48
C MET B 760 30.87 4.49 -0.79
N ALA B 761 30.16 3.35 -0.93
CA ALA B 761 30.37 2.48 -2.06
C ALA B 761 29.11 1.69 -2.42
N ILE B 762 29.09 1.23 -3.65
CA ILE B 762 28.17 0.20 -4.13
C ILE B 762 29.04 -0.95 -4.62
N GLY B 763 28.87 -2.16 -4.03
CA GLY B 763 29.69 -3.31 -4.42
C GLY B 763 31.10 -3.19 -3.84
N SER B 764 32.06 -3.83 -4.49
CA SER B 764 33.46 -3.73 -4.10
C SER B 764 34.36 -4.00 -5.32
N GLY B 765 35.68 -3.83 -5.11
CA GLY B 765 36.60 -4.05 -6.19
C GLY B 765 36.50 -2.91 -7.22
N PHE B 766 37.39 -2.94 -8.21
CA PHE B 766 37.39 -1.89 -9.21
C PHE B 766 38.00 -2.47 -10.46
N SER B 767 37.15 -2.89 -11.41
CA SER B 767 37.64 -3.59 -12.59
C SER B 767 36.48 -3.65 -13.60
N ASP B 768 36.78 -4.12 -14.80
CA ASP B 768 35.82 -4.25 -15.89
C ASP B 768 34.54 -4.98 -15.47
N THR B 769 34.63 -5.81 -14.43
CA THR B 769 33.50 -6.65 -14.05
C THR B 769 33.15 -6.45 -12.57
N SER B 770 33.69 -5.43 -11.90
CA SER B 770 33.43 -5.30 -10.48
C SER B 770 31.98 -4.89 -10.21
N ASN B 771 31.34 -4.22 -11.18
CA ASN B 771 30.00 -3.63 -10.99
C ASN B 771 29.94 -2.77 -9.72
N SER B 772 30.87 -1.81 -9.56
CA SER B 772 31.02 -1.14 -8.30
C SER B 772 31.20 0.38 -8.50
N LEU B 773 30.89 1.14 -7.43
CA LEU B 773 31.13 2.56 -7.38
C LEU B 773 31.86 2.78 -6.07
N HIS B 774 32.90 3.63 -6.12
CA HIS B 774 33.46 4.15 -4.87
C HIS B 774 33.56 5.67 -4.94
N LEU B 775 33.13 6.34 -3.87
CA LEU B 775 33.43 7.74 -3.74
C LEU B 775 34.55 7.88 -2.72
N GLN B 776 35.66 8.49 -3.14
CA GLN B 776 36.87 8.45 -2.31
C GLN B 776 37.46 9.83 -2.17
N LEU B 777 38.10 10.05 -1.02
CA LEU B 777 39.04 11.14 -0.90
C LEU B 777 40.41 10.46 -0.81
N VAL B 778 41.26 10.76 -1.80
CA VAL B 778 42.61 10.22 -1.87
C VAL B 778 43.57 11.38 -1.51
N ILE B 779 44.37 11.18 -0.47
CA ILE B 779 45.38 12.15 -0.07
C ILE B 779 46.72 11.50 -0.38
N ASP B 780 47.59 12.19 -1.13
CA ASP B 780 48.91 11.61 -1.31
C ASP B 780 49.86 12.20 -0.26
N ALA B 781 51.15 11.86 -0.35
CA ALA B 781 52.10 12.21 0.71
C ALA B 781 52.54 13.67 0.60
N SER B 782 52.17 14.34 -0.49
CA SER B 782 52.38 15.79 -0.59
C SER B 782 51.23 16.59 0.04
N GLY B 783 50.19 15.90 0.50
CA GLY B 783 49.01 16.60 1.00
C GLY B 783 47.96 16.85 -0.09
N LYS B 784 48.22 16.41 -1.32
CA LYS B 784 47.27 16.68 -2.39
C LYS B 784 45.97 15.91 -2.10
N GLN B 785 44.83 16.52 -2.41
CA GLN B 785 43.54 15.91 -2.13
C GLN B 785 42.81 15.71 -3.45
N THR B 786 42.32 14.49 -3.68
CA THR B 786 41.61 14.15 -4.90
C THR B 786 40.26 13.55 -4.49
N ILE B 787 39.17 14.11 -5.05
CA ILE B 787 37.86 13.47 -4.86
C ILE B 787 37.62 12.64 -6.09
N ALA B 788 37.53 11.31 -5.88
CA ALA B 788 37.47 10.41 -7.02
C ALA B 788 36.20 9.57 -6.95
N LEU B 789 35.51 9.50 -8.09
CA LEU B 789 34.44 8.53 -8.22
C LEU B 789 34.95 7.40 -9.12
N LEU B 790 35.06 6.17 -8.58
CA LEU B 790 35.61 5.08 -9.37
C LEU B 790 34.39 4.26 -9.80
N LEU B 791 34.26 3.99 -11.09
CA LEU B 791 33.15 3.21 -11.64
C LEU B 791 33.74 2.02 -12.37
N GLY B 792 33.28 0.78 -12.05
CA GLY B 792 33.67 -0.35 -12.86
C GLY B 792 32.44 -1.13 -13.28
N GLY B 793 32.33 -1.48 -14.56
CA GLY B 793 31.14 -2.19 -15.03
C GLY B 793 30.98 -1.94 -16.53
N ASP B 794 29.94 -2.56 -17.14
CA ASP B 794 29.71 -2.48 -18.57
C ASP B 794 30.99 -2.77 -19.38
N GLY B 795 31.84 -3.66 -18.87
CA GLY B 795 33.03 -4.07 -19.59
C GLY B 795 34.20 -3.08 -19.44
N THR B 796 34.10 -2.08 -18.57
CA THR B 796 35.19 -1.12 -18.57
C THR B 796 35.31 -0.50 -17.18
N THR B 797 36.22 0.48 -17.03
CA THR B 797 36.33 1.27 -15.81
C THR B 797 36.49 2.74 -16.16
N GLN B 798 36.16 3.62 -15.20
CA GLN B 798 36.45 5.03 -15.42
C GLN B 798 36.82 5.63 -14.08
N ILE B 799 37.83 6.50 -14.09
CA ILE B 799 38.20 7.28 -12.91
C ILE B 799 37.73 8.71 -13.12
N LEU B 800 36.76 9.18 -12.32
CA LEU B 800 36.28 10.56 -12.40
C LEU B 800 36.84 11.28 -11.19
N SER B 801 38.07 11.79 -11.35
CA SER B 801 38.78 12.37 -10.24
C SER B 801 39.03 13.85 -10.49
N GLY B 802 39.03 14.62 -9.40
CA GLY B 802 39.53 15.98 -9.52
C GLY B 802 40.41 16.32 -8.33
N ASP B 803 41.49 17.06 -8.62
CA ASP B 803 42.41 17.52 -7.59
C ASP B 803 41.88 18.83 -7.02
N LEU B 804 41.76 18.90 -5.69
CA LEU B 804 41.22 20.11 -5.09
C LEU B 804 42.35 21.13 -4.95
N PRO B 805 42.13 22.41 -5.31
CA PRO B 805 43.10 23.45 -4.96
C PRO B 805 43.08 23.63 -3.45
N ASN B 806 44.15 24.24 -2.93
CA ASN B 806 44.32 24.44 -1.50
C ASN B 806 43.08 25.02 -0.83
N ASP B 807 42.47 26.02 -1.45
CA ASP B 807 41.40 26.66 -0.68
C ASP B 807 40.11 25.84 -0.75
N LEU B 808 40.07 24.72 -1.48
CA LEU B 808 38.83 23.91 -1.37
C LEU B 808 39.04 22.61 -0.59
N LYS B 809 40.26 22.37 -0.09
CA LYS B 809 40.57 21.11 0.59
C LYS B 809 39.72 20.91 1.83
N LEU B 810 39.40 19.63 2.12
CA LEU B 810 38.77 19.32 3.39
C LEU B 810 39.80 19.54 4.50
N GLN B 811 39.32 19.97 5.67
CA GLN B 811 40.10 20.28 6.85
C GLN B 811 39.80 19.25 7.95
N SER B 812 40.85 18.83 8.65
CA SER B 812 40.78 17.86 9.72
C SER B 812 39.87 18.35 10.84
N GLY B 813 39.03 17.46 11.36
CA GLY B 813 38.20 17.79 12.49
C GLY B 813 36.93 18.59 12.13
N VAL B 814 36.78 18.97 10.85
CA VAL B 814 35.60 19.74 10.45
C VAL B 814 34.50 18.81 9.87
N PRO B 815 33.21 18.97 10.23
CA PRO B 815 32.18 18.07 9.69
C PRO B 815 31.66 18.48 8.31
N TYR B 816 31.56 17.50 7.41
CA TYR B 816 31.08 17.71 6.06
C TYR B 816 29.80 16.87 5.86
N HIS B 817 28.81 17.40 5.15
CA HIS B 817 27.78 16.51 4.63
C HIS B 817 28.20 16.04 3.25
N ILE B 818 28.34 14.70 3.10
CA ILE B 818 28.83 14.18 1.87
C ILE B 818 27.70 13.38 1.24
N ALA B 819 27.43 13.68 -0.03
CA ALA B 819 26.29 13.03 -0.69
C ALA B 819 26.64 12.63 -2.10
N ILE B 820 26.03 11.52 -2.54
CA ILE B 820 26.10 11.13 -3.93
C ILE B 820 24.72 10.72 -4.43
N GLY B 821 24.47 10.96 -5.74
CA GLY B 821 23.33 10.31 -6.35
C GLY B 821 23.90 9.52 -7.50
N ALA B 822 23.46 8.26 -7.68
CA ALA B 822 24.05 7.40 -8.68
C ALA B 822 22.92 6.58 -9.33
N LYS B 823 22.91 6.55 -10.65
CA LYS B 823 21.98 5.68 -11.36
C LYS B 823 22.63 5.47 -12.71
N PRO B 824 22.13 4.56 -13.56
CA PRO B 824 22.78 4.43 -14.86
C PRO B 824 22.81 5.78 -15.59
N GLY B 825 23.98 6.11 -16.18
CA GLY B 825 24.11 7.32 -16.98
C GLY B 825 24.15 8.64 -16.17
N TYR B 826 24.15 8.58 -14.83
CA TYR B 826 23.99 9.84 -14.10
C TYR B 826 24.56 9.72 -12.67
N PHE B 827 25.68 10.44 -12.37
CA PHE B 827 26.34 10.33 -11.06
C PHE B 827 26.72 11.74 -10.60
N TRP B 828 26.36 12.12 -9.38
CA TRP B 828 26.77 13.39 -8.85
C TRP B 828 27.32 13.19 -7.44
N TRP B 829 28.27 14.05 -7.03
CA TRP B 829 28.72 14.08 -5.64
C TRP B 829 28.79 15.50 -5.11
N SER B 830 28.69 15.61 -3.79
CA SER B 830 28.66 16.93 -3.19
C SER B 830 29.26 16.85 -1.79
N ILE B 831 30.04 17.88 -1.43
CA ILE B 831 30.69 17.89 -0.13
C ILE B 831 30.47 19.27 0.47
N LEU B 832 29.82 19.29 1.63
CA LEU B 832 29.33 20.56 2.13
C LEU B 832 29.93 20.79 3.53
N ASN B 833 30.71 21.86 3.72
CA ASN B 833 31.20 22.22 5.04
C ASN B 833 30.03 22.74 5.86
N ILE B 834 29.65 22.02 6.93
CA ILE B 834 28.42 22.43 7.62
C ILE B 834 28.64 23.60 8.59
N GLN B 835 29.90 23.97 8.83
CA GLN B 835 30.21 25.14 9.64
C GLN B 835 30.21 26.42 8.80
N THR B 836 30.61 26.36 7.52
CA THR B 836 30.62 27.58 6.73
C THR B 836 29.55 27.58 5.62
N GLY B 837 28.93 26.43 5.36
CA GLY B 837 27.89 26.36 4.33
C GLY B 837 28.47 26.30 2.93
N LYS B 838 29.79 26.28 2.80
CA LYS B 838 30.43 26.24 1.48
C LYS B 838 30.50 24.83 0.89
N ARG B 839 30.28 24.72 -0.41
CA ARG B 839 30.05 23.41 -1.00
C ARG B 839 30.98 23.25 -2.19
N ILE B 840 31.41 21.99 -2.45
CA ILE B 840 32.00 21.68 -3.75
C ILE B 840 31.25 20.48 -4.28
N ARG B 841 31.35 20.25 -5.58
CA ARG B 841 30.47 19.26 -6.21
C ARG B 841 30.93 18.99 -7.65
N ARG B 842 30.58 17.82 -8.18
CA ARG B 842 30.65 17.54 -9.60
C ARG B 842 29.50 16.63 -10.02
N SER B 843 29.16 16.64 -11.32
CA SER B 843 28.06 15.83 -11.84
C SER B 843 28.47 15.32 -13.21
N PHE B 844 28.22 14.03 -13.46
CA PHE B 844 28.70 13.36 -14.68
C PHE B 844 27.54 12.73 -15.46
N ARG B 845 27.27 13.21 -16.67
CA ARG B 845 26.29 12.59 -17.56
C ARG B 845 26.85 12.71 -18.96
N GLY B 846 26.27 11.96 -19.89
CA GLY B 846 26.60 12.19 -21.29
C GLY B 846 28.06 11.83 -21.59
N ALA B 847 28.74 12.68 -22.34
CA ALA B 847 30.07 12.38 -22.86
C ALA B 847 31.07 12.41 -21.72
N TYR B 848 30.68 12.85 -20.52
CA TYR B 848 31.59 12.75 -19.39
C TYR B 848 31.72 11.31 -18.92
N LEU B 849 30.81 10.40 -19.36
CA LEU B 849 30.87 9.01 -18.96
C LEU B 849 31.22 8.19 -20.18
N ALA B 850 32.13 7.20 -19.97
CA ALA B 850 32.58 6.31 -21.03
C ALA B 850 31.42 5.43 -21.45
N VAL B 851 30.65 4.95 -20.46
CA VAL B 851 29.49 4.09 -20.67
C VAL B 851 28.49 4.49 -19.62
N PRO B 852 27.24 4.02 -19.68
CA PRO B 852 26.29 4.34 -18.61
C PRO B 852 26.59 3.66 -17.27
N PHE B 853 27.38 2.58 -17.28
CA PHE B 853 27.56 1.74 -16.09
C PHE B 853 26.26 1.09 -15.62
N ASN B 854 25.44 0.60 -16.54
CA ASN B 854 24.21 -0.12 -16.19
C ASN B 854 24.43 -1.27 -15.19
N SER B 855 25.53 -2.02 -15.33
CA SER B 855 25.76 -3.23 -14.53
C SER B 855 26.10 -2.91 -13.07
N ILE B 856 26.32 -1.64 -12.71
CA ILE B 856 26.39 -1.35 -11.29
C ILE B 856 25.02 -1.55 -10.64
N PHE B 857 23.94 -1.54 -11.43
CA PHE B 857 22.61 -1.32 -10.90
C PHE B 857 21.74 -2.52 -11.27
N GLY B 858 22.38 -3.67 -11.41
CA GLY B 858 21.67 -4.91 -11.76
C GLY B 858 21.32 -5.76 -10.54
N LEU B 859 21.07 -5.13 -9.40
CA LEU B 859 20.58 -5.75 -8.19
C LEU B 859 21.56 -6.79 -7.67
N THR B 860 22.87 -6.49 -7.70
CA THR B 860 23.86 -7.43 -7.19
C THR B 860 24.92 -6.74 -6.37
N SER B 861 24.98 -5.40 -6.38
CA SER B 861 26.03 -4.78 -5.58
C SER B 861 25.40 -4.01 -4.41
N SER B 862 25.89 -4.27 -3.19
CA SER B 862 25.23 -3.79 -2.00
C SER B 862 25.83 -2.46 -1.54
N LEU B 863 25.10 -1.74 -0.66
CA LEU B 863 25.51 -0.38 -0.29
C LEU B 863 26.34 -0.44 0.98
N THR B 864 27.42 0.37 1.08
CA THR B 864 28.22 0.41 2.29
C THR B 864 28.60 1.85 2.59
N PHE B 865 28.61 2.26 3.85
CA PHE B 865 29.17 3.54 4.25
C PHE B 865 30.51 3.30 4.92
N PHE B 866 31.47 4.17 4.58
CA PHE B 866 32.74 4.30 5.29
C PHE B 866 33.76 3.26 4.85
N SER B 867 33.39 2.40 3.88
CA SER B 867 34.26 1.42 3.24
C SER B 867 33.51 0.81 2.06
N ASP B 868 33.93 -0.36 1.56
CA ASP B 868 33.10 -1.08 0.61
C ASP B 868 32.72 -2.46 1.14
N SER B 869 32.14 -3.34 0.31
CA SER B 869 31.49 -4.51 0.90
C SER B 869 32.50 -5.66 1.06
N ASN B 870 33.79 -5.40 0.84
CA ASN B 870 34.77 -6.46 0.96
C ASN B 870 35.61 -6.26 2.23
N ALA B 871 36.01 -7.35 2.91
CA ALA B 871 36.78 -7.30 4.16
C ALA B 871 38.09 -6.49 4.01
N GLY B 872 38.72 -6.51 2.85
CA GLY B 872 39.99 -5.82 2.70
C GLY B 872 39.83 -4.35 2.25
N GLY B 873 38.62 -3.88 1.93
CA GLY B 873 38.56 -2.54 1.34
C GLY B 873 39.15 -1.46 2.27
N ASP B 874 39.70 -0.37 1.69
CA ASP B 874 40.00 0.84 2.45
C ASP B 874 38.78 1.28 3.26
N ALA B 875 39.02 1.91 4.41
CA ALA B 875 37.94 2.52 5.17
C ALA B 875 38.14 4.02 5.31
N CYS B 876 37.79 4.58 6.47
CA CYS B 876 37.91 6.02 6.74
C CYS B 876 38.69 6.28 8.04
N SER B 877 39.12 7.52 8.26
CA SER B 877 39.56 7.96 9.58
C SER B 877 38.72 9.15 10.02
N GLY B 878 38.18 9.08 11.22
CA GLY B 878 37.43 10.20 11.75
C GLY B 878 36.16 9.72 12.41
N VAL B 879 35.07 10.45 12.15
CA VAL B 879 33.81 10.13 12.83
C VAL B 879 32.68 10.23 11.82
N GLY B 880 31.69 9.33 11.90
CA GLY B 880 30.58 9.40 10.93
C GLY B 880 29.25 9.55 11.68
N ALA B 881 28.24 10.16 11.02
CA ALA B 881 26.95 10.36 11.66
C ALA B 881 25.86 10.51 10.59
N LYS B 882 24.60 10.35 11.01
CA LYS B 882 23.49 10.75 10.16
C LYS B 882 23.59 10.13 8.77
N VAL B 883 23.75 8.82 8.73
CA VAL B 883 23.78 8.07 7.49
C VAL B 883 22.36 8.01 6.91
N TYR B 884 22.24 8.29 5.60
CA TYR B 884 20.95 8.36 4.92
C TYR B 884 21.04 7.51 3.67
N VAL B 885 20.06 6.61 3.47
CA VAL B 885 19.92 5.93 2.21
C VAL B 885 18.54 6.33 1.66
N GLY B 886 18.47 6.75 0.39
CA GLY B 886 17.19 7.07 -0.26
C GLY B 886 17.21 6.64 -1.71
N MET B 887 16.03 6.52 -2.33
CA MET B 887 15.97 6.31 -3.76
C MET B 887 16.49 7.59 -4.44
N PHE B 888 16.81 7.51 -5.73
CA PHE B 888 17.57 8.55 -6.45
C PHE B 888 16.92 9.93 -6.30
N SER B 889 17.78 10.87 -5.86
CA SER B 889 17.48 12.30 -5.94
C SER B 889 18.43 13.02 -6.89
N SER B 890 17.86 13.98 -7.66
CA SER B 890 18.64 14.92 -8.47
C SER B 890 19.50 15.81 -7.56
N GLU B 891 20.63 16.34 -8.06
CA GLU B 891 21.35 17.27 -7.18
C GLU B 891 20.48 18.51 -6.95
N ASN B 892 19.60 18.80 -7.92
CA ASN B 892 18.55 19.80 -7.76
C ASN B 892 17.86 19.59 -6.41
N ASP B 893 17.23 18.44 -6.19
CA ASP B 893 16.49 18.25 -4.96
C ASP B 893 17.45 18.20 -3.75
N TYR B 894 18.62 17.57 -3.91
CA TYR B 894 19.58 17.56 -2.81
C TYR B 894 19.80 19.00 -2.33
N VAL B 895 20.09 19.94 -3.25
CA VAL B 895 20.43 21.29 -2.87
C VAL B 895 19.18 21.97 -2.33
N ALA B 896 18.02 21.77 -2.96
CA ALA B 896 16.77 22.34 -2.44
C ALA B 896 16.58 21.97 -0.97
N SER B 897 16.78 20.68 -0.66
CA SER B 897 16.60 20.20 0.70
C SER B 897 17.64 20.79 1.65
N ARG B 898 18.79 21.24 1.18
CA ARG B 898 19.74 21.80 2.17
C ARG B 898 19.28 23.15 2.68
N TYR B 899 18.38 23.85 1.95
CA TYR B 899 17.81 25.11 2.43
C TYR B 899 16.98 24.94 3.69
N TYR B 900 16.49 23.71 3.91
CA TYR B 900 15.80 23.39 5.13
C TYR B 900 16.80 23.21 6.28
N ASN B 901 17.84 22.40 6.02
CA ASN B 901 18.77 21.96 7.06
C ASN B 901 19.97 21.33 6.34
N LEU B 902 21.22 21.64 6.75
CA LEU B 902 22.38 21.13 6.02
C LEU B 902 22.64 19.61 6.18
N ILE B 903 22.18 18.95 7.28
CA ILE B 903 22.61 17.57 7.53
C ILE B 903 21.44 16.57 7.61
N ASN B 904 20.19 17.02 7.45
CA ASN B 904 19.05 16.13 7.53
C ASN B 904 18.89 15.24 6.29
N PRO B 905 18.04 14.18 6.37
CA PRO B 905 17.72 13.34 5.19
C PRO B 905 17.25 14.18 4.00
N VAL B 906 17.44 13.66 2.80
CA VAL B 906 17.22 14.46 1.61
C VAL B 906 15.72 14.57 1.25
N ASP B 907 15.02 13.44 1.23
CA ASP B 907 13.65 13.45 0.71
C ASP B 907 12.88 12.39 1.48
N PRO B 908 12.10 12.76 2.51
CA PRO B 908 11.41 11.76 3.33
C PRO B 908 10.48 10.83 2.54
N THR B 909 10.01 11.22 1.33
CA THR B 909 9.21 10.28 0.57
C THR B 909 10.07 9.23 -0.11
N LYS B 910 11.40 9.42 -0.11
CA LYS B 910 12.27 8.47 -0.80
C LYS B 910 13.22 7.75 0.17
N LEU B 911 13.03 8.00 1.47
CA LEU B 911 13.91 7.58 2.57
C LEU B 911 13.73 6.08 2.78
N ILE B 912 14.86 5.35 2.69
CA ILE B 912 14.97 3.90 2.88
C ILE B 912 15.64 3.58 4.22
N SER B 913 16.71 4.33 4.61
CA SER B 913 17.33 4.21 5.90
C SER B 913 17.83 5.57 6.40
N TYR B 914 17.77 5.80 7.72
CA TYR B 914 18.35 6.98 8.33
C TYR B 914 18.82 6.60 9.73
N ARG B 915 20.16 6.56 9.97
CA ARG B 915 20.65 6.19 11.29
C ARG B 915 21.58 7.32 11.79
N ILE B 916 21.25 7.85 12.96
CA ILE B 916 21.93 8.99 13.53
C ILE B 916 23.35 8.62 14.01
N LEU B 917 23.51 7.42 14.63
CA LEU B 917 24.80 6.87 15.14
C LEU B 917 25.30 7.57 16.42
N ASP B 918 24.38 8.09 17.22
CA ASP B 918 24.72 8.73 18.49
C ASP B 918 24.74 7.61 19.56
N SER B 919 25.84 6.86 19.61
CA SER B 919 26.10 5.81 20.61
C SER B 919 25.22 4.60 20.38
N SER B 920 24.65 4.45 19.19
CA SER B 920 23.78 3.34 18.93
C SER B 920 23.61 3.18 17.42
N ILE B 921 23.37 1.96 16.97
CA ILE B 921 23.01 1.74 15.58
C ILE B 921 21.49 1.54 15.39
N HIS B 922 20.78 1.20 16.49
CA HIS B 922 19.37 0.80 16.69
C HIS B 922 19.33 -0.61 17.27
N SER C 165 6.68 118.57 -91.88
CA SER C 165 5.17 118.78 -91.90
C SER C 165 4.67 119.39 -90.59
N PRO C 166 3.40 119.89 -90.48
CA PRO C 166 2.80 120.28 -89.19
C PRO C 166 1.87 119.24 -88.56
N ALA C 167 0.91 119.73 -87.75
CA ALA C 167 -0.10 119.00 -86.98
C ALA C 167 -0.77 117.81 -87.71
N PHE C 168 0.04 116.91 -88.31
CA PHE C 168 -0.28 115.54 -88.69
C PHE C 168 0.18 114.56 -87.59
N ASP C 169 0.83 115.09 -86.54
CA ASP C 169 1.50 114.36 -85.47
C ASP C 169 0.45 113.71 -84.57
N ARG C 170 0.27 112.38 -84.66
CA ARG C 170 -0.81 111.72 -83.93
C ARG C 170 -0.22 110.98 -82.71
N SER C 171 0.95 111.42 -82.21
CA SER C 171 1.63 110.88 -81.04
C SER C 171 0.66 110.53 -79.91
N ILE C 172 -0.14 111.51 -79.48
CA ILE C 172 -0.94 111.33 -78.30
C ILE C 172 -1.89 110.17 -78.58
N GLN C 173 -2.47 110.10 -79.80
CA GLN C 173 -3.48 109.05 -80.03
C GLN C 173 -2.82 107.66 -80.11
N GLU C 174 -1.61 107.65 -80.66
CA GLU C 174 -0.84 106.44 -80.78
C GLU C 174 -0.47 105.93 -79.37
N ILE C 175 0.04 106.81 -78.49
CA ILE C 175 0.35 106.41 -77.13
C ILE C 175 -0.93 105.92 -76.42
N ALA C 176 -2.03 106.64 -76.59
CA ALA C 176 -3.22 106.32 -75.84
C ALA C 176 -3.83 105.01 -76.34
N ARG C 177 -3.94 104.83 -77.67
CA ARG C 177 -4.54 103.58 -78.13
C ARG C 177 -3.69 102.38 -77.68
N SER C 178 -2.35 102.53 -77.68
CA SER C 178 -1.43 101.46 -77.33
C SER C 178 -1.66 101.01 -75.89
N ALA C 179 -2.08 101.91 -75.01
CA ALA C 179 -2.16 101.56 -73.61
C ALA C 179 -3.61 101.36 -73.26
N ASN C 180 -4.49 101.52 -74.24
CA ASN C 180 -5.93 101.36 -74.06
C ASN C 180 -6.50 102.37 -73.07
N VAL C 181 -6.01 103.61 -73.13
CA VAL C 181 -6.52 104.67 -72.28
C VAL C 181 -7.07 105.79 -73.19
N LYS C 182 -7.75 106.74 -72.56
CA LYS C 182 -8.22 107.93 -73.27
C LYS C 182 -7.04 108.86 -73.61
N ASP C 183 -7.16 109.66 -74.71
CA ASP C 183 -6.20 110.68 -75.08
C ASP C 183 -5.88 111.58 -73.89
N SER C 184 -6.92 111.89 -73.11
CA SER C 184 -6.76 112.78 -71.96
C SER C 184 -5.90 112.19 -70.83
N GLU C 185 -5.63 110.88 -70.85
CA GLU C 185 -5.00 110.19 -69.75
C GLU C 185 -3.51 110.06 -70.05
N VAL C 186 -3.08 110.63 -71.17
CA VAL C 186 -1.66 110.61 -71.52
C VAL C 186 -0.99 111.94 -71.15
N ILE C 187 0.27 111.88 -70.72
CA ILE C 187 1.06 113.09 -70.54
C ILE C 187 2.46 112.77 -71.03
N VAL C 188 3.14 113.72 -71.68
CA VAL C 188 4.50 113.52 -72.16
C VAL C 188 5.48 114.15 -71.16
N SER C 189 6.73 113.66 -71.16
CA SER C 189 7.72 113.98 -70.15
C SER C 189 8.01 115.49 -70.12
N THR C 190 7.76 116.19 -71.24
CA THR C 190 8.24 117.56 -71.35
C THR C 190 7.11 118.52 -70.97
N ASP C 191 5.91 117.99 -70.71
CA ASP C 191 4.77 118.82 -70.38
C ASP C 191 4.77 119.13 -68.87
N THR C 192 5.32 120.31 -68.53
CA THR C 192 5.45 120.71 -67.12
C THR C 192 4.26 121.56 -66.73
N ILE C 193 3.24 121.63 -67.58
CA ILE C 193 2.11 122.49 -67.28
C ILE C 193 0.92 121.67 -66.85
N SER C 194 0.50 120.64 -67.59
CA SER C 194 -0.76 119.96 -67.22
C SER C 194 -0.64 119.36 -65.82
N LEU C 195 -1.78 119.22 -65.16
CA LEU C 195 -1.89 118.57 -63.87
C LEU C 195 -1.82 117.07 -64.09
N LEU C 196 -1.29 116.33 -63.10
CA LEU C 196 -1.18 114.88 -63.23
C LEU C 196 -2.49 114.22 -62.87
N ASP C 197 -3.46 114.98 -62.40
CA ASP C 197 -4.71 114.39 -61.92
C ASP C 197 -5.36 113.60 -63.06
N GLY C 198 -5.78 112.37 -62.76
CA GLY C 198 -6.40 111.63 -63.85
C GLY C 198 -5.45 111.10 -64.95
N LYS C 199 -4.17 111.53 -65.01
CA LYS C 199 -3.29 110.90 -65.97
C LYS C 199 -3.06 109.43 -65.63
N LYS C 200 -2.78 108.56 -66.62
CA LYS C 200 -2.53 107.15 -66.36
C LYS C 200 -1.24 106.69 -67.01
N VAL C 201 -0.79 107.36 -68.08
CA VAL C 201 0.41 106.98 -68.80
C VAL C 201 1.29 108.18 -68.96
N VAL C 202 2.57 108.03 -68.70
CA VAL C 202 3.49 109.11 -69.03
C VAL C 202 4.42 108.59 -70.12
N TYR C 203 4.63 109.43 -71.14
CA TYR C 203 5.47 109.02 -72.23
C TYR C 203 6.79 109.76 -72.12
N ASP C 204 7.89 109.01 -71.96
CA ASP C 204 9.22 109.57 -71.89
C ASP C 204 9.70 109.82 -73.33
N ILE C 205 9.60 111.09 -73.77
CA ILE C 205 10.01 111.50 -75.09
C ILE C 205 11.46 111.10 -75.35
N ALA C 206 12.36 111.24 -74.38
CA ALA C 206 13.75 111.06 -74.73
C ALA C 206 14.09 109.59 -75.04
N THR C 207 13.41 108.60 -74.41
CA THR C 207 13.68 107.20 -74.67
C THR C 207 12.50 106.53 -75.40
N GLN C 208 11.48 107.30 -75.81
CA GLN C 208 10.29 106.79 -76.47
C GLN C 208 9.76 105.52 -75.78
N THR C 209 9.54 105.64 -74.46
CA THR C 209 8.94 104.58 -73.65
C THR C 209 7.71 105.12 -72.94
N SER C 210 6.59 104.42 -73.03
CA SER C 210 5.47 104.66 -72.14
C SER C 210 5.64 103.98 -70.77
N TYR C 211 5.07 104.59 -69.72
CA TYR C 211 5.04 103.99 -68.39
C TYR C 211 3.74 104.29 -67.70
N GLY C 212 3.39 103.45 -66.71
CA GLY C 212 2.23 103.70 -65.90
C GLY C 212 2.64 104.64 -64.77
N LEU C 213 1.65 105.41 -64.36
CA LEU C 213 1.84 106.40 -63.32
C LEU C 213 1.39 105.84 -61.97
N PRO C 214 2.19 105.93 -60.89
CA PRO C 214 1.72 105.54 -59.54
C PRO C 214 0.77 106.60 -58.99
N THR C 215 0.28 106.41 -57.76
CA THR C 215 -0.63 107.37 -57.15
C THR C 215 0.16 108.60 -56.74
N ILE C 216 -0.37 109.77 -57.10
CA ILE C 216 0.27 111.07 -57.00
C ILE C 216 -0.80 111.92 -56.33
N PRO C 217 -0.48 112.76 -55.31
CA PRO C 217 -1.47 113.72 -54.78
C PRO C 217 -2.04 114.61 -55.90
N ASP C 218 -3.34 114.91 -55.84
CA ASP C 218 -3.98 115.85 -56.78
C ASP C 218 -3.29 117.19 -56.75
N GLY C 219 -3.31 117.90 -57.88
CA GLY C 219 -2.68 119.21 -57.94
C GLY C 219 -1.20 119.14 -58.28
N SER C 220 -0.68 117.98 -58.73
CA SER C 220 0.76 117.90 -58.99
C SER C 220 1.10 118.13 -60.47
N VAL C 221 2.34 118.52 -60.76
CA VAL C 221 2.82 118.69 -62.13
C VAL C 221 4.18 118.06 -62.26
N ILE C 222 4.55 117.73 -63.52
CA ILE C 222 5.86 117.16 -63.73
C ILE C 222 6.91 118.23 -63.49
N SER C 223 8.00 117.82 -62.89
CA SER C 223 9.13 118.72 -62.85
C SER C 223 10.17 118.17 -63.82
N SER C 224 10.40 116.85 -63.78
CA SER C 224 11.20 116.20 -64.79
C SER C 224 10.97 114.70 -64.76
N VAL C 225 11.21 114.05 -65.90
CA VAL C 225 11.09 112.61 -66.01
C VAL C 225 12.37 112.12 -66.62
N SER C 226 12.91 111.03 -66.11
CA SER C 226 14.26 110.65 -66.49
C SER C 226 14.57 109.28 -65.93
N ALA C 227 15.00 108.35 -66.79
CA ALA C 227 15.54 107.08 -66.35
C ALA C 227 14.59 106.35 -65.42
N GLY C 228 13.30 106.22 -65.76
CA GLY C 228 12.38 105.40 -65.00
C GLY C 228 11.79 106.16 -63.81
N LYS C 229 12.19 107.43 -63.67
CA LYS C 229 11.82 108.23 -62.51
C LYS C 229 11.03 109.47 -62.92
N LEU C 230 10.00 109.77 -62.12
CA LEU C 230 9.22 110.99 -62.25
C LEU C 230 9.48 111.87 -61.01
N ASN C 231 9.90 113.11 -61.25
CA ASN C 231 9.94 114.14 -60.20
C ASN C 231 8.76 115.07 -60.38
N TYR C 232 7.99 115.23 -59.30
CA TYR C 232 6.84 116.10 -59.37
C TYR C 232 6.87 117.18 -58.30
N ASN C 233 6.02 118.20 -58.50
CA ASN C 233 5.82 119.32 -57.59
C ASN C 233 4.34 119.49 -57.36
N PRO C 234 3.87 120.12 -56.24
CA PRO C 234 4.76 120.62 -55.19
C PRO C 234 5.39 119.49 -54.39
N GLY C 235 6.62 119.73 -53.90
CA GLY C 235 7.24 118.94 -52.85
C GLY C 235 8.56 118.28 -53.25
N ASP C 236 9.00 118.46 -54.50
CA ASP C 236 10.21 117.88 -55.05
C ASP C 236 10.24 116.40 -54.74
N VAL C 237 9.13 115.73 -55.03
CA VAL C 237 9.00 114.31 -54.70
C VAL C 237 9.44 113.52 -55.93
N GLN C 238 10.17 112.42 -55.72
CA GLN C 238 10.47 111.49 -56.78
C GLN C 238 9.74 110.17 -56.51
N VAL C 239 9.25 109.56 -57.61
CA VAL C 239 8.58 108.29 -57.52
C VAL C 239 9.02 107.45 -58.73
N ASP C 240 9.20 106.13 -58.59
CA ASP C 240 9.49 105.26 -59.73
C ASP C 240 8.25 105.14 -60.61
N LEU C 241 8.45 105.21 -61.95
CA LEU C 241 7.33 104.99 -62.85
C LEU C 241 7.09 103.49 -62.95
N LEU C 242 5.86 103.07 -63.32
CA LEU C 242 5.46 101.68 -63.30
C LEU C 242 5.53 101.13 -64.72
N PRO C 243 5.68 99.80 -64.87
CA PRO C 243 5.44 99.18 -66.18
C PRO C 243 3.96 99.37 -66.48
N LEU C 244 3.59 99.25 -67.77
CA LEU C 244 2.19 99.42 -68.11
C LEU C 244 1.39 98.26 -67.57
N GLU C 245 0.09 98.48 -67.36
CA GLU C 245 -0.79 97.47 -66.78
C GLU C 245 -0.72 96.22 -67.65
N ASP C 246 -0.81 96.40 -68.97
CA ASP C 246 -0.84 95.26 -69.87
C ASP C 246 0.56 94.93 -70.37
N SER C 247 1.55 94.72 -69.47
CA SER C 247 2.88 94.31 -69.91
C SER C 247 3.26 92.96 -69.30
N PHE C 248 4.27 92.34 -69.89
CA PHE C 248 4.92 91.15 -69.38
C PHE C 248 5.39 91.40 -67.95
N ILE C 249 6.20 92.45 -67.72
CA ILE C 249 6.82 92.75 -66.43
C ILE C 249 5.76 92.98 -65.36
N ASN C 250 4.62 93.57 -65.71
CA ASN C 250 3.58 93.69 -64.70
C ASN C 250 3.05 92.32 -64.26
N VAL C 251 2.85 91.40 -65.22
CA VAL C 251 2.30 90.08 -64.89
C VAL C 251 3.35 89.32 -64.06
N ILE C 252 4.61 89.33 -64.50
CA ILE C 252 5.65 88.66 -63.74
C ILE C 252 5.76 89.23 -62.32
N ASN C 253 5.70 90.57 -62.14
CA ASN C 253 5.79 91.18 -60.84
C ASN C 253 4.59 90.77 -59.99
N THR C 254 3.42 90.68 -60.62
CA THR C 254 2.24 90.43 -59.85
C THR C 254 2.32 88.99 -59.29
N LEU C 255 2.73 88.02 -60.13
CA LEU C 255 2.74 86.62 -59.72
C LEU C 255 3.84 86.42 -58.68
N GLY C 256 4.92 87.19 -58.82
CA GLY C 256 6.14 87.10 -58.03
C GLY C 256 5.96 87.69 -56.63
N ARG C 257 4.78 88.24 -56.31
CA ARG C 257 4.61 88.76 -54.97
C ARG C 257 4.42 87.62 -53.97
N ASN C 258 4.66 87.95 -52.70
CA ASN C 258 4.56 87.00 -51.60
C ASN C 258 3.27 86.21 -51.61
N ASP C 259 2.17 86.84 -52.06
CA ASP C 259 0.88 86.18 -52.00
C ASP C 259 0.52 85.64 -53.38
N GLY C 260 1.51 85.58 -54.25
CA GLY C 260 1.35 85.23 -55.66
C GLY C 260 0.56 83.94 -55.92
N ALA C 261 0.53 82.99 -54.97
CA ALA C 261 -0.03 81.68 -55.26
C ALA C 261 -1.51 81.85 -55.50
N LYS C 262 -2.06 82.99 -55.01
CA LYS C 262 -3.48 83.17 -55.05
C LYS C 262 -3.98 83.34 -56.50
N TYR C 263 -3.08 83.60 -57.46
CA TYR C 263 -3.56 83.86 -58.83
C TYR C 263 -3.73 82.54 -59.60
N ILE C 264 -3.25 81.43 -59.03
CA ILE C 264 -3.36 80.16 -59.72
C ILE C 264 -4.73 79.60 -59.36
N GLY C 265 -5.56 79.35 -60.37
CA GLY C 265 -6.92 78.96 -60.09
C GLY C 265 -6.99 77.52 -59.58
N GLU C 266 -8.17 77.16 -59.07
CA GLU C 266 -8.36 75.84 -58.50
C GLU C 266 -9.78 75.38 -58.70
N CYS C 267 -9.99 74.07 -58.61
CA CYS C 267 -11.32 73.51 -58.77
C CYS C 267 -12.02 73.58 -57.42
N HIS C 268 -13.31 73.92 -57.40
CA HIS C 268 -13.93 74.34 -56.15
C HIS C 268 -14.60 73.16 -55.44
N SER C 269 -14.73 72.04 -56.15
CA SER C 269 -15.49 70.92 -55.64
C SER C 269 -15.22 69.73 -56.57
N VAL C 270 -15.45 68.51 -56.11
CA VAL C 270 -15.22 67.42 -57.03
C VAL C 270 -16.30 67.50 -58.12
N ALA C 271 -17.45 68.10 -57.82
CA ALA C 271 -18.50 68.20 -58.83
C ALA C 271 -17.99 68.99 -60.05
N ASP C 272 -17.38 70.17 -59.80
CA ASP C 272 -16.64 70.96 -60.77
C ASP C 272 -15.58 70.13 -61.49
N LEU C 273 -14.83 69.34 -60.73
CA LEU C 273 -13.73 68.63 -61.33
C LEU C 273 -14.24 67.62 -62.38
N ARG C 274 -15.41 67.01 -62.16
CA ARG C 274 -15.94 66.00 -63.08
C ARG C 274 -16.26 66.61 -64.46
N ASN C 275 -16.48 67.94 -64.45
CA ASN C 275 -16.85 68.77 -65.59
C ASN C 275 -15.67 69.56 -66.14
N THR C 276 -14.45 69.30 -65.65
CA THR C 276 -13.28 70.01 -66.15
C THR C 276 -12.49 69.00 -66.92
N GLU C 277 -12.34 69.18 -68.24
CA GLU C 277 -11.69 68.14 -69.03
C GLU C 277 -10.22 68.49 -69.17
N PRO C 278 -9.30 67.54 -68.96
CA PRO C 278 -7.89 67.85 -69.09
C PRO C 278 -7.63 67.99 -70.59
N THR C 279 -6.52 68.64 -70.97
CA THR C 279 -6.13 68.90 -72.35
C THR C 279 -4.74 68.31 -72.60
N MET C 280 -3.96 68.04 -71.55
CA MET C 280 -2.69 67.32 -71.67
C MET C 280 -2.68 66.09 -70.77
N ASP C 281 -1.77 65.17 -71.06
CA ASP C 281 -1.74 63.94 -70.27
C ASP C 281 -0.95 64.24 -69.00
N GLY C 282 -1.44 63.77 -67.84
CA GLY C 282 -0.68 64.05 -66.64
C GLY C 282 -0.84 65.50 -66.16
N GLN C 283 -1.85 66.20 -66.70
CA GLN C 283 -2.10 67.59 -66.37
C GLN C 283 -2.31 67.71 -64.86
N ARG C 284 -1.64 68.65 -64.19
CA ARG C 284 -1.87 68.96 -62.78
C ARG C 284 -3.08 69.87 -62.61
N ILE C 285 -3.91 69.55 -61.61
CA ILE C 285 -4.97 70.48 -61.24
C ILE C 285 -5.05 70.55 -59.72
N ILE C 286 -5.38 71.72 -59.16
CA ILE C 286 -5.50 71.89 -57.72
C ILE C 286 -6.98 71.82 -57.37
N LEU C 287 -7.33 70.95 -56.40
CA LEU C 287 -8.68 70.94 -55.86
C LEU C 287 -8.67 71.68 -54.52
N LYS C 288 -9.55 72.68 -54.40
CA LYS C 288 -9.61 73.48 -53.19
C LYS C 288 -10.21 72.66 -52.04
N GLN C 289 -11.22 71.83 -52.34
CA GLN C 289 -11.92 71.11 -51.31
C GLN C 289 -12.87 70.14 -52.01
N HIS C 290 -13.34 69.15 -51.28
CA HIS C 290 -14.15 68.10 -51.84
C HIS C 290 -15.53 68.63 -52.18
N THR C 291 -16.17 69.24 -51.19
CA THR C 291 -17.55 69.72 -51.26
C THR C 291 -17.57 71.26 -51.12
N ALA C 292 -18.47 71.89 -51.89
CA ALA C 292 -18.44 73.35 -52.02
C ALA C 292 -18.57 73.99 -50.64
N GLY C 293 -17.60 74.83 -50.31
CA GLY C 293 -17.69 75.68 -49.14
C GLY C 293 -17.40 74.98 -47.81
N THR C 294 -16.38 74.11 -47.75
CA THR C 294 -16.04 73.41 -46.53
C THR C 294 -14.56 73.59 -46.24
N LEU C 295 -13.76 73.86 -47.27
CA LEU C 295 -12.31 73.86 -47.12
C LEU C 295 -11.78 72.51 -46.62
N LEU C 296 -12.55 71.42 -46.79
CA LEU C 296 -11.89 70.15 -46.45
C LEU C 296 -11.66 69.29 -47.69
N GLY C 297 -10.61 68.45 -47.68
CA GLY C 297 -10.55 67.36 -48.64
C GLY C 297 -9.87 67.74 -49.96
N GLY C 298 -9.25 68.91 -49.99
CA GLY C 298 -8.55 69.37 -51.17
C GLY C 298 -7.25 68.61 -51.39
N GLY C 299 -6.57 68.89 -52.49
CA GLY C 299 -5.22 68.40 -52.78
C GLY C 299 -4.94 68.59 -54.27
N VAL C 300 -3.89 67.97 -54.76
CA VAL C 300 -3.54 67.99 -56.17
C VAL C 300 -4.01 66.70 -56.86
N PHE C 301 -4.48 66.81 -58.10
CA PHE C 301 -4.80 65.62 -58.89
C PHE C 301 -4.08 65.67 -60.24
N ARG C 302 -3.93 64.51 -60.91
CA ARG C 302 -3.37 64.43 -62.26
C ARG C 302 -4.29 63.68 -63.22
N ALA C 303 -4.24 64.05 -64.51
CA ALA C 303 -5.20 63.51 -65.46
C ALA C 303 -4.61 62.31 -66.19
N LEU C 304 -5.45 61.29 -66.37
CA LEU C 304 -5.34 60.32 -67.45
C LEU C 304 -6.42 60.67 -68.45
N ILE C 305 -5.99 61.03 -69.67
CA ILE C 305 -6.98 61.50 -70.63
C ILE C 305 -7.88 60.33 -71.01
N ASP C 306 -7.27 59.14 -71.08
CA ASP C 306 -8.01 57.93 -71.32
C ASP C 306 -8.40 57.28 -69.99
N GLY C 307 -9.67 57.47 -69.64
CA GLY C 307 -10.22 57.07 -68.37
C GLY C 307 -10.31 55.56 -68.24
N THR C 308 -10.93 54.91 -69.23
CA THR C 308 -11.28 53.48 -69.22
C THR C 308 -10.30 52.68 -68.35
N GLY C 309 -10.84 51.73 -67.59
CA GLY C 309 -10.01 50.98 -66.65
C GLY C 309 -9.91 51.62 -65.25
N LYS C 310 -10.66 52.72 -65.00
CA LYS C 310 -10.66 53.46 -63.74
C LYS C 310 -12.11 53.76 -63.36
N THR C 311 -12.41 53.66 -62.05
CA THR C 311 -13.78 53.89 -61.62
C THR C 311 -13.86 55.10 -60.67
N ASP C 312 -14.93 55.89 -60.77
CA ASP C 312 -15.08 57.03 -59.88
C ASP C 312 -15.31 56.52 -58.46
N ASN C 313 -14.49 56.95 -57.47
CA ASN C 313 -14.68 56.53 -56.07
C ASN C 313 -15.01 57.72 -55.16
N ASN C 314 -15.19 58.89 -55.74
CA ASN C 314 -15.64 60.09 -55.05
C ASN C 314 -14.58 60.61 -54.10
N GLY C 315 -13.29 60.33 -54.37
CA GLY C 315 -12.30 60.94 -53.49
C GLY C 315 -10.87 60.89 -54.02
N THR C 316 -10.47 59.78 -54.68
CA THR C 316 -9.09 59.72 -55.14
C THR C 316 -9.07 59.44 -56.66
N VAL C 317 -10.18 58.99 -57.21
CA VAL C 317 -10.32 58.79 -58.63
C VAL C 317 -11.62 59.47 -58.97
N ILE C 318 -11.52 60.55 -59.78
CA ILE C 318 -12.69 61.32 -60.16
C ILE C 318 -12.74 61.29 -61.70
N LYS C 319 -13.87 60.80 -62.23
CA LYS C 319 -14.02 60.59 -63.67
C LYS C 319 -14.82 61.72 -64.29
N THR C 320 -14.39 62.22 -65.48
CA THR C 320 -15.05 63.34 -66.13
C THR C 320 -16.17 62.82 -67.02
N VAL C 321 -17.15 63.67 -67.30
CA VAL C 321 -18.24 63.30 -68.19
C VAL C 321 -17.70 62.93 -69.57
N GLY C 322 -16.40 63.12 -69.80
CA GLY C 322 -15.69 62.88 -71.06
C GLY C 322 -14.72 61.70 -70.99
N GLY C 323 -14.72 61.03 -69.82
CA GLY C 323 -14.06 59.74 -69.63
C GLY C 323 -12.58 59.86 -69.26
N ALA C 324 -12.18 61.09 -68.91
CA ALA C 324 -10.87 61.24 -68.29
C ALA C 324 -11.01 60.88 -66.81
N ALA C 325 -9.87 60.54 -66.24
CA ALA C 325 -9.78 60.23 -64.84
C ALA C 325 -8.84 61.24 -64.18
N TRP C 326 -9.35 61.91 -63.15
CA TRP C 326 -8.47 62.70 -62.32
C TRP C 326 -8.04 61.82 -61.16
N LEU C 327 -6.73 61.76 -60.90
CA LEU C 327 -6.20 60.83 -59.94
C LEU C 327 -5.55 61.61 -58.81
N ARG C 328 -5.98 61.38 -57.54
CA ARG C 328 -5.42 62.21 -56.48
C ARG C 328 -3.94 61.86 -56.39
N VAL C 329 -3.07 62.83 -56.18
CA VAL C 329 -1.67 62.58 -55.87
C VAL C 329 -1.57 62.31 -54.36
N ASN C 330 -1.25 61.04 -54.03
CA ASN C 330 -1.35 60.56 -52.65
C ASN C 330 -0.68 59.18 -52.65
N ALA C 331 0.59 59.14 -52.28
CA ALA C 331 1.39 57.90 -52.22
C ALA C 331 0.75 56.88 -51.29
N ASP C 332 0.33 57.29 -50.06
CA ASP C 332 0.14 56.35 -48.97
C ASP C 332 -1.32 56.26 -48.52
N ARG C 333 -1.62 56.59 -47.24
CA ARG C 333 -2.93 56.26 -46.70
C ARG C 333 -3.99 57.24 -47.20
N VAL C 334 -5.27 56.84 -47.18
CA VAL C 334 -6.31 57.84 -47.43
C VAL C 334 -6.87 58.30 -46.08
N ASN C 335 -7.61 59.43 -46.04
CA ASN C 335 -8.32 59.83 -44.82
C ASN C 335 -9.74 60.22 -45.21
N PRO C 336 -10.75 60.16 -44.32
CA PRO C 336 -12.14 60.39 -44.75
C PRO C 336 -12.47 61.75 -45.40
N PHE C 337 -11.66 62.77 -45.09
CA PHE C 337 -11.87 64.12 -45.60
C PHE C 337 -11.66 64.11 -47.11
N MET C 338 -10.81 63.21 -47.62
CA MET C 338 -10.55 63.05 -49.03
C MET C 338 -11.82 62.63 -49.76
N PHE C 339 -12.75 61.97 -49.06
CA PHE C 339 -13.94 61.43 -49.71
C PHE C 339 -15.17 62.22 -49.27
N GLY C 340 -14.95 63.39 -48.66
CA GLY C 340 -16.07 64.29 -48.33
C GLY C 340 -16.63 64.22 -46.90
N ALA C 341 -15.89 63.66 -45.93
CA ALA C 341 -16.28 63.81 -44.53
C ALA C 341 -16.14 65.26 -44.09
N LEU C 342 -16.97 65.66 -43.13
CA LEU C 342 -16.95 67.04 -42.67
C LEU C 342 -16.53 67.11 -41.19
N GLY C 343 -16.58 65.98 -40.48
CA GLY C 343 -16.26 66.03 -39.05
C GLY C 343 -17.44 66.65 -38.30
N GLY C 344 -17.13 67.10 -37.07
CA GLY C 344 -18.15 67.69 -36.21
C GLY C 344 -19.32 66.72 -36.07
N SER C 345 -20.53 67.21 -36.26
CA SER C 345 -21.71 66.41 -36.03
C SER C 345 -22.21 65.79 -37.35
N ASN C 346 -21.40 65.88 -38.41
CA ASN C 346 -21.84 65.29 -39.67
C ASN C 346 -21.79 63.76 -39.65
N ASP C 347 -22.78 63.10 -40.29
CA ASP C 347 -22.74 61.67 -40.56
C ASP C 347 -21.73 61.35 -41.68
N ASP C 348 -20.56 60.82 -41.32
CA ASP C 348 -19.42 60.61 -42.21
C ASP C 348 -19.33 59.13 -42.60
N THR C 349 -20.48 58.43 -42.54
CA THR C 349 -20.50 57.01 -42.81
C THR C 349 -19.96 56.71 -44.19
N ILE C 350 -20.50 57.38 -45.21
CA ILE C 350 -20.16 57.00 -46.58
C ILE C 350 -18.71 57.34 -46.86
N PRO C 351 -18.19 58.54 -46.52
CA PRO C 351 -16.76 58.80 -46.65
C PRO C 351 -15.86 57.77 -45.93
N VAL C 352 -16.21 57.34 -44.71
CA VAL C 352 -15.36 56.36 -44.01
C VAL C 352 -15.43 55.03 -44.77
N GLN C 353 -16.62 54.60 -45.23
CA GLN C 353 -16.74 53.35 -45.94
C GLN C 353 -15.91 53.39 -47.21
N SER C 354 -15.92 54.55 -47.91
CA SER C 354 -15.17 54.68 -49.13
C SER C 354 -13.68 54.56 -48.87
N CYS C 355 -13.19 55.03 -47.71
CA CYS C 355 -11.78 54.85 -47.39
C CYS C 355 -11.43 53.38 -47.21
N VAL C 356 -12.18 52.66 -46.41
CA VAL C 356 -11.78 51.27 -46.16
C VAL C 356 -11.96 50.41 -47.42
N ASP C 357 -12.82 50.85 -48.34
CA ASP C 357 -12.95 50.17 -49.63
C ASP C 357 -11.98 50.72 -50.69
N SER C 358 -11.10 51.69 -50.38
CA SER C 358 -10.35 52.36 -51.43
C SER C 358 -9.25 51.50 -52.09
N GLY C 359 -8.76 50.46 -51.39
CA GLY C 359 -7.55 49.82 -51.85
C GLY C 359 -6.30 50.33 -51.11
N LYS C 360 -6.47 51.25 -50.17
CA LYS C 360 -5.38 51.60 -49.28
C LYS C 360 -5.83 51.62 -47.83
N ALA C 361 -4.83 51.64 -46.93
CA ALA C 361 -5.14 51.77 -45.52
C ALA C 361 -5.66 53.20 -45.25
N THR C 362 -6.47 53.34 -44.18
CA THR C 362 -7.10 54.58 -43.77
C THR C 362 -6.38 55.15 -42.55
N GLN C 363 -6.11 56.46 -42.56
CA GLN C 363 -5.62 57.18 -41.40
C GLN C 363 -6.79 57.99 -40.86
N LEU C 364 -7.18 57.80 -39.57
CA LEU C 364 -8.13 58.68 -38.94
C LEU C 364 -7.33 59.84 -38.32
N THR C 365 -7.72 61.08 -38.64
CA THR C 365 -6.97 62.26 -38.24
C THR C 365 -7.82 63.08 -37.26
N ASP C 366 -9.03 62.62 -36.92
CA ASP C 366 -10.00 63.41 -36.15
C ASP C 366 -11.07 62.43 -35.69
N ALA C 367 -12.18 62.91 -35.11
CA ALA C 367 -13.31 62.08 -34.71
C ALA C 367 -14.36 62.09 -35.83
N HIS C 368 -14.93 60.94 -36.22
CA HIS C 368 -15.91 60.87 -37.29
C HIS C 368 -17.14 60.12 -36.80
N TYR C 369 -18.34 60.66 -37.00
CA TYR C 369 -19.55 59.88 -36.73
C TYR C 369 -19.86 58.94 -37.88
N VAL C 370 -20.31 57.71 -37.54
CA VAL C 370 -20.68 56.71 -38.54
C VAL C 370 -21.90 55.97 -37.99
N SER C 371 -22.66 55.31 -38.87
CA SER C 371 -23.65 54.39 -38.38
C SER C 371 -23.02 52.97 -38.28
N ASN C 372 -22.58 52.40 -39.42
CA ASN C 372 -22.06 51.04 -39.51
C ASN C 372 -21.06 51.03 -40.68
N ILE C 373 -19.88 50.44 -40.44
CA ILE C 373 -18.80 50.29 -41.40
C ILE C 373 -18.47 48.80 -41.53
N GLN C 374 -18.11 48.36 -42.74
CA GLN C 374 -17.67 46.98 -42.97
C GLN C 374 -16.24 47.00 -43.50
N LEU C 375 -15.37 46.15 -42.95
CA LEU C 375 -14.02 45.94 -43.48
C LEU C 375 -14.06 44.67 -44.30
N LYS C 376 -13.56 44.76 -45.55
CA LYS C 376 -13.84 43.72 -46.54
C LYS C 376 -12.56 43.19 -47.16
N TYR C 377 -11.47 43.98 -47.15
CA TYR C 377 -10.33 43.61 -47.98
C TYR C 377 -9.03 43.62 -47.18
N ASN C 378 -7.97 43.09 -47.78
CA ASN C 378 -6.70 42.98 -47.13
C ASN C 378 -6.02 44.35 -47.13
N THR C 379 -6.69 45.35 -47.70
CA THR C 379 -6.22 46.73 -47.65
C THR C 379 -6.95 47.55 -46.57
N SER C 380 -7.99 46.99 -45.95
CA SER C 380 -8.87 47.75 -45.07
C SER C 380 -8.28 47.99 -43.67
N SER C 381 -6.97 48.22 -43.56
CA SER C 381 -6.36 48.63 -42.31
C SER C 381 -6.85 50.02 -41.91
N ILE C 382 -6.90 50.30 -40.60
CA ILE C 382 -7.22 51.62 -40.07
C ILE C 382 -6.18 51.99 -39.02
N TYR C 383 -5.62 53.19 -39.14
CA TYR C 383 -4.67 53.69 -38.14
C TYR C 383 -5.10 55.08 -37.64
N GLY C 384 -4.89 55.37 -36.35
CA GLY C 384 -5.12 56.70 -35.81
C GLY C 384 -3.83 57.20 -35.18
N SER C 385 -3.93 58.10 -34.19
CA SER C 385 -2.75 58.57 -33.48
C SER C 385 -2.98 58.62 -31.95
N GLY C 386 -3.91 57.82 -31.45
CA GLY C 386 -4.18 57.83 -30.01
C GLY C 386 -5.46 57.03 -29.75
N LEU C 387 -5.76 56.77 -28.48
CA LEU C 387 -6.88 55.92 -28.14
C LEU C 387 -8.15 56.75 -28.01
N HIS C 388 -8.08 58.08 -28.17
CA HIS C 388 -9.26 58.92 -27.97
C HIS C 388 -9.56 59.85 -29.16
N TYR C 389 -8.59 60.70 -29.50
CA TYR C 389 -8.93 61.86 -30.30
C TYR C 389 -9.13 61.48 -31.76
N SER C 390 -8.41 60.47 -32.23
CA SER C 390 -8.70 59.95 -33.59
C SER C 390 -9.63 58.74 -33.44
N ARG C 391 -10.87 58.82 -33.94
CA ARG C 391 -11.78 57.75 -33.57
C ARG C 391 -12.98 57.75 -34.50
N LEU C 392 -13.70 56.62 -34.53
CA LEU C 392 -15.07 56.55 -35.03
C LEU C 392 -16.03 56.62 -33.86
N HIS C 393 -17.20 57.26 -34.10
CA HIS C 393 -18.24 57.41 -33.10
C HIS C 393 -19.55 56.97 -33.72
N GLN C 394 -20.19 55.99 -33.08
CA GLN C 394 -21.44 55.52 -33.65
C GLN C 394 -22.53 56.56 -33.39
N LEU C 395 -23.31 56.89 -34.42
CA LEU C 395 -24.37 57.88 -34.27
C LEU C 395 -25.42 57.36 -33.31
N PRO C 396 -26.07 58.26 -32.53
CA PRO C 396 -27.06 57.89 -31.55
C PRO C 396 -28.29 57.16 -32.09
N SER C 397 -28.65 57.36 -33.37
CA SER C 397 -29.78 56.62 -33.89
C SER C 397 -29.36 55.31 -34.54
N ALA C 398 -28.05 55.06 -34.68
CA ALA C 398 -27.61 53.83 -35.34
C ALA C 398 -27.73 52.61 -34.40
N THR C 399 -27.96 51.45 -35.00
CA THR C 399 -28.02 50.24 -34.20
C THR C 399 -27.05 49.22 -34.83
N GLY C 400 -26.85 48.04 -34.22
CA GLY C 400 -26.02 47.00 -34.82
C GLY C 400 -24.52 47.32 -34.61
N ASN C 401 -23.66 46.85 -35.51
CA ASN C 401 -22.23 46.84 -35.27
C ASN C 401 -21.61 48.07 -35.88
N CYS C 402 -20.86 48.78 -35.05
CA CYS C 402 -20.18 49.95 -35.55
C CYS C 402 -19.20 49.53 -36.64
N ILE C 403 -18.38 48.50 -36.35
CA ILE C 403 -17.47 48.00 -37.38
C ILE C 403 -17.74 46.51 -37.50
N THR C 404 -17.85 46.00 -38.71
CA THR C 404 -17.91 44.55 -38.88
C THR C 404 -16.71 44.15 -39.72
N ILE C 405 -16.01 43.09 -39.28
CA ILE C 405 -14.91 42.56 -40.07
C ILE C 405 -15.48 41.39 -40.83
N LYS C 406 -15.60 41.53 -42.15
CA LYS C 406 -16.21 40.51 -42.99
C LYS C 406 -15.24 39.35 -43.23
N ASP C 407 -15.78 38.22 -43.66
CA ASP C 407 -14.97 36.99 -43.73
C ASP C 407 -14.08 36.98 -44.95
N THR C 408 -14.12 38.06 -45.77
CA THR C 408 -13.20 38.20 -46.89
C THR C 408 -11.97 39.06 -46.50
N CYS C 409 -11.97 39.59 -45.28
CA CYS C 409 -10.94 40.51 -44.82
C CYS C 409 -9.91 39.79 -43.94
N SER C 410 -8.63 39.80 -44.35
CA SER C 410 -7.56 39.19 -43.58
C SER C 410 -6.34 40.09 -43.65
N LEU C 411 -5.44 39.96 -42.66
CA LEU C 411 -4.07 40.48 -42.74
C LEU C 411 -4.03 42.01 -42.71
N ILE C 412 -5.02 42.59 -42.05
CA ILE C 412 -5.04 44.02 -41.80
C ILE C 412 -4.53 44.32 -40.39
N VAL C 413 -4.32 45.62 -40.14
CA VAL C 413 -3.99 46.10 -38.83
C VAL C 413 -5.02 47.14 -38.46
N LEU C 414 -5.54 47.10 -37.22
CA LEU C 414 -6.36 48.19 -36.70
C LEU C 414 -5.56 48.71 -35.52
N ASP C 415 -5.11 49.97 -35.59
CA ASP C 415 -4.08 50.42 -34.65
C ASP C 415 -4.30 51.88 -34.19
N ALA C 416 -4.32 52.09 -32.86
CA ALA C 416 -4.28 53.38 -32.16
C ALA C 416 -5.43 54.28 -32.59
N PHE C 417 -6.67 53.81 -32.44
CA PHE C 417 -7.81 54.68 -32.59
C PHE C 417 -8.93 54.23 -31.67
N GLY C 418 -9.93 55.10 -31.51
CA GLY C 418 -11.07 54.78 -30.69
C GLY C 418 -12.26 54.36 -31.56
N VAL C 419 -13.15 53.56 -30.95
CA VAL C 419 -14.44 53.17 -31.50
C VAL C 419 -15.43 53.39 -30.36
N TYR C 420 -16.23 54.46 -30.45
CA TYR C 420 -17.05 54.91 -29.32
C TYR C 420 -18.51 54.84 -29.71
N GLY C 421 -19.37 54.39 -28.78
CA GLY C 421 -20.81 54.47 -28.97
C GLY C 421 -21.40 55.51 -28.01
N THR C 422 -22.74 55.50 -27.93
CA THR C 422 -23.52 56.49 -27.17
C THR C 422 -23.08 56.63 -25.72
N GLY C 423 -22.66 55.52 -25.07
CA GLY C 423 -22.37 55.53 -23.66
C GLY C 423 -20.88 55.73 -23.37
N ALA C 424 -20.12 56.26 -24.31
CA ALA C 424 -18.68 56.19 -24.13
C ALA C 424 -18.20 56.96 -22.91
N GLN C 425 -18.87 58.10 -22.60
CA GLN C 425 -18.43 58.92 -21.49
C GLN C 425 -18.95 58.28 -20.21
N GLN C 426 -18.16 58.34 -19.15
CA GLN C 426 -18.56 57.69 -17.92
C GLN C 426 -19.93 58.15 -17.40
N GLY C 427 -20.72 57.17 -17.01
CA GLY C 427 -22.04 57.34 -16.45
C GLY C 427 -23.08 57.78 -17.47
N THR C 428 -22.89 57.50 -18.76
CA THR C 428 -23.92 57.97 -19.69
C THR C 428 -24.74 56.79 -20.20
N SER C 429 -25.83 57.08 -20.93
CA SER C 429 -26.66 55.95 -21.31
C SER C 429 -26.33 55.49 -22.72
N PHE C 430 -26.99 54.41 -23.17
CA PHE C 430 -26.52 53.63 -24.30
C PHE C 430 -27.57 53.68 -25.40
N THR C 431 -27.20 53.34 -26.64
CA THR C 431 -28.25 52.98 -27.59
C THR C 431 -28.44 51.48 -27.60
N ALA C 432 -29.68 50.99 -27.48
CA ALA C 432 -29.96 49.56 -27.42
C ALA C 432 -29.49 48.88 -28.70
N GLY C 433 -28.90 47.67 -28.59
CA GLY C 433 -28.66 46.83 -29.73
C GLY C 433 -27.36 47.11 -30.47
N THR C 434 -26.37 47.79 -29.85
CA THR C 434 -25.14 48.15 -30.55
C THR C 434 -23.95 47.27 -30.12
N THR C 435 -22.99 47.06 -31.04
CA THR C 435 -21.72 46.41 -30.75
C THR C 435 -20.60 47.28 -31.30
N GLY C 436 -19.44 47.31 -30.64
CA GLY C 436 -18.33 48.12 -31.17
C GLY C 436 -17.70 47.46 -32.42
N ILE C 437 -17.12 46.26 -32.28
CA ILE C 437 -16.46 45.56 -33.39
C ILE C 437 -17.00 44.15 -33.36
N TYR C 438 -17.52 43.70 -34.51
CA TYR C 438 -18.03 42.35 -34.60
C TYR C 438 -17.21 41.64 -35.70
N VAL C 439 -16.78 40.37 -35.44
CA VAL C 439 -16.05 39.62 -36.47
C VAL C 439 -16.92 38.46 -36.87
N GLU C 440 -17.46 38.48 -38.09
CA GLU C 440 -18.57 37.59 -38.42
C GLU C 440 -18.08 36.17 -38.66
N THR C 441 -18.99 35.18 -38.52
CA THR C 441 -18.63 33.79 -38.75
C THR C 441 -18.34 33.53 -40.24
N PRO C 442 -17.19 32.97 -40.64
CA PRO C 442 -16.93 32.75 -42.06
C PRO C 442 -17.88 31.73 -42.69
N SER C 443 -18.21 31.96 -43.97
CA SER C 443 -19.18 31.14 -44.69
C SER C 443 -18.47 30.19 -45.67
N GLY C 444 -17.13 30.12 -45.65
CA GLY C 444 -16.39 29.24 -46.54
C GLY C 444 -14.90 29.34 -46.26
N LEU C 445 -14.13 28.62 -47.08
CA LEU C 445 -12.71 28.40 -46.98
C LEU C 445 -12.12 28.63 -48.37
N SER C 446 -11.08 29.45 -48.49
CA SER C 446 -10.50 29.63 -49.81
C SER C 446 -9.26 28.75 -49.94
N ALA C 447 -8.75 28.61 -51.17
CA ALA C 447 -7.57 27.79 -51.39
C ALA C 447 -6.41 28.65 -51.89
N ASP C 448 -6.54 29.97 -51.88
CA ASP C 448 -5.50 30.82 -52.44
C ASP C 448 -4.99 31.87 -51.44
N TYR C 449 -5.13 31.62 -50.14
CA TYR C 449 -4.59 32.48 -49.11
C TYR C 449 -3.10 32.68 -49.41
N PRO C 450 -2.50 33.88 -49.23
CA PRO C 450 -3.15 35.06 -48.64
C PRO C 450 -3.77 36.04 -49.64
N PHE C 451 -3.91 35.61 -50.89
CA PHE C 451 -4.36 36.44 -52.00
C PHE C 451 -5.85 36.20 -52.23
N HIS C 452 -6.54 35.65 -51.23
CA HIS C 452 -7.96 35.32 -51.43
C HIS C 452 -8.85 36.57 -51.47
N THR C 453 -9.95 36.42 -52.19
CA THR C 453 -10.94 37.47 -52.25
C THR C 453 -12.33 36.93 -51.91
N THR C 454 -12.41 35.68 -51.44
CA THR C 454 -13.64 35.04 -51.00
C THR C 454 -13.50 34.65 -49.52
N ALA C 455 -14.61 34.22 -48.92
CA ALA C 455 -14.70 33.87 -47.50
C ALA C 455 -13.55 32.95 -47.08
N ASP C 456 -12.95 33.25 -45.94
CA ASP C 456 -11.93 32.36 -45.40
C ASP C 456 -11.93 32.51 -43.89
N PRO C 457 -11.60 31.46 -43.10
CA PRO C 457 -11.53 31.63 -41.66
C PRO C 457 -10.21 32.23 -41.16
N ARG C 458 -9.17 32.38 -41.99
CA ARG C 458 -7.88 32.88 -41.46
C ARG C 458 -7.90 34.41 -41.42
N ARG C 459 -8.29 35.02 -40.29
CA ARG C 459 -8.32 36.47 -40.18
C ARG C 459 -6.89 37.01 -40.17
N ASP C 460 -6.01 36.35 -39.42
CA ASP C 460 -4.59 36.67 -39.38
C ASP C 460 -4.43 38.20 -39.29
N LEU C 461 -5.11 38.83 -38.35
CA LEU C 461 -5.06 40.29 -38.27
C LEU C 461 -4.75 40.73 -36.84
N CYS C 462 -4.40 42.00 -36.72
CA CYS C 462 -4.02 42.53 -35.43
C CYS C 462 -4.88 43.73 -35.10
N ILE C 463 -5.44 43.72 -33.88
CA ILE C 463 -6.09 44.87 -33.31
C ILE C 463 -5.21 45.36 -32.18
N SER C 464 -4.65 46.58 -32.31
CA SER C 464 -3.56 46.99 -31.43
C SER C 464 -3.81 48.43 -30.93
N LYS C 465 -3.80 48.62 -29.60
CA LYS C 465 -3.99 49.94 -29.01
C LYS C 465 -5.29 50.56 -29.51
N VAL C 466 -6.35 49.75 -29.56
CA VAL C 466 -7.65 50.24 -29.92
C VAL C 466 -8.49 50.36 -28.65
N HIS C 467 -9.26 51.45 -28.57
CA HIS C 467 -10.07 51.72 -27.40
C HIS C 467 -11.53 51.63 -27.81
N ILE C 468 -12.24 50.64 -27.26
CA ILE C 468 -13.65 50.51 -27.56
C ILE C 468 -14.40 50.94 -26.29
N ALA C 469 -15.37 51.87 -26.41
CA ALA C 469 -16.17 52.30 -25.27
C ALA C 469 -17.62 52.62 -25.70
N GLY C 470 -18.59 52.36 -24.85
CA GLY C 470 -19.88 52.99 -24.97
C GLY C 470 -20.93 52.21 -25.76
N PHE C 471 -20.74 50.90 -25.95
CA PHE C 471 -21.69 50.10 -26.70
C PHE C 471 -22.58 49.32 -25.74
N ASP C 472 -23.76 48.91 -26.24
CA ASP C 472 -24.73 48.24 -25.41
C ASP C 472 -24.36 46.73 -25.27
N GLU C 473 -24.46 45.91 -26.31
CA GLU C 473 -24.41 44.46 -26.16
C GLU C 473 -22.98 43.95 -25.97
N TYR C 474 -22.03 44.43 -26.80
CA TYR C 474 -20.66 43.96 -26.79
C TYR C 474 -19.73 45.09 -27.16
N GLY C 475 -18.57 45.14 -26.51
CA GLY C 475 -17.49 45.95 -27.02
C GLY C 475 -16.91 45.31 -28.28
N LEU C 476 -16.33 44.13 -28.09
CA LEU C 476 -15.73 43.34 -29.16
C LEU C 476 -16.36 41.97 -29.08
N ASN C 477 -16.80 41.45 -30.21
CA ASN C 477 -17.49 40.18 -30.30
C ASN C 477 -16.90 39.40 -31.46
N ILE C 478 -16.04 38.40 -31.14
CA ILE C 478 -15.43 37.59 -32.18
C ILE C 478 -16.20 36.29 -32.32
N ASP C 479 -16.92 36.12 -33.41
CA ASP C 479 -17.77 34.95 -33.49
C ASP C 479 -16.99 33.71 -33.97
N SER C 480 -17.65 32.55 -33.97
CA SER C 480 -16.99 31.27 -34.13
C SER C 480 -16.51 31.05 -35.57
N GLY C 481 -15.47 30.25 -35.73
CA GLY C 481 -14.96 29.95 -37.07
C GLY C 481 -13.80 30.85 -37.49
N ASN C 482 -13.43 31.88 -36.70
CA ASN C 482 -12.37 32.80 -37.12
C ASN C 482 -11.04 32.47 -36.44
N PHE C 483 -9.94 32.38 -37.19
CA PHE C 483 -8.65 32.01 -36.59
C PHE C 483 -7.74 33.23 -36.52
N SER C 484 -6.94 33.33 -35.48
CA SER C 484 -5.85 34.29 -35.41
C SER C 484 -6.30 35.74 -35.48
N VAL C 485 -7.36 36.10 -34.75
CA VAL C 485 -7.56 37.49 -34.42
C VAL C 485 -6.66 37.81 -33.23
N THR C 486 -5.50 38.45 -33.44
CA THR C 486 -4.66 38.90 -32.35
C THR C 486 -5.20 40.21 -31.77
N THR C 487 -5.20 40.37 -30.44
CA THR C 487 -5.29 41.69 -29.84
C THR C 487 -4.04 41.96 -29.02
N ASP C 488 -3.66 43.23 -29.01
CA ASP C 488 -2.53 43.66 -28.23
C ASP C 488 -2.84 45.05 -27.66
N SER C 489 -2.82 45.20 -26.34
CA SER C 489 -3.21 46.47 -25.71
C SER C 489 -4.60 46.93 -26.13
N LEU C 490 -5.57 46.05 -26.14
CA LEU C 490 -6.94 46.47 -26.30
C LEU C 490 -7.44 47.03 -24.96
N LEU C 491 -8.11 48.19 -25.04
CA LEU C 491 -8.75 48.79 -23.90
C LEU C 491 -10.27 48.86 -24.19
N VAL C 492 -11.06 48.20 -23.36
CA VAL C 492 -12.52 48.22 -23.50
C VAL C 492 -13.12 48.79 -22.24
N ASN C 493 -13.95 49.84 -22.33
CA ASN C 493 -14.52 50.46 -21.13
C ASN C 493 -16.01 50.75 -21.39
N HIS C 494 -16.81 50.81 -20.32
CA HIS C 494 -18.16 51.40 -20.33
C HIS C 494 -19.06 50.67 -21.32
N ILE C 495 -19.30 49.39 -21.05
CA ILE C 495 -20.11 48.57 -21.94
C ILE C 495 -21.34 48.19 -21.15
N ASN C 496 -22.52 48.40 -21.73
CA ASN C 496 -23.73 48.15 -20.96
C ASN C 496 -23.86 46.69 -20.55
N GLN C 497 -23.45 45.78 -21.44
CA GLN C 497 -23.53 44.34 -21.19
C GLN C 497 -22.10 43.76 -21.11
N VAL C 498 -21.66 43.09 -22.18
CA VAL C 498 -20.45 42.26 -22.15
C VAL C 498 -19.32 43.02 -22.81
N GLY C 499 -18.20 43.23 -22.07
CA GLY C 499 -17.04 43.88 -22.66
C GLY C 499 -16.54 43.21 -23.95
N VAL C 500 -16.10 41.96 -23.83
CA VAL C 500 -15.50 41.20 -24.94
C VAL C 500 -16.12 39.80 -24.94
N ARG C 501 -16.60 39.37 -26.08
CA ARG C 501 -17.01 38.00 -26.30
C ARG C 501 -16.10 37.36 -27.36
N CYS C 502 -15.67 36.12 -27.06
CA CYS C 502 -14.98 35.33 -28.05
C CYS C 502 -15.62 33.95 -28.10
N ALA C 503 -15.80 33.40 -29.29
CA ALA C 503 -16.47 32.12 -29.45
C ALA C 503 -15.69 31.25 -30.46
N THR C 504 -14.37 31.44 -30.54
CA THR C 504 -13.62 30.80 -31.60
C THR C 504 -12.32 30.15 -31.06
N THR C 505 -11.46 29.62 -31.94
CA THR C 505 -10.26 28.88 -31.59
C THR C 505 -9.04 29.51 -32.23
N ASP C 506 -7.89 29.26 -31.60
CA ASP C 506 -6.58 29.51 -32.19
C ASP C 506 -6.26 31.01 -32.26
N TRP C 507 -6.05 31.61 -31.09
CA TRP C 507 -5.75 33.03 -31.03
C TRP C 507 -4.87 33.35 -29.83
N THR C 508 -4.23 34.52 -29.86
CA THR C 508 -3.45 35.03 -28.74
C THR C 508 -3.83 36.49 -28.50
N TRP C 509 -4.15 36.86 -27.25
CA TRP C 509 -4.33 38.26 -26.86
C TRP C 509 -3.25 38.65 -25.88
N THR C 510 -2.69 39.86 -26.00
CA THR C 510 -1.74 40.30 -24.97
C THR C 510 -2.15 41.65 -24.44
N ASN C 511 -2.03 41.78 -23.11
CA ASN C 511 -2.32 43.03 -22.41
C ASN C 511 -3.74 43.53 -22.70
N ILE C 512 -4.76 42.74 -22.40
CA ILE C 512 -6.13 43.18 -22.62
C ILE C 512 -6.62 43.85 -21.32
N GLN C 513 -7.30 45.01 -21.40
CA GLN C 513 -7.85 45.63 -20.21
C GLN C 513 -9.33 45.87 -20.46
N VAL C 514 -10.19 45.41 -19.54
CA VAL C 514 -11.61 45.65 -19.71
C VAL C 514 -12.14 46.18 -18.38
N ASN C 515 -12.86 47.30 -18.40
CA ASN C 515 -13.30 48.00 -17.20
CA ASN C 515 -13.37 47.85 -17.15
C ASN C 515 -14.76 48.47 -17.34
N THR C 516 -15.63 48.17 -16.38
CA THR C 516 -16.94 48.81 -16.19
C THR C 516 -17.94 48.26 -17.21
N CYS C 517 -18.47 47.09 -16.90
CA CYS C 517 -19.40 46.47 -17.83
C CYS C 517 -20.60 46.07 -17.00
N GLY C 518 -21.80 46.11 -17.58
CA GLY C 518 -23.00 45.82 -16.81
C GLY C 518 -23.19 44.33 -16.56
N LYS C 519 -22.69 43.50 -17.48
CA LYS C 519 -22.59 42.05 -17.33
C LYS C 519 -21.12 41.64 -17.23
N GLN C 520 -20.70 40.56 -17.92
CA GLN C 520 -19.29 40.13 -17.86
C GLN C 520 -18.35 41.16 -18.49
N CYS C 521 -17.15 41.31 -17.93
CA CYS C 521 -16.10 41.87 -18.74
C CYS C 521 -15.67 40.96 -19.89
N LEU C 522 -15.69 39.64 -19.72
CA LEU C 522 -15.18 38.71 -20.75
C LEU C 522 -16.05 37.46 -20.75
N VAL C 523 -16.54 37.10 -21.93
CA VAL C 523 -17.21 35.82 -22.12
C VAL C 523 -16.37 35.00 -23.09
N LEU C 524 -15.93 33.82 -22.66
CA LEU C 524 -15.32 32.84 -23.56
C LEU C 524 -16.36 31.75 -23.67
N ASP C 525 -16.93 31.56 -24.86
CA ASP C 525 -18.02 30.59 -24.96
C ASP C 525 -17.79 29.69 -26.17
N GLY C 526 -17.40 28.44 -25.95
CA GLY C 526 -17.10 27.59 -27.08
C GLY C 526 -15.70 27.84 -27.63
N CYS C 527 -14.77 28.36 -26.80
CA CYS C 527 -13.45 28.67 -27.30
C CYS C 527 -12.51 27.47 -27.14
N GLY C 528 -11.41 27.48 -27.89
CA GLY C 528 -10.42 26.43 -27.77
C GLY C 528 -9.08 27.02 -28.18
N ASN C 529 -8.01 26.49 -27.63
CA ASN C 529 -6.66 26.77 -28.08
C ASN C 529 -6.40 28.27 -28.12
N GLY C 530 -6.84 28.98 -27.09
CA GLY C 530 -6.56 30.40 -26.95
C GLY C 530 -5.50 30.66 -25.88
N ARG C 531 -4.88 31.83 -26.01
CA ARG C 531 -3.89 32.32 -25.06
C ARG C 531 -4.26 33.77 -24.74
N ILE C 532 -4.40 34.05 -23.44
CA ILE C 532 -4.49 35.40 -22.96
C ILE C 532 -3.26 35.60 -22.09
N ILE C 533 -2.43 36.56 -22.45
CA ILE C 533 -1.21 36.80 -21.70
C ILE C 533 -1.24 38.25 -21.20
N GLY C 534 -1.53 38.45 -19.91
CA GLY C 534 -1.59 39.81 -19.43
C GLY C 534 -3.00 40.35 -19.63
N GLY C 535 -3.74 40.47 -18.53
CA GLY C 535 -5.12 40.94 -18.62
C GLY C 535 -5.62 41.56 -17.32
N LYS C 536 -6.52 42.53 -17.43
CA LYS C 536 -7.14 43.11 -16.27
C LYS C 536 -8.64 43.22 -16.56
N PHE C 537 -9.50 42.71 -15.67
CA PHE C 537 -10.95 42.65 -15.89
C PHE C 537 -11.61 43.15 -14.61
N ILE C 538 -12.12 44.40 -14.64
CA ILE C 538 -12.49 45.09 -13.40
C ILE C 538 -13.84 45.74 -13.54
N TRP C 539 -14.55 45.84 -12.41
CA TRP C 539 -15.83 46.55 -12.31
C TRP C 539 -16.84 45.90 -13.24
N ALA C 540 -16.89 44.55 -13.29
CA ALA C 540 -17.93 43.90 -14.08
C ALA C 540 -19.21 43.89 -13.29
N ASN C 541 -20.33 43.51 -13.93
CA ASN C 541 -21.60 43.47 -13.25
C ASN C 541 -21.84 44.81 -12.52
N TRP C 542 -21.54 45.94 -13.19
CA TRP C 542 -21.49 47.30 -12.63
C TRP C 542 -22.93 47.73 -12.35
N GLN C 543 -23.24 47.89 -11.06
CA GLN C 543 -24.64 47.97 -10.68
C GLN C 543 -25.38 49.13 -11.36
N PRO C 544 -24.82 50.35 -11.48
CA PRO C 544 -25.54 51.43 -12.18
C PRO C 544 -26.03 51.16 -13.58
N TYR C 545 -25.46 50.17 -14.30
CA TYR C 545 -25.88 49.96 -15.67
C TYR C 545 -27.17 49.13 -15.67
N GLY C 546 -27.57 48.64 -14.49
CA GLY C 546 -28.93 48.17 -14.24
C GLY C 546 -29.31 46.84 -14.86
N THR C 547 -28.34 45.91 -15.03
CA THR C 547 -28.69 44.63 -15.57
C THR C 547 -29.52 43.86 -14.52
N VAL C 548 -30.38 42.94 -14.97
CA VAL C 548 -31.06 42.17 -13.95
C VAL C 548 -30.21 40.93 -13.64
N GLY C 549 -29.73 40.78 -12.40
CA GLY C 549 -29.11 39.48 -12.11
C GLY C 549 -27.59 39.56 -11.94
N GLN C 550 -26.97 38.40 -11.66
CA GLN C 550 -25.54 38.24 -11.43
C GLN C 550 -24.87 37.75 -12.70
N PHE C 551 -23.71 38.34 -12.96
CA PHE C 551 -22.87 37.93 -14.07
C PHE C 551 -21.46 38.07 -13.51
N PRO C 552 -20.56 37.11 -13.83
CA PRO C 552 -19.21 37.14 -13.27
C PRO C 552 -18.31 38.09 -14.04
N GLY C 553 -17.13 38.47 -13.47
CA GLY C 553 -16.21 39.19 -14.30
C GLY C 553 -15.85 38.45 -15.60
N ILE C 554 -15.64 37.13 -15.54
CA ILE C 554 -15.22 36.31 -16.69
C ILE C 554 -16.09 35.07 -16.69
N THR C 555 -16.76 34.79 -17.81
CA THR C 555 -17.38 33.50 -18.02
C THR C 555 -16.44 32.67 -18.93
N ILE C 556 -16.07 31.46 -18.50
CA ILE C 556 -15.44 30.49 -19.38
C ILE C 556 -16.42 29.31 -19.44
N ASN C 557 -17.08 29.14 -20.58
CA ASN C 557 -18.15 28.15 -20.69
C ASN C 557 -17.87 27.29 -21.90
N ASN C 558 -17.95 25.95 -21.75
CA ASN C 558 -17.89 25.11 -22.93
C ASN C 558 -16.56 25.24 -23.71
N SER C 559 -15.44 25.51 -23.02
CA SER C 559 -14.19 25.83 -23.64
C SER C 559 -13.16 24.76 -23.31
N GLN C 560 -11.98 24.83 -23.95
CA GLN C 560 -11.00 23.78 -23.72
C GLN C 560 -9.62 24.33 -24.10
N ASN C 561 -8.58 23.71 -23.55
CA ASN C 561 -7.19 23.98 -23.96
C ASN C 561 -6.89 25.48 -23.95
N MET C 562 -7.25 26.15 -22.86
CA MET C 562 -7.02 27.58 -22.76
C MET C 562 -5.82 27.82 -21.86
N VAL C 563 -4.95 28.74 -22.25
CA VAL C 563 -3.82 29.10 -21.39
C VAL C 563 -3.96 30.58 -21.08
N ILE C 564 -4.21 30.91 -19.79
CA ILE C 564 -4.53 32.26 -19.38
C ILE C 564 -3.53 32.64 -18.30
N ASN C 565 -2.61 33.54 -18.66
CA ASN C 565 -1.49 33.82 -17.76
C ASN C 565 -1.49 35.31 -17.43
N GLY C 566 -1.23 35.63 -16.17
CA GLY C 566 -0.98 37.01 -15.76
C GLY C 566 -2.27 37.83 -15.84
N ILE C 567 -3.41 37.34 -15.32
CA ILE C 567 -4.59 38.18 -15.35
C ILE C 567 -5.00 38.59 -13.93
N GLU C 568 -5.77 39.69 -13.85
CA GLU C 568 -6.39 40.14 -12.61
C GLU C 568 -7.91 40.26 -12.82
N VAL C 569 -8.71 39.78 -11.85
CA VAL C 569 -10.14 40.09 -11.79
C VAL C 569 -10.43 40.72 -10.44
N GLN C 570 -10.91 41.99 -10.44
CA GLN C 570 -11.09 42.73 -9.20
C GLN C 570 -12.28 43.66 -9.29
N ASP C 571 -12.92 43.95 -8.15
CA ASP C 571 -13.96 44.97 -8.07
C ASP C 571 -15.23 44.59 -8.85
N CYS C 572 -15.43 43.31 -9.15
CA CYS C 572 -16.62 42.95 -9.94
C CYS C 572 -17.83 42.77 -9.02
N GLY C 573 -19.04 42.92 -9.59
CA GLY C 573 -20.22 43.00 -8.72
C GLY C 573 -20.68 41.64 -8.22
N GLY C 574 -20.31 40.59 -8.93
CA GLY C 574 -20.73 39.24 -8.53
C GLY C 574 -19.50 38.35 -8.40
N ASN C 575 -19.64 37.10 -8.88
CA ASN C 575 -18.51 36.19 -8.83
C ASN C 575 -17.38 36.70 -9.70
N GLY C 576 -16.14 36.26 -9.44
CA GLY C 576 -15.02 36.73 -10.24
C GLY C 576 -14.92 36.00 -11.59
N ILE C 577 -14.72 34.69 -11.53
CA ILE C 577 -14.58 33.83 -12.70
C ILE C 577 -15.53 32.66 -12.50
N GLU C 578 -16.41 32.40 -13.47
CA GLU C 578 -17.17 31.15 -13.49
C GLU C 578 -16.67 30.25 -14.64
N ILE C 579 -16.14 29.08 -14.28
CA ILE C 579 -15.66 28.08 -15.23
C ILE C 579 -16.72 26.97 -15.29
N SER C 580 -17.37 26.77 -16.44
CA SER C 580 -18.47 25.81 -16.58
C SER C 580 -18.27 24.91 -17.77
N GLU C 581 -18.47 23.60 -17.59
CA GLU C 581 -18.48 22.66 -18.72
C GLU C 581 -17.22 22.82 -19.57
N SER C 582 -16.06 23.01 -18.92
CA SER C 582 -14.85 23.26 -19.69
C SER C 582 -13.75 22.26 -19.31
N TYR C 583 -12.93 21.87 -20.30
CA TYR C 583 -11.79 21.01 -20.08
C TYR C 583 -10.50 21.83 -20.03
N SER C 584 -9.47 21.29 -19.39
CA SER C 584 -8.09 21.71 -19.63
C SER C 584 -7.92 23.23 -19.69
N ILE C 585 -8.40 23.92 -18.64
CA ILE C 585 -8.14 25.34 -18.47
C ILE C 585 -6.86 25.51 -17.63
N SER C 586 -5.84 26.17 -18.21
CA SER C 586 -4.55 26.34 -17.54
C SER C 586 -4.32 27.81 -17.25
N MET C 587 -4.04 28.17 -15.99
CA MET C 587 -3.86 29.56 -15.55
C MET C 587 -2.56 29.61 -14.75
N ASN C 588 -1.64 30.51 -15.16
CA ASN C 588 -0.29 30.59 -14.59
C ASN C 588 -0.04 32.04 -14.19
N GLY C 589 -0.23 32.33 -12.89
CA GLY C 589 -0.21 33.72 -12.43
C GLY C 589 -1.62 34.30 -12.51
N LEU C 590 -2.36 34.30 -11.40
CA LEU C 590 -3.78 34.73 -11.44
C LEU C 590 -4.07 35.48 -10.15
N ASN C 591 -4.62 36.70 -10.29
CA ASN C 591 -4.95 37.54 -9.16
C ASN C 591 -6.47 37.78 -9.21
N THR C 592 -7.23 37.23 -8.26
CA THR C 592 -8.65 37.52 -8.11
C THR C 592 -8.86 38.02 -6.68
N ASN C 593 -9.49 39.20 -6.52
CA ASN C 593 -9.80 39.60 -5.15
C ASN C 593 -10.85 40.70 -5.14
N ARG C 594 -11.51 40.92 -3.99
CA ARG C 594 -12.46 41.99 -3.76
C ARG C 594 -13.47 42.01 -4.91
N ASN C 595 -14.08 40.88 -5.21
CA ASN C 595 -15.25 40.87 -6.10
C ASN C 595 -16.48 40.78 -5.21
N GLY C 596 -17.60 40.29 -5.73
CA GLY C 596 -18.86 40.27 -5.04
C GLY C 596 -19.26 41.63 -4.46
N ILE C 597 -19.08 42.73 -5.22
CA ILE C 597 -19.23 44.03 -4.57
C ILE C 597 -20.69 44.48 -4.50
N ASN C 598 -21.60 43.72 -5.13
CA ASN C 598 -23.00 44.09 -5.09
C ASN C 598 -23.69 43.56 -3.85
N ALA C 599 -23.15 42.52 -3.18
CA ALA C 599 -23.75 41.99 -1.94
C ALA C 599 -22.64 41.38 -1.08
N ASN C 600 -22.43 41.92 0.13
CA ASN C 600 -21.30 41.49 0.94
C ASN C 600 -21.40 40.00 1.25
N ASN C 601 -20.25 39.34 1.25
CA ASN C 601 -20.10 38.01 1.80
C ASN C 601 -21.00 37.01 1.11
N THR C 602 -21.20 37.15 -0.21
CA THR C 602 -22.18 36.33 -0.95
C THR C 602 -21.56 35.58 -2.15
N PHE C 603 -20.58 36.20 -2.82
CA PHE C 603 -20.11 35.64 -4.09
C PHE C 603 -18.67 35.16 -3.93
N TYR C 604 -18.15 34.45 -4.95
CA TYR C 604 -16.84 33.81 -4.78
C TYR C 604 -15.93 34.24 -5.93
N ASN C 605 -14.60 34.24 -5.70
CA ASN C 605 -13.64 34.64 -6.71
C ASN C 605 -13.61 33.70 -7.92
N ILE C 606 -13.64 32.39 -7.71
CA ILE C 606 -13.65 31.44 -8.82
C ILE C 606 -14.73 30.42 -8.51
N VAL C 607 -15.64 30.21 -9.47
CA VAL C 607 -16.69 29.24 -9.27
C VAL C 607 -16.55 28.14 -10.30
N PHE C 608 -16.44 26.88 -9.84
CA PHE C 608 -16.17 25.79 -10.77
C PHE C 608 -17.47 24.99 -10.88
N ASN C 609 -17.88 24.65 -12.09
CA ASN C 609 -19.07 23.85 -12.33
C ASN C 609 -18.77 22.93 -13.50
N LYS C 610 -18.64 21.61 -13.22
CA LYS C 610 -18.39 20.58 -14.21
C LYS C 610 -17.23 20.95 -15.11
N SER C 611 -16.09 21.27 -14.52
CA SER C 611 -14.97 21.77 -15.28
C SER C 611 -13.68 21.23 -14.68
N ASP C 612 -12.63 21.22 -15.48
CA ASP C 612 -11.33 20.87 -14.99
C ASP C 612 -10.38 22.06 -15.15
N ALA C 613 -9.45 22.21 -14.23
CA ALA C 613 -8.56 23.34 -14.40
C ALA C 613 -7.29 23.08 -13.58
N VAL C 614 -6.19 23.73 -14.01
CA VAL C 614 -4.92 23.73 -13.31
CA VAL C 614 -4.91 23.73 -13.32
C VAL C 614 -4.52 25.19 -13.15
N ILE C 615 -4.44 25.65 -11.91
CA ILE C 615 -4.24 27.05 -11.60
C ILE C 615 -2.97 27.14 -10.75
N ASN C 616 -1.99 27.87 -11.25
CA ASN C 616 -0.73 28.01 -10.54
C ASN C 616 -0.51 29.50 -10.29
N GLY C 617 0.39 29.81 -9.35
CA GLY C 617 0.73 31.17 -8.97
C GLY C 617 -0.47 32.07 -8.65
N PHE C 618 -1.48 31.48 -7.97
CA PHE C 618 -2.68 32.18 -7.53
C PHE C 618 -2.37 33.15 -6.37
N VAL C 619 -2.82 34.40 -6.50
CA VAL C 619 -2.82 35.35 -5.39
C VAL C 619 -4.17 36.06 -5.36
N GLY C 620 -4.48 36.70 -4.24
CA GLY C 620 -5.72 37.44 -4.17
C GLY C 620 -5.90 38.20 -2.85
N LEU C 621 -4.97 39.10 -2.55
CA LEU C 621 -5.11 39.92 -1.36
C LEU C 621 -6.36 40.79 -1.47
N ASN C 622 -7.31 40.62 -0.53
CA ASN C 622 -8.56 41.34 -0.56
C ASN C 622 -8.32 42.72 0.07
N TYR C 623 -8.17 43.78 -0.76
CA TYR C 623 -7.69 45.06 -0.25
C TYR C 623 -8.70 45.67 0.73
N ALA C 624 -9.98 45.30 0.62
CA ALA C 624 -10.97 45.88 1.49
C ALA C 624 -10.86 45.25 2.88
N ALA C 625 -10.68 43.92 2.90
CA ALA C 625 -10.50 43.24 4.18
C ALA C 625 -9.20 43.71 4.83
N ASN C 626 -8.16 43.95 4.06
CA ASN C 626 -6.87 44.42 4.60
C ASN C 626 -7.01 45.85 5.17
N SER C 627 -7.75 46.76 4.51
CA SER C 627 -7.83 48.16 4.93
C SER C 627 -8.85 48.31 6.07
N GLY C 628 -9.81 47.38 6.15
CA GLY C 628 -10.87 47.44 7.14
C GLY C 628 -11.97 48.42 6.76
N SER C 629 -12.13 48.72 5.47
CA SER C 629 -13.12 49.67 4.99
C SER C 629 -14.53 49.17 5.26
N GLY C 630 -14.76 47.85 5.34
CA GLY C 630 -16.14 47.39 5.43
C GLY C 630 -16.87 47.36 4.08
N ALA C 631 -16.15 47.60 2.97
CA ALA C 631 -16.82 47.54 1.67
C ALA C 631 -17.23 46.12 1.34
N ASN C 632 -18.34 45.94 0.63
CA ASN C 632 -18.79 44.60 0.26
C ASN C 632 -17.66 43.88 -0.47
N SER C 633 -17.39 42.61 -0.12
CA SER C 633 -16.45 41.86 -0.93
C SER C 633 -16.77 40.39 -0.91
N SER C 634 -16.05 39.61 -1.74
CA SER C 634 -16.27 38.17 -1.90
C SER C 634 -16.29 37.44 -0.56
N ALA C 635 -17.18 36.45 -0.44
CA ALA C 635 -17.19 35.58 0.73
C ALA C 635 -15.90 34.78 0.80
N GLY C 636 -15.37 34.37 -0.35
CA GLY C 636 -14.09 33.70 -0.33
C GLY C 636 -13.57 33.39 -1.73
N ASN C 637 -12.48 32.60 -1.79
CA ASN C 637 -11.78 32.44 -3.06
C ASN C 637 -12.49 31.45 -3.98
N PHE C 638 -12.92 30.27 -3.49
CA PHE C 638 -13.30 29.22 -4.42
C PHE C 638 -14.66 28.64 -4.04
N GLN C 639 -15.46 28.26 -5.03
CA GLN C 639 -16.70 27.56 -4.77
C GLN C 639 -16.85 26.48 -5.82
N PHE C 640 -17.30 25.29 -5.42
CA PHE C 640 -17.46 24.18 -6.32
C PHE C 640 -18.95 23.87 -6.39
N LEU C 641 -19.55 24.02 -7.56
CA LEU C 641 -20.99 23.81 -7.67
C LEU C 641 -21.30 22.37 -8.01
N SER C 642 -20.27 21.57 -8.32
CA SER C 642 -20.47 20.18 -8.64
C SER C 642 -19.30 19.41 -8.02
N ASN C 643 -19.42 18.09 -7.90
CA ASN C 643 -18.37 17.34 -7.23
C ASN C 643 -17.66 16.45 -8.28
N ASP C 644 -17.85 16.75 -9.57
CA ASP C 644 -17.27 15.97 -10.65
C ASP C 644 -16.19 16.81 -11.34
N CYS C 645 -15.65 17.81 -10.64
CA CYS C 645 -14.60 18.64 -11.23
C CYS C 645 -13.22 18.07 -10.87
N SER C 646 -12.22 18.21 -11.74
CA SER C 646 -10.87 17.77 -11.43
C SER C 646 -9.98 19.00 -11.48
N VAL C 647 -9.56 19.52 -10.33
CA VAL C 647 -8.95 20.85 -10.23
C VAL C 647 -7.70 20.79 -9.35
N THR C 648 -6.66 21.49 -9.78
CA THR C 648 -5.48 21.73 -8.95
CA THR C 648 -5.52 21.74 -8.89
C THR C 648 -5.32 23.23 -8.82
N ILE C 649 -5.09 23.73 -7.57
CA ILE C 649 -4.92 25.15 -7.34
C ILE C 649 -3.66 25.27 -6.50
N ASN C 650 -2.69 26.11 -6.88
CA ASN C 650 -1.51 26.35 -6.06
C ASN C 650 -1.31 27.85 -5.96
N GLY C 651 -1.05 28.34 -4.75
CA GLY C 651 -0.48 29.67 -4.58
C GLY C 651 -0.86 30.19 -3.20
N VAL C 652 -1.13 31.49 -3.11
CA VAL C 652 -1.35 32.14 -1.83
C VAL C 652 -2.86 32.27 -1.61
N VAL C 653 -3.45 31.23 -1.04
CA VAL C 653 -4.90 31.10 -0.97
C VAL C 653 -5.43 31.99 0.16
N GLU C 654 -4.63 32.22 1.20
CA GLU C 654 -4.99 33.23 2.19
C GLU C 654 -3.74 34.10 2.39
N THR C 655 -3.85 35.42 2.21
CA THR C 655 -2.67 36.26 2.03
C THR C 655 -1.85 36.37 3.32
N GLY C 656 -2.52 36.53 4.48
CA GLY C 656 -1.84 36.66 5.76
C GLY C 656 -1.59 38.09 6.21
N TYR C 657 -2.57 38.98 5.98
CA TYR C 657 -2.42 40.32 6.56
C TYR C 657 -3.10 40.28 7.92
N MET C 658 -3.05 41.42 8.67
CA MET C 658 -3.37 41.37 10.08
C MET C 658 -4.83 40.98 10.32
N GLY C 659 -5.80 41.53 9.60
CA GLY C 659 -7.21 41.24 9.93
C GLY C 659 -7.84 42.28 10.90
N ILE C 660 -7.78 43.56 10.53
CA ILE C 660 -8.29 44.64 11.39
C ILE C 660 -9.75 44.39 11.74
N ASN C 661 -10.55 43.87 10.82
CA ASN C 661 -11.91 43.58 11.22
C ASN C 661 -12.13 42.07 11.36
N PHE C 662 -11.05 41.33 11.67
CA PHE C 662 -11.18 39.90 11.99
C PHE C 662 -11.51 39.05 10.75
N ILE C 663 -11.38 39.60 9.54
CA ILE C 663 -11.67 38.83 8.35
C ILE C 663 -10.48 38.92 7.40
N GLY C 664 -10.55 38.14 6.32
CA GLY C 664 -9.43 38.09 5.40
C GLY C 664 -9.95 37.79 3.99
N ASP C 665 -9.26 36.85 3.29
CA ASP C 665 -9.60 36.53 1.92
C ASP C 665 -10.70 35.46 1.91
N ASN C 666 -10.67 34.51 2.88
CA ASN C 666 -11.63 33.42 2.82
C ASN C 666 -12.44 33.43 4.10
N ASN C 667 -13.65 33.96 4.01
CA ASN C 667 -14.39 34.30 5.23
C ASN C 667 -15.59 33.37 5.32
N ILE C 668 -15.92 32.71 4.21
CA ILE C 668 -16.85 31.59 4.29
C ILE C 668 -16.19 30.46 3.50
N ILE C 669 -16.07 29.26 4.11
CA ILE C 669 -15.41 28.17 3.40
C ILE C 669 -16.42 27.06 3.29
N ASN C 670 -16.64 26.57 2.07
CA ASN C 670 -17.52 25.46 1.78
C ASN C 670 -16.63 24.33 1.26
N PRO C 671 -16.46 23.22 2.00
CA PRO C 671 -15.62 22.12 1.49
C PRO C 671 -16.29 21.37 0.34
N THR C 672 -15.53 20.52 -0.34
CA THR C 672 -16.04 19.86 -1.55
C THR C 672 -15.56 18.42 -1.55
N ASN C 673 -16.36 17.52 -2.13
CA ASN C 673 -15.94 16.15 -2.36
C ASN C 673 -15.35 16.01 -3.78
N SER C 674 -15.15 17.10 -4.51
CA SER C 674 -14.61 16.91 -5.85
CA SER C 674 -14.57 17.05 -5.84
C SER C 674 -13.14 16.49 -5.78
N ASP C 675 -12.62 16.12 -6.95
CA ASP C 675 -11.25 15.70 -7.14
C ASP C 675 -10.33 16.93 -7.14
N LEU C 676 -10.10 17.47 -5.94
CA LEU C 676 -9.37 18.71 -5.78
C LEU C 676 -8.00 18.38 -5.17
N SER C 677 -6.98 19.06 -5.65
CA SER C 677 -5.72 19.13 -4.94
C SER C 677 -5.33 20.59 -4.80
N ILE C 678 -5.07 21.06 -3.57
CA ILE C 678 -4.78 22.48 -3.39
C ILE C 678 -3.46 22.64 -2.59
N ASN C 679 -2.54 23.44 -3.12
CA ASN C 679 -1.23 23.66 -2.50
C ASN C 679 -0.42 22.38 -2.28
N GLY C 680 -0.64 21.37 -3.12
CA GLY C 680 0.05 20.10 -2.98
C GLY C 680 -0.30 19.38 -1.66
N LEU C 681 -1.36 19.77 -0.94
CA LEU C 681 -1.64 19.19 0.37
C LEU C 681 -2.38 17.88 0.18
N VAL C 682 -1.93 16.84 0.90
CA VAL C 682 -2.64 15.57 0.99
C VAL C 682 -3.95 15.82 1.73
N ASN C 683 -5.08 15.36 1.17
CA ASN C 683 -6.36 15.49 1.85
C ASN C 683 -6.46 14.30 2.83
N TYR C 684 -6.61 14.58 4.13
CA TYR C 684 -6.65 13.55 5.16
C TYR C 684 -7.75 12.51 4.85
N SER C 685 -8.91 12.94 4.31
CA SER C 685 -9.96 11.97 3.95
C SER C 685 -9.50 11.00 2.88
N LYS C 686 -8.45 11.35 2.10
CA LYS C 686 -8.10 10.46 1.00
C LYS C 686 -6.78 9.70 1.23
N THR C 687 -6.21 9.71 2.44
CA THR C 687 -4.85 9.21 2.57
C THR C 687 -4.82 7.94 3.43
N GLY C 688 -3.92 7.01 3.11
CA GLY C 688 -3.59 5.87 3.95
C GLY C 688 -2.21 6.07 4.62
N LEU C 689 -1.61 7.26 4.54
CA LEU C 689 -0.23 7.36 5.00
C LEU C 689 -0.18 7.13 6.50
N GLN C 690 0.83 6.38 6.99
CA GLN C 690 1.01 6.27 8.43
C GLN C 690 1.89 7.39 8.97
N THR C 691 1.57 7.89 10.17
CA THR C 691 2.30 9.00 10.75
C THR C 691 2.53 8.70 12.24
N MET C 692 3.39 9.48 12.87
CA MET C 692 3.43 9.59 14.32
C MET C 692 2.03 9.88 14.82
N ASN C 693 1.75 9.54 16.08
CA ASN C 693 0.55 10.07 16.72
C ASN C 693 0.80 10.13 18.24
N GLU C 694 1.36 11.24 18.71
CA GLU C 694 1.71 11.38 20.11
C GLU C 694 0.46 11.29 20.99
N THR C 695 0.65 10.65 22.17
CA THR C 695 -0.36 10.50 23.21
C THR C 695 -0.28 11.62 24.23
N PRO C 696 -1.35 12.41 24.41
CA PRO C 696 -1.33 13.41 25.48
C PRO C 696 -1.81 12.71 26.77
N THR C 697 -1.53 13.29 27.93
N THR C 697 -1.55 13.34 27.91
CA THR C 697 -2.07 12.75 29.16
CA THR C 697 -2.02 12.89 29.21
C THR C 697 -3.17 13.68 29.65
C THR C 697 -3.22 13.75 29.60
N PHE C 698 -4.35 13.10 29.91
CA PHE C 698 -5.46 13.86 30.50
C PHE C 698 -5.10 14.36 31.88
N ASP C 699 -5.52 15.57 32.21
CA ASP C 699 -5.30 16.01 33.59
C ASP C 699 -6.53 16.77 34.06
N GLY C 700 -6.78 16.72 35.35
CA GLY C 700 -7.95 17.35 35.93
C GLY C 700 -7.87 17.25 37.45
N VAL C 701 -8.73 18.01 38.13
CA VAL C 701 -8.80 17.94 39.58
C VAL C 701 -9.14 16.49 39.94
N SER C 702 -10.17 15.93 39.32
CA SER C 702 -10.24 14.49 39.19
C SER C 702 -9.55 14.12 37.87
N THR C 703 -8.74 13.03 37.86
CA THR C 703 -7.95 12.75 36.66
C THR C 703 -8.64 11.71 35.80
N THR C 704 -9.92 11.44 36.03
CA THR C 704 -10.62 10.55 35.12
C THR C 704 -11.41 11.37 34.09
N PRO C 705 -11.16 11.19 32.78
CA PRO C 705 -11.83 11.99 31.76
C PRO C 705 -13.33 11.69 31.72
N VAL C 706 -14.14 12.73 31.41
CA VAL C 706 -15.59 12.59 31.26
C VAL C 706 -15.93 13.02 29.83
N TYR C 707 -16.90 12.38 29.21
CA TYR C 707 -17.27 12.64 27.85
C TYR C 707 -18.75 12.96 27.82
N VAL C 708 -19.14 13.87 26.90
CA VAL C 708 -20.51 14.33 26.76
C VAL C 708 -20.75 14.56 25.26
N SER C 709 -22.04 14.61 24.91
CA SER C 709 -22.47 14.63 23.53
CA SER C 709 -22.51 14.65 23.54
C SER C 709 -21.99 15.90 22.83
N VAL C 710 -21.70 15.76 21.53
CA VAL C 710 -21.41 16.86 20.62
C VAL C 710 -22.50 16.92 19.57
N PRO C 711 -22.71 18.09 18.89
CA PRO C 711 -23.60 18.12 17.73
C PRO C 711 -23.10 17.20 16.62
N SER C 712 -24.03 16.66 15.84
CA SER C 712 -23.65 15.68 14.85
C SER C 712 -22.78 16.26 13.74
N SER C 713 -22.77 17.57 13.49
CA SER C 713 -21.81 18.12 12.56
C SER C 713 -20.36 17.82 12.98
N VAL C 714 -20.13 17.37 14.23
CA VAL C 714 -18.76 17.06 14.64
C VAL C 714 -18.34 15.68 14.11
N GLY C 715 -19.29 14.87 13.64
CA GLY C 715 -18.92 13.58 13.09
C GLY C 715 -18.42 12.54 14.13
N GLN C 716 -18.85 12.63 15.40
CA GLN C 716 -18.63 11.60 16.41
C GLN C 716 -19.75 11.74 17.42
N VAL C 717 -19.90 10.79 18.34
CA VAL C 717 -21.01 10.81 19.29
C VAL C 717 -20.70 11.73 20.45
N ASN C 718 -19.56 11.53 21.11
CA ASN C 718 -19.24 12.33 22.27
C ASN C 718 -17.90 13.03 22.06
N GLY C 719 -17.64 14.02 22.89
CA GLY C 719 -16.30 14.61 22.97
C GLY C 719 -15.89 14.76 24.43
N LEU C 720 -14.71 15.36 24.66
CA LEU C 720 -14.22 15.52 26.01
C LEU C 720 -14.94 16.68 26.71
N ARG C 721 -15.51 16.41 27.91
CA ARG C 721 -16.21 17.40 28.74
C ARG C 721 -15.17 18.37 29.31
N LEU C 722 -15.31 19.66 29.00
CA LEU C 722 -14.40 20.69 29.45
C LEU C 722 -15.14 21.49 30.52
N SER C 723 -14.51 21.66 31.70
CA SER C 723 -15.14 22.43 32.78
C SER C 723 -14.06 23.24 33.48
N GLN C 724 -14.45 24.37 34.07
CA GLN C 724 -13.50 25.13 34.85
C GLN C 724 -13.36 24.50 36.23
N ALA C 725 -14.40 23.81 36.69
CA ALA C 725 -14.41 23.17 38.01
C ALA C 725 -13.40 22.04 38.04
N ASN C 726 -13.44 21.13 37.06
CA ASN C 726 -12.47 20.06 37.00
C ASN C 726 -11.15 20.47 36.33
N LYS C 727 -11.08 21.63 35.64
CA LYS C 727 -9.90 22.04 34.88
C LYS C 727 -9.48 20.97 33.88
N ASP C 728 -10.45 20.37 33.15
CA ASP C 728 -10.10 19.32 32.22
C ASP C 728 -9.12 19.83 31.16
N LYS C 729 -8.06 19.05 30.87
CA LYS C 729 -7.12 19.50 29.86
C LYS C 729 -6.33 18.31 29.31
N LEU C 730 -5.71 18.51 28.13
CA LEU C 730 -4.79 17.53 27.58
C LEU C 730 -3.37 18.07 27.56
N LEU C 731 -2.45 17.35 28.20
CA LEU C 731 -1.07 17.81 28.28
C LEU C 731 -0.24 16.95 27.33
N TYR C 732 0.49 17.60 26.40
CA TYR C 732 1.48 16.91 25.60
C TYR C 732 2.83 17.21 26.25
N SER C 733 3.76 16.25 26.21
CA SER C 733 5.09 16.57 26.75
C SER C 733 5.96 17.30 25.72
N ARG C 734 5.64 17.14 24.43
CA ARG C 734 6.29 17.89 23.37
C ARG C 734 6.45 19.38 23.68
N THR C 735 7.66 19.94 23.43
CA THR C 735 7.87 21.35 23.64
C THR C 735 8.00 22.02 22.26
N ALA C 736 7.68 23.31 22.17
CA ALA C 736 7.74 24.04 20.91
C ALA C 736 9.19 24.35 20.58
N GLY C 737 9.54 24.20 19.29
CA GLY C 737 10.84 24.46 18.73
C GLY C 737 10.83 25.62 17.74
N PRO C 738 12.02 26.13 17.33
CA PRO C 738 12.10 27.33 16.48
C PRO C 738 11.39 27.20 15.12
N GLU C 739 11.15 26.00 14.66
CA GLU C 739 10.38 25.86 13.43
C GLU C 739 8.89 26.15 13.66
N GLY C 740 8.43 26.07 14.92
CA GLY C 740 7.06 26.43 15.29
C GLY C 740 6.10 25.24 15.24
N ILE C 741 4.81 25.52 15.43
CA ILE C 741 3.88 24.44 15.70
C ILE C 741 2.51 24.86 15.17
N THR C 742 1.65 23.89 14.79
CA THR C 742 0.25 24.19 14.52
C THR C 742 -0.58 23.38 15.50
N MET C 743 -1.54 24.03 16.19
CA MET C 743 -2.47 23.32 17.06
C MET C 743 -3.90 23.66 16.65
N ALA C 744 -4.79 22.67 16.64
CA ALA C 744 -6.18 22.88 16.27
C ALA C 744 -7.08 21.88 17.01
N ALA C 745 -8.36 22.27 17.21
CA ALA C 745 -9.33 21.40 17.86
C ALA C 745 -10.73 21.88 17.52
N VAL C 746 -11.70 20.95 17.54
CA VAL C 746 -13.09 21.37 17.61
C VAL C 746 -13.40 21.68 19.08
N ILE C 747 -13.90 22.89 19.33
CA ILE C 747 -14.36 23.34 20.63
C ILE C 747 -15.82 23.76 20.52
N VAL C 748 -16.65 23.18 21.38
CA VAL C 748 -18.04 23.59 21.46
C VAL C 748 -18.25 24.36 22.75
N PRO C 749 -18.18 25.72 22.75
CA PRO C 749 -18.13 26.48 23.99
C PRO C 749 -19.54 26.62 24.56
N THR C 750 -19.63 26.53 25.90
CA THR C 750 -20.78 26.95 26.68
C THR C 750 -20.49 28.35 27.16
N ILE C 751 -21.25 29.32 26.64
CA ILE C 751 -20.92 30.70 26.95
C ILE C 751 -22.02 31.24 27.87
N SER C 752 -21.61 31.83 29.00
CA SER C 752 -22.55 32.40 29.97
C SER C 752 -21.94 33.63 30.65
N GLY C 753 -21.53 33.53 31.92
CA GLY C 753 -21.08 34.73 32.60
C GLY C 753 -19.62 35.04 32.29
N ALA C 754 -19.05 36.01 33.03
CA ALA C 754 -17.67 36.40 32.85
C ALA C 754 -16.80 35.17 32.99
N GLU C 755 -15.82 34.98 32.08
CA GLU C 755 -15.03 33.76 32.05
C GLU C 755 -13.84 33.97 31.12
N VAL C 756 -12.75 33.30 31.44
CA VAL C 756 -11.62 33.21 30.54
C VAL C 756 -11.51 31.76 30.12
N PHE C 757 -11.63 31.52 28.80
CA PHE C 757 -11.33 30.22 28.21
C PHE C 757 -9.90 30.21 27.68
N ASN C 758 -9.07 29.25 28.13
CA ASN C 758 -7.78 29.01 27.51
C ASN C 758 -7.98 27.91 26.46
N PHE C 759 -8.14 28.27 25.19
CA PHE C 759 -8.37 27.26 24.18
C PHE C 759 -7.14 26.37 24.01
N MET C 760 -5.94 26.96 24.02
CA MET C 760 -4.76 26.12 23.95
C MET C 760 -3.57 26.99 24.35
N ALA C 761 -2.43 26.36 24.67
CA ALA C 761 -1.31 27.17 25.17
C ALA C 761 0.00 26.47 24.85
N ILE C 762 1.06 27.26 24.97
CA ILE C 762 2.41 26.74 24.99
C ILE C 762 2.99 27.21 26.30
N GLY C 763 3.50 26.26 27.12
CA GLY C 763 4.00 26.60 28.45
C GLY C 763 2.87 27.06 29.38
N SER C 764 3.19 27.96 30.32
CA SER C 764 2.22 28.45 31.32
C SER C 764 2.72 29.75 31.94
N GLY C 765 1.86 30.40 32.71
CA GLY C 765 2.22 31.69 33.24
C GLY C 765 2.14 32.79 32.17
N PHE C 766 2.35 34.02 32.63
CA PHE C 766 2.40 35.15 31.73
C PHE C 766 3.32 36.20 32.32
N SER C 767 4.52 36.32 31.80
CA SER C 767 5.46 37.26 32.39
C SER C 767 6.65 37.39 31.49
N ASP C 768 7.57 38.29 31.85
CA ASP C 768 8.76 38.55 31.04
C ASP C 768 9.51 37.28 30.75
N THR C 769 9.39 36.28 31.62
CA THR C 769 10.20 35.09 31.41
C THR C 769 9.31 33.85 31.35
N SER C 770 7.99 33.99 31.18
CA SER C 770 7.17 32.77 31.17
C SER C 770 7.43 31.90 29.94
N ASN C 771 7.90 32.49 28.81
CA ASN C 771 8.08 31.73 27.60
C ASN C 771 6.77 31.01 27.23
N SER C 772 5.67 31.75 27.14
CA SER C 772 4.39 31.06 27.05
C SER C 772 3.53 31.79 26.03
N LEU C 773 2.55 31.05 25.51
CA LEU C 773 1.57 31.59 24.59
C LEU C 773 0.25 31.08 25.14
N HIS C 774 -0.79 31.92 25.13
CA HIS C 774 -2.16 31.45 25.36
C HIS C 774 -3.07 32.09 24.32
N LEU C 775 -4.06 31.33 23.86
CA LEU C 775 -5.13 31.83 23.03
C LEU C 775 -6.42 31.72 23.82
N GLN C 776 -7.09 32.85 24.04
CA GLN C 776 -8.16 32.94 25.02
C GLN C 776 -9.37 33.62 24.40
N LEU C 777 -10.54 33.13 24.80
CA LEU C 777 -11.76 33.88 24.64
C LEU C 777 -12.04 34.48 26.02
N VAL C 778 -12.17 35.80 26.10
CA VAL C 778 -12.48 36.45 27.37
C VAL C 778 -13.88 37.02 27.26
N ILE C 779 -14.76 36.59 28.18
CA ILE C 779 -16.15 37.04 28.28
C ILE C 779 -16.29 37.93 29.52
N ASP C 780 -16.75 39.19 29.36
CA ASP C 780 -17.02 40.06 30.50
C ASP C 780 -18.46 39.89 31.00
N ALA C 781 -18.80 40.66 32.05
CA ALA C 781 -20.06 40.56 32.78
C ALA C 781 -21.23 40.92 31.87
N SER C 782 -20.99 41.89 30.99
CA SER C 782 -22.02 42.30 30.05
C SER C 782 -22.12 41.38 28.83
N GLY C 783 -21.23 40.38 28.65
CA GLY C 783 -21.37 39.52 27.47
C GLY C 783 -20.44 39.90 26.30
N LYS C 784 -19.62 40.94 26.47
CA LYS C 784 -18.64 41.28 25.45
C LYS C 784 -17.60 40.14 25.33
N GLN C 785 -17.23 39.78 24.09
CA GLN C 785 -16.24 38.73 23.84
C GLN C 785 -14.98 39.37 23.26
N THR C 786 -13.83 38.98 23.80
CA THR C 786 -12.51 39.35 23.34
C THR C 786 -11.71 38.09 22.96
N ILE C 787 -11.05 38.10 21.79
CA ILE C 787 -10.13 37.02 21.49
C ILE C 787 -8.73 37.57 21.76
N ALA C 788 -8.02 36.95 22.70
CA ALA C 788 -6.72 37.51 23.07
C ALA C 788 -5.64 36.48 22.88
N LEU C 789 -4.46 36.96 22.46
CA LEU C 789 -3.31 36.10 22.36
C LEU C 789 -2.28 36.72 23.28
N LEU C 790 -1.85 35.95 24.30
CA LEU C 790 -0.88 36.47 25.26
C LEU C 790 0.46 35.82 24.99
N LEU C 791 1.51 36.64 24.97
CA LEU C 791 2.86 36.16 24.71
C LEU C 791 3.75 36.70 25.81
N GLY C 792 4.53 35.81 26.45
CA GLY C 792 5.54 36.32 27.36
C GLY C 792 6.85 35.65 27.07
N GLY C 793 7.94 36.42 27.14
CA GLY C 793 9.25 35.94 26.75
C GLY C 793 10.07 37.06 26.12
N ASP C 794 11.35 36.75 25.83
CA ASP C 794 12.26 37.72 25.23
C ASP C 794 12.25 38.99 26.08
N GLY C 795 12.16 38.82 27.40
CA GLY C 795 12.21 39.94 28.33
C GLY C 795 10.94 40.79 28.36
N THR C 796 9.80 40.31 27.83
CA THR C 796 8.67 41.23 27.77
C THR C 796 7.37 40.46 27.70
N THR C 797 6.26 41.18 27.68
CA THR C 797 4.98 40.55 27.51
C THR C 797 4.22 41.31 26.45
N GLN C 798 3.23 40.65 25.81
CA GLN C 798 2.35 41.40 24.94
C GLN C 798 1.01 40.69 24.91
N ILE C 799 -0.08 41.48 24.92
CA ILE C 799 -1.40 40.96 24.71
C ILE C 799 -1.88 41.55 23.39
N LEU C 800 -2.25 40.66 22.46
CA LEU C 800 -2.77 41.08 21.17
C LEU C 800 -4.24 40.68 21.22
N SER C 801 -5.11 41.64 21.54
CA SER C 801 -6.49 41.27 21.76
C SER C 801 -7.40 42.09 20.87
N GLY C 802 -8.62 41.58 20.69
CA GLY C 802 -9.59 42.44 20.06
C GLY C 802 -10.98 42.00 20.42
N ASP C 803 -11.88 42.99 20.53
CA ASP C 803 -13.25 42.75 20.90
C ASP C 803 -14.05 42.41 19.68
N LEU C 804 -14.86 41.38 19.76
CA LEU C 804 -15.64 41.04 18.59
C LEU C 804 -16.89 41.91 18.50
N PRO C 805 -17.32 42.37 17.30
CA PRO C 805 -18.66 42.92 17.13
C PRO C 805 -19.69 41.82 17.26
N ASN C 806 -20.92 42.25 17.58
CA ASN C 806 -21.97 41.37 18.05
C ASN C 806 -22.23 40.27 17.04
N ASP C 807 -22.11 40.62 15.76
CA ASP C 807 -22.49 39.62 14.77
C ASP C 807 -21.35 38.61 14.54
N LEU C 808 -20.13 38.85 15.06
CA LEU C 808 -19.07 37.84 14.95
C LEU C 808 -18.91 37.00 16.20
N LYS C 809 -19.68 37.25 17.27
CA LYS C 809 -19.52 36.50 18.51
C LYS C 809 -19.73 35.01 18.33
N LEU C 810 -18.98 34.24 19.11
CA LEU C 810 -19.23 32.80 19.23
C LEU C 810 -20.54 32.52 19.97
N GLN C 811 -21.26 31.48 19.53
CA GLN C 811 -22.55 31.12 20.08
CA GLN C 811 -22.55 31.12 20.08
C GLN C 811 -22.40 29.85 20.90
N SER C 812 -23.01 29.86 22.08
CA SER C 812 -23.00 28.74 23.00
C SER C 812 -23.56 27.53 22.29
N GLY C 813 -22.93 26.36 22.49
CA GLY C 813 -23.46 25.12 21.94
C GLY C 813 -23.12 24.94 20.44
N VAL C 814 -22.37 25.88 19.82
CA VAL C 814 -22.06 25.74 18.39
C VAL C 814 -20.61 25.24 18.24
N PRO C 815 -20.32 24.24 17.39
CA PRO C 815 -18.96 23.74 17.23
C PRO C 815 -18.07 24.62 16.34
N TYR C 816 -16.87 24.96 16.83
CA TYR C 816 -15.95 25.83 16.12
C TYR C 816 -14.63 25.09 15.90
N HIS C 817 -14.04 25.20 14.70
CA HIS C 817 -12.69 24.69 14.57
C HIS C 817 -11.76 25.84 14.93
N ILE C 818 -10.93 25.63 15.92
CA ILE C 818 -10.09 26.70 16.44
C ILE C 818 -8.64 26.31 16.15
N ALA C 819 -7.87 27.18 15.44
CA ALA C 819 -6.54 26.77 14.98
C ALA C 819 -5.58 27.90 15.25
N ILE C 820 -4.33 27.56 15.57
CA ILE C 820 -3.29 28.56 15.68
C ILE C 820 -2.06 28.04 14.94
N GLY C 821 -1.29 28.96 14.38
CA GLY C 821 0.07 28.59 13.99
C GLY C 821 0.99 29.51 14.77
N ALA C 822 2.07 28.96 15.35
CA ALA C 822 2.93 29.85 16.13
C ALA C 822 4.38 29.45 15.90
N LYS C 823 5.22 30.45 15.66
CA LYS C 823 6.65 30.23 15.57
C LYS C 823 7.26 31.57 15.88
N PRO C 824 8.59 31.68 16.05
CA PRO C 824 9.15 33.01 16.29
C PRO C 824 8.75 34.01 15.20
N GLY C 825 8.30 35.20 15.63
CA GLY C 825 7.94 36.29 14.74
C GLY C 825 6.68 36.06 13.91
N TYR C 826 5.83 35.05 14.20
CA TYR C 826 4.69 34.77 13.30
C TYR C 826 3.62 33.97 14.03
N PHE C 827 2.50 34.62 14.36
CA PHE C 827 1.42 33.97 15.07
C PHE C 827 0.10 34.26 14.36
N TRP C 828 -0.70 33.24 14.08
CA TRP C 828 -2.01 33.48 13.51
C TRP C 828 -3.02 32.64 14.24
N TRP C 829 -4.29 33.09 14.28
CA TRP C 829 -5.34 32.28 14.90
C TRP C 829 -6.59 32.29 14.01
N SER C 830 -7.42 31.26 14.11
CA SER C 830 -8.57 31.25 13.25
C SER C 830 -9.69 30.56 13.99
N ILE C 831 -10.94 31.05 13.80
CA ILE C 831 -12.08 30.43 14.46
C ILE C 831 -13.16 30.27 13.40
N LEU C 832 -13.66 29.04 13.26
CA LEU C 832 -14.44 28.66 12.11
C LEU C 832 -15.70 27.95 12.58
N ASN C 833 -16.85 28.56 12.30
CA ASN C 833 -18.16 27.97 12.63
C ASN C 833 -18.35 26.80 11.70
N ILE C 834 -18.39 25.56 12.22
CA ILE C 834 -18.44 24.44 11.31
C ILE C 834 -19.86 24.23 10.78
N GLN C 835 -20.86 24.93 11.29
CA GLN C 835 -22.20 24.70 10.77
C GLN C 835 -22.51 25.72 9.69
N THR C 836 -21.84 26.87 9.73
CA THR C 836 -22.20 27.83 8.70
C THR C 836 -21.00 28.13 7.80
N GLY C 837 -19.80 27.67 8.21
CA GLY C 837 -18.67 27.90 7.34
C GLY C 837 -18.08 29.29 7.50
N LYS C 838 -18.59 30.12 8.44
CA LYS C 838 -18.05 31.46 8.56
C LYS C 838 -16.87 31.51 9.54
N ARG C 839 -15.88 32.35 9.25
CA ARG C 839 -14.61 32.24 9.94
C ARG C 839 -14.21 33.63 10.38
N ILE C 840 -13.48 33.74 11.48
CA ILE C 840 -12.80 34.96 11.84
C ILE C 840 -11.35 34.61 12.14
N ARG C 841 -10.45 35.62 12.10
CA ARG C 841 -9.04 35.30 12.14
C ARG C 841 -8.24 36.58 12.36
N ARG C 842 -7.03 36.42 12.90
CA ARG C 842 -6.06 37.51 12.85
C ARG C 842 -4.69 36.92 12.61
N SER C 843 -3.73 37.74 12.15
CA SER C 843 -2.38 37.21 12.00
C SER C 843 -1.41 38.31 12.39
N PHE C 844 -0.29 37.94 13.05
CA PHE C 844 0.67 38.90 13.60
C PHE C 844 2.10 38.61 13.18
N ARG C 845 2.71 39.52 12.40
CA ARG C 845 4.11 39.45 12.06
C ARG C 845 4.66 40.87 12.03
N GLY C 846 5.98 41.00 12.07
CA GLY C 846 6.58 42.30 11.82
C GLY C 846 6.20 43.29 12.92
N ALA C 847 5.69 44.46 12.49
CA ALA C 847 5.48 45.62 13.34
C ALA C 847 4.40 45.35 14.36
N TYR C 848 3.56 44.34 14.16
CA TYR C 848 2.55 44.05 15.16
C TYR C 848 3.16 43.41 16.43
N LEU C 849 4.40 42.92 16.38
CA LEU C 849 4.93 42.17 17.51
C LEU C 849 6.01 43.03 18.15
N ALA C 850 6.03 43.05 19.50
CA ALA C 850 7.03 43.85 20.21
C ALA C 850 8.41 43.26 19.99
N VAL C 851 8.51 41.93 20.03
CA VAL C 851 9.71 41.17 19.81
C VAL C 851 9.26 39.91 19.08
N PRO C 852 10.17 39.09 18.54
CA PRO C 852 9.75 37.84 17.89
C PRO C 852 9.21 36.78 18.86
N PHE C 853 9.59 36.89 20.15
CA PHE C 853 9.31 35.90 21.19
C PHE C 853 9.98 34.58 20.86
N ASN C 854 11.29 34.64 20.52
CA ASN C 854 12.10 33.46 20.32
C ASN C 854 12.04 32.52 21.53
N SER C 855 11.97 33.04 22.76
CA SER C 855 12.17 32.12 23.88
C SER C 855 10.91 31.29 24.17
N ILE C 856 9.76 31.58 23.54
CA ILE C 856 8.66 30.62 23.63
C ILE C 856 9.10 29.31 22.98
N PHE C 857 10.07 29.36 22.06
CA PHE C 857 10.34 28.24 21.16
C PHE C 857 11.73 27.62 21.36
N GLY C 858 12.26 27.70 22.58
CA GLY C 858 13.58 27.14 22.89
C GLY C 858 13.50 25.73 23.50
N LEU C 859 12.47 24.95 23.14
CA LEU C 859 12.37 23.55 23.53
C LEU C 859 12.19 23.41 25.02
N THR C 860 11.51 24.36 25.64
CA THR C 860 11.32 24.33 27.07
C THR C 860 9.84 24.35 27.43
N SER C 861 8.96 24.81 26.54
CA SER C 861 7.58 24.97 26.92
C SER C 861 6.66 23.97 26.21
N SER C 862 5.77 23.31 26.93
CA SER C 862 5.05 22.17 26.37
C SER C 862 3.64 22.57 25.89
N LEU C 863 2.99 21.67 25.14
CA LEU C 863 1.77 22.06 24.44
C LEU C 863 0.57 21.60 25.24
N THR C 864 -0.43 22.46 25.48
CA THR C 864 -1.62 22.02 26.19
C THR C 864 -2.88 22.41 25.41
N PHE C 865 -3.88 21.53 25.36
CA PHE C 865 -5.19 21.89 24.87
C PHE C 865 -6.15 22.10 26.05
N PHE C 866 -7.00 23.15 25.96
CA PHE C 866 -8.10 23.45 26.85
C PHE C 866 -7.65 24.07 28.17
N SER C 867 -6.35 24.28 28.38
CA SER C 867 -5.86 25.01 29.53
C SER C 867 -4.39 25.30 29.26
N ASP C 868 -3.57 25.55 30.30
CA ASP C 868 -2.13 25.59 30.09
C ASP C 868 -1.46 24.55 30.99
N SER C 869 -0.12 24.57 31.06
CA SER C 869 0.55 23.43 31.68
C SER C 869 0.68 23.60 33.22
N ASN C 870 0.09 24.63 33.81
CA ASN C 870 0.18 24.83 35.24
C ASN C 870 -1.13 24.41 35.88
N ALA C 871 -1.08 23.75 37.05
CA ALA C 871 -2.30 23.26 37.70
C ALA C 871 -3.35 24.35 37.97
N GLY C 872 -2.93 25.60 38.15
CA GLY C 872 -3.91 26.68 38.34
C GLY C 872 -4.34 27.50 37.11
N GLY C 873 -3.88 27.18 35.89
CA GLY C 873 -4.32 28.00 34.75
C GLY C 873 -5.83 27.82 34.53
N ASP C 874 -6.46 28.84 33.92
CA ASP C 874 -7.85 28.79 33.50
C ASP C 874 -8.05 27.66 32.50
N ALA C 875 -9.24 27.07 32.45
CA ALA C 875 -9.50 26.00 31.49
C ALA C 875 -10.59 26.48 30.53
N CYS C 876 -11.54 25.61 30.16
CA CYS C 876 -12.62 25.99 29.26
C CYS C 876 -13.95 25.49 29.82
N SER C 877 -15.07 25.86 29.18
CA SER C 877 -16.34 25.22 29.45
C SER C 877 -16.93 24.82 28.13
N GLY C 878 -17.40 23.58 28.05
CA GLY C 878 -18.02 23.04 26.85
C GLY C 878 -17.52 21.62 26.57
N VAL C 879 -17.18 21.38 25.32
CA VAL C 879 -16.73 20.06 24.90
C VAL C 879 -15.58 20.24 23.89
N GLY C 880 -14.65 19.29 23.89
CA GLY C 880 -13.49 19.29 23.00
C GLY C 880 -13.45 18.04 22.13
N ALA C 881 -12.94 18.16 20.88
CA ALA C 881 -12.87 17.01 19.99
C ALA C 881 -11.80 17.22 18.93
N LYS C 882 -11.31 16.12 18.35
CA LYS C 882 -10.45 16.16 17.16
C LYS C 882 -9.30 17.14 17.38
N VAL C 883 -8.47 16.85 18.37
CA VAL C 883 -7.32 17.68 18.66
C VAL C 883 -6.18 17.29 17.70
N TYR C 884 -5.53 18.29 17.08
CA TYR C 884 -4.49 18.10 16.09
C TYR C 884 -3.25 18.87 16.54
N VAL C 885 -2.09 18.21 16.53
CA VAL C 885 -0.82 18.91 16.64
C VAL C 885 -0.06 18.63 15.35
N GLY C 886 0.45 19.70 14.68
CA GLY C 886 1.32 19.51 13.53
C GLY C 886 2.53 20.43 13.61
N MET C 887 3.54 20.21 12.79
CA MET C 887 4.56 21.24 12.64
C MET C 887 3.94 22.41 11.89
N PHE C 888 4.67 23.54 11.80
CA PHE C 888 4.11 24.83 11.47
C PHE C 888 3.49 24.81 10.06
N SER C 889 2.23 25.26 9.98
CA SER C 889 1.59 25.56 8.71
C SER C 889 1.26 27.05 8.65
N SER C 890 1.40 27.65 7.47
CA SER C 890 0.80 28.95 7.21
C SER C 890 -0.74 28.89 7.32
N GLU C 891 -1.33 30.08 7.54
CA GLU C 891 -2.77 30.27 7.39
C GLU C 891 -3.21 29.88 5.96
N ASN C 892 -2.36 30.20 4.99
CA ASN C 892 -2.49 29.80 3.60
C ASN C 892 -2.84 28.32 3.56
N ASP C 893 -1.92 27.48 4.08
CA ASP C 893 -2.17 26.04 4.07
C ASP C 893 -3.39 25.64 4.90
N TYR C 894 -3.55 26.23 6.11
CA TYR C 894 -4.71 25.92 6.91
C TYR C 894 -6.01 26.14 6.13
N VAL C 895 -6.14 27.31 5.49
CA VAL C 895 -7.38 27.61 4.78
C VAL C 895 -7.50 26.69 3.57
N ALA C 896 -6.40 26.50 2.80
CA ALA C 896 -6.40 25.54 1.70
C ALA C 896 -6.98 24.19 2.14
N SER C 897 -6.49 23.67 3.28
CA SER C 897 -6.97 22.34 3.69
C SER C 897 -8.44 22.36 4.11
N ARG C 898 -8.99 23.51 4.54
CA ARG C 898 -10.41 23.57 4.89
C ARG C 898 -11.31 23.30 3.70
N TYR C 899 -10.83 23.55 2.47
CA TYR C 899 -11.62 23.22 1.30
C TYR C 899 -11.83 21.72 1.15
N TYR C 900 -10.99 20.87 1.77
CA TYR C 900 -11.26 19.45 1.78
C TYR C 900 -12.33 19.07 2.82
N ASN C 901 -12.27 19.68 4.01
CA ASN C 901 -13.10 19.29 5.15
C ASN C 901 -12.86 20.32 6.24
N LEU C 902 -13.92 20.72 6.97
CA LEU C 902 -13.74 21.82 7.91
C LEU C 902 -12.98 21.44 9.19
N ILE C 903 -12.98 20.14 9.56
CA ILE C 903 -12.49 19.79 10.92
C ILE C 903 -11.34 18.78 10.90
N ASN C 904 -10.93 18.29 9.70
CA ASN C 904 -9.92 17.24 9.67
C ASN C 904 -8.52 17.80 10.00
N PRO C 905 -7.48 16.95 10.21
CA PRO C 905 -6.08 17.44 10.34
C PRO C 905 -5.65 18.37 9.17
N VAL C 906 -4.77 19.32 9.46
CA VAL C 906 -4.40 20.36 8.49
C VAL C 906 -3.52 19.75 7.40
N ASP C 907 -2.45 19.06 7.82
CA ASP C 907 -1.47 18.59 6.81
C ASP C 907 -0.96 17.21 7.24
N PRO C 908 -1.42 16.09 6.61
CA PRO C 908 -0.90 14.76 6.94
C PRO C 908 0.63 14.61 7.02
N THR C 909 1.39 15.38 6.23
CA THR C 909 2.85 15.24 6.16
C THR C 909 3.47 15.93 7.37
N LYS C 910 2.71 16.75 8.09
CA LYS C 910 3.26 17.49 9.23
C LYS C 910 2.61 17.03 10.55
N LEU C 911 1.69 16.05 10.50
CA LEU C 911 0.86 15.66 11.63
C LEU C 911 1.73 14.94 12.67
N ILE C 912 1.67 15.40 13.91
CA ILE C 912 2.41 14.85 15.02
C ILE C 912 1.44 14.13 15.97
N SER C 913 0.20 14.65 16.13
CA SER C 913 -0.81 13.97 16.92
C SER C 913 -2.20 14.27 16.35
N TYR C 914 -3.10 13.31 16.47
CA TYR C 914 -4.48 13.59 16.12
C TYR C 914 -5.38 12.67 16.95
N ARG C 915 -6.19 13.24 17.88
CA ARG C 915 -7.01 12.43 18.77
C ARG C 915 -8.48 12.85 18.64
N ILE C 916 -9.37 11.93 18.27
CA ILE C 916 -10.79 12.20 18.03
C ILE C 916 -11.49 12.61 19.34
N LEU C 917 -11.20 11.87 20.47
CA LEU C 917 -11.72 12.10 21.83
C LEU C 917 -13.18 11.64 21.92
N ASP C 918 -13.55 10.63 21.15
CA ASP C 918 -14.89 10.12 21.30
C ASP C 918 -14.89 8.98 22.35
N SER C 919 -15.11 9.27 23.62
CA SER C 919 -15.15 8.32 24.72
C SER C 919 -13.82 7.58 24.91
N SER C 920 -12.68 8.22 24.56
CA SER C 920 -11.37 7.58 24.69
C SER C 920 -10.27 8.61 24.40
N ILE C 921 -9.12 8.60 25.15
CA ILE C 921 -7.95 9.40 24.78
C ILE C 921 -7.09 8.68 23.74
N HIS C 922 -7.04 7.33 23.83
CA HIS C 922 -6.40 6.44 22.86
C HIS C 922 -7.49 5.69 22.08
N ASP D 169 -71.76 -4.83 78.45
CA ASP D 169 -71.79 -3.54 79.22
C ASP D 169 -70.53 -2.75 78.85
N ARG D 170 -69.36 -3.39 79.02
CA ARG D 170 -68.15 -2.88 78.38
C ARG D 170 -67.67 -3.85 77.29
N SER D 171 -68.60 -4.70 76.84
CA SER D 171 -68.37 -5.64 75.75
C SER D 171 -67.58 -5.02 74.61
N ILE D 172 -68.12 -3.94 74.03
CA ILE D 172 -67.51 -3.39 72.82
C ILE D 172 -66.07 -2.99 73.16
N GLN D 173 -65.86 -2.41 74.34
CA GLN D 173 -64.52 -1.90 74.65
C GLN D 173 -63.56 -3.07 74.85
N GLU D 174 -64.10 -4.21 75.32
CA GLU D 174 -63.25 -5.34 75.68
C GLU D 174 -62.80 -5.98 74.37
N ILE D 175 -63.76 -6.24 73.47
CA ILE D 175 -63.50 -6.81 72.17
C ILE D 175 -62.56 -5.89 71.40
N ALA D 176 -62.76 -4.58 71.49
CA ALA D 176 -62.00 -3.64 70.68
C ALA D 176 -60.57 -3.49 71.19
N ARG D 177 -60.35 -3.56 72.51
CA ARG D 177 -58.98 -3.38 73.03
C ARG D 177 -58.20 -4.68 72.83
N SER D 178 -58.93 -5.81 72.88
CA SER D 178 -58.34 -7.11 72.57
C SER D 178 -57.77 -7.14 71.15
N ALA D 179 -58.52 -6.60 70.19
CA ALA D 179 -58.11 -6.63 68.79
C ALA D 179 -57.21 -5.45 68.45
N ASN D 180 -57.00 -4.55 69.42
CA ASN D 180 -56.27 -3.32 69.19
C ASN D 180 -56.87 -2.51 68.02
N VAL D 181 -58.21 -2.47 67.91
CA VAL D 181 -58.95 -1.61 66.98
C VAL D 181 -59.81 -0.62 67.78
N LYS D 182 -60.43 0.35 67.06
CA LYS D 182 -61.34 1.33 67.65
C LYS D 182 -62.70 0.70 67.95
N ASP D 183 -63.43 1.29 68.92
CA ASP D 183 -64.74 0.79 69.34
C ASP D 183 -65.68 0.72 68.14
N SER D 184 -65.53 1.71 67.24
CA SER D 184 -66.41 1.89 66.09
C SER D 184 -66.18 0.81 65.05
N GLU D 185 -65.01 0.15 65.13
CA GLU D 185 -64.68 -0.91 64.17
C GLU D 185 -65.18 -2.26 64.66
N VAL D 186 -65.89 -2.29 65.79
CA VAL D 186 -66.43 -3.53 66.33
C VAL D 186 -67.91 -3.60 66.03
N ILE D 187 -68.39 -4.74 65.54
CA ILE D 187 -69.82 -4.99 65.49
C ILE D 187 -70.08 -6.33 66.18
N VAL D 188 -71.13 -6.41 67.02
CA VAL D 188 -71.55 -7.70 67.59
C VAL D 188 -72.55 -8.39 66.67
N SER D 189 -72.66 -9.71 66.80
CA SER D 189 -73.30 -10.53 65.77
C SER D 189 -74.83 -10.31 65.72
N THR D 190 -75.39 -9.76 66.80
CA THR D 190 -76.84 -9.65 66.91
C THR D 190 -77.29 -8.22 66.59
N ASP D 191 -76.32 -7.29 66.49
CA ASP D 191 -76.52 -5.96 65.95
C ASP D 191 -76.85 -6.07 64.45
N THR D 192 -78.16 -6.04 64.17
CA THR D 192 -78.72 -6.42 62.90
C THR D 192 -78.86 -5.18 62.00
N ILE D 193 -78.77 -3.99 62.59
CA ILE D 193 -79.22 -2.78 61.95
C ILE D 193 -78.08 -1.76 61.89
N SER D 194 -76.82 -2.22 61.91
CA SER D 194 -75.68 -1.32 61.84
C SER D 194 -74.99 -1.42 60.47
N LEU D 195 -74.37 -0.29 60.07
CA LEU D 195 -73.60 -0.20 58.83
C LEU D 195 -72.27 -0.94 59.01
N LEU D 196 -72.10 -1.99 58.19
CA LEU D 196 -70.97 -2.91 58.30
C LEU D 196 -69.70 -2.23 57.80
N ASP D 197 -69.74 -0.91 57.60
CA ASP D 197 -68.63 -0.21 57.00
C ASP D 197 -67.84 0.50 58.10
N GLY D 198 -66.51 0.53 57.93
CA GLY D 198 -65.55 0.89 58.96
C GLY D 198 -65.19 -0.29 59.88
N LYS D 199 -65.94 -1.41 59.76
CA LYS D 199 -65.93 -2.50 60.72
C LYS D 199 -64.84 -3.50 60.36
N LYS D 200 -64.08 -3.91 61.38
CA LYS D 200 -62.92 -4.79 61.24
C LYS D 200 -63.16 -6.10 61.96
N VAL D 201 -63.79 -6.02 63.15
CA VAL D 201 -64.03 -7.18 63.97
C VAL D 201 -65.55 -7.44 64.10
N VAL D 202 -65.98 -8.67 63.84
CA VAL D 202 -67.30 -9.09 64.30
C VAL D 202 -67.14 -10.00 65.52
N TYR D 203 -67.86 -9.69 66.60
CA TYR D 203 -67.94 -10.55 67.78
C TYR D 203 -69.18 -11.45 67.70
N ASP D 204 -68.98 -12.77 67.55
CA ASP D 204 -70.05 -13.75 67.55
C ASP D 204 -70.48 -14.08 68.98
N ILE D 205 -71.66 -13.55 69.35
CA ILE D 205 -72.22 -13.59 70.70
C ILE D 205 -72.46 -15.02 71.16
N ALA D 206 -72.78 -15.91 70.21
CA ALA D 206 -73.25 -17.24 70.54
C ALA D 206 -72.09 -18.17 70.87
N THR D 207 -70.89 -17.85 70.35
CA THR D 207 -69.71 -18.68 70.56
C THR D 207 -68.65 -17.87 71.33
N GLN D 208 -68.98 -16.61 71.67
CA GLN D 208 -68.05 -15.71 72.33
C GLN D 208 -66.68 -15.72 71.63
N THR D 209 -66.67 -15.56 70.31
CA THR D 209 -65.42 -15.53 69.56
C THR D 209 -65.35 -14.28 68.67
N SER D 210 -64.26 -13.51 68.80
CA SER D 210 -63.95 -12.44 67.85
C SER D 210 -63.38 -12.99 66.54
N TYR D 211 -63.77 -12.35 65.42
CA TYR D 211 -63.30 -12.67 64.08
C TYR D 211 -62.87 -11.40 63.35
N GLY D 212 -62.06 -11.56 62.28
CA GLY D 212 -61.73 -10.46 61.37
C GLY D 212 -62.75 -10.42 60.22
N LEU D 213 -63.02 -9.23 59.69
CA LEU D 213 -64.03 -9.09 58.64
C LEU D 213 -63.35 -9.07 57.26
N PRO D 214 -63.87 -9.81 56.26
CA PRO D 214 -63.35 -9.70 54.89
C PRO D 214 -63.96 -8.47 54.20
N THR D 215 -63.51 -8.08 52.99
CA THR D 215 -64.12 -6.95 52.29
C THR D 215 -65.59 -7.27 51.98
N ILE D 216 -66.48 -6.35 52.39
CA ILE D 216 -67.92 -6.38 52.15
C ILE D 216 -68.30 -5.08 51.45
N PRO D 217 -69.27 -5.08 50.49
CA PRO D 217 -69.69 -3.83 49.86
C PRO D 217 -70.31 -2.84 50.86
N ASP D 218 -70.03 -1.55 50.65
CA ASP D 218 -70.59 -0.47 51.47
C ASP D 218 -72.11 -0.52 51.50
N GLY D 219 -72.69 0.03 52.57
CA GLY D 219 -74.12 -0.06 52.83
C GLY D 219 -74.58 -1.50 53.04
N SER D 220 -73.87 -2.22 53.91
CA SER D 220 -74.28 -3.55 54.30
C SER D 220 -74.65 -3.58 55.79
N VAL D 221 -75.51 -4.55 56.12
CA VAL D 221 -75.94 -4.84 57.48
C VAL D 221 -75.76 -6.33 57.74
N ILE D 222 -75.55 -6.71 59.00
CA ILE D 222 -75.45 -8.13 59.31
C ILE D 222 -76.82 -8.78 59.18
N SER D 223 -76.89 -9.81 58.32
CA SER D 223 -78.00 -10.77 58.29
C SER D 223 -77.90 -11.72 59.49
N SER D 224 -76.76 -12.40 59.65
CA SER D 224 -76.54 -13.32 60.75
C SER D 224 -75.18 -14.02 60.63
N VAL D 225 -74.51 -14.18 61.79
CA VAL D 225 -73.21 -14.86 61.93
C VAL D 225 -73.44 -16.28 62.44
N SER D 226 -72.82 -17.28 61.79
CA SER D 226 -73.02 -18.65 62.23
C SER D 226 -71.89 -19.55 61.72
N ALA D 227 -71.30 -20.34 62.64
CA ALA D 227 -70.22 -21.31 62.39
C ALA D 227 -69.07 -20.69 61.59
N GLY D 228 -68.64 -19.49 62.00
CA GLY D 228 -67.55 -18.76 61.35
C GLY D 228 -67.92 -18.13 60.00
N LYS D 229 -69.20 -18.18 59.63
CA LYS D 229 -69.68 -17.57 58.39
C LYS D 229 -70.57 -16.37 58.73
N LEU D 230 -70.60 -15.38 57.82
CA LEU D 230 -71.37 -14.16 57.96
C LEU D 230 -72.21 -13.89 56.71
N ASN D 231 -73.54 -13.88 56.88
CA ASN D 231 -74.47 -13.52 55.82
C ASN D 231 -74.81 -12.04 55.96
N TYR D 232 -74.74 -11.30 54.85
CA TYR D 232 -74.94 -9.85 54.89
C TYR D 232 -75.91 -9.38 53.81
N ASN D 233 -76.60 -8.27 54.10
CA ASN D 233 -77.61 -7.68 53.23
C ASN D 233 -77.18 -6.28 52.79
N PRO D 234 -77.67 -5.78 51.62
CA PRO D 234 -78.57 -6.56 50.75
C PRO D 234 -77.81 -7.51 49.82
N GLY D 235 -78.47 -8.61 49.44
CA GLY D 235 -77.88 -9.52 48.48
C GLY D 235 -77.69 -10.92 49.07
N ASP D 236 -77.80 -10.99 50.41
CA ASP D 236 -77.71 -12.21 51.21
C ASP D 236 -76.46 -13.03 50.87
N VAL D 237 -75.33 -12.33 50.66
CA VAL D 237 -74.05 -12.94 50.36
C VAL D 237 -73.51 -13.57 51.65
N GLN D 238 -73.01 -14.81 51.55
CA GLN D 238 -72.40 -15.52 52.66
C GLN D 238 -70.88 -15.45 52.52
N VAL D 239 -70.23 -14.76 53.48
CA VAL D 239 -68.79 -14.51 53.46
C VAL D 239 -68.12 -15.34 54.56
N ASP D 240 -66.80 -15.58 54.42
CA ASP D 240 -66.03 -16.35 55.40
C ASP D 240 -65.25 -15.41 56.32
N LEU D 241 -65.58 -15.47 57.62
CA LEU D 241 -64.91 -14.66 58.61
C LEU D 241 -63.46 -15.14 58.73
N LEU D 242 -62.55 -14.24 59.10
CA LEU D 242 -61.13 -14.48 59.04
C LEU D 242 -60.56 -14.55 60.46
N PRO D 243 -59.42 -15.24 60.67
CA PRO D 243 -58.66 -15.09 61.92
C PRO D 243 -58.43 -13.61 62.14
N LEU D 244 -58.26 -13.21 63.41
CA LEU D 244 -57.79 -11.87 63.75
C LEU D 244 -56.37 -11.74 63.25
N GLU D 245 -55.88 -10.51 63.20
CA GLU D 245 -54.61 -10.24 62.57
C GLU D 245 -53.49 -10.71 63.50
N ASP D 246 -53.65 -10.43 64.81
CA ASP D 246 -52.64 -10.73 65.82
C ASP D 246 -52.93 -12.11 66.42
N SER D 247 -53.12 -13.09 65.55
CA SER D 247 -53.39 -14.46 65.92
C SER D 247 -52.25 -15.34 65.39
N PHE D 248 -52.09 -16.51 66.05
CA PHE D 248 -51.22 -17.61 65.68
C PHE D 248 -51.55 -18.12 64.28
N ILE D 249 -52.83 -18.41 64.01
CA ILE D 249 -53.23 -18.93 62.72
C ILE D 249 -52.95 -17.91 61.60
N ASN D 250 -53.08 -16.60 61.88
CA ASN D 250 -52.75 -15.63 60.86
C ASN D 250 -51.26 -15.71 60.47
N VAL D 251 -50.36 -15.77 61.47
CA VAL D 251 -48.94 -15.90 61.17
C VAL D 251 -48.67 -17.14 60.31
N ILE D 252 -49.26 -18.28 60.69
CA ILE D 252 -49.03 -19.57 60.03
C ILE D 252 -49.53 -19.52 58.57
N ASN D 253 -50.73 -18.98 58.35
CA ASN D 253 -51.27 -18.83 57.00
C ASN D 253 -50.34 -17.95 56.16
N THR D 254 -49.82 -16.87 56.76
CA THR D 254 -48.93 -15.95 56.04
C THR D 254 -47.67 -16.68 55.60
N LEU D 255 -46.99 -17.34 56.55
CA LEU D 255 -45.71 -17.98 56.25
C LEU D 255 -45.95 -19.10 55.24
N GLY D 256 -47.18 -19.63 55.23
CA GLY D 256 -47.51 -20.79 54.43
C GLY D 256 -47.95 -20.45 53.00
N ARG D 257 -47.93 -19.17 52.63
CA ARG D 257 -48.23 -18.81 51.23
C ARG D 257 -47.08 -19.21 50.32
N ASN D 258 -47.40 -19.39 49.02
CA ASN D 258 -46.48 -19.88 48.01
CA ASN D 258 -46.49 -19.85 47.99
C ASN D 258 -45.18 -19.08 48.03
N ASP D 259 -45.22 -17.82 48.47
CA ASP D 259 -44.05 -16.97 48.41
C ASP D 259 -43.48 -16.77 49.80
N GLY D 260 -43.89 -17.64 50.73
CA GLY D 260 -43.64 -17.45 52.15
C GLY D 260 -42.16 -17.36 52.53
N ALA D 261 -41.26 -17.87 51.66
CA ALA D 261 -39.86 -17.92 52.04
C ALA D 261 -39.34 -16.49 52.14
N LYS D 262 -40.08 -15.51 51.57
CA LYS D 262 -39.62 -14.13 51.63
C LYS D 262 -39.66 -13.57 53.06
N TYR D 263 -40.41 -14.19 53.97
CA TYR D 263 -40.48 -13.64 55.33
C TYR D 263 -39.25 -13.99 56.19
N ILE D 264 -38.36 -14.90 55.74
CA ILE D 264 -37.15 -15.21 56.49
C ILE D 264 -36.02 -14.24 56.13
N GLY D 265 -35.54 -13.50 57.11
CA GLY D 265 -34.53 -12.48 56.85
C GLY D 265 -33.19 -13.12 56.46
N GLU D 266 -32.26 -12.28 55.99
CA GLU D 266 -30.98 -12.77 55.52
C GLU D 266 -29.94 -11.67 55.71
N CYS D 267 -28.68 -12.09 55.76
CA CYS D 267 -27.57 -11.16 55.79
C CYS D 267 -27.34 -10.58 54.37
N HIS D 268 -27.11 -9.27 54.29
CA HIS D 268 -27.13 -8.59 53.00
C HIS D 268 -25.73 -8.53 52.38
N SER D 269 -24.71 -8.95 53.13
CA SER D 269 -23.33 -8.94 52.67
C SER D 269 -22.44 -9.64 53.69
N VAL D 270 -21.20 -9.98 53.29
CA VAL D 270 -20.30 -10.57 54.29
C VAL D 270 -19.92 -9.54 55.35
N ALA D 271 -19.95 -8.24 54.99
CA ALA D 271 -19.67 -7.16 55.93
C ALA D 271 -20.66 -7.25 57.09
N ASP D 272 -21.96 -7.41 56.78
CA ASP D 272 -23.04 -7.52 57.76
C ASP D 272 -22.84 -8.78 58.61
N LEU D 273 -22.52 -9.88 57.92
CA LEU D 273 -22.30 -11.16 58.56
C LEU D 273 -21.23 -11.06 59.64
N ARG D 274 -20.16 -10.30 59.38
CA ARG D 274 -19.09 -10.09 60.35
C ARG D 274 -19.60 -9.36 61.62
N ASN D 275 -20.75 -8.67 61.51
CA ASN D 275 -21.35 -7.97 62.65
C ASN D 275 -22.57 -8.72 63.17
N THR D 276 -22.79 -9.96 62.74
CA THR D 276 -23.91 -10.75 63.26
C THR D 276 -23.33 -11.86 64.14
N GLU D 277 -23.43 -11.66 65.46
CA GLU D 277 -22.95 -12.67 66.40
C GLU D 277 -24.00 -13.77 66.52
N PRO D 278 -23.61 -15.05 66.41
CA PRO D 278 -24.58 -16.12 66.62
C PRO D 278 -24.86 -16.26 68.12
N THR D 279 -25.79 -17.15 68.48
CA THR D 279 -26.17 -17.36 69.88
C THR D 279 -26.12 -18.86 70.16
N MET D 280 -26.96 -19.62 69.45
CA MET D 280 -26.89 -21.07 69.38
C MET D 280 -25.67 -21.49 68.56
N ASP D 281 -25.18 -22.73 68.76
CA ASP D 281 -24.05 -23.22 67.97
C ASP D 281 -24.60 -24.03 66.81
N GLY D 282 -23.85 -24.04 65.70
CA GLY D 282 -24.33 -24.60 64.44
C GLY D 282 -25.54 -23.82 63.89
N GLN D 283 -25.75 -22.60 64.42
CA GLN D 283 -26.84 -21.73 63.98
C GLN D 283 -26.78 -21.52 62.47
N ARG D 284 -27.92 -21.66 61.79
CA ARG D 284 -28.00 -21.43 60.34
C ARG D 284 -28.28 -19.93 60.05
N ILE D 285 -27.67 -19.40 59.00
CA ILE D 285 -27.98 -18.05 58.52
C ILE D 285 -27.93 -18.03 57.00
N ILE D 286 -28.78 -17.22 56.39
CA ILE D 286 -28.78 -17.08 54.96
C ILE D 286 -27.97 -15.85 54.56
N LEU D 287 -27.02 -16.02 53.63
CA LEU D 287 -26.35 -14.87 53.06
C LEU D 287 -26.98 -14.56 51.70
N LYS D 288 -27.55 -13.36 51.54
CA LYS D 288 -28.13 -12.96 50.26
C LYS D 288 -27.08 -12.93 49.13
N GLN D 289 -25.89 -12.36 49.42
CA GLN D 289 -24.88 -12.16 48.40
C GLN D 289 -23.60 -11.79 49.12
N HIS D 290 -22.47 -11.92 48.44
CA HIS D 290 -21.22 -11.55 49.10
C HIS D 290 -21.15 -10.03 49.30
N THR D 291 -21.33 -9.26 48.22
CA THR D 291 -21.18 -7.81 48.28
C THR D 291 -22.55 -7.15 48.09
N ALA D 292 -22.83 -6.09 48.88
CA ALA D 292 -24.10 -5.36 48.84
C ALA D 292 -24.46 -5.00 47.40
N GLY D 293 -25.62 -5.47 46.95
CA GLY D 293 -26.20 -5.03 45.70
C GLY D 293 -25.89 -5.91 44.50
N THR D 294 -25.13 -6.99 44.67
CA THR D 294 -24.67 -7.69 43.48
C THR D 294 -25.53 -8.88 43.13
N LEU D 295 -26.33 -9.38 44.09
CA LEU D 295 -27.08 -10.62 43.98
C LEU D 295 -26.22 -11.86 43.69
N LEU D 296 -24.89 -11.81 43.94
CA LEU D 296 -23.99 -12.96 43.69
C LEU D 296 -23.26 -13.41 44.96
N GLY D 297 -22.91 -14.72 45.00
CA GLY D 297 -22.05 -15.26 46.05
C GLY D 297 -22.79 -15.54 47.37
N GLY D 298 -24.13 -15.44 47.35
CA GLY D 298 -24.96 -15.87 48.47
C GLY D 298 -24.83 -17.37 48.77
N GLY D 299 -25.43 -17.81 49.89
CA GLY D 299 -25.47 -19.21 50.31
C GLY D 299 -25.94 -19.32 51.77
N VAL D 300 -25.69 -20.46 52.40
CA VAL D 300 -26.10 -20.68 53.78
C VAL D 300 -24.79 -20.83 54.55
N PHE D 301 -24.73 -20.30 55.77
CA PHE D 301 -23.60 -20.48 56.64
C PHE D 301 -24.02 -21.04 58.01
N ARG D 302 -23.05 -21.61 58.71
CA ARG D 302 -23.33 -22.19 60.02
C ARG D 302 -22.31 -21.71 61.02
N ALA D 303 -22.77 -21.41 62.24
CA ALA D 303 -21.91 -20.75 63.20
C ALA D 303 -21.11 -21.76 64.03
N LEU D 304 -19.90 -21.33 64.38
CA LEU D 304 -19.05 -21.91 65.41
C LEU D 304 -18.80 -20.76 66.35
N ILE D 305 -19.38 -20.80 67.57
CA ILE D 305 -19.27 -19.73 68.55
C ILE D 305 -17.78 -19.53 68.88
N ASP D 306 -17.07 -20.65 69.08
CA ASP D 306 -15.64 -20.54 69.34
C ASP D 306 -14.88 -20.63 68.02
N GLY D 307 -14.48 -19.47 67.49
CA GLY D 307 -13.88 -19.43 66.16
C GLY D 307 -12.36 -19.65 66.13
N THR D 308 -11.65 -19.52 67.26
CA THR D 308 -10.19 -19.57 67.29
C THR D 308 -9.73 -20.81 66.54
N GLY D 309 -8.62 -20.64 65.81
CA GLY D 309 -8.19 -21.67 64.87
C GLY D 309 -8.84 -21.57 63.48
N LYS D 310 -9.68 -20.55 63.27
CA LYS D 310 -10.29 -20.30 61.97
C LYS D 310 -9.86 -18.92 61.49
N THR D 311 -9.46 -18.81 60.21
CA THR D 311 -9.07 -17.50 59.68
C THR D 311 -10.10 -16.99 58.66
N ASP D 312 -10.50 -15.72 58.78
CA ASP D 312 -11.40 -15.09 57.80
C ASP D 312 -10.77 -15.24 56.41
N ASN D 313 -11.52 -15.81 55.44
CA ASN D 313 -10.96 -15.93 54.07
C ASN D 313 -11.80 -15.13 53.05
N ASN D 314 -12.83 -14.45 53.56
CA ASN D 314 -13.60 -13.54 52.73
C ASN D 314 -14.51 -14.31 51.77
N GLY D 315 -14.79 -15.61 52.01
CA GLY D 315 -15.81 -16.26 51.18
C GLY D 315 -16.45 -17.52 51.78
N THR D 316 -15.65 -18.36 52.49
CA THR D 316 -16.21 -19.58 53.08
C THR D 316 -16.02 -19.59 54.60
N VAL D 317 -15.06 -18.83 55.12
CA VAL D 317 -14.93 -18.69 56.56
C VAL D 317 -14.97 -17.20 56.87
N ILE D 318 -16.02 -16.75 57.58
CA ILE D 318 -16.22 -15.35 57.90
C ILE D 318 -16.25 -15.22 59.43
N LYS D 319 -15.29 -14.45 59.98
CA LYS D 319 -15.04 -14.31 61.40
C LYS D 319 -15.79 -13.07 61.89
N THR D 320 -16.47 -13.21 63.04
CA THR D 320 -17.21 -12.06 63.54
C THR D 320 -16.32 -11.23 64.46
N VAL D 321 -16.74 -9.99 64.71
CA VAL D 321 -16.08 -9.11 65.67
C VAL D 321 -15.93 -9.80 67.04
N GLY D 322 -16.82 -10.75 67.36
CA GLY D 322 -16.82 -11.40 68.66
C GLY D 322 -16.14 -12.76 68.67
N GLY D 323 -15.41 -13.12 67.61
CA GLY D 323 -14.60 -14.33 67.63
C GLY D 323 -15.34 -15.60 67.21
N ALA D 324 -16.63 -15.47 66.83
CA ALA D 324 -17.35 -16.56 66.16
C ALA D 324 -16.92 -16.71 64.69
N ALA D 325 -17.10 -17.92 64.15
CA ALA D 325 -16.82 -18.15 62.75
C ALA D 325 -18.11 -18.60 62.06
N TRP D 326 -18.42 -17.98 60.92
CA TRP D 326 -19.50 -18.49 60.09
C TRP D 326 -18.86 -19.28 58.95
N LEU D 327 -19.34 -20.52 58.71
CA LEU D 327 -18.73 -21.41 57.74
C LEU D 327 -19.72 -21.76 56.63
N ARG D 328 -19.29 -21.59 55.37
CA ARG D 328 -20.26 -21.75 54.31
C ARG D 328 -20.59 -23.24 54.24
N VAL D 329 -21.87 -23.56 54.05
CA VAL D 329 -22.26 -24.91 53.78
C VAL D 329 -21.88 -25.15 52.33
N ASN D 330 -20.79 -25.91 52.16
CA ASN D 330 -20.24 -26.17 50.84
C ASN D 330 -19.47 -27.50 50.90
N ALA D 331 -20.07 -28.61 50.44
CA ALA D 331 -19.44 -29.93 50.34
C ALA D 331 -18.01 -29.85 49.78
N ASP D 332 -17.89 -29.27 48.59
CA ASP D 332 -16.85 -29.65 47.66
C ASP D 332 -16.09 -28.42 47.14
N ARG D 333 -16.20 -28.15 45.84
CA ARG D 333 -15.33 -27.14 45.23
C ARG D 333 -15.81 -25.74 45.59
N VAL D 334 -14.88 -24.79 45.65
CA VAL D 334 -15.29 -23.38 45.76
C VAL D 334 -15.38 -22.77 44.36
N ASN D 335 -16.03 -21.59 44.25
CA ASN D 335 -16.01 -20.83 43.00
C ASN D 335 -15.71 -19.35 43.30
N PRO D 336 -15.17 -18.56 42.34
CA PRO D 336 -14.83 -17.15 42.60
C PRO D 336 -16.01 -16.27 43.10
N PHE D 337 -17.24 -16.60 42.74
CA PHE D 337 -18.36 -15.76 43.18
C PHE D 337 -18.48 -15.82 44.70
N MET D 338 -18.10 -16.97 45.31
CA MET D 338 -18.19 -17.09 46.76
C MET D 338 -17.27 -16.07 47.45
N PHE D 339 -16.24 -15.60 46.75
CA PHE D 339 -15.24 -14.70 47.34
C PHE D 339 -15.41 -13.26 46.82
N GLY D 340 -16.53 -12.98 46.14
CA GLY D 340 -16.83 -11.61 45.71
C GLY D 340 -16.55 -11.30 44.23
N ALA D 341 -16.30 -12.31 43.39
CA ALA D 341 -16.11 -12.14 41.95
C ALA D 341 -17.41 -11.58 41.34
N LEU D 342 -17.30 -10.73 40.30
CA LEU D 342 -18.48 -10.15 39.67
C LEU D 342 -18.67 -10.65 38.23
N GLY D 343 -17.63 -11.27 37.64
CA GLY D 343 -17.73 -11.61 36.23
C GLY D 343 -17.76 -10.33 35.38
N GLY D 344 -18.22 -10.47 34.12
CA GLY D 344 -18.17 -9.39 33.14
C GLY D 344 -16.79 -8.73 33.07
N SER D 345 -16.71 -7.40 33.18
CA SER D 345 -15.42 -6.77 32.89
C SER D 345 -14.71 -6.48 34.19
N ASN D 346 -15.28 -7.00 35.27
CA ASN D 346 -14.68 -6.84 36.58
C ASN D 346 -13.32 -7.54 36.69
N ASP D 347 -12.41 -6.91 37.43
CA ASP D 347 -11.14 -7.51 37.78
C ASP D 347 -11.36 -8.48 38.96
N ASP D 348 -11.34 -9.79 38.70
CA ASP D 348 -11.71 -10.82 39.66
C ASP D 348 -10.43 -11.50 40.19
N THR D 349 -9.24 -10.87 40.04
CA THR D 349 -7.98 -11.42 40.52
C THR D 349 -8.06 -11.90 41.98
N ILE D 350 -8.46 -11.01 42.92
CA ILE D 350 -8.37 -11.35 44.34
C ILE D 350 -9.32 -12.50 44.68
N PRO D 351 -10.61 -12.48 44.25
CA PRO D 351 -11.49 -13.64 44.43
C PRO D 351 -10.91 -14.94 43.87
N VAL D 352 -10.29 -14.87 42.68
CA VAL D 352 -9.73 -16.08 42.10
C VAL D 352 -8.54 -16.57 42.94
N GLN D 353 -7.66 -15.63 43.36
CA GLN D 353 -6.50 -16.03 44.17
C GLN D 353 -6.97 -16.66 45.50
N SER D 354 -8.05 -16.10 46.06
CA SER D 354 -8.66 -16.64 47.28
C SER D 354 -9.19 -18.08 47.07
N CYS D 355 -9.81 -18.37 45.91
CA CYS D 355 -10.23 -19.74 45.65
C CYS D 355 -9.07 -20.73 45.65
N VAL D 356 -7.98 -20.39 44.92
CA VAL D 356 -6.93 -21.38 44.78
C VAL D 356 -6.12 -21.49 46.08
N ASP D 357 -6.26 -20.50 46.98
CA ASP D 357 -5.61 -20.57 48.28
C ASP D 357 -6.54 -21.18 49.33
N SER D 358 -7.77 -21.52 48.95
CA SER D 358 -8.78 -21.73 49.97
C SER D 358 -8.53 -23.02 50.77
N GLY D 359 -7.87 -24.02 50.16
CA GLY D 359 -7.81 -25.32 50.80
C GLY D 359 -8.72 -26.31 50.08
N LYS D 360 -9.48 -25.85 49.07
CA LYS D 360 -10.23 -26.77 48.23
C LYS D 360 -9.93 -26.51 46.73
N ALA D 361 -10.41 -27.42 45.87
CA ALA D 361 -10.35 -27.21 44.43
C ALA D 361 -11.36 -26.12 44.06
N THR D 362 -11.04 -25.41 42.97
CA THR D 362 -11.87 -24.32 42.46
C THR D 362 -12.61 -24.81 41.23
N GLN D 363 -13.90 -24.49 41.14
CA GLN D 363 -14.66 -24.69 39.90
C GLN D 363 -14.84 -23.33 39.19
N LEU D 364 -14.44 -23.21 37.91
CA LEU D 364 -14.76 -22.01 37.13
C LEU D 364 -16.10 -22.21 36.43
N THR D 365 -17.05 -21.31 36.73
CA THR D 365 -18.40 -21.54 36.25
C THR D 365 -18.63 -20.52 35.13
N ASP D 366 -17.62 -19.67 34.84
CA ASP D 366 -17.82 -18.53 33.94
C ASP D 366 -16.47 -18.01 33.50
N ALA D 367 -16.44 -16.84 32.83
CA ALA D 367 -15.20 -16.16 32.44
C ALA D 367 -14.87 -15.10 33.48
N HIS D 368 -13.61 -15.07 33.91
CA HIS D 368 -13.20 -14.12 34.94
C HIS D 368 -11.92 -13.43 34.48
N TYR D 369 -11.90 -12.09 34.48
CA TYR D 369 -10.64 -11.39 34.28
C TYR D 369 -9.75 -11.48 35.50
N VAL D 370 -8.44 -11.64 35.27
CA VAL D 370 -7.46 -11.67 36.35
C VAL D 370 -6.24 -10.99 35.78
N SER D 371 -5.34 -10.57 36.66
CA SER D 371 -4.07 -10.07 36.19
C SER D 371 -3.03 -11.21 36.23
N ASN D 372 -2.72 -11.69 37.45
CA ASN D 372 -1.78 -12.79 37.69
C ASN D 372 -2.24 -13.62 38.91
N ILE D 373 -2.22 -14.96 38.79
CA ILE D 373 -2.69 -15.88 39.84
C ILE D 373 -1.52 -16.82 40.15
N GLN D 374 -1.31 -17.19 41.43
CA GLN D 374 -0.32 -18.21 41.80
C GLN D 374 -1.01 -19.47 42.36
N LEU D 375 -0.61 -20.66 41.85
CA LEU D 375 -1.02 -21.95 42.39
C LEU D 375 0.07 -22.44 43.36
N LYS D 376 -0.29 -22.63 44.65
CA LYS D 376 0.73 -22.85 45.66
C LYS D 376 0.60 -24.19 46.39
N TYR D 377 -0.61 -24.80 46.35
CA TYR D 377 -0.87 -25.90 47.28
C TYR D 377 -1.35 -27.15 46.53
N ASN D 378 -1.37 -28.29 47.24
CA ASN D 378 -1.81 -29.53 46.63
C ASN D 378 -3.33 -29.53 46.54
N THR D 379 -3.95 -28.44 47.06
CA THR D 379 -5.39 -28.24 46.94
C THR D 379 -5.75 -27.28 45.77
N SER D 380 -4.73 -26.71 45.12
CA SER D 380 -4.90 -25.63 44.14
C SER D 380 -5.35 -26.13 42.76
N SER D 381 -6.17 -27.20 42.70
CA SER D 381 -6.70 -27.67 41.44
C SER D 381 -7.70 -26.64 40.92
N ILE D 382 -7.92 -26.67 39.58
CA ILE D 382 -8.92 -25.83 38.91
C ILE D 382 -9.65 -26.71 37.88
N TYR D 383 -10.97 -26.71 37.94
CA TYR D 383 -11.82 -27.40 36.96
C TYR D 383 -12.78 -26.41 36.32
N GLY D 384 -13.00 -26.57 35.00
CA GLY D 384 -14.07 -25.86 34.33
C GLY D 384 -15.05 -26.86 33.73
N SER D 385 -15.77 -26.44 32.68
CA SER D 385 -16.72 -27.33 32.00
C SER D 385 -16.55 -27.25 30.48
N GLY D 386 -15.38 -26.79 30.03
CA GLY D 386 -15.26 -26.58 28.58
C GLY D 386 -14.01 -25.78 28.25
N LEU D 387 -13.61 -25.80 26.97
CA LEU D 387 -12.33 -25.25 26.58
C LEU D 387 -12.42 -23.74 26.34
N HIS D 388 -13.61 -23.14 26.58
CA HIS D 388 -13.82 -21.75 26.21
C HIS D 388 -14.57 -20.95 27.28
N TYR D 389 -15.80 -21.37 27.52
CA TYR D 389 -16.73 -20.51 28.23
C TYR D 389 -16.36 -20.37 29.71
N SER D 390 -15.82 -21.43 30.31
CA SER D 390 -15.37 -21.39 31.70
C SER D 390 -13.86 -21.11 31.66
N ARG D 391 -13.39 -19.91 32.04
CA ARG D 391 -12.02 -19.57 31.71
C ARG D 391 -11.53 -18.43 32.61
N LEU D 392 -10.21 -18.25 32.67
CA LEU D 392 -9.54 -17.05 33.13
C LEU D 392 -9.07 -16.26 31.89
N HIS D 393 -9.26 -14.93 31.92
CA HIS D 393 -8.86 -14.00 30.86
C HIS D 393 -7.92 -12.96 31.48
N GLN D 394 -6.69 -12.87 31.00
CA GLN D 394 -5.76 -11.86 31.52
C GLN D 394 -6.24 -10.47 31.10
N LEU D 395 -6.17 -9.52 32.05
CA LEU D 395 -6.58 -8.14 31.79
C LEU D 395 -5.60 -7.49 30.79
N PRO D 396 -6.11 -6.58 29.91
CA PRO D 396 -5.28 -5.89 28.91
C PRO D 396 -4.08 -5.16 29.50
N SER D 397 -4.23 -4.66 30.73
CA SER D 397 -3.16 -3.91 31.38
C SER D 397 -2.14 -4.81 32.06
N ALA D 398 -2.44 -6.11 32.19
CA ALA D 398 -1.54 -6.95 32.97
C ALA D 398 -0.39 -7.46 32.08
N THR D 399 0.76 -7.73 32.69
CA THR D 399 1.88 -8.39 32.03
C THR D 399 2.33 -9.62 32.84
N GLY D 400 3.34 -10.37 32.32
CA GLY D 400 3.85 -11.59 32.95
C GLY D 400 2.84 -12.75 32.91
N ASN D 401 2.94 -13.64 33.91
CA ASN D 401 2.31 -14.96 33.89
C ASN D 401 0.87 -14.90 34.35
N CYS D 402 -0.07 -15.26 33.47
CA CYS D 402 -1.48 -15.34 33.88
C CYS D 402 -1.65 -16.34 35.03
N ILE D 403 -1.12 -17.56 34.91
CA ILE D 403 -1.03 -18.54 35.99
C ILE D 403 0.43 -18.94 36.18
N THR D 404 0.91 -18.87 37.42
CA THR D 404 2.18 -19.45 37.82
C THR D 404 1.96 -20.65 38.75
N ILE D 405 2.62 -21.79 38.47
CA ILE D 405 2.59 -22.95 39.33
C ILE D 405 3.87 -22.90 40.15
N LYS D 406 3.70 -22.68 41.46
CA LYS D 406 4.80 -22.47 42.38
C LYS D 406 5.40 -23.83 42.74
N ASP D 407 6.64 -23.76 43.21
CA ASP D 407 7.45 -24.95 43.41
C ASP D 407 7.02 -25.69 44.67
N THR D 408 6.02 -25.17 45.41
CA THR D 408 5.36 -25.83 46.54
C THR D 408 4.10 -26.60 46.13
N CYS D 409 3.67 -26.47 44.86
CA CYS D 409 2.40 -27.00 44.39
C CYS D 409 2.62 -28.31 43.61
N SER D 410 2.04 -29.44 44.08
CA SER D 410 2.15 -30.73 43.41
C SER D 410 0.79 -31.40 43.42
N LEU D 411 0.53 -32.36 42.50
CA LEU D 411 -0.52 -33.37 42.66
C LEU D 411 -1.92 -32.75 42.51
N ILE D 412 -1.98 -31.63 41.78
CA ILE D 412 -3.21 -30.97 41.39
C ILE D 412 -3.61 -31.40 39.96
N VAL D 413 -4.85 -31.07 39.62
CA VAL D 413 -5.38 -31.25 38.28
C VAL D 413 -5.81 -29.87 37.79
N LEU D 414 -5.42 -29.48 36.54
CA LEU D 414 -6.01 -28.35 35.80
C LEU D 414 -6.83 -28.95 34.65
N ASP D 415 -8.14 -28.72 34.62
CA ASP D 415 -8.96 -29.56 33.77
C ASP D 415 -10.10 -28.75 33.15
N ALA D 416 -10.22 -28.78 31.80
CA ALA D 416 -11.42 -28.33 31.11
C ALA D 416 -11.70 -26.86 31.43
N PHE D 417 -10.70 -25.99 31.26
CA PHE D 417 -11.01 -24.57 31.23
C PHE D 417 -10.06 -23.82 30.27
N GLY D 418 -10.41 -22.55 30.03
CA GLY D 418 -9.62 -21.73 29.10
C GLY D 418 -8.71 -20.78 29.89
N VAL D 419 -7.53 -20.46 29.33
CA VAL D 419 -6.66 -19.42 29.86
C VAL D 419 -6.37 -18.51 28.66
N TYR D 420 -7.00 -17.32 28.61
CA TYR D 420 -6.91 -16.45 27.43
C TYR D 420 -6.17 -15.16 27.77
N GLY D 421 -5.40 -14.63 26.80
CA GLY D 421 -4.80 -13.30 26.90
C GLY D 421 -5.35 -12.37 25.82
N THR D 422 -4.75 -11.17 25.64
CA THR D 422 -5.33 -10.11 24.80
C THR D 422 -5.55 -10.60 23.36
N GLY D 423 -4.66 -11.49 22.87
CA GLY D 423 -4.72 -11.92 21.46
C GLY D 423 -5.54 -13.18 21.18
N ALA D 424 -6.43 -13.55 22.09
CA ALA D 424 -7.09 -14.85 22.05
C ALA D 424 -7.93 -15.02 20.80
N GLN D 425 -8.65 -13.96 20.41
CA GLN D 425 -9.46 -14.03 19.19
C GLN D 425 -8.57 -13.95 17.95
N GLN D 426 -8.89 -14.76 16.91
CA GLN D 426 -8.03 -14.77 15.72
C GLN D 426 -7.81 -13.36 15.13
N GLY D 427 -6.54 -13.10 14.79
CA GLY D 427 -6.11 -11.90 14.09
C GLY D 427 -6.12 -10.68 15.01
N THR D 428 -6.05 -10.85 16.33
CA THR D 428 -6.03 -9.69 17.23
C THR D 428 -4.61 -9.49 17.76
N SER D 429 -4.36 -8.32 18.34
CA SER D 429 -3.04 -8.00 18.85
C SER D 429 -2.91 -8.46 20.30
N PHE D 430 -1.68 -8.35 20.83
CA PHE D 430 -1.24 -8.97 22.07
C PHE D 430 -0.90 -7.88 23.08
N THR D 431 -0.82 -8.22 24.37
CA THR D 431 -0.09 -7.36 25.29
C THR D 431 1.33 -7.90 25.46
N ALA D 432 2.34 -7.04 25.31
CA ALA D 432 3.76 -7.41 25.37
C ALA D 432 4.14 -8.00 26.72
N GLY D 433 4.91 -9.12 26.71
CA GLY D 433 5.54 -9.69 27.89
C GLY D 433 4.61 -10.59 28.72
N THR D 434 3.59 -11.17 28.07
CA THR D 434 2.67 -12.08 28.76
C THR D 434 2.95 -13.57 28.45
N THR D 435 2.64 -14.44 29.45
CA THR D 435 2.73 -15.89 29.33
C THR D 435 1.44 -16.46 29.93
N GLY D 436 0.91 -17.52 29.33
CA GLY D 436 -0.32 -18.12 29.85
C GLY D 436 -0.07 -18.87 31.15
N ILE D 437 0.77 -19.94 31.09
CA ILE D 437 0.99 -20.76 32.27
C ILE D 437 2.49 -20.97 32.38
N TYR D 438 3.04 -20.56 33.52
CA TYR D 438 4.46 -20.72 33.76
C TYR D 438 4.70 -21.66 34.95
N VAL D 439 5.61 -22.61 34.80
CA VAL D 439 5.98 -23.55 35.86
C VAL D 439 7.40 -23.23 36.29
N GLU D 440 7.53 -22.60 37.45
CA GLU D 440 8.80 -22.01 37.86
C GLU D 440 9.82 -23.09 38.24
N THR D 441 11.11 -22.74 38.17
CA THR D 441 12.21 -23.62 38.52
C THR D 441 12.17 -23.85 40.04
N PRO D 442 12.15 -25.11 40.53
CA PRO D 442 12.13 -25.38 41.97
C PRO D 442 13.42 -24.90 42.66
N SER D 443 13.27 -24.33 43.86
CA SER D 443 14.39 -23.75 44.55
C SER D 443 14.87 -24.68 45.68
N GLY D 444 14.38 -25.93 45.72
CA GLY D 444 14.82 -26.91 46.72
C GLY D 444 14.10 -28.27 46.58
N LEU D 445 14.37 -29.16 47.53
CA LEU D 445 13.96 -30.56 47.53
C LEU D 445 13.45 -30.93 48.92
N SER D 446 12.19 -31.42 49.02
CA SER D 446 11.60 -31.85 50.29
C SER D 446 11.94 -33.31 50.55
N ALA D 447 11.92 -33.69 51.85
CA ALA D 447 12.09 -35.08 52.27
C ALA D 447 10.74 -35.71 52.69
N ASP D 448 9.60 -35.01 52.47
CA ASP D 448 8.33 -35.53 53.02
C ASP D 448 7.21 -35.60 51.96
N TYR D 449 7.58 -35.68 50.67
CA TYR D 449 6.61 -35.92 49.61
C TYR D 449 5.74 -37.14 49.99
N PRO D 450 4.42 -37.19 49.70
CA PRO D 450 3.67 -36.12 49.02
C PRO D 450 3.06 -35.07 49.94
N PHE D 451 3.46 -35.08 51.21
CA PHE D 451 2.83 -34.18 52.18
C PHE D 451 3.60 -32.88 52.29
N HIS D 452 4.56 -32.61 51.38
CA HIS D 452 5.45 -31.46 51.57
C HIS D 452 4.68 -30.14 51.45
N THR D 453 5.19 -29.13 52.15
CA THR D 453 4.70 -27.77 52.03
C THR D 453 5.84 -26.84 51.64
N THR D 454 7.01 -27.40 51.31
CA THR D 454 8.13 -26.58 50.86
C THR D 454 8.47 -26.92 49.40
N ALA D 455 9.50 -26.26 48.88
CA ALA D 455 9.93 -26.36 47.48
C ALA D 455 10.28 -27.80 47.15
N ASP D 456 9.73 -28.29 46.02
CA ASP D 456 10.08 -29.63 45.59
C ASP D 456 10.00 -29.68 44.06
N PRO D 457 10.83 -30.50 43.37
CA PRO D 457 10.77 -30.64 41.91
C PRO D 457 9.69 -31.62 41.41
N ARG D 458 9.07 -32.38 42.32
CA ARG D 458 8.03 -33.33 41.89
C ARG D 458 6.67 -32.64 41.76
N ARG D 459 6.40 -32.14 40.55
CA ARG D 459 5.13 -31.48 40.25
C ARG D 459 4.03 -32.54 40.25
N ASP D 460 4.24 -33.65 39.52
CA ASP D 460 3.31 -34.77 39.52
C ASP D 460 1.88 -34.25 39.34
N LEU D 461 1.67 -33.40 38.32
CA LEU D 461 0.35 -32.82 38.14
C LEU D 461 -0.10 -33.02 36.69
N CYS D 462 -1.40 -32.84 36.46
CA CYS D 462 -1.98 -33.08 35.15
C CYS D 462 -2.66 -31.81 34.65
N ILE D 463 -2.30 -31.40 33.44
CA ILE D 463 -3.01 -30.33 32.74
C ILE D 463 -3.74 -31.01 31.61
N SER D 464 -5.06 -31.06 31.72
CA SER D 464 -5.88 -31.92 30.85
C SER D 464 -7.06 -31.11 30.28
N LYS D 465 -7.21 -31.11 28.93
CA LYS D 465 -8.26 -30.38 28.23
C LYS D 465 -8.24 -28.91 28.58
N VAL D 466 -7.06 -28.32 28.64
CA VAL D 466 -6.93 -26.89 28.91
C VAL D 466 -6.61 -26.17 27.59
N HIS D 467 -7.30 -25.05 27.35
CA HIS D 467 -7.13 -24.27 26.12
C HIS D 467 -6.37 -22.97 26.44
N ILE D 468 -5.12 -22.85 25.98
CA ILE D 468 -4.39 -21.61 26.26
C ILE D 468 -4.33 -20.81 24.95
N ALA D 469 -4.74 -19.53 24.98
CA ALA D 469 -4.78 -18.74 23.76
C ALA D 469 -4.42 -17.28 24.06
N GLY D 470 -3.64 -16.68 23.15
CA GLY D 470 -3.64 -15.24 23.04
C GLY D 470 -2.58 -14.54 23.87
N PHE D 471 -1.48 -15.23 24.22
CA PHE D 471 -0.37 -14.60 24.95
C PHE D 471 0.80 -14.24 24.05
N ASP D 472 1.67 -13.37 24.56
CA ASP D 472 2.82 -12.85 23.83
C ASP D 472 3.96 -13.86 23.79
N GLU D 473 4.63 -14.07 24.93
CA GLU D 473 5.91 -14.79 24.92
C GLU D 473 5.73 -16.31 24.81
N TYR D 474 4.83 -16.85 25.64
CA TYR D 474 4.63 -18.29 25.67
C TYR D 474 3.19 -18.57 26.01
N GLY D 475 2.66 -19.64 25.40
CA GLY D 475 1.42 -20.23 25.87
C GLY D 475 1.69 -20.96 27.20
N LEU D 476 2.47 -22.06 27.13
CA LEU D 476 2.89 -22.84 28.28
C LEU D 476 4.41 -22.82 28.31
N ASN D 477 4.97 -22.52 29.50
CA ASN D 477 6.43 -22.47 29.63
C ASN D 477 6.78 -23.25 30.89
N ILE D 478 7.24 -24.51 30.75
CA ILE D 478 7.64 -25.35 31.88
C ILE D 478 9.15 -25.24 32.05
N ASP D 479 9.60 -24.65 33.16
CA ASP D 479 11.01 -24.34 33.28
C ASP D 479 11.81 -25.51 33.84
N SER D 480 13.16 -25.33 33.87
CA SER D 480 14.11 -26.34 34.30
C SER D 480 13.79 -26.91 35.68
N GLY D 481 14.05 -28.20 35.90
CA GLY D 481 14.06 -28.78 37.25
C GLY D 481 12.72 -29.34 37.70
N ASN D 482 11.66 -29.27 36.88
CA ASN D 482 10.34 -29.79 37.23
C ASN D 482 10.09 -31.18 36.63
N PHE D 483 9.70 -32.15 37.48
CA PHE D 483 9.48 -33.50 36.99
C PHE D 483 7.97 -33.75 36.88
N SER D 484 7.57 -34.56 35.88
CA SER D 484 6.21 -35.13 35.79
C SER D 484 5.14 -34.08 35.64
N VAL D 485 5.38 -33.08 34.79
CA VAL D 485 4.26 -32.25 34.40
C VAL D 485 3.57 -32.93 33.22
N THR D 486 2.45 -33.64 33.49
CA THR D 486 1.70 -34.31 32.44
C THR D 486 0.83 -33.27 31.73
N THR D 487 0.85 -33.27 30.40
CA THR D 487 -0.28 -32.64 29.74
C THR D 487 -1.06 -33.69 28.97
N ASP D 488 -2.33 -33.39 28.77
CA ASP D 488 -3.22 -34.34 28.16
C ASP D 488 -4.30 -33.55 27.40
N SER D 489 -4.40 -33.69 26.06
CA SER D 489 -5.33 -32.88 25.29
C SER D 489 -5.12 -31.38 25.51
N LEU D 490 -3.86 -30.95 25.63
CA LEU D 490 -3.61 -29.52 25.71
C LEU D 490 -3.86 -28.88 24.34
N LEU D 491 -4.55 -27.70 24.35
CA LEU D 491 -4.78 -26.97 23.11
C LEU D 491 -4.20 -25.55 23.23
N VAL D 492 -3.24 -25.18 22.35
CA VAL D 492 -2.60 -23.87 22.45
C VAL D 492 -2.77 -23.23 21.07
N ASN D 493 -3.25 -21.98 21.05
CA ASN D 493 -3.74 -21.26 19.88
C ASN D 493 -3.28 -19.80 19.99
N HIS D 494 -2.90 -19.18 18.85
CA HIS D 494 -2.78 -17.72 18.72
C HIS D 494 -1.80 -17.16 19.76
N ILE D 495 -0.55 -17.57 19.63
CA ILE D 495 0.50 -17.09 20.49
C ILE D 495 1.43 -16.25 19.61
N ASN D 496 1.79 -15.05 20.08
CA ASN D 496 2.59 -14.15 19.26
C ASN D 496 4.00 -14.72 19.00
N GLN D 497 4.52 -15.47 19.97
CA GLN D 497 5.87 -15.99 19.87
C GLN D 497 5.84 -17.53 19.92
N VAL D 498 6.23 -18.13 21.06
CA VAL D 498 6.34 -19.59 21.19
C VAL D 498 5.11 -20.22 21.87
N GLY D 499 4.47 -21.21 21.22
CA GLY D 499 3.29 -21.86 21.81
C GLY D 499 3.60 -22.58 23.14
N VAL D 500 4.58 -23.48 23.13
CA VAL D 500 4.92 -24.30 24.28
C VAL D 500 6.44 -24.38 24.36
N ARG D 501 7.00 -23.97 25.51
CA ARG D 501 8.40 -24.22 25.79
C ARG D 501 8.49 -25.23 26.96
N CYS D 502 9.38 -26.22 26.84
CA CYS D 502 9.70 -27.09 27.96
C CYS D 502 11.22 -27.16 28.08
N ALA D 503 11.73 -27.03 29.31
CA ALA D 503 13.18 -27.01 29.49
C ALA D 503 13.57 -27.95 30.63
N THR D 504 12.88 -29.09 30.70
CA THR D 504 12.98 -29.99 31.86
C THR D 504 12.95 -31.46 31.41
N THR D 505 13.04 -32.37 32.41
CA THR D 505 13.18 -33.78 32.18
C THR D 505 12.03 -34.54 32.83
N ASP D 506 11.83 -35.78 32.37
CA ASP D 506 10.94 -36.78 32.97
C ASP D 506 9.47 -36.40 32.91
N TRP D 507 8.90 -36.40 31.71
CA TRP D 507 7.50 -36.02 31.56
C TRP D 507 6.87 -36.75 30.39
N THR D 508 5.54 -36.77 30.37
CA THR D 508 4.83 -37.40 29.28
C THR D 508 3.70 -36.48 28.86
N TRP D 509 3.58 -36.15 27.55
CA TRP D 509 2.44 -35.40 27.02
C TRP D 509 1.69 -36.30 26.04
N THR D 510 0.36 -36.25 26.07
CA THR D 510 -0.39 -36.97 25.08
C THR D 510 -1.38 -35.99 24.42
N ASN D 511 -1.61 -36.18 23.11
CA ASN D 511 -2.58 -35.41 22.30
C ASN D 511 -2.38 -33.91 22.46
N ILE D 512 -1.15 -33.41 22.27
CA ILE D 512 -0.92 -31.98 22.37
C ILE D 512 -1.21 -31.34 21.00
N GLN D 513 -1.97 -30.23 20.98
CA GLN D 513 -2.19 -29.55 19.71
C GLN D 513 -1.80 -28.08 19.85
N VAL D 514 -0.88 -27.60 18.99
CA VAL D 514 -0.47 -26.19 18.98
C VAL D 514 -0.67 -25.61 17.57
N ASN D 515 -1.29 -24.44 17.43
N ASN D 515 -1.25 -24.41 17.48
CA ASN D 515 -1.55 -23.93 16.09
CA ASN D 515 -1.77 -23.83 16.25
C ASN D 515 -1.60 -22.40 16.10
C ASN D 515 -1.47 -22.33 16.23
N THR D 516 -0.90 -21.82 15.12
CA THR D 516 -0.82 -20.39 14.85
C THR D 516 0.01 -19.67 15.90
N CYS D 517 1.33 -19.78 15.77
CA CYS D 517 2.27 -19.08 16.63
C CYS D 517 3.20 -18.24 15.76
N GLY D 518 3.66 -17.09 16.27
CA GLY D 518 4.47 -16.22 15.44
C GLY D 518 5.92 -16.71 15.36
N LYS D 519 6.36 -17.49 16.34
CA LYS D 519 7.64 -18.21 16.25
C LYS D 519 7.37 -19.72 16.26
N GLN D 520 8.12 -20.49 17.08
CA GLN D 520 7.92 -21.93 17.17
C GLN D 520 6.56 -22.28 17.77
N CYS D 521 5.94 -23.39 17.31
CA CYS D 521 4.87 -24.02 18.04
C CYS D 521 5.40 -24.65 19.34
N LEU D 522 6.57 -25.29 19.25
CA LEU D 522 7.13 -26.01 20.40
C LEU D 522 8.65 -25.81 20.48
N VAL D 523 9.16 -25.45 21.66
CA VAL D 523 10.61 -25.43 21.86
C VAL D 523 10.94 -26.40 23.01
N LEU D 524 11.76 -27.41 22.74
CA LEU D 524 12.34 -28.30 23.73
C LEU D 524 13.79 -27.85 23.81
N ASP D 525 14.18 -27.27 24.93
CA ASP D 525 15.51 -26.69 25.05
C ASP D 525 16.12 -27.17 26.36
N GLY D 526 17.17 -28.01 26.27
CA GLY D 526 17.69 -28.73 27.43
C GLY D 526 16.74 -29.77 28.02
N CYS D 527 15.85 -30.39 27.23
CA CYS D 527 15.07 -31.51 27.74
C CYS D 527 15.80 -32.86 27.69
N GLY D 528 15.23 -33.83 28.44
CA GLY D 528 15.75 -35.17 28.59
C GLY D 528 14.64 -36.10 29.08
N ASN D 529 14.62 -37.36 28.61
CA ASN D 529 13.77 -38.39 29.19
C ASN D 529 12.30 -37.98 29.11
N GLY D 530 11.88 -37.50 27.93
CA GLY D 530 10.57 -36.95 27.66
C GLY D 530 9.82 -37.80 26.63
N ARG D 531 8.48 -37.77 26.66
CA ARG D 531 7.65 -38.56 25.76
C ARG D 531 6.53 -37.64 25.28
N ILE D 532 6.40 -37.50 23.95
CA ILE D 532 5.25 -36.84 23.37
C ILE D 532 4.56 -37.90 22.54
N ILE D 533 3.29 -38.14 22.85
CA ILE D 533 2.56 -39.20 22.18
C ILE D 533 1.29 -38.60 21.57
N GLY D 534 1.25 -38.46 20.24
CA GLY D 534 0.12 -37.77 19.61
C GLY D 534 0.27 -36.26 19.73
N GLY D 535 0.39 -35.58 18.58
CA GLY D 535 0.85 -34.21 18.58
C GLY D 535 0.60 -33.56 17.22
N LYS D 536 0.23 -32.28 17.22
CA LYS D 536 -0.02 -31.58 15.95
C LYS D 536 0.51 -30.17 16.18
N PHE D 537 1.44 -29.76 15.34
CA PHE D 537 2.03 -28.43 15.45
C PHE D 537 1.90 -27.75 14.09
N ILE D 538 0.98 -26.78 13.99
CA ILE D 538 0.59 -26.24 12.71
C ILE D 538 0.62 -24.71 12.71
N TRP D 539 0.90 -24.15 11.51
CA TRP D 539 0.91 -22.70 11.28
C TRP D 539 1.90 -21.99 12.20
N ALA D 540 3.07 -22.59 12.46
CA ALA D 540 4.11 -21.84 13.14
C ALA D 540 4.67 -20.76 12.24
N ASN D 541 5.48 -19.86 12.84
CA ASN D 541 6.13 -18.78 12.12
C ASN D 541 5.08 -18.03 11.28
N TRP D 542 3.93 -17.80 11.91
CA TRP D 542 2.75 -17.28 11.23
C TRP D 542 3.05 -15.82 10.81
N GLN D 543 3.12 -15.60 9.49
CA GLN D 543 3.60 -14.34 8.90
C GLN D 543 2.81 -13.13 9.45
N PRO D 544 1.45 -13.09 9.51
CA PRO D 544 0.78 -11.93 10.08
C PRO D 544 1.17 -11.51 11.50
N TYR D 545 1.77 -12.38 12.32
CA TYR D 545 2.13 -11.95 13.67
C TYR D 545 3.46 -11.18 13.62
N GLY D 546 4.10 -11.17 12.45
CA GLY D 546 5.09 -10.15 12.09
C GLY D 546 6.43 -10.28 12.79
N THR D 547 6.82 -11.51 13.09
CA THR D 547 8.09 -11.87 13.73
C THR D 547 9.29 -11.58 12.82
N VAL D 548 10.38 -11.12 13.44
CA VAL D 548 11.65 -10.84 12.78
C VAL D 548 12.50 -12.10 12.83
N GLY D 549 12.59 -12.80 11.66
CA GLY D 549 13.36 -14.03 11.50
C GLY D 549 12.55 -15.28 11.12
N GLN D 550 13.27 -16.37 10.82
CA GLN D 550 12.68 -17.67 10.56
C GLN D 550 12.72 -18.44 11.89
N PHE D 551 11.66 -19.20 12.15
CA PHE D 551 11.64 -20.09 13.32
C PHE D 551 10.89 -21.35 12.89
N PRO D 552 11.36 -22.53 13.33
CA PRO D 552 10.79 -23.81 12.89
C PRO D 552 9.50 -24.10 13.63
N GLY D 553 8.68 -25.04 13.14
CA GLY D 553 7.51 -25.47 13.91
C GLY D 553 7.93 -26.01 15.28
N ILE D 554 9.03 -26.80 15.30
CA ILE D 554 9.56 -27.37 16.52
C ILE D 554 11.07 -27.13 16.56
N THR D 555 11.55 -26.57 17.67
CA THR D 555 12.97 -26.58 17.98
C THR D 555 13.23 -27.71 18.96
N ILE D 556 14.17 -28.61 18.62
CA ILE D 556 14.74 -29.53 19.59
C ILE D 556 16.21 -29.21 19.74
N ASN D 557 16.54 -28.65 20.89
CA ASN D 557 17.90 -28.15 21.05
C ASN D 557 18.44 -28.68 22.37
N ASN D 558 19.68 -29.19 22.31
CA ASN D 558 20.41 -29.54 23.52
C ASN D 558 19.65 -30.56 24.39
N SER D 559 18.95 -31.50 23.74
CA SER D 559 18.10 -32.48 24.41
C SER D 559 18.65 -33.90 24.17
N GLN D 560 18.06 -34.89 24.86
CA GLN D 560 18.56 -36.25 24.78
C GLN D 560 17.47 -37.24 25.20
N ASN D 561 17.53 -38.46 24.69
CA ASN D 561 16.63 -39.49 25.16
C ASN D 561 15.18 -39.02 25.08
N MET D 562 14.77 -38.53 23.91
CA MET D 562 13.40 -38.09 23.73
C MET D 562 12.70 -39.11 22.85
N VAL D 563 11.47 -39.48 23.21
CA VAL D 563 10.68 -40.37 22.34
C VAL D 563 9.45 -39.58 21.93
N ILE D 564 9.32 -39.35 20.61
CA ILE D 564 8.26 -38.49 20.10
C ILE D 564 7.55 -39.28 19.02
N ASN D 565 6.33 -39.74 19.33
CA ASN D 565 5.60 -40.63 18.45
C ASN D 565 4.27 -40.01 18.03
N GLY D 566 3.89 -40.24 16.77
CA GLY D 566 2.56 -39.88 16.29
C GLY D 566 2.38 -38.36 16.24
N ILE D 567 3.40 -37.59 15.77
CA ILE D 567 3.22 -36.15 15.63
C ILE D 567 3.16 -35.75 14.14
N GLU D 568 2.58 -34.56 13.91
CA GLU D 568 2.41 -33.91 12.62
C GLU D 568 2.95 -32.48 12.72
N VAL D 569 3.74 -32.07 11.72
CA VAL D 569 4.17 -30.68 11.59
C VAL D 569 3.83 -30.23 10.17
N GLN D 570 2.90 -29.28 10.05
CA GLN D 570 2.33 -28.90 8.77
C GLN D 570 2.04 -27.40 8.74
N ASP D 571 2.14 -26.80 7.52
CA ASP D 571 1.72 -25.42 7.28
C ASP D 571 2.55 -24.42 8.11
N CYS D 572 3.78 -24.75 8.49
CA CYS D 572 4.65 -23.81 9.21
C CYS D 572 5.44 -22.89 8.27
N GLY D 573 5.74 -21.66 8.71
CA GLY D 573 6.26 -20.64 7.79
C GLY D 573 7.68 -20.91 7.30
N GLY D 574 8.46 -21.61 8.15
CA GLY D 574 9.88 -21.91 7.95
C GLY D 574 10.11 -23.43 7.94
N ASN D 575 11.26 -23.87 8.47
CA ASN D 575 11.56 -25.29 8.57
C ASN D 575 10.52 -25.98 9.47
N GLY D 576 10.28 -27.29 9.26
CA GLY D 576 9.35 -28.02 10.13
C GLY D 576 9.95 -28.23 11.54
N ILE D 577 11.02 -29.01 11.62
CA ILE D 577 11.68 -29.36 12.87
C ILE D 577 13.18 -29.10 12.69
N GLU D 578 13.79 -28.38 13.64
CA GLU D 578 15.24 -28.26 13.69
C GLU D 578 15.71 -28.96 14.96
N ILE D 579 16.49 -30.03 14.76
CA ILE D 579 17.14 -30.79 15.82
C ILE D 579 18.60 -30.36 15.87
N SER D 580 19.03 -29.76 17.00
CA SER D 580 20.39 -29.20 17.13
C SER D 580 21.01 -29.68 18.43
N GLU D 581 22.27 -30.14 18.37
CA GLU D 581 23.09 -30.46 19.52
CA GLU D 581 23.08 -30.42 19.54
C GLU D 581 22.34 -31.41 20.46
N SER D 582 21.75 -32.45 19.87
CA SER D 582 20.91 -33.38 20.59
C SER D 582 21.39 -34.82 20.34
N TYR D 583 21.27 -35.64 21.39
CA TYR D 583 21.52 -37.08 21.36
C TYR D 583 20.19 -37.84 21.33
N SER D 584 20.19 -39.04 20.72
CA SER D 584 19.21 -40.08 20.98
C SER D 584 17.78 -39.55 20.97
N ILE D 585 17.39 -38.94 19.83
CA ILE D 585 16.02 -38.54 19.55
C ILE D 585 15.39 -39.68 18.75
N SER D 586 14.33 -40.24 19.30
CA SER D 586 13.65 -41.38 18.70
C SER D 586 12.26 -40.92 18.30
N MET D 587 11.90 -41.12 17.04
CA MET D 587 10.55 -40.72 16.62
C MET D 587 9.93 -41.90 15.86
N ASN D 588 8.67 -42.21 16.17
CA ASN D 588 8.07 -43.44 15.68
C ASN D 588 6.67 -43.08 15.19
N GLY D 589 6.57 -42.93 13.86
CA GLY D 589 5.37 -42.33 13.27
C GLY D 589 5.49 -40.81 13.32
N LEU D 590 5.91 -40.22 12.18
CA LEU D 590 6.18 -38.79 12.05
C LEU D 590 5.62 -38.34 10.70
N ASN D 591 4.81 -37.27 10.72
CA ASN D 591 4.21 -36.69 9.52
C ASN D 591 4.69 -35.24 9.39
N THR D 592 5.51 -34.96 8.39
CA THR D 592 5.85 -33.55 8.23
C THR D 592 5.69 -33.17 6.76
N ASN D 593 4.88 -32.13 6.46
CA ASN D 593 4.71 -31.79 5.06
C ASN D 593 4.18 -30.36 4.93
N ARG D 594 4.37 -29.77 3.71
CA ARG D 594 3.83 -28.46 3.40
C ARG D 594 4.17 -27.43 4.49
N ASN D 595 5.45 -27.38 4.86
CA ASN D 595 6.02 -26.30 5.64
C ASN D 595 6.70 -25.33 4.69
N GLY D 596 7.66 -24.53 5.21
CA GLY D 596 8.28 -23.42 4.50
C GLY D 596 7.27 -22.50 3.77
N ILE D 597 6.10 -22.18 4.39
CA ILE D 597 5.03 -21.61 3.59
C ILE D 597 5.29 -20.12 3.36
N ASN D 598 6.33 -19.58 4.01
CA ASN D 598 6.63 -18.15 3.90
C ASN D 598 7.52 -17.83 2.69
N ALA D 599 8.20 -18.82 2.10
CA ALA D 599 8.97 -18.60 0.87
C ALA D 599 9.11 -19.95 0.17
N ASN D 600 8.63 -20.04 -1.09
CA ASN D 600 8.64 -21.30 -1.83
C ASN D 600 10.05 -21.83 -1.94
N ASN D 601 10.20 -23.14 -1.78
CA ASN D 601 11.37 -23.87 -2.22
C ASN D 601 12.62 -23.38 -1.50
N THR D 602 12.48 -23.02 -0.22
CA THR D 602 13.57 -22.46 0.57
C THR D 602 13.85 -23.29 1.84
N PHE D 603 12.80 -23.89 2.45
CA PHE D 603 12.92 -24.49 3.79
C PHE D 603 12.77 -26.01 3.71
N TYR D 604 13.10 -26.71 4.83
CA TYR D 604 13.08 -28.19 4.86
C TYR D 604 12.25 -28.70 6.05
N ASN D 605 11.66 -29.88 5.87
CA ASN D 605 10.77 -30.40 6.90
C ASN D 605 11.54 -30.75 8.16
N ILE D 606 12.77 -31.30 8.02
CA ILE D 606 13.61 -31.62 9.18
C ILE D 606 15.06 -31.23 8.88
N VAL D 607 15.63 -30.40 9.77
CA VAL D 607 16.97 -29.90 9.62
C VAL D 607 17.79 -30.46 10.77
N PHE D 608 18.85 -31.20 10.45
CA PHE D 608 19.71 -31.81 11.45
C PHE D 608 20.99 -31.00 11.57
N ASN D 609 21.34 -30.63 12.81
CA ASN D 609 22.58 -29.92 13.06
C ASN D 609 23.23 -30.55 14.29
N LYS D 610 24.36 -31.23 14.07
CA LYS D 610 25.17 -31.82 15.14
C LYS D 610 24.26 -32.61 16.08
N SER D 611 23.44 -33.53 15.53
CA SER D 611 22.48 -34.29 16.32
C SER D 611 22.42 -35.73 15.83
N ASP D 612 21.91 -36.60 16.71
CA ASP D 612 21.68 -38.01 16.38
C ASP D 612 20.19 -38.27 16.51
N ALA D 613 19.63 -39.07 15.59
CA ALA D 613 18.21 -39.34 15.64
C ALA D 613 17.94 -40.67 14.96
N VAL D 614 16.89 -41.35 15.44
CA VAL D 614 16.37 -42.50 14.74
CA VAL D 614 16.35 -42.51 14.77
C VAL D 614 14.88 -42.22 14.47
N ILE D 615 14.55 -42.15 13.18
CA ILE D 615 13.21 -41.77 12.79
C ILE D 615 12.60 -42.94 12.03
N ASN D 616 11.42 -43.41 12.46
CA ASN D 616 10.77 -44.54 11.83
C ASN D 616 9.32 -44.17 11.51
N GLY D 617 8.74 -44.87 10.53
CA GLY D 617 7.38 -44.62 10.06
C GLY D 617 7.19 -43.14 9.65
N PHE D 618 8.22 -42.56 9.01
CA PHE D 618 8.13 -41.24 8.38
C PHE D 618 7.09 -41.19 7.21
N VAL D 619 6.26 -40.13 7.19
CA VAL D 619 5.37 -39.82 6.06
C VAL D 619 5.37 -38.29 5.86
N GLY D 620 5.00 -37.83 4.64
CA GLY D 620 5.04 -36.41 4.35
C GLY D 620 4.41 -36.05 3.00
N LEU D 621 3.19 -36.53 2.73
CA LEU D 621 2.53 -36.14 1.48
C LEU D 621 2.31 -34.63 1.49
N ASN D 622 3.02 -33.90 0.61
CA ASN D 622 2.85 -32.46 0.45
C ASN D 622 1.56 -32.16 -0.31
N TYR D 623 0.49 -31.74 0.42
CA TYR D 623 -0.84 -31.73 -0.20
C TYR D 623 -0.91 -30.62 -1.28
N ALA D 624 -0.01 -29.62 -1.18
CA ALA D 624 0.11 -28.51 -2.12
C ALA D 624 0.62 -29.03 -3.47
N ALA D 625 1.72 -29.83 -3.43
CA ALA D 625 2.30 -30.42 -4.64
C ALA D 625 1.29 -31.39 -5.25
N ASN D 626 0.54 -32.11 -4.40
CA ASN D 626 -0.43 -33.10 -4.81
C ASN D 626 -1.62 -32.44 -5.54
N SER D 627 -2.16 -31.36 -4.94
CA SER D 627 -3.37 -30.72 -5.46
C SER D 627 -2.96 -29.80 -6.62
N GLY D 628 -1.66 -29.45 -6.73
CA GLY D 628 -1.19 -28.53 -7.74
C GLY D 628 -1.67 -27.09 -7.51
N SER D 629 -1.82 -26.71 -6.22
CA SER D 629 -2.23 -25.37 -5.83
C SER D 629 -1.21 -24.29 -6.20
N GLY D 630 0.06 -24.62 -6.40
CA GLY D 630 1.11 -23.62 -6.55
C GLY D 630 1.42 -22.84 -5.25
N ALA D 631 0.90 -23.29 -4.09
CA ALA D 631 1.16 -22.60 -2.82
C ALA D 631 2.62 -22.83 -2.39
N ASN D 632 3.23 -21.89 -1.63
CA ASN D 632 4.62 -22.13 -1.21
C ASN D 632 4.70 -23.41 -0.36
N SER D 633 5.75 -24.24 -0.55
CA SER D 633 6.00 -25.37 0.33
C SER D 633 7.49 -25.70 0.44
N SER D 634 7.81 -26.61 1.35
CA SER D 634 9.20 -27.00 1.63
C SER D 634 9.89 -27.36 0.32
N ALA D 635 11.17 -26.98 0.20
CA ALA D 635 12.06 -27.46 -0.85
C ALA D 635 12.15 -29.00 -0.82
N GLY D 636 12.32 -29.58 0.39
CA GLY D 636 12.22 -31.03 0.54
C GLY D 636 12.26 -31.47 2.02
N ASN D 637 12.38 -32.80 2.22
CA ASN D 637 12.10 -33.39 3.52
C ASN D 637 13.28 -33.14 4.44
N PHE D 638 14.52 -33.32 3.96
CA PHE D 638 15.63 -33.33 4.91
C PHE D 638 16.76 -32.41 4.48
N GLN D 639 17.35 -31.73 5.47
CA GLN D 639 18.58 -30.95 5.31
C GLN D 639 19.52 -31.30 6.43
N PHE D 640 20.83 -31.45 6.12
CA PHE D 640 21.83 -31.72 7.14
C PHE D 640 22.79 -30.54 7.17
N LEU D 641 22.83 -29.80 8.28
CA LEU D 641 23.68 -28.60 8.35
C LEU D 641 25.10 -28.94 8.81
N SER D 642 25.35 -30.16 9.27
CA SER D 642 26.71 -30.56 9.66
C SER D 642 26.88 -32.00 9.17
N ASN D 643 28.12 -32.49 9.13
CA ASN D 643 28.32 -33.84 8.61
C ASN D 643 28.74 -34.79 9.73
N ASP D 644 28.50 -34.38 11.00
CA ASP D 644 28.88 -35.16 12.19
C ASP D 644 27.62 -35.74 12.85
N CYS D 645 26.53 -35.76 12.10
CA CYS D 645 25.26 -36.33 12.56
C CYS D 645 25.30 -37.84 12.35
N SER D 646 24.71 -38.60 13.30
CA SER D 646 24.46 -40.02 13.06
C SER D 646 22.95 -40.22 13.02
N VAL D 647 22.42 -40.51 11.83
CA VAL D 647 20.97 -40.46 11.65
C VAL D 647 20.47 -41.69 10.88
N THR D 648 19.31 -42.26 11.31
CA THR D 648 18.59 -43.27 10.55
CA THR D 648 18.59 -43.27 10.55
C THR D 648 17.17 -42.77 10.30
N ILE D 649 16.67 -42.94 9.06
CA ILE D 649 15.36 -42.48 8.65
C ILE D 649 14.73 -43.61 7.85
N ASN D 650 13.52 -44.00 8.23
CA ASN D 650 12.79 -44.99 7.44
C ASN D 650 11.36 -44.51 7.27
N GLY D 651 10.84 -44.66 6.06
CA GLY D 651 9.42 -44.46 5.82
C GLY D 651 9.19 -44.09 4.36
N VAL D 652 8.17 -43.28 4.13
CA VAL D 652 7.83 -42.91 2.77
C VAL D 652 8.41 -41.53 2.51
N VAL D 653 9.66 -41.51 2.04
CA VAL D 653 10.37 -40.25 1.89
C VAL D 653 9.85 -39.47 0.65
N GLU D 654 9.31 -40.20 -0.37
CA GLU D 654 8.64 -39.56 -1.51
C GLU D 654 7.33 -40.35 -1.74
N THR D 655 6.19 -39.65 -1.65
CA THR D 655 4.89 -40.27 -1.54
C THR D 655 4.45 -41.05 -2.80
N GLY D 656 4.65 -40.47 -3.99
CA GLY D 656 4.37 -41.15 -5.23
C GLY D 656 2.96 -40.86 -5.76
N TYR D 657 2.47 -39.61 -5.60
CA TYR D 657 1.23 -39.15 -6.24
C TYR D 657 1.59 -38.65 -7.64
N MET D 658 0.63 -38.12 -8.43
CA MET D 658 0.88 -37.98 -9.86
C MET D 658 1.95 -36.93 -10.22
N GLY D 659 1.90 -35.74 -9.60
CA GLY D 659 2.84 -34.68 -9.97
C GLY D 659 2.25 -33.72 -11.04
N ILE D 660 1.03 -33.21 -10.77
CA ILE D 660 0.35 -32.32 -11.69
C ILE D 660 1.22 -31.11 -12.07
N ASN D 661 2.02 -30.53 -11.16
CA ASN D 661 2.93 -29.46 -11.54
C ASN D 661 4.38 -29.93 -11.60
N PHE D 662 4.57 -31.23 -11.89
CA PHE D 662 5.90 -31.83 -12.12
C PHE D 662 6.76 -31.85 -10.85
N ILE D 663 6.12 -31.64 -9.66
CA ILE D 663 6.90 -31.66 -8.42
C ILE D 663 6.24 -32.59 -7.42
N GLY D 664 6.93 -32.79 -6.29
CA GLY D 664 6.42 -33.69 -5.26
C GLY D 664 6.86 -33.24 -3.86
N ASP D 665 7.25 -34.22 -3.02
CA ASP D 665 7.70 -33.96 -1.64
C ASP D 665 9.13 -33.45 -1.68
N ASN D 666 9.99 -34.01 -2.56
CA ASN D 666 11.42 -33.67 -2.53
C ASN D 666 11.81 -33.05 -3.88
N ASN D 667 11.85 -31.71 -3.89
CA ASN D 667 11.94 -30.88 -5.07
C ASN D 667 13.32 -30.24 -5.15
N ILE D 668 13.99 -30.05 -4.00
CA ILE D 668 15.43 -29.82 -4.05
C ILE D 668 16.11 -30.84 -3.15
N ILE D 669 17.19 -31.50 -3.63
CA ILE D 669 17.93 -32.49 -2.86
C ILE D 669 19.40 -32.08 -2.66
N ASN D 670 19.85 -32.05 -1.41
CA ASN D 670 21.24 -31.73 -1.09
C ASN D 670 21.85 -33.00 -0.47
N PRO D 671 22.81 -33.73 -1.10
CA PRO D 671 23.35 -34.96 -0.50
C PRO D 671 24.24 -34.57 0.68
N THR D 672 24.62 -35.54 1.53
CA THR D 672 25.34 -35.25 2.75
C THR D 672 26.46 -36.27 2.91
N ASN D 673 27.58 -35.90 3.55
CA ASN D 673 28.58 -36.90 3.89
C ASN D 673 28.42 -37.41 5.33
N SER D 674 27.32 -37.06 6.02
CA SER D 674 27.24 -37.48 7.43
C SER D 674 26.93 -38.97 7.51
N ASP D 675 26.84 -39.46 8.75
CA ASP D 675 26.62 -40.88 9.00
C ASP D 675 25.12 -41.20 8.87
N LEU D 676 24.64 -41.33 7.64
CA LEU D 676 23.22 -41.41 7.40
C LEU D 676 22.86 -42.77 6.82
N SER D 677 21.74 -43.33 7.31
CA SER D 677 21.16 -44.51 6.69
C SER D 677 19.69 -44.24 6.43
N ILE D 678 19.24 -44.37 5.19
CA ILE D 678 17.84 -44.08 4.91
CA ILE D 678 17.83 -44.08 4.89
C ILE D 678 17.21 -45.28 4.21
N ASN D 679 16.03 -45.67 4.70
CA ASN D 679 15.24 -46.76 4.13
C ASN D 679 16.06 -48.03 4.12
N GLY D 680 17.09 -48.10 4.95
CA GLY D 680 17.87 -49.32 5.02
C GLY D 680 18.67 -49.56 3.73
N LEU D 681 18.82 -48.50 2.90
CA LEU D 681 19.55 -48.58 1.63
C LEU D 681 21.06 -48.49 1.88
N VAL D 682 21.79 -49.42 1.23
CA VAL D 682 23.24 -49.35 1.27
C VAL D 682 23.66 -48.14 0.46
N ASN D 683 24.56 -47.33 1.02
CA ASN D 683 25.09 -46.17 0.33
C ASN D 683 26.20 -46.67 -0.60
N TYR D 684 26.07 -46.50 -1.94
CA TYR D 684 27.05 -46.99 -2.90
C TYR D 684 28.48 -46.52 -2.59
N SER D 685 28.63 -45.29 -2.07
CA SER D 685 29.95 -44.71 -1.80
C SER D 685 30.64 -45.41 -0.65
N LYS D 686 29.86 -46.08 0.21
CA LYS D 686 30.41 -46.72 1.39
C LYS D 686 30.43 -48.25 1.32
N THR D 687 30.22 -48.88 0.15
CA THR D 687 30.03 -50.33 0.09
C THR D 687 31.17 -51.00 -0.67
N GLY D 688 31.45 -52.26 -0.29
CA GLY D 688 32.45 -53.10 -0.94
C GLY D 688 31.78 -54.32 -1.56
N LEU D 689 30.43 -54.35 -1.52
CA LEU D 689 29.71 -55.54 -1.97
C LEU D 689 29.99 -55.77 -3.45
N GLN D 690 30.21 -57.03 -3.84
CA GLN D 690 30.29 -57.43 -5.24
C GLN D 690 28.90 -57.79 -5.75
N THR D 691 28.62 -57.38 -6.99
CA THR D 691 27.31 -57.58 -7.62
C THR D 691 27.53 -57.97 -9.08
N MET D 692 26.48 -58.52 -9.73
CA MET D 692 26.41 -58.61 -11.19
C MET D 692 26.80 -57.25 -11.77
N ASN D 693 27.28 -57.26 -13.01
CA ASN D 693 27.41 -56.01 -13.72
C ASN D 693 27.33 -56.29 -15.22
N GLU D 694 26.11 -56.37 -15.77
CA GLU D 694 25.90 -56.76 -17.15
C GLU D 694 26.58 -55.77 -18.11
N THR D 695 27.12 -56.28 -19.24
CA THR D 695 27.87 -55.46 -20.19
C THR D 695 26.94 -55.09 -21.34
N PRO D 696 26.72 -53.77 -21.60
CA PRO D 696 25.86 -53.34 -22.72
C PRO D 696 26.67 -53.44 -24.03
N THR D 697 25.94 -53.57 -25.15
CA THR D 697 26.56 -53.48 -26.46
C THR D 697 26.35 -52.06 -26.98
N PHE D 698 27.47 -51.35 -27.19
CA PHE D 698 27.43 -50.11 -27.92
C PHE D 698 26.90 -50.35 -29.34
N ASP D 699 25.98 -49.49 -29.81
CA ASP D 699 25.57 -49.51 -31.20
C ASP D 699 25.61 -48.10 -31.78
N GLY D 700 25.80 -48.03 -33.10
CA GLY D 700 25.75 -46.79 -33.89
C GLY D 700 25.83 -47.13 -35.38
N VAL D 701 25.44 -46.21 -36.28
CA VAL D 701 25.67 -46.41 -37.71
C VAL D 701 27.15 -46.81 -37.88
N SER D 702 28.07 -46.04 -37.24
CA SER D 702 29.40 -46.53 -36.91
C SER D 702 29.37 -47.14 -35.49
N THR D 703 30.08 -48.28 -35.27
CA THR D 703 30.02 -48.99 -33.98
C THR D 703 31.25 -48.71 -33.12
N THR D 704 32.04 -47.67 -33.46
CA THR D 704 33.09 -47.22 -32.56
C THR D 704 32.54 -46.17 -31.60
N PRO D 705 32.62 -46.39 -30.26
CA PRO D 705 32.19 -45.40 -29.25
C PRO D 705 33.06 -44.16 -29.35
N VAL D 706 32.42 -42.99 -29.33
CA VAL D 706 33.10 -41.72 -29.26
C VAL D 706 32.83 -41.13 -27.87
N TYR D 707 33.86 -40.56 -27.24
CA TYR D 707 33.80 -39.93 -25.91
C TYR D 707 34.14 -38.45 -25.98
N VAL D 708 33.43 -37.61 -25.23
CA VAL D 708 33.70 -36.17 -25.15
C VAL D 708 33.64 -35.72 -23.68
N SER D 709 34.12 -34.51 -23.41
CA SER D 709 34.16 -33.96 -22.07
CA SER D 709 34.15 -33.93 -22.07
C SER D 709 32.75 -33.82 -21.45
N VAL D 710 32.69 -33.90 -20.11
CA VAL D 710 31.48 -33.58 -19.35
C VAL D 710 31.81 -32.50 -18.33
N PRO D 711 30.84 -31.71 -17.82
CA PRO D 711 31.11 -30.78 -16.71
C PRO D 711 31.66 -31.55 -15.50
N SER D 712 32.48 -30.86 -14.67
CA SER D 712 33.15 -31.53 -13.56
C SER D 712 32.17 -32.04 -12.49
N SER D 713 30.96 -31.47 -12.44
CA SER D 713 29.99 -31.97 -11.47
C SER D 713 29.65 -33.44 -11.73
N VAL D 714 29.92 -33.96 -12.96
CA VAL D 714 29.65 -35.36 -13.29
C VAL D 714 30.63 -36.29 -12.59
N GLY D 715 31.76 -35.75 -12.08
CA GLY D 715 32.73 -36.57 -11.35
C GLY D 715 33.53 -37.52 -12.26
N GLN D 716 33.74 -37.15 -13.52
CA GLN D 716 34.56 -37.95 -14.43
C GLN D 716 35.03 -37.01 -15.55
N VAL D 717 36.07 -37.38 -16.30
CA VAL D 717 36.53 -36.47 -17.35
C VAL D 717 35.65 -36.50 -18.60
N ASN D 718 35.25 -37.69 -19.06
CA ASN D 718 34.50 -37.78 -20.31
C ASN D 718 33.26 -38.64 -20.14
N GLY D 719 32.34 -38.54 -21.10
CA GLY D 719 31.22 -39.48 -21.22
C GLY D 719 31.00 -39.91 -22.67
N LEU D 720 29.96 -40.70 -22.91
CA LEU D 720 29.69 -41.22 -24.25
C LEU D 720 29.02 -40.11 -25.06
N ARG D 721 29.58 -39.81 -26.25
CA ARG D 721 29.04 -38.79 -27.17
C ARG D 721 27.71 -39.30 -27.74
N LEU D 722 26.62 -38.54 -27.57
CA LEU D 722 25.35 -38.99 -28.15
C LEU D 722 25.05 -38.10 -29.34
N SER D 723 24.65 -38.69 -30.48
CA SER D 723 24.30 -37.91 -31.67
C SER D 723 23.10 -38.59 -32.37
N GLN D 724 22.27 -37.77 -33.04
CA GLN D 724 21.23 -38.35 -33.90
C GLN D 724 21.86 -38.92 -35.17
N ALA D 725 22.97 -38.32 -35.64
CA ALA D 725 23.66 -38.75 -36.86
C ALA D 725 24.21 -40.18 -36.68
N ASN D 726 24.96 -40.45 -35.61
CA ASN D 726 25.47 -41.80 -35.36
C ASN D 726 24.44 -42.76 -34.70
N LYS D 727 23.35 -42.22 -34.13
CA LYS D 727 22.41 -43.04 -33.36
C LYS D 727 23.12 -43.85 -32.26
N ASP D 728 24.10 -43.24 -31.56
CA ASP D 728 24.78 -43.83 -30.40
C ASP D 728 23.79 -44.33 -29.35
N LYS D 729 23.97 -45.58 -28.91
CA LYS D 729 23.05 -46.15 -27.94
C LYS D 729 23.76 -47.29 -27.21
N LEU D 730 23.22 -47.70 -26.04
CA LEU D 730 23.70 -48.89 -25.34
C LEU D 730 22.53 -49.87 -25.23
N LEU D 731 22.73 -51.04 -25.87
CA LEU D 731 21.77 -52.15 -25.89
C LEU D 731 22.15 -53.19 -24.85
N TYR D 732 21.27 -53.41 -23.87
CA TYR D 732 21.33 -54.57 -23.01
C TYR D 732 20.46 -55.66 -23.64
N SER D 733 20.92 -56.92 -23.57
CA SER D 733 20.08 -58.03 -24.01
C SER D 733 18.99 -58.33 -22.98
N ARG D 734 19.19 -57.89 -21.73
CA ARG D 734 18.21 -58.15 -20.69
C ARG D 734 16.83 -57.70 -21.17
N THR D 735 15.79 -58.50 -20.90
CA THR D 735 14.43 -58.08 -21.20
C THR D 735 13.71 -57.82 -19.87
N ALA D 736 12.65 -57.00 -19.90
CA ALA D 736 12.02 -56.59 -18.65
C ALA D 736 11.03 -57.70 -18.26
N GLY D 737 11.01 -58.01 -16.95
CA GLY D 737 10.12 -59.02 -16.39
C GLY D 737 9.05 -58.38 -15.51
N PRO D 738 7.99 -59.16 -15.12
CA PRO D 738 6.85 -58.65 -14.35
C PRO D 738 7.21 -58.03 -13.00
N GLU D 739 8.44 -58.31 -12.50
CA GLU D 739 8.92 -57.68 -11.27
CA GLU D 739 8.91 -57.67 -11.28
C GLU D 739 9.27 -56.21 -11.56
N GLY D 740 9.62 -55.92 -12.82
CA GLY D 740 9.87 -54.55 -13.25
C GLY D 740 11.35 -54.18 -13.19
N ILE D 741 11.69 -52.90 -13.47
CA ILE D 741 13.07 -52.51 -13.70
C ILE D 741 13.23 -51.04 -13.31
N THR D 742 14.48 -50.64 -12.98
CA THR D 742 14.85 -49.24 -12.80
C THR D 742 16.07 -48.94 -13.66
N MET D 743 15.97 -47.84 -14.41
CA MET D 743 17.04 -47.42 -15.33
C MET D 743 17.33 -45.94 -15.08
N ALA D 744 18.61 -45.60 -14.99
CA ALA D 744 18.99 -44.24 -14.68
C ALA D 744 20.31 -43.89 -15.37
N ALA D 745 20.51 -42.61 -15.68
CA ALA D 745 21.75 -42.19 -16.29
C ALA D 745 21.93 -40.70 -16.08
N VAL D 746 23.19 -40.28 -16.06
CA VAL D 746 23.45 -38.88 -16.30
C VAL D 746 23.40 -38.58 -17.81
N ILE D 747 22.59 -37.59 -18.19
CA ILE D 747 22.50 -37.10 -19.56
C ILE D 747 22.74 -35.59 -19.55
N VAL D 748 23.70 -35.16 -20.37
CA VAL D 748 23.98 -33.74 -20.53
C VAL D 748 23.47 -33.36 -21.91
N PRO D 749 22.23 -32.84 -22.03
CA PRO D 749 21.61 -32.72 -23.36
C PRO D 749 22.13 -31.44 -24.03
N THR D 750 22.33 -31.52 -25.37
CA THR D 750 22.51 -30.38 -26.28
C THR D 750 21.14 -30.02 -26.87
N ILE D 751 20.64 -28.84 -26.49
CA ILE D 751 19.30 -28.39 -26.84
C ILE D 751 19.41 -27.22 -27.83
N SER D 752 18.73 -27.39 -28.98
CA SER D 752 18.63 -26.37 -30.03
C SER D 752 17.29 -26.52 -30.78
N GLY D 753 17.28 -27.04 -32.01
CA GLY D 753 16.01 -27.03 -32.73
C GLY D 753 15.07 -28.17 -32.35
N ALA D 754 13.96 -28.31 -33.11
CA ALA D 754 13.00 -29.37 -32.86
C ALA D 754 13.67 -30.75 -32.92
N GLU D 755 13.24 -31.69 -32.04
CA GLU D 755 13.98 -32.92 -31.81
C GLU D 755 13.21 -33.84 -30.86
N VAL D 756 13.37 -35.14 -31.07
CA VAL D 756 12.93 -36.15 -30.12
C VAL D 756 14.16 -36.82 -29.52
N PHE D 757 14.31 -36.70 -28.18
CA PHE D 757 15.33 -37.46 -27.45
C PHE D 757 14.70 -38.70 -26.82
N ASN D 758 15.22 -39.89 -27.17
CA ASN D 758 14.82 -41.13 -26.55
C ASN D 758 15.84 -41.37 -25.43
N PHE D 759 15.52 -40.95 -24.19
CA PHE D 759 16.48 -41.03 -23.09
C PHE D 759 16.70 -42.51 -22.77
N MET D 760 15.61 -43.29 -22.80
CA MET D 760 15.77 -44.71 -22.55
C MET D 760 14.49 -45.45 -22.99
N ALA D 761 14.60 -46.77 -23.19
CA ALA D 761 13.43 -47.49 -23.65
C ALA D 761 13.45 -48.97 -23.24
N ILE D 762 12.29 -49.58 -23.35
CA ILE D 762 12.11 -51.00 -23.29
C ILE D 762 11.44 -51.42 -24.61
N GLY D 763 12.06 -52.36 -25.31
CA GLY D 763 11.61 -52.73 -26.64
C GLY D 763 11.80 -51.61 -27.65
N SER D 764 10.93 -51.63 -28.69
CA SER D 764 10.96 -50.62 -29.75
C SER D 764 9.61 -50.52 -30.43
N GLY D 765 9.49 -49.54 -31.35
CA GLY D 765 8.21 -49.25 -31.98
C GLY D 765 7.16 -48.71 -31.01
N PHE D 766 5.93 -48.51 -31.51
CA PHE D 766 4.87 -47.89 -30.76
C PHE D 766 3.53 -48.26 -31.40
N SER D 767 2.88 -49.30 -30.88
CA SER D 767 1.64 -49.80 -31.46
C SER D 767 0.91 -50.66 -30.43
N ASP D 768 -0.31 -51.11 -30.77
CA ASP D 768 -1.05 -51.98 -29.85
C ASP D 768 -0.18 -53.17 -29.39
N THR D 769 0.77 -53.61 -30.22
CA THR D 769 1.49 -54.81 -29.85
C THR D 769 3.00 -54.60 -29.88
N SER D 770 3.49 -53.35 -29.79
CA SER D 770 4.93 -53.17 -29.73
C SER D 770 5.55 -53.65 -28.39
N ASN D 771 4.74 -53.80 -27.32
CA ASN D 771 5.30 -54.22 -26.03
C ASN D 771 6.50 -53.32 -25.64
N SER D 772 6.30 -51.99 -25.63
CA SER D 772 7.44 -51.08 -25.56
C SER D 772 7.09 -49.86 -24.67
N LEU D 773 8.15 -49.18 -24.22
CA LEU D 773 8.10 -47.98 -23.39
C LEU D 773 9.21 -47.09 -23.92
N HIS D 774 8.92 -45.79 -24.05
CA HIS D 774 9.98 -44.83 -24.33
C HIS D 774 9.80 -43.66 -23.40
N LEU D 775 10.95 -43.19 -22.90
CA LEU D 775 10.89 -41.93 -22.18
C LEU D 775 11.59 -40.89 -23.04
N GLN D 776 10.83 -39.84 -23.39
CA GLN D 776 11.32 -38.84 -24.36
C GLN D 776 11.28 -37.40 -23.84
N LEU D 777 12.29 -36.63 -24.23
CA LEU D 777 12.16 -35.18 -24.29
C LEU D 777 11.88 -34.76 -25.76
N VAL D 778 10.70 -34.14 -26.00
CA VAL D 778 10.30 -33.62 -27.30
C VAL D 778 10.36 -32.09 -27.29
N ILE D 779 11.18 -31.55 -28.21
CA ILE D 779 11.32 -30.11 -28.38
C ILE D 779 10.71 -29.73 -29.74
N ASP D 780 9.84 -28.69 -29.75
CA ASP D 780 9.25 -28.24 -31.02
C ASP D 780 10.03 -27.05 -31.56
N ALA D 781 9.60 -26.58 -32.75
CA ALA D 781 10.18 -25.49 -33.50
C ALA D 781 10.33 -24.24 -32.65
N SER D 782 9.31 -23.96 -31.83
CA SER D 782 9.30 -22.82 -30.91
C SER D 782 10.15 -23.02 -29.65
N GLY D 783 10.56 -24.26 -29.34
CA GLY D 783 11.39 -24.45 -28.14
C GLY D 783 10.61 -24.93 -26.92
N LYS D 784 9.29 -25.18 -27.08
CA LYS D 784 8.49 -25.84 -26.07
C LYS D 784 9.04 -27.26 -25.78
N GLN D 785 9.22 -27.58 -24.48
CA GLN D 785 9.71 -28.89 -24.02
C GLN D 785 8.57 -29.76 -23.47
N THR D 786 8.51 -31.03 -23.90
CA THR D 786 7.53 -31.99 -23.41
C THR D 786 8.30 -33.24 -22.96
N ILE D 787 8.03 -33.72 -21.75
CA ILE D 787 8.51 -35.05 -21.38
C ILE D 787 7.39 -36.06 -21.64
N ALA D 788 7.68 -37.04 -22.50
CA ALA D 788 6.62 -37.98 -22.84
C ALA D 788 7.07 -39.39 -22.43
N LEU D 789 6.10 -40.17 -21.95
CA LEU D 789 6.26 -41.60 -21.78
C LEU D 789 5.34 -42.28 -22.78
N LEU D 790 5.92 -43.07 -23.69
CA LEU D 790 5.15 -43.77 -24.73
C LEU D 790 5.01 -45.23 -24.31
N LEU D 791 3.80 -45.75 -24.21
CA LEU D 791 3.56 -47.12 -23.76
C LEU D 791 2.76 -47.80 -24.85
N GLY D 792 3.28 -48.95 -25.33
CA GLY D 792 2.58 -49.76 -26.31
C GLY D 792 2.46 -51.21 -25.83
N GLY D 793 1.21 -51.67 -25.67
CA GLY D 793 0.98 -53.06 -25.34
C GLY D 793 -0.44 -53.31 -24.86
N ASP D 794 -0.69 -54.56 -24.47
CA ASP D 794 -1.97 -54.92 -23.87
C ASP D 794 -3.09 -54.53 -24.82
N GLY D 795 -2.82 -54.61 -26.12
CA GLY D 795 -3.88 -54.35 -27.09
C GLY D 795 -4.12 -52.86 -27.33
N THR D 796 -3.21 -51.98 -26.90
CA THR D 796 -3.48 -50.55 -26.95
C THR D 796 -2.18 -49.75 -26.88
N THR D 797 -2.32 -48.42 -26.96
CA THR D 797 -1.19 -47.50 -26.74
C THR D 797 -1.64 -46.34 -25.86
N GLN D 798 -0.64 -45.61 -25.31
CA GLN D 798 -0.87 -44.45 -24.44
C GLN D 798 0.37 -43.56 -24.47
N ILE D 799 0.09 -42.25 -24.50
CA ILE D 799 1.09 -41.20 -24.37
C ILE D 799 0.71 -40.45 -23.10
N LEU D 800 1.59 -40.49 -22.10
CA LEU D 800 1.45 -39.64 -20.94
C LEU D 800 2.54 -38.58 -21.09
N SER D 801 2.14 -37.38 -21.55
CA SER D 801 3.15 -36.35 -21.79
C SER D 801 2.73 -35.07 -21.08
N GLY D 802 3.69 -34.22 -20.77
CA GLY D 802 3.30 -32.94 -20.20
C GLY D 802 4.29 -31.88 -20.64
N ASP D 803 3.75 -30.70 -20.98
CA ASP D 803 4.53 -29.53 -21.38
C ASP D 803 5.20 -28.90 -20.17
N LEU D 804 6.50 -28.69 -20.24
CA LEU D 804 7.18 -28.10 -19.09
C LEU D 804 6.92 -26.60 -19.05
N PRO D 805 6.52 -26.03 -17.90
CA PRO D 805 6.64 -24.59 -17.65
C PRO D 805 8.06 -24.07 -17.95
N ASN D 806 8.14 -22.78 -18.32
CA ASN D 806 9.41 -22.24 -18.78
C ASN D 806 10.51 -22.38 -17.74
N ASP D 807 10.20 -22.22 -16.45
CA ASP D 807 11.28 -22.29 -15.47
C ASP D 807 11.67 -23.73 -15.11
N LEU D 808 10.91 -24.74 -15.56
CA LEU D 808 11.36 -26.13 -15.34
C LEU D 808 12.08 -26.71 -16.56
N LYS D 809 12.23 -25.94 -17.65
CA LYS D 809 12.83 -26.47 -18.88
C LYS D 809 14.25 -26.98 -18.64
N LEU D 810 14.65 -28.09 -19.28
CA LEU D 810 16.04 -28.50 -19.21
C LEU D 810 16.88 -27.49 -20.00
N GLN D 811 18.13 -27.32 -19.58
CA GLN D 811 19.08 -26.40 -20.18
C GLN D 811 20.22 -27.16 -20.88
N SER D 812 20.48 -26.74 -22.13
CA SER D 812 21.59 -27.23 -22.94
C SER D 812 22.89 -27.21 -22.14
N GLY D 813 23.66 -28.34 -22.14
CA GLY D 813 25.00 -28.36 -21.56
C GLY D 813 25.00 -28.61 -20.04
N VAL D 814 23.80 -28.77 -19.44
CA VAL D 814 23.72 -28.96 -17.99
C VAL D 814 23.49 -30.45 -17.73
N PRO D 815 24.22 -31.08 -16.77
CA PRO D 815 23.99 -32.49 -16.40
C PRO D 815 22.74 -32.77 -15.56
N TYR D 816 21.96 -33.79 -15.97
CA TYR D 816 20.74 -34.22 -15.31
C TYR D 816 20.88 -35.69 -14.97
N HIS D 817 20.52 -36.08 -13.73
CA HIS D 817 20.26 -37.48 -13.48
C HIS D 817 18.82 -37.77 -13.91
N ILE D 818 18.67 -38.76 -14.80
CA ILE D 818 17.37 -39.10 -15.33
C ILE D 818 17.09 -40.55 -14.95
N ALA D 819 15.92 -40.81 -14.38
CA ALA D 819 15.68 -42.13 -13.82
C ALA D 819 14.23 -42.49 -14.10
N ILE D 820 14.00 -43.76 -14.45
CA ILE D 820 12.65 -44.30 -14.53
C ILE D 820 12.54 -45.55 -13.64
N GLY D 821 11.34 -45.77 -13.11
CA GLY D 821 11.00 -47.10 -12.65
C GLY D 821 9.79 -47.56 -13.45
N ALA D 822 9.85 -48.83 -13.88
CA ALA D 822 8.72 -49.28 -14.66
C ALA D 822 8.44 -50.74 -14.31
N LYS D 823 7.14 -51.03 -14.15
CA LYS D 823 6.66 -52.39 -13.97
C LYS D 823 5.19 -52.39 -14.35
N PRO D 824 4.52 -53.55 -14.47
CA PRO D 824 3.07 -53.56 -14.76
C PRO D 824 2.31 -52.63 -13.83
N GLY D 825 1.55 -51.69 -14.45
CA GLY D 825 0.66 -50.80 -13.71
C GLY D 825 1.36 -49.72 -12.86
N TYR D 826 2.65 -49.46 -13.09
CA TYR D 826 3.37 -48.53 -12.22
C TYR D 826 4.61 -47.96 -12.91
N PHE D 827 4.58 -46.65 -13.28
CA PHE D 827 5.67 -46.04 -14.01
C PHE D 827 5.99 -44.68 -13.39
N TRP D 828 7.28 -44.40 -13.19
CA TRP D 828 7.61 -43.10 -12.63
C TRP D 828 8.84 -42.60 -13.33
N TRP D 829 8.93 -41.27 -13.54
CA TRP D 829 10.15 -40.74 -14.14
C TRP D 829 10.59 -39.56 -13.30
N SER D 830 11.91 -39.33 -13.30
CA SER D 830 12.45 -38.23 -12.53
C SER D 830 13.64 -37.60 -13.27
N ILE D 831 13.78 -36.28 -13.17
CA ILE D 831 14.87 -35.57 -13.84
C ILE D 831 15.43 -34.57 -12.84
N LEU D 832 16.72 -34.68 -12.58
CA LEU D 832 17.31 -33.98 -11.46
C LEU D 832 18.52 -33.22 -11.98
N ASN D 833 18.53 -31.91 -11.71
CA ASN D 833 19.62 -31.07 -12.15
C ASN D 833 20.72 -31.24 -11.11
N ILE D 834 21.81 -31.85 -11.52
CA ILE D 834 22.82 -32.14 -10.52
C ILE D 834 23.59 -30.90 -10.07
N GLN D 835 23.38 -29.75 -10.70
CA GLN D 835 24.19 -28.62 -10.28
C GLN D 835 23.45 -27.72 -9.28
N THR D 836 22.11 -27.74 -9.33
CA THR D 836 21.29 -26.96 -8.41
C THR D 836 20.53 -27.89 -7.46
N GLY D 837 20.44 -29.19 -7.76
CA GLY D 837 19.67 -30.12 -6.96
C GLY D 837 18.16 -30.07 -7.25
N LYS D 838 17.73 -29.30 -8.26
CA LYS D 838 16.29 -29.15 -8.45
C LYS D 838 15.78 -30.31 -9.29
N ARG D 839 14.57 -30.75 -8.99
CA ARG D 839 14.07 -32.01 -9.54
C ARG D 839 12.69 -31.79 -10.14
N ILE D 840 12.35 -32.52 -11.21
CA ILE D 840 10.95 -32.67 -11.64
C ILE D 840 10.63 -34.14 -11.83
N ARG D 841 9.36 -34.49 -11.90
CA ARG D 841 9.01 -35.90 -11.85
C ARG D 841 7.51 -36.05 -12.09
N ARG D 842 7.12 -37.27 -12.48
CA ARG D 842 5.72 -37.67 -12.49
C ARG D 842 5.62 -39.16 -12.21
N SER D 843 4.45 -39.64 -11.77
CA SER D 843 4.33 -41.06 -11.51
C SER D 843 2.94 -41.46 -11.94
N PHE D 844 2.80 -42.67 -12.46
CA PHE D 844 1.51 -43.06 -13.02
C PHE D 844 1.08 -44.43 -12.50
N ARG D 845 -0.04 -44.47 -11.76
CA ARG D 845 -0.68 -45.70 -11.29
C ARG D 845 -2.19 -45.57 -11.43
N GLY D 846 -2.88 -46.73 -11.36
CA GLY D 846 -4.32 -46.76 -11.27
C GLY D 846 -4.95 -46.09 -12.50
N ALA D 847 -5.83 -45.10 -12.25
CA ALA D 847 -6.75 -44.56 -13.24
C ALA D 847 -6.03 -43.60 -14.21
N TYR D 848 -4.77 -43.25 -13.93
CA TYR D 848 -3.97 -42.58 -14.94
C TYR D 848 -3.53 -43.49 -16.10
N LEU D 849 -3.61 -44.83 -15.95
CA LEU D 849 -3.17 -45.73 -17.02
C LEU D 849 -4.40 -46.34 -17.69
N ALA D 850 -4.41 -46.38 -19.03
CA ALA D 850 -5.49 -47.00 -19.78
C ALA D 850 -5.54 -48.49 -19.42
N VAL D 851 -4.34 -49.07 -19.22
CA VAL D 851 -4.15 -50.48 -18.92
C VAL D 851 -2.84 -50.61 -18.13
N PRO D 852 -2.59 -51.79 -17.49
CA PRO D 852 -1.36 -52.02 -16.74
C PRO D 852 -0.09 -52.09 -17.60
N PHE D 853 -0.25 -52.33 -18.92
CA PHE D 853 0.85 -52.58 -19.85
C PHE D 853 1.67 -53.80 -19.44
N ASN D 854 0.95 -54.87 -19.06
CA ASN D 854 1.51 -56.16 -18.68
C ASN D 854 2.43 -56.69 -19.77
N SER D 855 2.02 -56.49 -21.04
CA SER D 855 2.76 -57.10 -22.12
C SER D 855 4.11 -56.44 -22.33
N ILE D 856 4.40 -55.30 -21.67
CA ILE D 856 5.75 -54.76 -21.87
C ILE D 856 6.75 -55.62 -21.08
N PHE D 857 6.26 -56.39 -20.08
CA PHE D 857 7.10 -57.10 -19.12
C PHE D 857 7.05 -58.63 -19.29
N GLY D 858 6.84 -59.09 -20.54
CA GLY D 858 6.67 -60.51 -20.83
C GLY D 858 7.99 -61.14 -21.29
N LEU D 859 9.11 -60.53 -20.88
CA LEU D 859 10.47 -61.04 -21.09
C LEU D 859 10.75 -61.13 -22.58
N THR D 860 10.15 -60.23 -23.34
CA THR D 860 10.42 -60.13 -24.77
C THR D 860 11.07 -58.79 -25.14
N SER D 861 11.01 -57.76 -24.28
CA SER D 861 11.47 -56.44 -24.71
C SER D 861 12.75 -56.01 -23.98
N SER D 862 13.75 -55.59 -24.76
CA SER D 862 15.09 -55.41 -24.23
C SER D 862 15.28 -53.95 -23.79
N LEU D 863 16.27 -53.69 -22.90
CA LEU D 863 16.47 -52.39 -22.29
C LEU D 863 17.52 -51.66 -23.11
N THR D 864 17.27 -50.38 -23.45
CA THR D 864 18.22 -49.55 -24.19
C THR D 864 18.34 -48.19 -23.50
N PHE D 865 19.58 -47.67 -23.49
CA PHE D 865 19.86 -46.28 -23.12
C PHE D 865 20.12 -45.48 -24.40
N PHE D 866 19.51 -44.28 -24.47
CA PHE D 866 19.79 -43.24 -25.46
C PHE D 866 19.15 -43.54 -26.81
N SER D 867 18.35 -44.63 -26.91
CA SER D 867 17.55 -44.90 -28.09
C SER D 867 16.59 -46.02 -27.70
N ASP D 868 16.08 -46.71 -28.71
CA ASP D 868 15.42 -47.98 -28.51
C ASP D 868 16.22 -49.10 -29.20
N SER D 869 15.62 -50.30 -29.29
CA SER D 869 16.33 -51.48 -29.75
C SER D 869 16.18 -51.65 -31.27
N ASN D 870 15.48 -50.71 -31.91
CA ASN D 870 15.38 -50.69 -33.37
C ASN D 870 16.48 -49.77 -33.95
N ALA D 871 17.08 -50.19 -35.07
CA ALA D 871 18.14 -49.48 -35.80
C ALA D 871 17.70 -48.06 -36.17
N GLY D 872 16.42 -47.94 -36.52
CA GLY D 872 15.88 -46.67 -36.97
C GLY D 872 15.35 -45.74 -35.88
N GLY D 873 15.30 -46.21 -34.61
CA GLY D 873 14.80 -45.42 -33.47
C GLY D 873 15.52 -44.07 -33.28
N ASP D 874 14.78 -43.00 -32.89
CA ASP D 874 15.35 -41.72 -32.48
C ASP D 874 16.36 -41.98 -31.36
N ALA D 875 17.44 -41.18 -31.34
CA ALA D 875 18.54 -41.28 -30.39
C ALA D 875 18.56 -39.99 -29.56
N CYS D 876 19.77 -39.49 -29.18
CA CYS D 876 19.84 -38.31 -28.31
C CYS D 876 20.94 -37.41 -28.82
N SER D 877 20.98 -36.15 -28.36
CA SER D 877 22.16 -35.33 -28.65
C SER D 877 22.74 -34.88 -27.32
N GLY D 878 24.02 -35.18 -27.11
CA GLY D 878 24.78 -34.61 -26.02
C GLY D 878 25.80 -35.64 -25.53
N VAL D 879 25.75 -35.93 -24.21
CA VAL D 879 26.74 -36.80 -23.57
C VAL D 879 26.05 -37.62 -22.49
N GLY D 880 26.44 -38.92 -22.37
CA GLY D 880 25.87 -39.85 -21.42
C GLY D 880 26.95 -40.35 -20.45
N ALA D 881 26.53 -40.63 -19.20
CA ALA D 881 27.47 -41.10 -18.16
C ALA D 881 26.67 -41.92 -17.13
N LYS D 882 27.38 -42.82 -16.43
CA LYS D 882 26.88 -43.43 -15.21
C LYS D 882 25.53 -44.10 -15.48
N VAL D 883 25.53 -44.99 -16.46
CA VAL D 883 24.31 -45.75 -16.77
C VAL D 883 24.10 -46.83 -15.68
N TYR D 884 22.87 -46.92 -15.11
CA TYR D 884 22.53 -47.85 -14.05
C TYR D 884 21.31 -48.65 -14.48
N VAL D 885 21.42 -49.98 -14.35
CA VAL D 885 20.23 -50.84 -14.47
C VAL D 885 20.06 -51.49 -13.10
N GLY D 886 18.84 -51.47 -12.53
CA GLY D 886 18.58 -52.21 -11.31
C GLY D 886 17.22 -52.88 -11.42
N MET D 887 16.92 -53.78 -10.47
CA MET D 887 15.54 -54.23 -10.34
C MET D 887 14.69 -53.11 -9.74
N PHE D 888 13.36 -53.26 -9.78
CA PHE D 888 12.47 -52.14 -9.54
C PHE D 888 12.72 -51.46 -8.19
N SER D 889 12.89 -50.12 -8.21
CA SER D 889 12.85 -49.27 -7.03
C SER D 889 11.66 -48.30 -7.13
N SER D 890 10.99 -48.08 -5.98
CA SER D 890 10.00 -47.02 -5.82
C SER D 890 10.72 -45.67 -5.98
N GLU D 891 9.95 -44.62 -6.35
CA GLU D 891 10.49 -43.26 -6.32
C GLU D 891 10.96 -42.90 -4.89
N ASN D 892 10.21 -43.39 -3.89
CA ASN D 892 10.61 -43.36 -2.48
C ASN D 892 12.09 -43.70 -2.36
N ASP D 893 12.49 -44.91 -2.81
CA ASP D 893 13.87 -45.32 -2.57
C ASP D 893 14.83 -44.57 -3.47
N TYR D 894 14.42 -44.31 -4.74
CA TYR D 894 15.19 -43.43 -5.61
C TYR D 894 15.56 -42.12 -4.89
N VAL D 895 14.54 -41.43 -4.37
CA VAL D 895 14.82 -40.14 -3.74
C VAL D 895 15.68 -40.34 -2.48
N ALA D 896 15.32 -41.32 -1.63
CA ALA D 896 16.10 -41.56 -0.42
C ALA D 896 17.58 -41.65 -0.75
N SER D 897 17.92 -42.46 -1.79
CA SER D 897 19.31 -42.67 -2.16
C SER D 897 19.99 -41.40 -2.71
N ARG D 898 19.18 -40.44 -3.21
CA ARG D 898 19.77 -39.19 -3.69
C ARG D 898 20.43 -38.43 -2.53
N TYR D 899 19.91 -38.62 -1.28
CA TYR D 899 20.51 -37.93 -0.14
C TYR D 899 21.94 -38.41 0.15
N TYR D 900 22.31 -39.60 -0.38
CA TYR D 900 23.70 -40.07 -0.30
C TYR D 900 24.58 -39.35 -1.33
N ASN D 901 24.03 -39.18 -2.54
CA ASN D 901 24.79 -38.73 -3.71
C ASN D 901 23.79 -38.55 -4.85
N LEU D 902 23.95 -37.47 -5.65
CA LEU D 902 22.98 -37.17 -6.72
C LEU D 902 23.04 -38.12 -7.93
N ILE D 903 24.18 -38.75 -8.22
CA ILE D 903 24.33 -39.45 -9.50
C ILE D 903 24.72 -40.93 -9.34
N ASN D 904 24.86 -41.44 -8.08
CA ASN D 904 25.34 -42.79 -7.84
C ASN D 904 24.25 -43.81 -8.14
N PRO D 905 24.59 -45.13 -8.21
CA PRO D 905 23.56 -46.19 -8.31
C PRO D 905 22.50 -46.03 -7.22
N VAL D 906 21.27 -46.47 -7.56
CA VAL D 906 20.13 -46.32 -6.68
C VAL D 906 20.28 -47.28 -5.49
N ASP D 907 20.41 -48.60 -5.77
CA ASP D 907 20.25 -49.62 -4.74
C ASP D 907 21.26 -50.73 -4.99
N PRO D 908 22.48 -50.69 -4.36
CA PRO D 908 23.50 -51.74 -4.53
C PRO D 908 22.98 -53.16 -4.42
N THR D 909 21.94 -53.42 -3.61
CA THR D 909 21.39 -54.77 -3.47
C THR D 909 20.55 -55.17 -4.69
N LYS D 910 20.19 -54.20 -5.54
CA LYS D 910 19.35 -54.48 -6.72
C LYS D 910 20.10 -54.16 -8.03
N LEU D 911 21.38 -53.76 -7.94
CA LEU D 911 22.21 -53.34 -9.06
C LEU D 911 22.47 -54.53 -10.02
N ILE D 912 22.08 -54.35 -11.30
CA ILE D 912 22.24 -55.33 -12.37
C ILE D 912 23.38 -54.90 -13.30
N SER D 913 23.51 -53.59 -13.50
CA SER D 913 24.61 -53.06 -14.29
C SER D 913 24.88 -51.62 -13.85
N TYR D 914 26.17 -51.27 -13.90
CA TYR D 914 26.55 -49.90 -13.67
C TYR D 914 27.82 -49.57 -14.46
N ARG D 915 27.71 -48.62 -15.43
CA ARG D 915 28.82 -48.32 -16.33
C ARG D 915 29.04 -46.82 -16.36
N ILE D 916 30.26 -46.38 -15.96
CA ILE D 916 30.59 -44.98 -15.77
C ILE D 916 30.58 -44.26 -17.14
N LEU D 917 31.17 -44.96 -18.15
CA LEU D 917 31.34 -44.52 -19.55
C LEU D 917 32.42 -43.43 -19.58
N ASP D 918 33.46 -43.52 -18.72
CA ASP D 918 34.56 -42.56 -18.80
C ASP D 918 35.67 -43.07 -19.75
N SER D 919 35.47 -42.93 -21.07
CA SER D 919 36.41 -43.41 -22.11
C SER D 919 36.55 -44.92 -22.12
N SER D 920 35.47 -45.66 -21.84
CA SER D 920 35.49 -47.12 -21.81
C SER D 920 34.08 -47.64 -21.55
N ILE D 921 33.71 -48.76 -22.18
CA ILE D 921 32.44 -49.43 -21.86
C ILE D 921 32.59 -50.33 -20.61
N HIS D 922 33.83 -50.54 -20.11
CA HIS D 922 34.11 -51.45 -18.99
C HIS D 922 34.12 -50.72 -17.66
N HIS D 923 33.72 -51.43 -16.60
CA HIS D 923 33.87 -51.02 -15.21
C HIS D 923 35.31 -51.26 -14.73
N ASP E 169 -65.76 2.43 83.96
CA ASP E 169 -64.56 2.69 83.09
C ASP E 169 -63.40 1.78 83.50
N ARG E 170 -63.39 0.57 82.94
CA ARG E 170 -62.33 -0.38 83.27
C ARG E 170 -61.28 -0.34 82.16
N SER E 171 -61.04 0.86 81.63
CA SER E 171 -60.20 1.04 80.47
C SER E 171 -58.80 0.50 80.72
N ILE E 172 -58.17 0.91 81.83
CA ILE E 172 -56.82 0.44 82.13
C ILE E 172 -56.80 -1.10 82.15
N GLN E 173 -57.81 -1.72 82.79
CA GLN E 173 -57.84 -3.17 82.95
C GLN E 173 -57.98 -3.85 81.59
N GLU E 174 -58.89 -3.32 80.75
CA GLU E 174 -59.10 -3.79 79.39
C GLU E 174 -57.78 -3.75 78.60
N ILE E 175 -56.99 -2.69 78.81
CA ILE E 175 -55.80 -2.44 78.03
C ILE E 175 -54.72 -3.44 78.45
N ALA E 176 -54.53 -3.56 79.77
CA ALA E 176 -53.49 -4.43 80.34
C ALA E 176 -53.75 -5.91 80.06
N ARG E 177 -55.03 -6.35 80.17
CA ARG E 177 -55.37 -7.74 79.85
C ARG E 177 -55.06 -8.01 78.38
N SER E 178 -55.46 -7.07 77.52
CA SER E 178 -55.24 -7.21 76.09
C SER E 178 -53.76 -7.43 75.75
N ALA E 179 -52.87 -6.74 76.47
CA ALA E 179 -51.43 -6.87 76.24
C ALA E 179 -50.76 -7.90 77.16
N ASN E 180 -51.54 -8.54 78.04
CA ASN E 180 -51.05 -9.47 79.04
C ASN E 180 -49.92 -8.88 79.88
N VAL E 181 -50.12 -7.65 80.39
CA VAL E 181 -49.19 -6.97 81.29
C VAL E 181 -50.00 -6.54 82.53
N LYS E 182 -49.31 -5.94 83.51
CA LYS E 182 -49.99 -5.46 84.71
C LYS E 182 -50.71 -4.13 84.48
N ASP E 183 -51.67 -3.86 85.36
CA ASP E 183 -52.45 -2.64 85.35
C ASP E 183 -51.49 -1.45 85.39
N SER E 184 -50.45 -1.61 86.21
CA SER E 184 -49.52 -0.54 86.46
C SER E 184 -48.48 -0.39 85.33
N GLU E 185 -48.49 -1.27 84.31
CA GLU E 185 -47.51 -1.13 83.23
C GLU E 185 -48.16 -0.48 82.01
N VAL E 186 -49.45 -0.10 82.13
CA VAL E 186 -50.17 0.69 81.15
C VAL E 186 -50.11 2.17 81.58
N ILE E 187 -49.82 3.07 80.60
CA ILE E 187 -49.95 4.52 80.72
C ILE E 187 -50.82 5.04 79.57
N VAL E 188 -51.72 5.99 79.86
CA VAL E 188 -52.51 6.61 78.79
C VAL E 188 -51.78 7.79 78.14
N SER E 189 -52.11 8.05 76.87
CA SER E 189 -51.43 9.05 76.04
C SER E 189 -51.57 10.43 76.66
N THR E 190 -52.75 10.69 77.27
CA THR E 190 -53.12 11.96 77.89
C THR E 190 -52.57 12.09 79.31
N ASP E 191 -51.93 11.04 79.84
CA ASP E 191 -51.36 11.12 81.17
C ASP E 191 -49.96 11.71 81.05
N THR E 192 -49.83 12.96 81.51
CA THR E 192 -48.59 13.74 81.43
C THR E 192 -47.76 13.60 82.71
N ILE E 193 -48.31 12.93 83.73
CA ILE E 193 -47.88 13.06 85.12
C ILE E 193 -47.11 11.84 85.62
N SER E 194 -47.57 10.62 85.25
CA SER E 194 -46.94 9.34 85.60
C SER E 194 -45.53 9.24 85.03
N LEU E 195 -44.59 8.69 85.84
CA LEU E 195 -43.29 8.26 85.35
C LEU E 195 -43.46 7.14 84.31
N LEU E 196 -42.45 7.00 83.43
CA LEU E 196 -42.45 6.00 82.39
C LEU E 196 -41.58 4.79 82.78
N ASP E 197 -41.07 4.77 84.02
CA ASP E 197 -40.24 3.65 84.46
C ASP E 197 -41.08 2.38 84.54
N GLY E 198 -40.58 1.30 83.92
CA GLY E 198 -41.20 -0.02 83.98
C GLY E 198 -42.63 -0.05 83.44
N LYS E 199 -43.06 1.04 82.78
CA LYS E 199 -44.20 1.00 81.89
C LYS E 199 -43.84 0.20 80.64
N LYS E 200 -44.83 -0.48 80.05
CA LYS E 200 -44.55 -1.38 78.96
C LYS E 200 -45.45 -1.03 77.79
N VAL E 201 -46.63 -0.49 78.12
CA VAL E 201 -47.63 -0.23 77.09
C VAL E 201 -48.14 1.20 77.17
N VAL E 202 -48.21 1.87 76.02
CA VAL E 202 -48.82 3.19 75.98
C VAL E 202 -50.09 3.13 75.12
N TYR E 203 -51.19 3.68 75.67
CA TYR E 203 -52.49 3.68 75.00
C TYR E 203 -52.78 5.07 74.41
N ASP E 204 -52.99 5.10 73.08
CA ASP E 204 -53.28 6.34 72.38
C ASP E 204 -54.80 6.48 72.22
N ILE E 205 -55.38 7.32 73.10
CA ILE E 205 -56.82 7.39 73.27
C ILE E 205 -57.47 8.06 72.06
N ALA E 206 -56.64 8.84 71.31
CA ALA E 206 -56.95 9.52 70.06
C ALA E 206 -57.35 8.53 68.97
N THR E 207 -56.48 7.52 68.71
CA THR E 207 -56.74 6.50 67.71
C THR E 207 -57.23 5.21 68.34
N GLN E 208 -57.26 5.16 69.69
CA GLN E 208 -57.62 3.99 70.46
C GLN E 208 -56.69 2.83 70.09
N THR E 209 -55.37 3.04 70.20
CA THR E 209 -54.37 2.07 69.81
C THR E 209 -53.40 1.87 70.96
N SER E 210 -53.12 0.59 71.29
CA SER E 210 -52.04 0.31 72.23
C SER E 210 -50.78 0.04 71.42
N TYR E 211 -49.67 0.53 71.96
CA TYR E 211 -48.33 0.46 71.41
C TYR E 211 -47.43 0.00 72.56
N GLY E 212 -46.41 -0.78 72.19
CA GLY E 212 -45.29 -1.10 73.06
C GLY E 212 -44.34 0.09 73.21
N LEU E 213 -43.68 0.14 74.35
CA LEU E 213 -42.82 1.27 74.65
C LEU E 213 -41.38 0.86 74.33
N PRO E 214 -40.56 1.73 73.70
CA PRO E 214 -39.13 1.45 73.57
C PRO E 214 -38.42 1.58 74.90
N THR E 215 -37.14 1.20 74.91
CA THR E 215 -36.27 1.44 76.03
C THR E 215 -36.20 2.94 76.31
N ILE E 216 -36.40 3.32 77.58
CA ILE E 216 -36.65 4.70 77.97
C ILE E 216 -35.82 5.04 79.20
N PRO E 217 -35.20 6.24 79.29
CA PRO E 217 -34.45 6.64 80.49
C PRO E 217 -35.37 6.99 81.67
N ASP E 218 -34.93 6.64 82.89
CA ASP E 218 -35.67 6.87 84.13
C ASP E 218 -36.00 8.34 84.35
N GLY E 219 -37.07 8.61 85.10
CA GLY E 219 -37.48 9.95 85.46
C GLY E 219 -38.25 10.69 84.35
N SER E 220 -38.59 10.01 83.24
CA SER E 220 -39.32 10.64 82.14
C SER E 220 -40.83 10.79 82.39
N VAL E 221 -41.50 11.51 81.47
CA VAL E 221 -42.95 11.71 81.47
C VAL E 221 -43.42 11.96 80.04
N ILE E 222 -44.68 11.59 79.74
CA ILE E 222 -45.31 11.93 78.47
C ILE E 222 -45.46 13.45 78.30
N SER E 223 -44.84 13.97 77.24
CA SER E 223 -45.13 15.28 76.68
C SER E 223 -46.33 15.20 75.72
N SER E 224 -46.25 14.32 74.71
CA SER E 224 -47.45 13.94 73.97
C SER E 224 -47.19 12.70 73.11
N VAL E 225 -48.27 12.30 72.42
CA VAL E 225 -48.34 11.11 71.60
C VAL E 225 -49.22 11.45 70.39
N SER E 226 -48.71 11.21 69.16
CA SER E 226 -49.62 11.10 68.02
C SER E 226 -48.97 10.33 66.87
N ALA E 227 -49.85 9.69 66.09
CA ALA E 227 -49.50 8.80 64.99
C ALA E 227 -48.20 8.06 65.29
N GLY E 228 -48.16 7.33 66.42
CA GLY E 228 -47.09 6.42 66.75
C GLY E 228 -45.78 7.11 67.13
N LYS E 229 -45.90 8.39 67.50
CA LYS E 229 -44.73 9.12 67.97
C LYS E 229 -44.96 9.48 69.43
N LEU E 230 -43.96 9.23 70.26
CA LEU E 230 -43.96 9.76 71.61
C LEU E 230 -42.81 10.74 71.79
N ASN E 231 -43.17 11.96 72.22
CA ASN E 231 -42.24 12.93 72.79
C ASN E 231 -42.35 12.84 74.31
N TYR E 232 -41.20 12.78 74.98
CA TYR E 232 -41.14 12.69 76.43
C TYR E 232 -40.18 13.73 77.02
N ASN E 233 -40.49 14.22 78.24
CA ASN E 233 -39.59 15.05 79.01
C ASN E 233 -38.89 14.21 80.09
N PRO E 234 -37.66 14.55 80.56
CA PRO E 234 -36.96 15.79 80.15
C PRO E 234 -36.23 15.63 78.82
N GLY E 235 -35.98 16.77 78.16
CA GLY E 235 -35.13 16.84 76.98
C GLY E 235 -35.95 17.01 75.70
N ASP E 236 -37.26 16.82 75.81
CA ASP E 236 -38.23 16.89 74.71
C ASP E 236 -38.01 15.80 73.66
N VAL E 237 -37.38 14.67 74.05
CA VAL E 237 -36.93 13.65 73.11
C VAL E 237 -38.12 12.95 72.46
N GLN E 238 -38.01 12.78 71.14
CA GLN E 238 -38.99 12.09 70.33
C GLN E 238 -38.45 10.70 70.00
N VAL E 239 -39.33 9.69 70.05
CA VAL E 239 -38.99 8.30 69.78
C VAL E 239 -40.19 7.59 69.15
N ASP E 240 -39.91 6.58 68.32
CA ASP E 240 -40.93 5.75 67.72
C ASP E 240 -41.43 4.73 68.74
N LEU E 241 -42.76 4.57 68.80
CA LEU E 241 -43.41 3.52 69.57
C LEU E 241 -43.33 2.20 68.79
N LEU E 242 -43.40 1.08 69.50
CA LEU E 242 -43.24 -0.24 68.88
C LEU E 242 -44.60 -0.88 68.68
N PRO E 243 -44.72 -1.91 67.82
CA PRO E 243 -45.90 -2.79 67.89
C PRO E 243 -45.80 -3.57 69.21
N LEU E 244 -46.93 -4.11 69.66
CA LEU E 244 -46.98 -4.96 70.86
C LEU E 244 -46.14 -6.21 70.61
N GLU E 245 -45.61 -6.79 71.70
CA GLU E 245 -44.82 -8.01 71.66
C GLU E 245 -45.56 -9.13 70.93
N ASP E 246 -46.85 -9.29 71.23
CA ASP E 246 -47.68 -10.37 70.68
C ASP E 246 -48.42 -9.90 69.44
N SER E 247 -47.83 -9.04 68.60
CA SER E 247 -48.50 -8.62 67.36
C SER E 247 -47.94 -9.42 66.19
N PHE E 248 -48.77 -9.55 65.15
CA PHE E 248 -48.33 -10.02 63.84
C PHE E 248 -47.11 -9.23 63.37
N ILE E 249 -47.14 -7.90 63.46
CA ILE E 249 -46.02 -7.11 62.95
C ILE E 249 -44.73 -7.46 63.70
N ASN E 250 -44.81 -7.72 65.00
CA ASN E 250 -43.58 -7.99 65.74
C ASN E 250 -42.98 -9.33 65.32
N VAL E 251 -43.84 -10.32 65.08
CA VAL E 251 -43.39 -11.66 64.69
C VAL E 251 -42.71 -11.58 63.30
N ILE E 252 -43.42 -11.01 62.31
CA ILE E 252 -42.91 -10.82 60.94
C ILE E 252 -41.59 -10.03 60.98
N ASN E 253 -41.58 -8.93 61.73
CA ASN E 253 -40.37 -8.15 61.90
C ASN E 253 -39.21 -8.99 62.44
N THR E 254 -39.49 -9.87 63.42
CA THR E 254 -38.44 -10.66 64.03
C THR E 254 -37.87 -11.65 63.02
N LEU E 255 -38.76 -12.41 62.33
CA LEU E 255 -38.34 -13.37 61.33
C LEU E 255 -37.52 -12.69 60.24
N GLY E 256 -37.82 -11.41 59.96
CA GLY E 256 -37.19 -10.69 58.86
C GLY E 256 -35.85 -10.08 59.27
N ARG E 257 -35.43 -10.32 60.52
CA ARG E 257 -34.09 -9.84 60.85
C ARG E 257 -33.02 -10.66 60.11
N ASN E 258 -31.79 -10.13 60.17
CA ASN E 258 -30.61 -10.59 59.46
C ASN E 258 -30.39 -12.08 59.73
N ASP E 259 -30.52 -12.44 61.01
CA ASP E 259 -30.21 -13.79 61.49
C ASP E 259 -31.49 -14.61 61.53
N GLY E 260 -32.52 -14.18 60.81
CA GLY E 260 -33.84 -14.77 60.97
C GLY E 260 -33.93 -16.25 60.63
N ALA E 261 -32.97 -16.76 59.83
CA ALA E 261 -33.07 -18.19 59.47
C ALA E 261 -33.04 -19.07 60.74
N LYS E 262 -32.43 -18.54 61.82
CA LYS E 262 -32.29 -19.30 63.07
C LYS E 262 -33.64 -19.70 63.69
N TYR E 263 -34.76 -19.06 63.33
CA TYR E 263 -36.01 -19.35 64.00
C TYR E 263 -36.67 -20.59 63.41
N ILE E 264 -36.17 -21.07 62.27
CA ILE E 264 -36.76 -22.27 61.69
C ILE E 264 -36.03 -23.50 62.24
N GLY E 265 -36.78 -24.41 62.88
CA GLY E 265 -36.16 -25.55 63.54
C GLY E 265 -35.62 -26.58 62.55
N GLU E 266 -34.83 -27.52 63.08
CA GLU E 266 -34.19 -28.54 62.25
C GLU E 266 -34.03 -29.79 63.10
N CYS E 267 -33.97 -30.96 62.46
CA CYS E 267 -33.59 -32.20 63.10
C CYS E 267 -32.10 -32.22 63.40
N HIS E 268 -31.76 -32.86 64.51
CA HIS E 268 -30.39 -32.74 65.02
C HIS E 268 -29.55 -33.95 64.57
N SER E 269 -30.19 -34.94 63.94
CA SER E 269 -29.53 -36.22 63.64
C SER E 269 -30.46 -37.05 62.77
N VAL E 270 -29.91 -38.06 62.08
CA VAL E 270 -30.78 -38.91 61.27
C VAL E 270 -31.60 -39.80 62.21
N ALA E 271 -31.08 -40.02 63.42
CA ALA E 271 -31.85 -40.80 64.38
C ALA E 271 -33.10 -40.05 64.84
N ASP E 272 -32.96 -38.74 65.14
CA ASP E 272 -34.10 -37.83 65.31
C ASP E 272 -35.10 -37.94 64.15
N LEU E 273 -34.58 -37.96 62.90
CA LEU E 273 -35.36 -37.90 61.68
C LEU E 273 -36.22 -39.16 61.55
N ARG E 274 -35.66 -40.30 61.99
CA ARG E 274 -36.38 -41.57 61.92
C ARG E 274 -37.63 -41.53 62.82
N ASN E 275 -37.63 -40.62 63.81
CA ASN E 275 -38.72 -40.42 64.75
C ASN E 275 -39.58 -39.19 64.43
N THR E 276 -39.62 -38.75 63.16
CA THR E 276 -40.29 -37.50 62.82
C THR E 276 -41.25 -37.81 61.69
N GLU E 277 -42.53 -37.99 62.03
CA GLU E 277 -43.47 -38.37 60.98
C GLU E 277 -43.82 -37.13 60.16
N PRO E 278 -43.80 -37.20 58.82
CA PRO E 278 -44.35 -36.13 58.00
C PRO E 278 -45.88 -36.17 58.02
N THR E 279 -46.51 -34.98 57.98
CA THR E 279 -47.94 -34.86 57.79
C THR E 279 -48.24 -34.82 56.30
N MET E 280 -47.59 -33.89 55.58
CA MET E 280 -47.86 -33.56 54.18
C MET E 280 -46.85 -34.31 53.31
N ASP E 281 -47.29 -34.74 52.13
CA ASP E 281 -46.39 -35.41 51.19
C ASP E 281 -45.51 -34.38 50.49
N GLY E 282 -44.18 -34.65 50.43
CA GLY E 282 -43.21 -33.73 49.87
C GLY E 282 -42.82 -32.65 50.90
N GLN E 283 -43.23 -32.85 52.15
CA GLN E 283 -42.84 -32.01 53.25
C GLN E 283 -41.32 -31.82 53.27
N ARG E 284 -40.89 -30.58 53.48
CA ARG E 284 -39.50 -30.20 53.54
C ARG E 284 -39.08 -30.28 55.01
N ILE E 285 -37.92 -30.88 55.26
CA ILE E 285 -37.32 -30.79 56.58
C ILE E 285 -35.84 -30.40 56.47
N ILE E 286 -35.34 -29.64 57.44
CA ILE E 286 -33.90 -29.42 57.45
C ILE E 286 -33.18 -30.41 58.41
N LEU E 287 -32.12 -31.08 57.93
CA LEU E 287 -31.28 -31.89 58.79
C LEU E 287 -30.01 -31.12 59.13
N LYS E 288 -29.81 -30.84 60.43
CA LYS E 288 -28.64 -30.10 60.89
C LYS E 288 -27.34 -30.84 60.54
N GLN E 289 -27.33 -32.15 60.80
CA GLN E 289 -26.14 -32.97 60.65
C GLN E 289 -26.60 -34.42 60.69
N HIS E 290 -25.71 -35.31 60.23
CA HIS E 290 -26.02 -36.72 60.20
C HIS E 290 -26.07 -37.31 61.62
N THR E 291 -24.98 -37.02 62.36
CA THR E 291 -24.74 -37.60 63.68
C THR E 291 -24.65 -36.47 64.71
N ALA E 292 -25.37 -36.67 65.84
CA ALA E 292 -25.36 -35.73 66.96
C ALA E 292 -23.99 -35.07 67.14
N GLY E 293 -24.02 -33.75 67.37
CA GLY E 293 -22.85 -32.89 67.51
C GLY E 293 -21.65 -33.22 66.62
N THR E 294 -21.73 -32.96 65.30
CA THR E 294 -20.60 -33.07 64.38
C THR E 294 -20.58 -31.92 63.37
N LEU E 295 -21.76 -31.32 63.11
CA LEU E 295 -21.94 -30.31 62.07
C LEU E 295 -21.59 -30.84 60.68
N LEU E 296 -21.74 -32.16 60.45
CA LEU E 296 -21.43 -32.75 59.15
C LEU E 296 -22.62 -33.56 58.65
N GLY E 297 -22.81 -33.52 57.33
CA GLY E 297 -23.71 -34.44 56.64
C GLY E 297 -25.15 -33.95 56.60
N GLY E 298 -25.37 -32.71 57.06
CA GLY E 298 -26.69 -32.09 57.07
C GLY E 298 -27.17 -31.81 55.64
N GLY E 299 -28.41 -31.36 55.50
CA GLY E 299 -28.98 -31.07 54.20
C GLY E 299 -30.51 -30.90 54.31
N VAL E 300 -31.21 -30.94 53.17
CA VAL E 300 -32.65 -30.79 53.13
C VAL E 300 -33.23 -32.11 52.63
N PHE E 301 -34.30 -32.56 53.28
CA PHE E 301 -34.95 -33.82 52.91
C PHE E 301 -36.41 -33.52 52.58
N ARG E 302 -37.02 -34.37 51.77
CA ARG E 302 -38.44 -34.26 51.47
C ARG E 302 -39.14 -35.59 51.73
N ALA E 303 -40.37 -35.49 52.20
CA ALA E 303 -41.09 -36.65 52.66
C ALA E 303 -41.84 -37.34 51.53
N LEU E 304 -41.95 -38.66 51.65
CA LEU E 304 -42.88 -39.48 50.92
C LEU E 304 -43.63 -40.21 52.02
N ILE E 305 -44.93 -39.91 52.18
CA ILE E 305 -45.73 -40.47 53.26
C ILE E 305 -45.71 -41.99 53.10
N ASP E 306 -45.91 -42.44 51.85
CA ASP E 306 -45.93 -43.86 51.55
C ASP E 306 -44.54 -44.32 51.13
N GLY E 307 -43.77 -44.77 52.12
CA GLY E 307 -42.38 -45.11 51.94
C GLY E 307 -42.11 -46.49 51.34
N THR E 308 -43.13 -47.39 51.34
CA THR E 308 -42.92 -48.80 50.96
C THR E 308 -42.26 -48.86 49.57
N GLY E 309 -41.38 -49.84 49.37
CA GLY E 309 -40.54 -49.89 48.19
C GLY E 309 -39.33 -48.96 48.32
N LYS E 310 -39.07 -48.46 49.53
CA LYS E 310 -37.91 -47.64 49.81
C LYS E 310 -37.16 -48.30 50.97
N THR E 311 -35.82 -48.36 50.87
CA THR E 311 -35.02 -48.91 51.96
C THR E 311 -34.14 -47.83 52.59
N ASP E 312 -34.06 -47.84 53.92
CA ASP E 312 -33.22 -46.91 54.65
C ASP E 312 -31.78 -47.21 54.27
N ASN E 313 -30.98 -46.18 53.92
CA ASN E 313 -29.58 -46.44 53.60
C ASN E 313 -28.65 -45.59 54.46
N ASN E 314 -29.24 -44.94 55.48
CA ASN E 314 -28.50 -44.22 56.51
C ASN E 314 -27.79 -42.99 55.92
N GLY E 315 -28.24 -42.49 54.76
CA GLY E 315 -27.65 -41.24 54.31
C GLY E 315 -28.54 -40.39 53.40
N THR E 316 -29.22 -41.04 52.43
CA THR E 316 -30.01 -40.29 51.47
C THR E 316 -31.46 -40.78 51.43
N VAL E 317 -31.71 -41.94 52.03
CA VAL E 317 -33.07 -42.40 52.24
C VAL E 317 -33.13 -42.79 53.70
N ILE E 318 -33.95 -42.06 54.49
CA ILE E 318 -34.09 -42.35 55.91
C ILE E 318 -35.57 -42.68 56.19
N LYS E 319 -35.84 -43.90 56.70
CA LYS E 319 -37.18 -44.44 56.92
C LYS E 319 -37.66 -44.16 58.35
N THR E 320 -38.94 -43.78 58.50
CA THR E 320 -39.44 -43.47 59.85
C THR E 320 -40.12 -44.72 60.42
N VAL E 321 -40.24 -44.79 61.75
CA VAL E 321 -41.09 -45.80 62.39
C VAL E 321 -42.46 -45.96 61.70
N GLY E 322 -43.13 -44.86 61.32
CA GLY E 322 -44.41 -44.93 60.63
C GLY E 322 -44.33 -45.39 59.17
N GLY E 323 -43.11 -45.54 58.60
CA GLY E 323 -43.00 -46.11 57.26
C GLY E 323 -43.01 -45.03 56.17
N ALA E 324 -42.88 -43.78 56.60
CA ALA E 324 -42.62 -42.72 55.65
C ALA E 324 -41.16 -42.80 55.20
N ALA E 325 -40.87 -42.25 54.02
CA ALA E 325 -39.50 -42.10 53.56
C ALA E 325 -39.10 -40.63 53.53
N TRP E 326 -37.93 -40.29 54.11
CA TRP E 326 -37.33 -38.98 53.95
C TRP E 326 -36.23 -39.11 52.89
N LEU E 327 -36.31 -38.32 51.81
CA LEU E 327 -35.32 -38.42 50.73
C LEU E 327 -34.48 -37.16 50.69
N ARG E 328 -33.16 -37.33 50.66
CA ARG E 328 -32.23 -36.22 50.67
C ARG E 328 -32.37 -35.48 49.35
N VAL E 329 -32.55 -34.15 49.39
CA VAL E 329 -32.50 -33.37 48.16
C VAL E 329 -31.04 -33.32 47.64
N ASN E 330 -30.77 -34.03 46.55
CA ASN E 330 -29.43 -34.21 46.04
C ASN E 330 -29.54 -34.84 44.65
N ALA E 331 -29.40 -34.03 43.60
CA ALA E 331 -29.59 -34.54 42.24
C ALA E 331 -28.44 -35.46 41.81
N ASP E 332 -27.18 -35.19 42.24
CA ASP E 332 -26.02 -35.81 41.59
C ASP E 332 -25.23 -36.77 42.50
N ARG E 333 -23.91 -36.51 42.68
CA ARG E 333 -23.06 -37.42 43.45
C ARG E 333 -23.37 -37.43 44.96
N VAL E 334 -23.07 -38.57 45.63
CA VAL E 334 -23.13 -38.63 47.08
C VAL E 334 -21.71 -38.39 47.58
N ASN E 335 -21.55 -37.94 48.83
CA ASN E 335 -20.24 -38.01 49.47
C ASN E 335 -20.36 -38.67 50.85
N PRO E 336 -19.23 -39.16 51.39
CA PRO E 336 -19.22 -39.91 52.66
C PRO E 336 -19.85 -39.19 53.85
N PHE E 337 -19.69 -37.85 53.93
CA PHE E 337 -20.26 -37.17 55.09
C PHE E 337 -21.78 -37.34 55.11
N MET E 338 -22.42 -37.54 53.92
CA MET E 338 -23.87 -37.77 53.87
C MET E 338 -24.29 -39.02 54.64
N PHE E 339 -23.37 -39.99 54.77
CA PHE E 339 -23.65 -41.28 55.37
C PHE E 339 -22.98 -41.41 56.74
N GLY E 340 -22.50 -40.30 57.29
CA GLY E 340 -22.02 -40.33 58.65
C GLY E 340 -20.49 -40.35 58.74
N ALA E 341 -19.77 -40.13 57.63
CA ALA E 341 -18.30 -40.00 57.76
C ALA E 341 -17.98 -38.80 58.65
N LEU E 342 -16.83 -38.84 59.35
CA LEU E 342 -16.42 -37.70 60.18
C LEU E 342 -15.11 -37.13 59.67
N GLY E 343 -14.42 -37.84 58.78
CA GLY E 343 -13.09 -37.42 58.35
C GLY E 343 -12.08 -37.49 59.50
N GLY E 344 -10.96 -36.74 59.35
CA GLY E 344 -9.91 -36.68 60.37
C GLY E 344 -9.46 -38.10 60.72
N SER E 345 -9.47 -38.45 62.02
CA SER E 345 -8.84 -39.69 62.45
C SER E 345 -9.84 -40.88 62.43
N ASN E 346 -11.12 -40.60 62.08
CA ASN E 346 -12.21 -41.57 62.18
C ASN E 346 -12.14 -42.67 61.10
N ASP E 347 -12.59 -43.89 61.44
CA ASP E 347 -12.65 -44.96 60.45
C ASP E 347 -13.95 -44.80 59.65
N ASP E 348 -13.83 -44.27 58.42
CA ASP E 348 -14.99 -43.95 57.58
C ASP E 348 -15.35 -45.10 56.63
N THR E 349 -14.96 -46.35 56.97
CA THR E 349 -15.21 -47.47 56.07
C THR E 349 -16.71 -47.62 55.76
N ILE E 350 -17.57 -47.63 56.77
CA ILE E 350 -18.97 -47.96 56.45
C ILE E 350 -19.62 -46.82 55.63
N PRO E 351 -19.43 -45.52 56.00
CA PRO E 351 -19.91 -44.39 55.18
C PRO E 351 -19.45 -44.46 53.71
N VAL E 352 -18.13 -44.70 53.49
CA VAL E 352 -17.64 -44.77 52.12
C VAL E 352 -18.29 -45.96 51.41
N GLN E 353 -18.39 -47.12 52.05
CA GLN E 353 -18.99 -48.30 51.43
C GLN E 353 -20.46 -48.04 51.06
N SER E 354 -21.21 -47.33 51.93
CA SER E 354 -22.57 -46.91 51.64
C SER E 354 -22.64 -46.04 50.39
N CYS E 355 -21.69 -45.09 50.22
CA CYS E 355 -21.61 -44.25 49.02
C CYS E 355 -21.46 -45.11 47.75
N VAL E 356 -20.43 -45.98 47.69
CA VAL E 356 -20.23 -46.74 46.45
C VAL E 356 -21.38 -47.73 46.19
N ASP E 357 -22.16 -48.07 47.25
CA ASP E 357 -23.29 -49.00 47.15
C ASP E 357 -24.58 -48.25 46.86
N SER E 358 -24.53 -46.91 46.81
CA SER E 358 -25.75 -46.09 46.93
C SER E 358 -26.60 -46.15 45.66
N GLY E 359 -26.02 -46.41 44.48
CA GLY E 359 -26.77 -46.17 43.24
C GLY E 359 -26.35 -44.86 42.57
N LYS E 360 -25.34 -44.15 43.11
CA LYS E 360 -24.81 -42.94 42.52
C LYS E 360 -23.28 -42.94 42.61
N ALA E 361 -22.66 -42.16 41.75
CA ALA E 361 -21.22 -42.03 41.80
C ALA E 361 -20.88 -41.30 43.09
N THR E 362 -19.63 -41.44 43.55
CA THR E 362 -19.25 -40.86 44.84
C THR E 362 -18.25 -39.73 44.56
N GLN E 363 -18.37 -38.64 45.32
CA GLN E 363 -17.40 -37.56 45.26
C GLN E 363 -16.59 -37.59 46.55
N LEU E 364 -15.27 -37.62 46.44
CA LEU E 364 -14.42 -37.51 47.63
C LEU E 364 -14.00 -36.05 47.76
N THR E 365 -14.43 -35.41 48.86
CA THR E 365 -14.23 -33.98 49.03
C THR E 365 -13.10 -33.75 50.05
N ASP E 366 -12.51 -34.82 50.60
CA ASP E 366 -11.56 -34.74 51.71
C ASP E 366 -10.78 -36.07 51.76
N ALA E 367 -9.84 -36.22 52.71
CA ALA E 367 -9.18 -37.49 53.04
C ALA E 367 -10.05 -38.31 53.98
N HIS E 368 -10.29 -39.60 53.64
CA HIS E 368 -11.06 -40.48 54.49
C HIS E 368 -10.25 -41.75 54.80
N TYR E 369 -10.09 -42.09 56.10
CA TYR E 369 -9.56 -43.41 56.47
C TYR E 369 -10.56 -44.50 56.18
N VAL E 370 -10.09 -45.61 55.61
CA VAL E 370 -10.92 -46.80 55.46
C VAL E 370 -10.04 -48.03 55.76
N SER E 371 -10.70 -49.18 55.88
CA SER E 371 -10.02 -50.46 55.93
C SER E 371 -9.99 -51.12 54.55
N ASN E 372 -11.17 -51.47 54.01
CA ASN E 372 -11.32 -52.17 52.75
C ASN E 372 -12.69 -51.79 52.19
N ILE E 373 -12.72 -51.43 50.89
CA ILE E 373 -13.90 -50.98 50.16
C ILE E 373 -14.10 -51.91 48.98
N GLN E 374 -15.37 -52.23 48.66
CA GLN E 374 -15.61 -53.03 47.46
C GLN E 374 -16.48 -52.25 46.48
N LEU E 375 -16.05 -52.21 45.20
CA LEU E 375 -16.88 -51.64 44.15
C LEU E 375 -17.63 -52.76 43.42
N LYS E 376 -18.97 -52.70 43.42
CA LYS E 376 -19.81 -53.82 42.98
C LYS E 376 -20.71 -53.49 41.79
N TYR E 377 -20.95 -52.19 41.50
CA TYR E 377 -22.05 -51.84 40.61
C TYR E 377 -21.60 -50.87 39.52
N ASN E 378 -22.39 -50.78 38.45
CA ASN E 378 -22.08 -49.86 37.37
C ASN E 378 -22.28 -48.41 37.82
N THR E 379 -22.83 -48.21 39.03
CA THR E 379 -22.92 -46.90 39.63
C THR E 379 -21.74 -46.55 40.57
N SER E 380 -20.77 -47.46 40.78
CA SER E 380 -19.76 -47.33 41.83
C SER E 380 -18.53 -46.52 41.37
N SER E 381 -18.77 -45.46 40.59
CA SER E 381 -17.74 -44.51 40.25
C SER E 381 -17.29 -43.70 41.47
N ILE E 382 -16.03 -43.23 41.43
CA ILE E 382 -15.48 -42.37 42.48
C ILE E 382 -14.66 -41.25 41.81
N TYR E 383 -14.97 -40.00 42.17
CA TYR E 383 -14.33 -38.80 41.65
C TYR E 383 -13.78 -37.98 42.82
N GLY E 384 -12.58 -37.40 42.66
CA GLY E 384 -12.06 -36.44 43.61
C GLY E 384 -11.75 -35.15 42.87
N SER E 385 -10.75 -34.39 43.34
CA SER E 385 -10.43 -33.13 42.67
C SER E 385 -8.91 -32.94 42.73
N GLY E 386 -8.18 -34.04 42.91
CA GLY E 386 -6.72 -33.94 42.99
C GLY E 386 -6.10 -35.33 43.21
N LEU E 387 -4.76 -35.41 43.10
CA LEU E 387 -4.09 -36.69 43.26
C LEU E 387 -3.66 -36.92 44.71
N HIS E 388 -4.08 -36.04 45.62
CA HIS E 388 -3.52 -36.04 46.97
C HIS E 388 -4.61 -35.73 48.01
N TYR E 389 -5.22 -34.54 47.91
CA TYR E 389 -5.98 -34.02 49.06
C TYR E 389 -7.32 -34.74 49.22
N SER E 390 -7.89 -35.10 48.07
CA SER E 390 -9.10 -35.93 48.10
C SER E 390 -8.69 -37.39 47.88
N ARG E 391 -8.87 -38.24 48.90
CA ARG E 391 -8.25 -39.56 48.84
C ARG E 391 -8.92 -40.49 49.85
N LEU E 392 -8.75 -41.80 49.60
CA LEU E 392 -8.99 -42.85 50.57
C LEU E 392 -7.62 -43.17 51.17
N HIS E 393 -7.60 -43.41 52.48
CA HIS E 393 -6.34 -43.69 53.18
C HIS E 393 -6.57 -44.93 54.05
N GLN E 394 -5.85 -46.01 53.71
CA GLN E 394 -6.01 -47.26 54.46
C GLN E 394 -5.49 -47.09 55.87
N LEU E 395 -6.32 -47.47 56.87
CA LEU E 395 -5.89 -47.41 58.28
C LEU E 395 -4.64 -48.26 58.56
N PRO E 396 -3.75 -47.87 59.52
CA PRO E 396 -2.56 -48.68 59.79
C PRO E 396 -2.89 -50.03 60.46
N SER E 397 -4.14 -50.16 60.94
CA SER E 397 -4.64 -51.36 61.59
C SER E 397 -5.30 -52.29 60.54
N ALA E 398 -5.28 -51.91 59.26
CA ALA E 398 -5.99 -52.70 58.24
C ALA E 398 -4.99 -53.54 57.43
N THR E 399 -5.51 -54.62 56.84
CA THR E 399 -4.73 -55.42 55.91
C THR E 399 -5.54 -55.65 54.63
N GLY E 400 -4.92 -56.31 53.61
CA GLY E 400 -5.58 -56.66 52.36
C GLY E 400 -5.74 -55.44 51.46
N ASN E 401 -6.81 -55.49 50.67
CA ASN E 401 -6.96 -54.59 49.53
C ASN E 401 -7.79 -53.38 49.93
N CYS E 402 -7.19 -52.19 49.79
CA CYS E 402 -7.90 -50.96 50.08
C CYS E 402 -9.15 -50.83 49.24
N ILE E 403 -9.02 -51.03 47.91
CA ILE E 403 -10.19 -51.10 47.02
C ILE E 403 -10.14 -52.42 46.28
N THR E 404 -11.28 -53.12 46.23
CA THR E 404 -11.45 -54.28 45.38
C THR E 404 -12.52 -53.97 44.35
N ILE E 405 -12.20 -54.19 43.06
CA ILE E 405 -13.21 -54.08 42.02
C ILE E 405 -13.78 -55.48 41.80
N LYS E 406 -15.06 -55.68 42.11
CA LYS E 406 -15.68 -57.00 42.03
C LYS E 406 -16.09 -57.31 40.60
N ASP E 407 -16.31 -58.61 40.31
CA ASP E 407 -16.61 -59.05 38.96
C ASP E 407 -18.03 -58.69 38.52
N THR E 408 -18.78 -58.00 39.39
CA THR E 408 -20.11 -57.49 39.01
C THR E 408 -20.02 -56.00 38.59
N CYS E 409 -18.82 -55.42 38.65
CA CYS E 409 -18.69 -53.97 38.52
C CYS E 409 -18.04 -53.65 37.15
N SER E 410 -18.76 -52.94 36.28
CA SER E 410 -18.31 -52.58 34.93
C SER E 410 -18.68 -51.12 34.68
N LEU E 411 -17.97 -50.48 33.75
CA LEU E 411 -18.47 -49.24 33.16
C LEU E 411 -18.48 -48.08 34.16
N ILE E 412 -17.54 -48.13 35.13
CA ILE E 412 -17.42 -47.03 36.08
C ILE E 412 -16.21 -46.20 35.67
N VAL E 413 -16.03 -45.05 36.36
CA VAL E 413 -14.84 -44.24 36.25
C VAL E 413 -14.29 -44.07 37.66
N LEU E 414 -12.96 -44.21 37.80
CA LEU E 414 -12.28 -43.77 38.99
C LEU E 414 -11.34 -42.63 38.59
N ASP E 415 -11.54 -41.42 39.15
CA ASP E 415 -10.94 -40.25 38.53
C ASP E 415 -10.45 -39.23 39.58
N ALA E 416 -9.16 -38.86 39.53
CA ALA E 416 -8.68 -37.70 40.28
C ALA E 416 -8.86 -37.87 41.80
N PHE E 417 -8.32 -38.94 42.38
CA PHE E 417 -8.26 -39.06 43.82
C PHE E 417 -7.05 -39.90 44.21
N GLY E 418 -6.68 -39.87 45.49
CA GLY E 418 -5.56 -40.71 45.89
C GLY E 418 -6.06 -41.97 46.61
N VAL E 419 -5.21 -43.01 46.57
CA VAL E 419 -5.42 -44.23 47.35
C VAL E 419 -4.10 -44.45 48.10
N TYR E 420 -4.08 -44.17 49.40
CA TYR E 420 -2.82 -44.14 50.15
C TYR E 420 -2.82 -45.24 51.22
N GLY E 421 -1.65 -45.86 51.46
CA GLY E 421 -1.49 -46.79 52.57
C GLY E 421 -0.44 -46.25 53.55
N THR E 422 0.02 -47.10 54.46
CA THR E 422 0.82 -46.68 55.60
C THR E 422 2.16 -46.07 55.17
N GLY E 423 2.74 -46.56 54.06
CA GLY E 423 4.04 -46.05 53.66
C GLY E 423 3.98 -44.97 52.56
N ALA E 424 2.88 -44.19 52.52
CA ALA E 424 2.62 -43.25 51.45
C ALA E 424 3.68 -42.14 51.45
N GLN E 425 4.05 -41.66 52.63
CA GLN E 425 5.07 -40.62 52.73
C GLN E 425 6.44 -41.20 52.45
N GLN E 426 7.30 -40.41 51.77
CA GLN E 426 8.59 -40.99 51.38
C GLN E 426 9.39 -41.42 52.62
N GLY E 427 10.04 -42.59 52.48
CA GLY E 427 10.96 -43.14 53.47
C GLY E 427 10.28 -43.62 54.75
N THR E 428 9.01 -44.04 54.67
CA THR E 428 8.24 -44.49 55.83
C THR E 428 7.95 -45.98 55.71
N SER E 429 7.58 -46.62 56.83
CA SER E 429 7.38 -48.05 56.78
C SER E 429 5.95 -48.42 56.32
N PHE E 430 5.67 -49.73 56.20
CA PHE E 430 4.47 -50.21 55.53
C PHE E 430 3.70 -51.07 56.51
N THR E 431 2.43 -51.40 56.21
CA THR E 431 1.70 -52.45 56.91
C THR E 431 1.76 -53.67 56.01
N ALA E 432 2.16 -54.84 56.56
CA ALA E 432 2.32 -56.06 55.78
C ALA E 432 0.97 -56.47 55.18
N GLY E 433 1.00 -57.00 53.94
CA GLY E 433 -0.09 -57.72 53.30
C GLY E 433 -1.17 -56.80 52.70
N THR E 434 -0.81 -55.53 52.39
CA THR E 434 -1.75 -54.55 51.84
C THR E 434 -1.54 -54.32 50.33
N THR E 435 -2.65 -53.97 49.66
CA THR E 435 -2.69 -53.67 48.22
C THR E 435 -3.56 -52.43 48.04
N GLY E 436 -3.23 -51.57 47.05
CA GLY E 436 -4.03 -50.37 46.83
C GLY E 436 -5.37 -50.73 46.17
N ILE E 437 -5.29 -51.20 44.91
CA ILE E 437 -6.50 -51.54 44.16
C ILE E 437 -6.31 -52.94 43.58
N TYR E 438 -7.36 -53.77 43.71
CA TYR E 438 -7.28 -55.15 43.29
C TYR E 438 -8.49 -55.43 42.41
N VAL E 439 -8.27 -55.96 41.21
CA VAL E 439 -9.37 -56.35 40.33
C VAL E 439 -9.48 -57.87 40.32
N GLU E 440 -10.56 -58.40 40.91
CA GLU E 440 -10.61 -59.85 41.20
C GLU E 440 -10.83 -60.62 39.89
N THR E 441 -10.41 -61.90 39.88
CA THR E 441 -10.67 -62.78 38.75
C THR E 441 -12.18 -63.05 38.63
N PRO E 442 -12.82 -62.81 37.47
CA PRO E 442 -14.27 -63.04 37.36
C PRO E 442 -14.62 -64.52 37.44
N SER E 443 -15.76 -64.82 38.06
CA SER E 443 -16.24 -66.18 38.29
C SER E 443 -17.31 -66.60 37.28
N GLY E 444 -17.64 -65.73 36.32
CA GLY E 444 -18.72 -66.09 35.39
C GLY E 444 -18.78 -65.14 34.21
N LEU E 445 -19.79 -65.34 33.35
CA LEU E 445 -19.96 -64.58 32.12
C LEU E 445 -21.43 -64.33 31.95
N SER E 446 -21.83 -63.07 31.75
CA SER E 446 -23.22 -62.69 31.73
CA SER E 446 -23.23 -62.72 31.73
C SER E 446 -23.70 -62.61 30.28
N ALA E 447 -25.02 -62.73 30.08
CA ALA E 447 -25.52 -62.66 28.72
C ALA E 447 -26.24 -61.33 28.41
N ASP E 448 -26.26 -60.39 29.37
CA ASP E 448 -27.08 -59.18 29.22
C ASP E 448 -26.28 -57.90 29.44
N TYR E 449 -24.97 -57.92 29.17
CA TYR E 449 -24.13 -56.72 29.16
C TYR E 449 -24.81 -55.66 28.27
N PRO E 450 -24.79 -54.34 28.59
CA PRO E 450 -24.15 -53.79 29.80
C PRO E 450 -25.01 -53.63 31.06
N PHE E 451 -26.20 -54.25 31.04
CA PHE E 451 -27.17 -54.19 32.13
C PHE E 451 -26.94 -55.33 33.13
N HIS E 452 -25.77 -56.02 33.10
CA HIS E 452 -25.56 -57.21 33.92
C HIS E 452 -25.55 -56.83 35.42
N THR E 453 -26.07 -57.72 36.26
CA THR E 453 -25.87 -57.60 37.70
C THR E 453 -25.09 -58.80 38.22
N THR E 454 -24.64 -59.69 37.31
CA THR E 454 -23.93 -60.91 37.68
C THR E 454 -22.49 -60.85 37.15
N ALA E 455 -21.68 -61.83 37.51
CA ALA E 455 -20.25 -61.76 37.23
C ALA E 455 -20.01 -61.72 35.73
N ASP E 456 -19.00 -60.97 35.32
CA ASP E 456 -18.72 -60.81 33.91
C ASP E 456 -17.26 -60.39 33.78
N PRO E 457 -16.59 -60.80 32.68
CA PRO E 457 -15.18 -60.41 32.47
C PRO E 457 -14.97 -59.01 31.90
N ARG E 458 -16.06 -58.41 31.40
CA ARG E 458 -15.94 -57.14 30.69
C ARG E 458 -15.95 -56.01 31.73
N ARG E 459 -14.76 -55.61 32.21
CA ARG E 459 -14.67 -54.52 33.20
C ARG E 459 -15.04 -53.18 32.56
N ASP E 460 -14.53 -52.94 31.34
CA ASP E 460 -14.90 -51.76 30.54
C ASP E 460 -14.93 -50.49 31.40
N LEU E 461 -13.82 -50.22 32.10
CA LEU E 461 -13.83 -49.13 33.05
C LEU E 461 -12.50 -48.38 32.95
N CYS E 462 -12.51 -47.16 33.49
CA CYS E 462 -11.42 -46.20 33.34
CA CYS E 462 -11.40 -46.22 33.34
C CYS E 462 -10.92 -45.77 34.72
N ILE E 463 -9.61 -45.85 34.91
CA ILE E 463 -8.93 -45.38 36.10
C ILE E 463 -8.02 -44.25 35.60
N SER E 464 -8.41 -43.02 35.99
CA SER E 464 -7.89 -41.83 35.38
C SER E 464 -7.35 -40.88 36.43
N LYS E 465 -6.05 -40.55 36.31
CA LYS E 465 -5.48 -39.54 37.20
C LYS E 465 -5.68 -40.00 38.65
N VAL E 466 -5.41 -41.28 38.90
CA VAL E 466 -5.47 -41.80 40.26
C VAL E 466 -4.02 -41.93 40.75
N HIS E 467 -3.79 -41.59 42.01
CA HIS E 467 -2.47 -41.70 42.62
C HIS E 467 -2.54 -42.78 43.70
N ILE E 468 -1.85 -43.91 43.50
CA ILE E 468 -1.75 -44.97 44.49
C ILE E 468 -0.36 -44.90 45.15
N ALA E 469 -0.28 -44.91 46.49
CA ALA E 469 1.01 -44.78 47.17
C ALA E 469 0.99 -45.51 48.50
N GLY E 470 2.09 -46.20 48.88
CA GLY E 470 2.31 -46.61 50.28
C GLY E 470 1.77 -47.99 50.68
N PHE E 471 1.51 -48.89 49.72
CA PHE E 471 1.10 -50.26 49.99
C PHE E 471 2.28 -51.22 49.97
N ASP E 472 2.07 -52.41 50.55
CA ASP E 472 3.12 -53.40 50.75
C ASP E 472 3.31 -54.28 49.50
N GLU E 473 2.30 -55.11 49.17
CA GLU E 473 2.43 -56.13 48.14
C GLU E 473 2.32 -55.54 46.72
N TYR E 474 1.26 -54.75 46.44
CA TYR E 474 1.05 -54.15 45.13
C TYR E 474 0.39 -52.80 45.25
N GLY E 475 0.74 -51.90 44.34
CA GLY E 475 -0.06 -50.70 44.19
C GLY E 475 -1.36 -51.05 43.47
N LEU E 476 -1.25 -51.49 42.21
CA LEU E 476 -2.43 -51.94 41.47
C LEU E 476 -2.21 -53.41 41.09
N ASN E 477 -3.24 -54.25 41.28
CA ASN E 477 -3.13 -55.64 40.91
C ASN E 477 -4.36 -56.04 40.12
N ILE E 478 -4.19 -56.25 38.80
CA ILE E 478 -5.31 -56.62 37.93
C ILE E 478 -5.17 -58.11 37.63
N ASP E 479 -6.11 -58.92 38.12
CA ASP E 479 -5.98 -60.38 38.01
C ASP E 479 -6.52 -60.91 36.69
N SER E 480 -6.18 -62.18 36.37
CA SER E 480 -6.50 -62.83 35.10
CA SER E 480 -6.50 -62.77 35.06
C SER E 480 -8.00 -62.79 34.82
N GLY E 481 -8.37 -62.73 33.53
CA GLY E 481 -9.76 -62.92 33.13
C GLY E 481 -10.54 -61.59 33.03
N ASN E 482 -9.88 -60.46 33.34
CA ASN E 482 -10.54 -59.15 33.23
C ASN E 482 -10.19 -58.45 31.92
N PHE E 483 -11.21 -58.03 31.14
CA PHE E 483 -10.96 -57.31 29.89
C PHE E 483 -11.19 -55.79 30.05
N SER E 484 -10.37 -54.99 29.34
CA SER E 484 -10.60 -53.56 29.18
C SER E 484 -10.63 -52.83 30.52
N VAL E 485 -9.65 -53.13 31.40
CA VAL E 485 -9.33 -52.18 32.46
C VAL E 485 -8.41 -51.13 31.82
N THR E 486 -8.96 -49.93 31.54
CA THR E 486 -8.17 -48.81 31.01
C THR E 486 -7.49 -48.07 32.16
N THR E 487 -6.20 -47.72 31.99
CA THR E 487 -5.68 -46.70 32.89
C THR E 487 -5.19 -45.50 32.06
N ASP E 488 -5.32 -44.30 32.63
CA ASP E 488 -4.83 -43.10 31.98
C ASP E 488 -4.19 -42.18 33.03
N SER E 489 -2.89 -41.82 32.90
CA SER E 489 -2.31 -40.91 33.89
C SER E 489 -2.42 -41.49 35.29
N LEU E 490 -2.14 -42.81 35.38
CA LEU E 490 -2.03 -43.46 36.67
C LEU E 490 -0.67 -43.12 37.28
N LEU E 491 -0.63 -42.68 38.55
CA LEU E 491 0.65 -42.44 39.21
C LEU E 491 0.77 -43.41 40.40
N VAL E 492 1.79 -44.26 40.43
CA VAL E 492 2.01 -45.20 41.51
C VAL E 492 3.39 -44.89 42.13
N ASN E 493 3.46 -44.73 43.46
CA ASN E 493 4.80 -44.64 44.03
C ASN E 493 4.88 -45.17 45.47
N HIS E 494 6.13 -45.35 45.95
CA HIS E 494 6.39 -45.78 47.32
C HIS E 494 5.61 -47.05 47.63
N ILE E 495 5.94 -48.13 46.88
CA ILE E 495 5.35 -49.44 47.12
C ILE E 495 6.44 -50.36 47.64
N ASN E 496 6.12 -51.11 48.72
CA ASN E 496 7.16 -51.94 49.32
C ASN E 496 7.66 -53.02 48.37
N GLN E 497 6.74 -53.65 47.62
CA GLN E 497 7.10 -54.71 46.66
C GLN E 497 6.86 -54.25 45.20
N VAL E 498 5.71 -54.64 44.58
CA VAL E 498 5.44 -54.49 43.15
C VAL E 498 4.50 -53.32 42.89
N GLY E 499 4.97 -52.31 42.10
CA GLY E 499 4.16 -51.14 41.81
C GLY E 499 2.81 -51.55 41.19
N VAL E 500 2.89 -52.27 40.04
CA VAL E 500 1.69 -52.63 39.28
C VAL E 500 1.90 -54.07 38.81
N ARG E 501 0.83 -54.86 38.90
CA ARG E 501 0.85 -56.21 38.36
C ARG E 501 -0.37 -56.35 37.46
N CYS E 502 -0.15 -56.96 36.29
CA CYS E 502 -1.29 -57.27 35.43
C CYS E 502 -1.10 -58.72 34.95
N ALA E 503 -2.18 -59.51 34.92
CA ALA E 503 -2.07 -60.91 34.50
C ALA E 503 -3.26 -61.22 33.59
N THR E 504 -3.64 -60.27 32.75
CA THR E 504 -4.86 -60.40 31.97
C THR E 504 -4.60 -59.93 30.54
N THR E 505 -5.65 -59.92 29.71
CA THR E 505 -5.55 -59.68 28.28
C THR E 505 -6.49 -58.53 27.90
N ASP E 506 -6.22 -57.86 26.74
CA ASP E 506 -7.17 -56.98 26.07
C ASP E 506 -7.36 -55.67 26.85
N TRP E 507 -6.30 -54.86 26.88
CA TRP E 507 -6.32 -53.60 27.61
C TRP E 507 -5.34 -52.59 27.00
N THR E 508 -5.58 -51.31 27.38
CA THR E 508 -4.71 -50.20 27.03
C THR E 508 -4.46 -49.34 28.25
N TRP E 509 -3.17 -48.99 28.48
CA TRP E 509 -2.77 -47.99 29.49
C TRP E 509 -2.04 -46.84 28.79
N THR E 510 -2.32 -45.61 29.20
CA THR E 510 -1.59 -44.49 28.58
C THR E 510 -1.07 -43.62 29.71
N ASN E 511 0.17 -43.16 29.58
CA ASN E 511 0.77 -42.25 30.56
C ASN E 511 0.75 -42.88 31.97
N ILE E 512 1.31 -44.09 32.08
CA ILE E 512 1.50 -44.71 33.39
C ILE E 512 2.87 -44.29 33.95
N GLN E 513 2.91 -43.95 35.25
CA GLN E 513 4.19 -43.59 35.84
C GLN E 513 4.26 -44.34 37.18
N VAL E 514 5.32 -45.15 37.33
CA VAL E 514 5.51 -45.90 38.58
C VAL E 514 6.90 -45.53 39.11
N ASN E 515 7.01 -45.12 40.38
N ASN E 515 6.99 -45.16 40.39
CA ASN E 515 8.32 -44.73 40.90
CA ASN E 515 8.23 -44.67 40.97
C ASN E 515 8.52 -45.18 42.36
C ASN E 515 8.44 -45.33 42.33
N THR E 516 9.68 -45.81 42.60
CA THR E 516 10.15 -46.19 43.93
C THR E 516 9.36 -47.38 44.51
N CYS E 517 9.74 -48.58 44.05
CA CYS E 517 9.17 -49.85 44.49
C CYS E 517 10.32 -50.74 44.98
N GLY E 518 10.05 -51.55 46.01
CA GLY E 518 11.10 -52.42 46.54
C GLY E 518 11.44 -53.57 45.60
N LYS E 519 10.44 -54.06 44.84
CA LYS E 519 10.71 -55.04 43.80
C LYS E 519 10.45 -54.38 42.43
N GLN E 520 9.73 -55.04 41.52
CA GLN E 520 9.49 -54.50 40.17
C GLN E 520 8.56 -53.29 40.27
N CYS E 521 8.74 -52.30 39.36
CA CYS E 521 7.68 -51.31 39.14
C CYS E 521 6.49 -51.97 38.45
N LEU E 522 6.74 -52.94 37.56
CA LEU E 522 5.68 -53.52 36.75
C LEU E 522 5.96 -54.99 36.55
N VAL E 523 4.89 -55.79 36.75
CA VAL E 523 4.93 -57.20 36.43
C VAL E 523 3.81 -57.48 35.43
N LEU E 524 4.21 -57.87 34.21
CA LEU E 524 3.28 -58.44 33.25
C LEU E 524 3.48 -59.94 33.28
N ASP E 525 2.45 -60.70 33.72
CA ASP E 525 2.68 -62.11 33.95
C ASP E 525 1.50 -62.86 33.38
N GLY E 526 1.67 -63.48 32.21
CA GLY E 526 0.54 -64.14 31.62
C GLY E 526 -0.41 -63.17 30.91
N CYS E 527 0.12 -62.01 30.47
CA CYS E 527 -0.72 -61.04 29.75
C CYS E 527 -0.69 -61.31 28.26
N GLY E 528 -1.75 -60.85 27.55
CA GLY E 528 -1.75 -60.88 26.10
C GLY E 528 -2.53 -59.71 25.55
N ASN E 529 -2.22 -59.36 24.28
CA ASN E 529 -3.00 -58.33 23.58
C ASN E 529 -3.14 -57.08 24.44
N GLY E 530 -2.02 -56.61 24.99
CA GLY E 530 -1.95 -55.41 25.84
C GLY E 530 -1.27 -54.27 25.09
N ARG E 531 -1.65 -53.04 25.44
CA ARG E 531 -1.02 -51.86 24.90
C ARG E 531 -0.61 -50.93 26.02
N ILE E 532 0.68 -50.58 26.08
CA ILE E 532 1.08 -49.53 26.99
C ILE E 532 1.63 -48.39 26.13
N ILE E 533 1.04 -47.21 26.27
CA ILE E 533 1.47 -46.09 25.45
C ILE E 533 1.89 -44.93 26.35
N GLY E 534 3.21 -44.66 26.40
CA GLY E 534 3.69 -43.61 27.29
C GLY E 534 3.79 -44.15 28.72
N GLY E 535 5.00 -44.20 29.27
CA GLY E 535 5.21 -44.87 30.55
C GLY E 535 6.59 -44.51 31.09
N LYS E 536 6.68 -44.42 32.42
CA LYS E 536 7.95 -44.19 33.05
C LYS E 536 7.98 -45.10 34.28
N PHE E 537 9.03 -45.90 34.38
CA PHE E 537 9.20 -46.83 35.48
C PHE E 537 10.59 -46.57 36.08
N ILE E 538 10.65 -46.00 37.29
CA ILE E 538 11.95 -45.56 37.82
C ILE E 538 12.12 -46.02 39.29
N TRP E 539 13.38 -46.14 39.73
CA TRP E 539 13.73 -46.50 41.09
C TRP E 539 13.05 -47.78 41.57
N ALA E 540 12.96 -48.81 40.70
CA ALA E 540 12.57 -50.15 41.09
C ALA E 540 13.69 -50.81 41.92
N ASN E 541 13.36 -51.94 42.60
CA ASN E 541 14.34 -52.62 43.45
C ASN E 541 15.01 -51.58 44.33
N TRP E 542 14.20 -50.69 44.95
CA TRP E 542 14.72 -49.58 45.72
C TRP E 542 15.36 -50.08 47.02
N GLN E 543 16.66 -49.75 47.21
CA GLN E 543 17.45 -50.47 48.19
C GLN E 543 16.94 -50.26 49.62
N PRO E 544 16.57 -49.02 50.06
CA PRO E 544 16.05 -48.82 51.42
C PRO E 544 14.81 -49.63 51.81
N TYR E 545 14.07 -50.17 50.85
CA TYR E 545 12.86 -50.92 51.18
C TYR E 545 13.21 -52.38 51.58
N GLY E 546 14.50 -52.73 51.44
CA GLY E 546 15.13 -53.86 52.12
C GLY E 546 14.71 -55.19 51.50
N THR E 547 14.22 -55.19 50.26
CA THR E 547 13.99 -56.46 49.60
C THR E 547 15.31 -57.24 49.46
N VAL E 548 15.19 -58.55 49.73
CA VAL E 548 16.26 -59.53 49.63
C VAL E 548 16.34 -60.01 48.18
N GLY E 549 17.37 -59.54 47.45
CA GLY E 549 17.69 -60.02 46.10
C GLY E 549 17.23 -59.11 44.95
N GLN E 550 17.38 -59.60 43.71
CA GLN E 550 17.28 -58.74 42.53
C GLN E 550 15.90 -58.85 41.90
N PHE E 551 15.37 -57.68 41.52
CA PHE E 551 14.14 -57.62 40.78
C PHE E 551 14.32 -56.57 39.69
N PRO E 552 13.85 -56.83 38.44
CA PRO E 552 13.99 -55.84 37.36
C PRO E 552 13.02 -54.67 37.51
N GLY E 553 13.19 -53.59 36.74
CA GLY E 553 12.17 -52.53 36.72
C GLY E 553 10.86 -53.08 36.14
N ILE E 554 10.97 -53.90 35.07
CA ILE E 554 9.82 -54.54 34.43
C ILE E 554 10.11 -56.02 34.23
N THR E 555 9.16 -56.85 34.66
CA THR E 555 9.10 -58.26 34.31
C THR E 555 8.03 -58.43 33.26
N ILE E 556 8.41 -59.04 32.14
CA ILE E 556 7.45 -59.49 31.16
C ILE E 556 7.61 -61.01 31.06
N ASN E 557 6.63 -61.76 31.57
CA ASN E 557 6.86 -63.19 31.72
C ASN E 557 5.67 -63.93 31.14
N ASN E 558 5.95 -64.98 30.36
CA ASN E 558 4.84 -65.78 29.87
C ASN E 558 3.75 -64.91 29.22
N SER E 559 4.16 -63.89 28.44
CA SER E 559 3.22 -62.98 27.80
C SER E 559 3.31 -63.05 26.27
N GLN E 560 2.38 -62.38 25.55
CA GLN E 560 2.35 -62.49 24.10
C GLN E 560 1.59 -61.30 23.51
N ASN E 561 2.00 -60.87 22.29
CA ASN E 561 1.19 -59.92 21.53
C ASN E 561 1.05 -58.61 22.33
N MET E 562 2.18 -58.13 22.89
CA MET E 562 2.21 -56.89 23.67
C MET E 562 2.76 -55.79 22.75
N VAL E 563 2.15 -54.60 22.78
CA VAL E 563 2.73 -53.47 22.09
C VAL E 563 3.06 -52.44 23.16
N ILE E 564 4.34 -52.12 23.30
CA ILE E 564 4.68 -51.22 24.39
C ILE E 564 5.51 -50.11 23.75
N ASN E 565 4.92 -48.91 23.70
CA ASN E 565 5.49 -47.79 22.95
C ASN E 565 5.72 -46.60 23.91
N GLY E 566 6.88 -45.94 23.73
CA GLY E 566 7.22 -44.73 24.43
C GLY E 566 7.36 -44.93 25.95
N ILE E 567 8.19 -45.89 26.38
CA ILE E 567 8.42 -46.06 27.82
C ILE E 567 9.89 -45.82 28.16
N GLU E 568 10.10 -45.42 29.40
CA GLU E 568 11.44 -45.28 29.95
C GLU E 568 11.57 -46.15 31.20
N VAL E 569 12.71 -46.81 31.32
CA VAL E 569 13.09 -47.51 32.54
C VAL E 569 14.45 -46.99 32.95
N GLN E 570 14.53 -46.39 34.15
CA GLN E 570 15.74 -45.69 34.56
C GLN E 570 15.90 -45.75 36.08
N ASP E 571 17.17 -45.76 36.54
CA ASP E 571 17.50 -45.68 37.97
C ASP E 571 17.05 -46.92 38.78
N CYS E 572 16.74 -48.03 38.09
CA CYS E 572 16.35 -49.25 38.78
C CYS E 572 17.57 -49.92 39.41
N GLY E 573 17.31 -50.70 40.48
CA GLY E 573 18.39 -51.26 41.28
C GLY E 573 19.07 -52.47 40.63
N GLY E 574 18.29 -53.25 39.85
CA GLY E 574 18.84 -54.38 39.13
C GLY E 574 18.71 -54.19 37.62
N ASN E 575 18.28 -55.26 36.94
CA ASN E 575 18.08 -55.20 35.49
C ASN E 575 16.96 -54.20 35.16
N GLY E 576 17.03 -53.55 33.99
CA GLY E 576 15.96 -52.69 33.54
C GLY E 576 14.69 -53.50 33.22
N ILE E 577 14.75 -54.37 32.20
CA ILE E 577 13.58 -55.17 31.79
C ILE E 577 14.04 -56.63 31.62
N GLU E 578 13.29 -57.59 32.20
CA GLU E 578 13.51 -59.01 31.94
C GLU E 578 12.33 -59.56 31.17
N ILE E 579 12.60 -60.09 29.98
CA ILE E 579 11.58 -60.67 29.11
C ILE E 579 11.80 -62.20 29.11
N SER E 580 10.86 -62.98 29.63
CA SER E 580 11.06 -64.41 29.79
C SER E 580 9.87 -65.14 29.21
N GLU E 581 10.12 -66.25 28.48
CA GLU E 581 9.07 -67.13 27.97
C GLU E 581 7.92 -66.37 27.33
N SER E 582 8.27 -65.35 26.50
CA SER E 582 7.25 -64.48 25.88
C SER E 582 7.36 -64.48 24.37
N TYR E 583 6.19 -64.49 23.70
CA TYR E 583 6.10 -64.36 22.26
C TYR E 583 5.72 -62.92 21.89
N SER E 584 6.16 -62.49 20.69
CA SER E 584 5.65 -61.33 19.99
C SER E 584 5.48 -60.10 20.87
N ILE E 585 6.60 -59.68 21.45
CA ILE E 585 6.71 -58.43 22.20
C ILE E 585 7.23 -57.36 21.23
N SER E 586 6.36 -56.37 20.98
CA SER E 586 6.65 -55.27 20.07
C SER E 586 6.82 -53.97 20.83
N MET E 587 8.01 -53.36 20.69
CA MET E 587 8.26 -52.13 21.42
C MET E 587 8.71 -51.02 20.45
N ASN E 588 8.09 -49.84 20.53
CA ASN E 588 8.39 -48.85 19.50
C ASN E 588 8.68 -47.51 20.17
N GLY E 589 9.98 -47.16 20.29
CA GLY E 589 10.41 -45.99 21.06
C GLY E 589 10.60 -46.41 22.53
N LEU E 590 11.85 -46.66 22.94
CA LEU E 590 12.11 -47.32 24.21
C LEU E 590 13.41 -46.76 24.79
N ASN E 591 13.33 -46.23 26.03
CA ASN E 591 14.45 -45.59 26.69
C ASN E 591 14.79 -46.43 27.93
N THR E 592 15.91 -47.18 27.92
CA THR E 592 16.38 -47.79 29.15
C THR E 592 17.81 -47.30 29.39
N ASN E 593 18.09 -46.77 30.59
CA ASN E 593 19.45 -46.35 30.89
C ASN E 593 19.66 -46.27 32.42
N ARG E 594 20.93 -46.38 32.86
CA ARG E 594 21.32 -46.13 34.24
C ARG E 594 20.47 -46.93 35.24
N ASN E 595 20.22 -48.19 34.87
CA ASN E 595 19.79 -49.21 35.82
C ASN E 595 20.99 -49.81 36.56
N GLY E 596 20.78 -50.99 37.19
CA GLY E 596 21.78 -51.70 37.96
C GLY E 596 22.39 -50.82 39.05
N ILE E 597 21.56 -49.98 39.71
CA ILE E 597 22.17 -49.00 40.59
C ILE E 597 22.55 -49.61 41.95
N ASN E 598 22.13 -50.85 42.24
CA ASN E 598 22.53 -51.44 43.52
C ASN E 598 23.93 -52.09 43.47
N ALA E 599 24.49 -52.34 42.27
CA ALA E 599 25.85 -52.86 42.18
C ALA E 599 26.37 -52.48 40.80
N ASN E 600 27.48 -51.74 40.79
CA ASN E 600 28.07 -51.21 39.57
C ASN E 600 28.44 -52.34 38.60
N ASN E 601 28.19 -52.08 37.31
CA ASN E 601 28.76 -52.92 36.26
C ASN E 601 28.28 -54.36 36.40
N THR E 602 27.03 -54.57 36.81
CA THR E 602 26.58 -55.93 37.11
C THR E 602 25.33 -56.30 36.32
N PHE E 603 24.40 -55.34 36.12
CA PHE E 603 23.06 -55.64 35.58
C PHE E 603 22.93 -55.08 34.16
N TYR E 604 21.87 -55.50 33.45
CA TYR E 604 21.67 -55.11 32.08
C TYR E 604 20.31 -54.45 31.90
N ASN E 605 20.19 -53.57 30.87
CA ASN E 605 18.97 -52.82 30.61
C ASN E 605 17.85 -53.73 30.12
N ILE E 606 18.17 -54.71 29.26
CA ILE E 606 17.15 -55.66 28.80
C ILE E 606 17.77 -57.04 28.80
N VAL E 607 17.11 -57.97 29.51
CA VAL E 607 17.58 -59.34 29.65
C VAL E 607 16.55 -60.23 28.94
N PHE E 608 16.98 -60.91 27.87
CA PHE E 608 16.09 -61.82 27.16
C PHE E 608 16.35 -63.26 27.61
N ASN E 609 15.27 -64.01 27.85
CA ASN E 609 15.35 -65.43 28.20
C ASN E 609 14.20 -66.18 27.54
N LYS E 610 14.52 -67.04 26.55
CA LYS E 610 13.51 -67.82 25.85
C LYS E 610 12.35 -66.91 25.41
N SER E 611 12.68 -65.78 24.75
CA SER E 611 11.65 -64.82 24.36
C SER E 611 11.87 -64.29 22.94
N ASP E 612 10.79 -63.83 22.27
CA ASP E 612 10.86 -63.20 20.93
C ASP E 612 10.40 -61.75 21.03
N ALA E 613 11.16 -60.81 20.46
CA ALA E 613 10.84 -59.39 20.59
C ALA E 613 11.29 -58.62 19.33
N VAL E 614 10.54 -57.54 19.00
CA VAL E 614 10.92 -56.58 17.98
C VAL E 614 10.90 -55.20 18.64
N ILE E 615 12.10 -54.62 18.81
CA ILE E 615 12.35 -53.34 19.45
C ILE E 615 12.92 -52.37 18.41
N ASN E 616 12.21 -51.23 18.25
CA ASN E 616 12.47 -50.13 17.33
C ASN E 616 12.59 -48.85 18.15
N GLY E 617 13.41 -47.90 17.64
CA GLY E 617 13.45 -46.60 18.25
C GLY E 617 14.05 -46.69 19.66
N PHE E 618 14.98 -47.63 19.84
CA PHE E 618 15.69 -47.80 21.11
C PHE E 618 16.62 -46.62 21.37
N VAL E 619 16.66 -46.11 22.62
CA VAL E 619 17.65 -45.14 23.08
C VAL E 619 17.98 -45.48 24.54
N GLY E 620 19.11 -44.94 25.04
CA GLY E 620 19.49 -45.23 26.40
C GLY E 620 20.77 -44.51 26.82
N LEU E 621 20.80 -43.19 26.70
CA LEU E 621 21.95 -42.42 27.14
C LEU E 621 22.16 -42.61 28.65
N ASN E 622 23.31 -43.21 29.02
CA ASN E 622 23.63 -43.44 30.42
C ASN E 622 24.15 -42.12 31.00
N TYR E 623 23.28 -41.35 31.70
CA TYR E 623 23.60 -40.04 32.23
C TYR E 623 24.71 -40.05 33.29
N ALA E 624 24.84 -41.15 34.03
CA ALA E 624 25.94 -41.33 34.99
C ALA E 624 27.30 -41.41 34.25
N ALA E 625 27.35 -42.30 33.24
CA ALA E 625 28.53 -42.41 32.39
C ALA E 625 28.84 -41.07 31.67
N ASN E 626 27.78 -40.35 31.25
CA ASN E 626 27.94 -39.09 30.55
C ASN E 626 28.56 -38.04 31.47
N SER E 627 28.06 -37.93 32.71
CA SER E 627 28.51 -36.87 33.60
C SER E 627 29.84 -37.23 34.26
N GLY E 628 30.21 -38.51 34.27
CA GLY E 628 31.43 -38.90 34.98
C GLY E 628 31.26 -38.96 36.50
N SER E 629 30.02 -39.16 37.00
CA SER E 629 29.73 -39.19 38.42
C SER E 629 30.37 -40.39 39.12
N GLY E 630 30.58 -41.53 38.42
CA GLY E 630 31.03 -42.75 39.09
C GLY E 630 29.87 -43.55 39.71
N ALA E 631 28.63 -43.06 39.61
CA ALA E 631 27.50 -43.74 40.26
C ALA E 631 27.31 -45.14 39.67
N ASN E 632 26.90 -46.14 40.46
CA ASN E 632 26.60 -47.45 39.92
C ASN E 632 25.65 -47.37 38.70
N SER E 633 25.91 -48.17 37.64
CA SER E 633 24.99 -48.24 36.52
C SER E 633 25.13 -49.58 35.78
N SER E 634 24.21 -49.81 34.82
CA SER E 634 24.13 -51.03 34.03
C SER E 634 25.50 -51.36 33.43
N ALA E 635 25.87 -52.64 33.46
CA ALA E 635 27.02 -53.11 32.70
C ALA E 635 26.85 -52.78 31.21
N GLY E 636 25.61 -52.89 30.68
CA GLY E 636 25.34 -52.61 29.26
C GLY E 636 23.85 -52.78 28.95
N ASN E 637 23.51 -52.76 27.65
CA ASN E 637 22.14 -52.59 27.27
C ASN E 637 21.46 -53.95 27.26
N PHE E 638 22.11 -54.98 26.71
CA PHE E 638 21.44 -56.24 26.37
C PHE E 638 22.21 -57.44 26.94
N GLN E 639 21.44 -58.40 27.46
CA GLN E 639 21.99 -59.70 27.83
C GLN E 639 21.03 -60.78 27.36
N PHE E 640 21.62 -61.84 26.77
CA PHE E 640 20.84 -62.98 26.32
C PHE E 640 21.13 -64.18 27.23
N LEU E 641 20.10 -64.69 27.92
CA LEU E 641 20.29 -65.79 28.87
C LEU E 641 20.13 -67.11 28.15
N SER E 642 19.61 -67.07 26.91
CA SER E 642 19.54 -68.31 26.14
C SER E 642 19.86 -67.96 24.68
N ASN E 643 20.01 -68.98 23.83
CA ASN E 643 20.33 -68.71 22.43
C ASN E 643 19.18 -69.17 21.51
N ASP E 644 17.97 -69.41 22.07
CA ASP E 644 16.78 -69.80 21.29
C ASP E 644 15.83 -68.59 21.16
N CYS E 645 16.35 -67.38 21.41
CA CYS E 645 15.59 -66.12 21.29
C CYS E 645 15.55 -65.66 19.82
N SER E 646 14.43 -65.08 19.39
CA SER E 646 14.39 -64.46 18.06
C SER E 646 14.05 -62.97 18.22
N VAL E 647 15.09 -62.14 18.08
CA VAL E 647 15.00 -60.76 18.51
C VAL E 647 15.60 -59.86 17.41
N THR E 648 14.87 -58.78 17.09
CA THR E 648 15.37 -57.65 16.32
CA THR E 648 15.33 -57.64 16.31
C THR E 648 15.39 -56.39 17.20
N ILE E 649 16.52 -55.68 17.16
CA ILE E 649 16.71 -54.43 17.91
C ILE E 649 17.23 -53.39 16.93
N ASN E 650 16.60 -52.21 16.94
CA ASN E 650 17.06 -51.08 16.13
C ASN E 650 17.03 -49.81 16.96
N GLY E 651 18.09 -49.00 16.87
CA GLY E 651 18.02 -47.70 17.51
C GLY E 651 19.43 -47.22 17.81
N VAL E 652 19.57 -46.39 18.86
CA VAL E 652 20.88 -45.86 19.20
C VAL E 652 21.41 -46.74 20.33
N VAL E 653 22.23 -47.74 19.99
CA VAL E 653 22.70 -48.77 20.91
C VAL E 653 23.83 -48.21 21.82
N GLU E 654 24.69 -47.37 21.24
CA GLU E 654 25.72 -46.64 21.95
C GLU E 654 25.59 -45.18 21.55
N THR E 655 25.30 -44.32 22.54
CA THR E 655 24.80 -42.97 22.31
C THR E 655 25.85 -42.13 21.59
N GLY E 656 27.12 -42.24 22.03
CA GLY E 656 28.20 -41.44 21.48
C GLY E 656 28.48 -40.09 22.15
N TYR E 657 28.45 -40.03 23.48
CA TYR E 657 28.99 -38.87 24.21
C TYR E 657 30.48 -39.14 24.45
N MET E 658 31.18 -38.16 25.02
CA MET E 658 32.65 -38.20 25.03
C MET E 658 33.23 -39.42 25.75
N GLY E 659 32.77 -39.74 26.97
CA GLY E 659 33.42 -40.78 27.77
C GLY E 659 34.47 -40.22 28.76
N ILE E 660 34.07 -39.25 29.62
CA ILE E 660 34.97 -38.64 30.59
C ILE E 660 35.73 -39.67 31.43
N ASN E 661 35.10 -40.79 31.83
CA ASN E 661 35.85 -41.82 32.54
C ASN E 661 35.98 -43.09 31.70
N PHE E 662 36.00 -42.96 30.37
CA PHE E 662 36.39 -44.06 29.47
C PHE E 662 35.26 -45.07 29.33
N ILE E 663 34.05 -44.71 29.78
CA ILE E 663 32.94 -45.66 29.65
C ILE E 663 31.76 -45.00 28.92
N GLY E 664 30.75 -45.81 28.60
CA GLY E 664 29.55 -45.27 27.97
C GLY E 664 28.36 -46.14 28.35
N ASP E 665 27.54 -46.50 27.34
CA ASP E 665 26.32 -47.26 27.58
C ASP E 665 26.63 -48.75 27.75
N ASN E 666 27.51 -49.29 26.88
CA ASN E 666 27.80 -50.71 26.86
C ASN E 666 29.25 -50.93 27.25
N ASN E 667 29.43 -51.34 28.53
CA ASN E 667 30.72 -51.40 29.20
C ASN E 667 31.19 -52.84 29.33
N ILE E 668 30.24 -53.78 29.18
CA ILE E 668 30.55 -55.18 29.10
C ILE E 668 29.64 -55.75 28.05
N ILE E 669 30.25 -56.41 27.06
CA ILE E 669 29.49 -56.96 25.96
C ILE E 669 29.64 -58.48 25.98
N ASN E 670 28.49 -59.17 26.01
CA ASN E 670 28.40 -60.61 25.99
C ASN E 670 27.74 -60.98 24.66
N PRO E 671 28.51 -61.53 23.70
CA PRO E 671 27.96 -61.86 22.38
C PRO E 671 27.03 -63.06 22.51
N THR E 672 26.23 -63.30 21.47
CA THR E 672 25.25 -64.36 21.53
C THR E 672 25.17 -65.05 20.16
N ASN E 673 24.77 -66.32 20.19
CA ASN E 673 24.44 -67.08 18.99
C ASN E 673 22.94 -67.14 18.80
N SER E 674 22.19 -66.35 19.57
CA SER E 674 20.77 -66.34 19.31
C SER E 674 20.48 -65.78 17.90
N ASP E 675 19.23 -65.93 17.49
CA ASP E 675 18.75 -65.46 16.22
C ASP E 675 18.50 -63.95 16.38
N LEU E 676 19.58 -63.17 16.43
CA LEU E 676 19.55 -61.72 16.65
C LEU E 676 19.82 -60.94 15.34
N SER E 677 19.01 -59.91 15.06
CA SER E 677 19.43 -58.88 14.11
C SER E 677 19.43 -57.53 14.83
N ILE E 678 20.56 -56.84 14.86
CA ILE E 678 20.57 -55.53 15.47
C ILE E 678 21.01 -54.48 14.44
N ASN E 679 20.22 -53.38 14.35
CA ASN E 679 20.46 -52.17 13.55
C ASN E 679 20.50 -52.55 12.07
N GLY E 680 19.79 -53.64 11.69
CA GLY E 680 19.83 -54.13 10.31
C GLY E 680 21.21 -54.60 9.85
N LEU E 681 22.20 -54.77 10.74
CA LEU E 681 23.55 -55.20 10.34
C LEU E 681 23.58 -56.68 10.03
N VAL E 682 24.29 -57.01 8.95
CA VAL E 682 24.53 -58.40 8.63
C VAL E 682 25.58 -58.89 9.61
N ASN E 683 25.27 -60.03 10.22
CA ASN E 683 26.20 -60.74 11.07
C ASN E 683 27.26 -61.43 10.17
N TYR E 684 28.52 -61.06 10.35
CA TYR E 684 29.57 -61.64 9.52
C TYR E 684 29.54 -63.18 9.57
N SER E 685 29.29 -63.76 10.75
CA SER E 685 29.30 -65.21 10.96
C SER E 685 28.20 -65.87 10.13
N LYS E 686 27.19 -65.08 9.74
CA LYS E 686 26.05 -65.67 9.06
C LYS E 686 26.00 -65.31 7.56
N THR E 687 27.03 -64.65 7.02
CA THR E 687 26.92 -64.19 5.63
C THR E 687 27.72 -65.04 4.61
N GLY E 688 27.14 -65.20 3.40
CA GLY E 688 27.86 -65.66 2.22
C GLY E 688 28.16 -64.50 1.25
N LEU E 689 27.88 -63.23 1.62
CA LEU E 689 28.12 -62.12 0.70
C LEU E 689 29.59 -62.02 0.30
N GLN E 690 29.83 -61.84 -1.01
CA GLN E 690 31.17 -61.55 -1.49
C GLN E 690 31.41 -60.04 -1.53
N THR E 691 32.62 -59.62 -1.14
CA THR E 691 32.97 -58.22 -0.99
C THR E 691 34.38 -58.02 -1.54
N MET E 692 34.78 -56.77 -1.80
CA MET E 692 36.21 -56.55 -1.99
C MET E 692 37.00 -56.94 -0.74
N ASN E 693 38.31 -57.04 -0.91
CA ASN E 693 39.24 -57.34 0.18
C ASN E 693 40.63 -56.87 -0.24
N GLU E 694 40.95 -55.62 0.04
CA GLU E 694 42.25 -55.09 -0.35
C GLU E 694 43.34 -55.85 0.40
N THR E 695 44.52 -55.97 -0.26
CA THR E 695 45.72 -56.65 0.24
C THR E 695 46.65 -55.60 0.83
N PRO E 696 47.03 -55.65 2.13
CA PRO E 696 48.04 -54.73 2.65
C PRO E 696 49.42 -55.26 2.26
N THR E 697 50.43 -54.42 2.36
CA THR E 697 51.78 -54.94 2.21
C THR E 697 52.49 -54.85 3.56
N PHE E 698 53.00 -56.01 4.01
CA PHE E 698 53.87 -56.08 5.18
C PHE E 698 55.11 -55.21 4.99
N ASP E 699 55.48 -54.45 6.02
CA ASP E 699 56.75 -53.74 6.07
C ASP E 699 57.38 -53.89 7.47
N GLY E 700 58.72 -53.87 7.49
CA GLY E 700 59.57 -53.92 8.67
C GLY E 700 61.02 -53.64 8.27
N VAL E 701 61.91 -53.45 9.25
CA VAL E 701 63.34 -53.32 8.97
C VAL E 701 63.82 -54.54 8.18
N SER E 702 63.63 -55.74 8.71
CA SER E 702 63.55 -56.90 7.84
C SER E 702 62.13 -56.94 7.27
N THR E 703 61.99 -57.14 5.95
CA THR E 703 60.67 -57.15 5.35
C THR E 703 60.08 -58.56 5.41
N THR E 704 60.66 -59.48 6.20
CA THR E 704 59.98 -60.78 6.27
C THR E 704 58.93 -60.80 7.40
N PRO E 705 57.65 -61.15 7.12
CA PRO E 705 56.64 -61.30 8.18
C PRO E 705 56.98 -62.53 9.07
N VAL E 706 56.86 -62.37 10.40
CA VAL E 706 57.04 -63.43 11.40
C VAL E 706 55.69 -63.69 12.08
N TYR E 707 55.34 -64.97 12.23
CA TYR E 707 54.11 -65.43 12.87
C TYR E 707 54.40 -66.17 14.18
N VAL E 708 53.70 -65.78 15.26
CA VAL E 708 53.80 -66.38 16.58
C VAL E 708 52.38 -66.69 17.07
N SER E 709 52.29 -67.50 18.14
CA SER E 709 51.00 -68.02 18.59
C SER E 709 50.16 -66.94 19.30
N VAL E 710 48.84 -67.14 19.26
CA VAL E 710 47.89 -66.29 19.97
C VAL E 710 47.11 -67.15 20.96
N PRO E 711 46.47 -66.52 21.99
CA PRO E 711 45.53 -67.25 22.87
C PRO E 711 44.36 -67.79 22.07
N SER E 712 43.82 -68.92 22.54
CA SER E 712 42.78 -69.62 21.81
C SER E 712 41.55 -68.73 21.57
N SER E 713 41.34 -67.73 22.42
CA SER E 713 40.16 -66.87 22.33
C SER E 713 40.15 -66.09 21.01
N VAL E 714 41.31 -66.01 20.35
CA VAL E 714 41.39 -65.23 19.12
C VAL E 714 40.83 -66.04 17.95
N GLY E 715 40.71 -67.37 18.13
CA GLY E 715 40.05 -68.25 17.16
C GLY E 715 40.93 -68.57 15.94
N GLN E 716 42.25 -68.50 16.14
CA GLN E 716 43.25 -68.91 15.17
C GLN E 716 44.53 -69.37 15.91
N VAL E 717 45.40 -70.13 15.20
CA VAL E 717 46.61 -70.69 15.82
C VAL E 717 47.66 -69.59 16.02
N ASN E 718 47.96 -68.82 14.97
CA ASN E 718 49.05 -67.84 14.99
C ASN E 718 48.53 -66.45 14.63
N GLY E 719 49.31 -65.43 14.97
CA GLY E 719 49.06 -64.11 14.39
C GLY E 719 50.40 -63.45 14.04
N LEU E 720 50.38 -62.19 13.61
CA LEU E 720 51.57 -61.52 13.09
C LEU E 720 52.36 -60.99 14.27
N ARG E 721 53.66 -61.34 14.33
CA ARG E 721 54.54 -60.91 15.42
C ARG E 721 54.78 -59.41 15.30
N LEU E 722 54.46 -58.64 16.36
CA LEU E 722 54.75 -57.20 16.37
C LEU E 722 55.93 -56.93 17.29
N SER E 723 56.89 -56.13 16.82
CA SER E 723 58.05 -55.73 17.61
C SER E 723 58.40 -54.28 17.26
N GLN E 724 59.07 -53.58 18.17
CA GLN E 724 59.61 -52.24 17.93
C GLN E 724 60.96 -52.34 17.19
N ALA E 725 61.77 -53.36 17.52
CA ALA E 725 63.03 -53.65 16.84
C ALA E 725 62.80 -53.76 15.33
N ASN E 726 61.84 -54.59 14.91
CA ASN E 726 61.53 -54.82 13.50
C ASN E 726 60.55 -53.80 12.92
N LYS E 727 59.89 -52.95 13.74
CA LYS E 727 58.86 -52.05 13.20
C LYS E 727 57.84 -52.79 12.31
N ASP E 728 57.40 -54.01 12.70
CA ASP E 728 56.43 -54.78 11.91
C ASP E 728 55.11 -54.01 11.69
N LYS E 729 54.58 -54.03 10.45
CA LYS E 729 53.42 -53.21 10.13
C LYS E 729 52.70 -53.72 8.88
N LEU E 730 51.42 -53.31 8.79
CA LEU E 730 50.69 -53.52 7.55
C LEU E 730 50.32 -52.18 6.88
N LEU E 731 50.86 -51.97 5.67
CA LEU E 731 50.64 -50.77 4.88
C LEU E 731 49.52 -51.06 3.86
N TYR E 732 48.44 -50.28 3.95
CA TYR E 732 47.44 -50.22 2.89
C TYR E 732 47.72 -48.97 2.02
N SER E 733 47.50 -49.06 0.70
CA SER E 733 47.76 -47.89 -0.13
C SER E 733 46.53 -46.96 -0.12
N ARG E 734 45.33 -47.53 0.10
CA ARG E 734 44.08 -46.77 0.28
C ARG E 734 44.29 -45.54 1.16
N THR E 735 43.74 -44.40 0.73
CA THR E 735 43.83 -43.17 1.53
C THR E 735 42.43 -42.88 2.08
N ALA E 736 42.36 -42.17 3.20
CA ALA E 736 41.10 -41.83 3.84
C ALA E 736 40.41 -40.73 3.03
N GLY E 737 39.09 -40.90 2.82
CA GLY E 737 38.27 -39.94 2.10
C GLY E 737 37.25 -39.21 3.00
N PRO E 738 36.49 -38.22 2.46
CA PRO E 738 35.66 -37.37 3.29
C PRO E 738 34.49 -38.12 3.97
N GLU E 739 34.15 -39.29 3.41
CA GLU E 739 33.16 -40.21 3.96
C GLU E 739 33.61 -40.78 5.31
N GLY E 740 34.94 -40.84 5.50
CA GLY E 740 35.51 -41.45 6.69
C GLY E 740 35.87 -42.93 6.51
N ILE E 741 36.37 -43.54 7.60
CA ILE E 741 36.93 -44.89 7.62
C ILE E 741 36.70 -45.51 9.00
N THR E 742 36.58 -46.84 9.02
CA THR E 742 36.65 -47.65 10.24
C THR E 742 37.84 -48.60 10.14
N MET E 743 38.67 -48.61 11.19
CA MET E 743 39.75 -49.60 11.30
C MET E 743 39.68 -50.36 12.64
N ALA E 744 39.88 -51.69 12.56
CA ALA E 744 39.94 -52.53 13.75
C ALA E 744 40.95 -53.66 13.56
N ALA E 745 41.44 -54.15 14.71
CA ALA E 745 42.36 -55.27 14.73
C ALA E 745 42.28 -55.91 16.12
N VAL E 746 42.52 -57.23 16.20
CA VAL E 746 42.85 -57.85 17.48
C VAL E 746 44.34 -57.60 17.71
N ILE E 747 44.67 -57.06 18.88
CA ILE E 747 46.05 -56.87 19.30
C ILE E 747 46.17 -57.47 20.70
N VAL E 748 47.14 -58.38 20.81
CA VAL E 748 47.61 -59.03 22.03
C VAL E 748 48.91 -58.32 22.42
N PRO E 749 48.88 -57.23 23.20
CA PRO E 749 50.08 -56.46 23.48
C PRO E 749 50.96 -57.09 24.56
N THR E 750 52.28 -56.94 24.40
CA THR E 750 53.25 -57.29 25.44
C THR E 750 53.60 -56.00 26.16
N ILE E 751 53.23 -55.90 27.44
CA ILE E 751 53.41 -54.66 28.15
C ILE E 751 54.45 -54.88 29.24
N SER E 752 55.48 -54.03 29.24
CA SER E 752 56.58 -54.11 30.19
C SER E 752 57.05 -52.70 30.56
N GLY E 753 58.21 -52.27 30.06
CA GLY E 753 58.71 -50.93 30.37
C GLY E 753 58.08 -49.81 29.55
N ALA E 754 58.58 -48.57 29.72
CA ALA E 754 58.13 -47.43 28.93
C ALA E 754 58.10 -47.79 27.44
N GLU E 755 57.10 -47.29 26.71
CA GLU E 755 56.92 -47.63 25.31
C GLU E 755 55.74 -46.88 24.71
N VAL E 756 55.81 -46.63 23.41
CA VAL E 756 54.71 -46.05 22.67
C VAL E 756 54.25 -47.09 21.66
N PHE E 757 52.97 -47.49 21.75
CA PHE E 757 52.37 -48.36 20.76
C PHE E 757 51.54 -47.52 19.80
N ASN E 758 51.79 -47.65 18.49
CA ASN E 758 50.91 -47.09 17.48
C ASN E 758 49.98 -48.18 16.98
N PHE E 759 48.77 -48.24 17.55
CA PHE E 759 47.88 -49.33 17.17
C PHE E 759 47.53 -49.25 15.68
N MET E 760 47.22 -48.04 15.24
CA MET E 760 46.83 -47.84 13.85
C MET E 760 47.04 -46.35 13.60
N ALA E 761 47.04 -45.99 12.29
CA ALA E 761 47.28 -44.62 11.85
C ALA E 761 46.70 -44.37 10.47
N ILE E 762 46.51 -43.07 10.23
CA ILE E 762 46.20 -42.54 8.92
C ILE E 762 47.32 -41.54 8.63
N GLY E 763 48.07 -41.80 7.55
CA GLY E 763 49.19 -40.96 7.18
C GLY E 763 50.31 -41.15 8.19
N SER E 764 51.17 -40.14 8.33
CA SER E 764 52.30 -40.24 9.24
C SER E 764 52.70 -38.84 9.71
N GLY E 765 53.66 -38.77 10.66
CA GLY E 765 54.12 -37.50 11.17
C GLY E 765 53.07 -36.88 12.09
N PHE E 766 53.42 -35.74 12.68
CA PHE E 766 52.57 -35.01 13.60
C PHE E 766 52.96 -33.53 13.60
N SER E 767 52.19 -32.70 12.88
CA SER E 767 52.48 -31.29 12.69
C SER E 767 51.22 -30.60 12.17
N ASP E 768 51.28 -29.26 12.02
CA ASP E 768 50.14 -28.50 11.50
C ASP E 768 49.66 -29.00 10.15
N THR E 769 50.56 -29.64 9.38
CA THR E 769 50.23 -30.03 8.01
C THR E 769 50.38 -31.54 7.79
N SER E 770 50.53 -32.33 8.86
CA SER E 770 50.86 -33.75 8.67
C SER E 770 49.66 -34.52 8.11
N ASN E 771 48.45 -33.95 8.22
CA ASN E 771 47.23 -34.62 7.77
C ASN E 771 47.18 -36.05 8.31
N SER E 772 47.34 -36.22 9.63
CA SER E 772 47.55 -37.55 10.17
C SER E 772 46.68 -37.81 11.41
N LEU E 773 46.43 -39.08 11.68
CA LEU E 773 45.79 -39.57 12.89
C LEU E 773 46.68 -40.70 13.44
N HIS E 774 46.91 -40.69 14.77
CA HIS E 774 47.48 -41.86 15.42
C HIS E 774 46.66 -42.22 16.66
N LEU E 775 46.32 -43.51 16.79
CA LEU E 775 45.82 -43.99 18.07
C LEU E 775 46.97 -44.68 18.81
N GLN E 776 47.35 -44.14 20.00
CA GLN E 776 48.46 -44.68 20.77
C GLN E 776 48.06 -45.13 22.19
N LEU E 777 48.75 -46.18 22.68
CA LEU E 777 48.92 -46.49 24.10
C LEU E 777 50.34 -46.13 24.49
N VAL E 778 50.44 -45.26 25.50
CA VAL E 778 51.74 -44.83 26.02
C VAL E 778 51.90 -45.47 27.41
N ILE E 779 52.97 -46.26 27.57
CA ILE E 779 53.35 -46.87 28.84
C ILE E 779 54.53 -46.09 29.41
N ASP E 780 54.58 -45.99 30.75
CA ASP E 780 55.57 -45.24 31.50
C ASP E 780 56.41 -46.21 32.33
N ALA E 781 57.63 -45.79 32.68
CA ALA E 781 58.44 -46.48 33.67
C ALA E 781 57.59 -46.94 34.86
N SER E 782 56.67 -46.07 35.33
CA SER E 782 55.91 -46.28 36.56
C SER E 782 54.81 -47.33 36.38
N GLY E 783 54.39 -47.55 35.12
CA GLY E 783 53.28 -48.45 34.82
C GLY E 783 52.02 -47.69 34.37
N LYS E 784 52.10 -46.35 34.37
CA LYS E 784 51.05 -45.49 33.86
C LYS E 784 50.76 -45.85 32.39
N GLN E 785 49.46 -45.84 32.03
CA GLN E 785 48.96 -46.14 30.69
C GLN E 785 48.10 -44.97 30.22
N THR E 786 48.48 -44.39 29.08
CA THR E 786 47.72 -43.31 28.46
C THR E 786 47.21 -43.77 27.10
N ILE E 787 45.91 -43.57 26.81
CA ILE E 787 45.42 -43.73 25.45
C ILE E 787 45.32 -42.32 24.85
N ALA E 788 45.96 -42.10 23.70
CA ALA E 788 46.07 -40.78 23.09
C ALA E 788 45.69 -40.85 21.62
N LEU E 789 44.81 -39.94 21.18
CA LEU E 789 44.51 -39.80 19.77
C LEU E 789 45.20 -38.52 19.34
N LEU E 790 46.07 -38.63 18.32
CA LEU E 790 46.85 -37.50 17.85
C LEU E 790 46.35 -37.17 16.46
N LEU E 791 45.96 -35.90 16.29
CA LEU E 791 45.40 -35.40 15.04
C LEU E 791 46.26 -34.21 14.60
N GLY E 792 46.80 -34.28 13.37
CA GLY E 792 47.40 -33.12 12.73
C GLY E 792 46.81 -32.80 11.35
N GLY E 793 46.59 -31.51 11.08
CA GLY E 793 45.94 -31.07 9.87
C GLY E 793 45.10 -29.83 10.14
N ASP E 794 44.48 -29.28 9.06
CA ASP E 794 43.71 -28.05 9.09
C ASP E 794 44.49 -26.97 9.81
N GLY E 795 45.82 -26.99 9.68
CA GLY E 795 46.66 -25.92 10.19
C GLY E 795 46.90 -26.01 11.69
N THR E 796 46.63 -27.18 12.30
CA THR E 796 46.80 -27.27 13.73
C THR E 796 47.14 -28.71 14.09
N THR E 797 47.41 -28.98 15.39
CA THR E 797 47.46 -30.33 15.92
C THR E 797 46.64 -30.36 17.20
N GLN E 798 46.21 -31.57 17.59
CA GLN E 798 45.48 -31.78 18.83
C GLN E 798 45.88 -33.15 19.38
N ILE E 799 46.09 -33.21 20.69
CA ILE E 799 46.24 -34.50 21.35
C ILE E 799 45.07 -34.66 22.31
N LEU E 800 44.32 -35.75 22.13
CA LEU E 800 43.20 -36.07 22.99
C LEU E 800 43.61 -37.34 23.72
N SER E 801 44.04 -37.18 24.98
CA SER E 801 44.61 -38.30 25.71
C SER E 801 43.94 -38.43 27.08
N GLY E 802 44.01 -39.64 27.67
CA GLY E 802 43.60 -39.80 29.06
C GLY E 802 44.39 -40.92 29.71
N ASP E 803 44.76 -40.73 31.00
CA ASP E 803 45.40 -41.77 31.79
C ASP E 803 44.36 -42.73 32.33
N LEU E 804 44.62 -44.03 32.17
CA LEU E 804 43.73 -45.10 32.62
C LEU E 804 43.90 -45.34 34.12
N PRO E 805 42.79 -45.39 34.90
CA PRO E 805 42.87 -45.89 36.28
C PRO E 805 43.34 -47.35 36.21
N ASN E 806 43.96 -47.80 37.31
CA ASN E 806 44.53 -49.12 37.44
C ASN E 806 43.58 -50.22 36.98
N ASP E 807 42.30 -50.13 37.35
CA ASP E 807 41.40 -51.24 37.05
C ASP E 807 41.08 -51.27 35.56
N LEU E 808 41.35 -50.17 34.84
CA LEU E 808 41.01 -50.14 33.40
C LEU E 808 42.22 -50.42 32.50
N LYS E 809 43.43 -50.53 33.06
CA LYS E 809 44.65 -50.75 32.28
C LYS E 809 44.60 -52.01 31.43
N LEU E 810 45.20 -51.95 30.23
CA LEU E 810 45.45 -53.14 29.42
C LEU E 810 46.47 -54.06 30.10
N GLN E 811 46.17 -55.37 29.99
CA GLN E 811 46.92 -56.46 30.61
CA GLN E 811 46.93 -56.44 30.62
C GLN E 811 47.82 -57.13 29.58
N SER E 812 49.08 -57.40 29.97
CA SER E 812 50.06 -58.04 29.10
C SER E 812 49.62 -59.44 28.66
N GLY E 813 49.65 -59.70 27.33
CA GLY E 813 49.34 -61.04 26.86
C GLY E 813 47.84 -61.34 26.78
N VAL E 814 46.99 -60.32 27.01
CA VAL E 814 45.55 -60.51 26.85
C VAL E 814 45.12 -59.93 25.51
N PRO E 815 44.25 -60.61 24.73
CA PRO E 815 43.77 -60.06 23.44
C PRO E 815 42.69 -58.98 23.61
N TYR E 816 42.85 -57.88 22.84
CA TYR E 816 41.93 -56.75 22.84
C TYR E 816 41.47 -56.51 21.41
N HIS E 817 40.17 -56.25 21.23
CA HIS E 817 39.70 -55.71 19.96
C HIS E 817 39.85 -54.20 20.05
N ILE E 818 40.63 -53.66 19.12
CA ILE E 818 40.87 -52.23 19.11
C ILE E 818 40.28 -51.65 17.82
N ALA E 819 39.37 -50.68 17.94
CA ALA E 819 38.65 -50.14 16.80
C ALA E 819 38.66 -48.62 16.85
N ILE E 820 38.80 -47.97 15.66
CA ILE E 820 38.56 -46.53 15.51
C ILE E 820 37.57 -46.26 14.36
N GLY E 821 36.75 -45.22 14.56
CA GLY E 821 36.04 -44.57 13.46
C GLY E 821 36.56 -43.15 13.33
N ALA E 822 36.85 -42.75 12.08
CA ALA E 822 37.42 -41.42 11.82
C ALA E 822 36.86 -40.84 10.52
N LYS E 823 36.23 -39.68 10.65
CA LYS E 823 35.79 -38.89 9.51
C LYS E 823 35.95 -37.44 9.96
N PRO E 824 35.83 -36.44 9.05
CA PRO E 824 35.94 -35.05 9.47
C PRO E 824 34.91 -34.78 10.58
N GLY E 825 35.41 -34.17 11.66
CA GLY E 825 34.59 -33.73 12.78
C GLY E 825 34.02 -34.87 13.62
N TYR E 826 34.60 -36.08 13.51
CA TYR E 826 33.98 -37.22 14.21
C TYR E 826 34.98 -38.36 14.35
N PHE E 827 35.46 -38.59 15.58
CA PHE E 827 36.49 -39.59 15.84
C PHE E 827 36.14 -40.36 17.11
N TRP E 828 36.11 -41.69 17.01
CA TRP E 828 35.92 -42.52 18.19
C TRP E 828 36.95 -43.64 18.22
N TRP E 829 37.22 -44.13 19.44
CA TRP E 829 38.07 -45.30 19.65
C TRP E 829 37.47 -46.18 20.76
N SER E 830 37.82 -47.46 20.76
CA SER E 830 37.24 -48.43 21.67
C SER E 830 38.27 -49.55 21.82
N ILE E 831 38.49 -49.99 23.07
CA ILE E 831 39.39 -51.12 23.33
C ILE E 831 38.61 -52.13 24.16
N LEU E 832 38.53 -53.37 23.69
CA LEU E 832 37.57 -54.32 24.26
C LEU E 832 38.36 -55.58 24.61
N ASN E 833 38.35 -55.93 25.90
CA ASN E 833 39.00 -57.14 26.38
C ASN E 833 38.20 -58.33 25.88
N ILE E 834 38.80 -59.22 25.08
CA ILE E 834 37.93 -60.22 24.46
C ILE E 834 37.68 -61.39 25.41
N GLN E 835 38.41 -61.45 26.52
CA GLN E 835 38.21 -62.56 27.46
C GLN E 835 37.16 -62.23 28.52
N THR E 836 37.00 -60.95 28.87
CA THR E 836 36.03 -60.57 29.90
C THR E 836 34.85 -59.76 29.32
N GLY E 837 35.00 -59.25 28.08
CA GLY E 837 34.01 -58.38 27.46
C GLY E 837 34.03 -56.95 27.98
N LYS E 838 35.00 -56.58 28.81
CA LYS E 838 35.09 -55.23 29.37
C LYS E 838 35.69 -54.30 28.33
N ARG E 839 35.13 -53.10 28.18
CA ARG E 839 35.38 -52.16 27.09
C ARG E 839 35.68 -50.80 27.70
N ILE E 840 36.59 -50.05 27.08
CA ILE E 840 36.79 -48.64 27.37
C ILE E 840 36.74 -47.93 26.02
N ARG E 841 36.38 -46.64 25.99
CA ARG E 841 36.14 -45.97 24.72
C ARG E 841 36.05 -44.47 24.93
N ARG E 842 36.27 -43.70 23.86
CA ARG E 842 35.96 -42.27 23.86
C ARG E 842 35.48 -41.82 22.49
N SER E 843 34.73 -40.70 22.45
CA SER E 843 34.24 -40.17 21.18
C SER E 843 34.39 -38.65 21.20
N PHE E 844 34.79 -38.08 20.05
CA PHE E 844 35.09 -36.65 19.96
C PHE E 844 34.36 -36.01 18.79
N ARG E 845 33.43 -35.11 19.11
CA ARG E 845 32.70 -34.35 18.12
C ARG E 845 32.55 -32.95 18.70
N GLY E 846 32.16 -31.98 17.84
CA GLY E 846 31.80 -30.64 18.28
C GLY E 846 32.96 -29.98 19.05
N ALA E 847 32.66 -29.55 20.28
CA ALA E 847 33.50 -28.58 20.98
C ALA E 847 34.75 -29.25 21.56
N TYR E 848 34.80 -30.59 21.51
CA TYR E 848 36.02 -31.31 21.86
C TYR E 848 37.09 -31.20 20.75
N LEU E 849 36.70 -30.82 19.52
CA LEU E 849 37.71 -30.75 18.48
C LEU E 849 38.04 -29.28 18.21
N ALA E 850 39.35 -28.95 18.15
CA ALA E 850 39.79 -27.62 17.74
C ALA E 850 39.31 -27.28 16.33
N VAL E 851 39.44 -28.23 15.39
CA VAL E 851 38.94 -28.05 14.03
C VAL E 851 38.34 -29.40 13.61
N PRO E 852 37.63 -29.51 12.46
CA PRO E 852 37.13 -30.82 12.01
C PRO E 852 38.25 -31.76 11.54
N PHE E 853 39.47 -31.21 11.31
CA PHE E 853 40.56 -31.92 10.63
C PHE E 853 40.11 -32.49 9.28
N ASN E 854 39.53 -31.64 8.44
CA ASN E 854 39.13 -32.02 7.09
C ASN E 854 40.30 -32.59 6.27
N SER E 855 41.52 -32.02 6.47
CA SER E 855 42.69 -32.35 5.63
C SER E 855 43.26 -33.75 5.88
N ILE E 856 42.83 -34.42 6.97
CA ILE E 856 43.23 -35.81 7.12
C ILE E 856 42.57 -36.61 5.98
N PHE E 857 41.46 -36.08 5.43
CA PHE E 857 40.53 -36.87 4.62
C PHE E 857 40.50 -36.39 3.16
N GLY E 858 41.57 -35.70 2.72
CA GLY E 858 41.65 -35.21 1.34
C GLY E 858 42.31 -36.21 0.36
N LEU E 859 42.07 -37.53 0.52
CA LEU E 859 42.60 -38.54 -0.36
C LEU E 859 44.13 -38.47 -0.45
N THR E 860 44.81 -38.11 0.64
CA THR E 860 46.27 -38.00 0.62
C THR E 860 46.98 -38.87 1.67
N SER E 861 46.26 -39.52 2.61
CA SER E 861 46.92 -40.15 3.76
C SER E 861 46.46 -41.60 3.91
N SER E 862 47.44 -42.51 3.91
CA SER E 862 47.11 -43.92 3.72
C SER E 862 46.92 -44.60 5.09
N LEU E 863 46.28 -45.77 5.07
CA LEU E 863 45.97 -46.49 6.30
C LEU E 863 47.10 -47.44 6.67
N THR E 864 47.47 -47.47 7.96
CA THR E 864 48.44 -48.41 8.48
C THR E 864 47.94 -49.09 9.77
N PHE E 865 48.18 -50.42 9.90
CA PHE E 865 48.02 -51.14 11.16
C PHE E 865 49.40 -51.36 11.79
N PHE E 866 49.50 -51.06 13.09
CA PHE E 866 50.54 -51.46 14.03
C PHE E 866 51.72 -50.50 14.00
N SER E 867 51.58 -49.42 13.20
CA SER E 867 52.53 -48.31 13.07
C SER E 867 51.84 -47.22 12.25
N ASP E 868 52.60 -46.25 11.72
CA ASP E 868 52.14 -45.36 10.65
C ASP E 868 52.87 -45.67 9.31
N SER E 869 52.71 -44.80 8.29
CA SER E 869 53.23 -45.05 6.95
C SER E 869 54.65 -44.49 6.74
N ASN E 870 55.30 -43.99 7.80
CA ASN E 870 56.67 -43.51 7.73
C ASN E 870 57.62 -44.56 8.34
N ALA E 871 58.79 -44.73 7.72
CA ALA E 871 59.69 -45.79 8.15
C ALA E 871 60.22 -45.57 9.58
N GLY E 872 60.22 -44.34 10.08
CA GLY E 872 60.68 -44.16 11.45
C GLY E 872 59.57 -44.18 12.54
N GLY E 873 58.31 -44.44 12.17
CA GLY E 873 57.19 -44.38 13.12
C GLY E 873 57.35 -45.40 14.25
N ASP E 874 56.76 -45.09 15.42
CA ASP E 874 56.66 -46.13 16.45
C ASP E 874 55.77 -47.27 15.95
N ALA E 875 56.00 -48.46 16.51
CA ALA E 875 55.21 -49.63 16.19
C ALA E 875 54.58 -50.23 17.47
N CYS E 876 54.48 -51.56 17.57
CA CYS E 876 53.88 -52.24 18.72
C CYS E 876 54.78 -53.38 19.21
N SER E 877 54.42 -53.98 20.34
CA SER E 877 54.98 -55.25 20.78
C SER E 877 53.82 -56.19 21.10
N GLY E 878 53.86 -57.40 20.52
CA GLY E 878 52.88 -58.43 20.80
C GLY E 878 52.51 -59.15 19.50
N VAL E 879 51.21 -59.31 19.27
CA VAL E 879 50.71 -60.07 18.14
C VAL E 879 49.44 -59.39 17.59
N GLY E 880 49.32 -59.27 16.25
CA GLY E 880 48.14 -58.73 15.60
C GLY E 880 47.37 -59.81 14.83
N ALA E 881 46.06 -59.64 14.72
CA ALA E 881 45.24 -60.60 13.98
C ALA E 881 43.99 -59.87 13.49
N LYS E 882 43.28 -60.49 12.55
CA LYS E 882 41.91 -60.08 12.24
C LYS E 882 41.83 -58.57 11.98
N VAL E 883 42.70 -58.08 11.07
CA VAL E 883 42.75 -56.68 10.68
C VAL E 883 41.56 -56.39 9.73
N TYR E 884 40.86 -55.27 10.02
CA TYR E 884 39.62 -54.92 9.30
C TYR E 884 39.69 -53.47 8.85
N VAL E 885 39.35 -53.25 7.57
CA VAL E 885 39.15 -51.92 7.04
C VAL E 885 37.70 -51.84 6.51
N GLY E 886 36.99 -50.84 7.01
CA GLY E 886 35.65 -50.61 6.51
C GLY E 886 35.44 -49.14 6.18
N MET E 887 34.35 -48.86 5.43
CA MET E 887 33.87 -47.49 5.34
C MET E 887 33.26 -47.12 6.71
N PHE E 888 33.02 -45.83 6.95
CA PHE E 888 32.78 -45.35 8.32
C PHE E 888 31.55 -46.01 8.96
N SER E 889 31.75 -46.43 10.22
CA SER E 889 30.69 -46.91 11.07
C SER E 889 30.65 -46.06 12.34
N SER E 890 29.43 -45.71 12.77
CA SER E 890 29.22 -45.08 14.07
C SER E 890 29.65 -46.07 15.17
N GLU E 891 29.99 -45.52 16.34
CA GLU E 891 30.24 -46.38 17.49
C GLU E 891 28.98 -47.21 17.82
N ASN E 892 27.80 -46.64 17.52
CA ASN E 892 26.50 -47.31 17.64
C ASN E 892 26.58 -48.65 16.90
N ASP E 893 26.90 -48.61 15.59
CA ASP E 893 26.97 -49.83 14.80
C ASP E 893 28.10 -50.76 15.27
N TYR E 894 29.25 -50.16 15.62
CA TYR E 894 30.35 -50.94 16.14
C TYR E 894 29.91 -51.84 17.31
N VAL E 895 29.31 -51.23 18.34
CA VAL E 895 28.89 -51.94 19.55
C VAL E 895 27.78 -52.91 19.17
N ALA E 896 26.82 -52.43 18.35
CA ALA E 896 25.77 -53.34 17.93
C ALA E 896 26.35 -54.63 17.35
N SER E 897 27.36 -54.52 16.46
CA SER E 897 27.96 -55.70 15.82
C SER E 897 28.75 -56.57 16.82
N ARG E 898 29.32 -55.99 17.91
CA ARG E 898 29.98 -56.79 18.94
C ARG E 898 29.02 -57.80 19.63
N TYR E 899 27.71 -57.50 19.67
CA TYR E 899 26.74 -58.42 20.25
C TYR E 899 26.67 -59.72 19.43
N TYR E 900 27.09 -59.64 18.15
CA TYR E 900 27.18 -60.88 17.35
C TYR E 900 28.43 -61.70 17.73
N ASN E 901 29.56 -61.01 17.89
CA ASN E 901 30.87 -61.63 18.01
C ASN E 901 31.88 -60.51 18.31
N LEU E 902 32.80 -60.75 19.27
CA LEU E 902 33.66 -59.67 19.73
C LEU E 902 34.76 -59.30 18.72
N ILE E 903 35.16 -60.21 17.82
CA ILE E 903 36.37 -59.90 17.05
C ILE E 903 36.15 -59.85 15.53
N ASN E 904 34.95 -60.24 15.06
CA ASN E 904 34.61 -60.26 13.65
C ASN E 904 34.61 -58.86 13.01
N PRO E 905 34.63 -58.77 11.63
CA PRO E 905 34.36 -57.50 10.93
C PRO E 905 33.08 -56.78 11.39
N VAL E 906 33.20 -55.46 11.44
CA VAL E 906 32.09 -54.63 11.91
C VAL E 906 30.84 -54.72 11.02
N ASP E 907 30.98 -54.45 9.72
CA ASP E 907 29.83 -54.27 8.81
C ASP E 907 30.17 -54.88 7.44
N PRO E 908 29.75 -56.14 7.13
CA PRO E 908 30.01 -56.76 5.82
C PRO E 908 29.60 -55.93 4.59
N THR E 909 28.60 -55.03 4.72
CA THR E 909 28.22 -54.18 3.59
C THR E 909 29.23 -53.02 3.46
N LYS E 910 30.08 -52.77 4.46
CA LYS E 910 31.03 -51.65 4.31
C LYS E 910 32.49 -52.15 4.35
N LEU E 911 32.67 -53.48 4.36
CA LEU E 911 33.99 -54.11 4.44
C LEU E 911 34.79 -53.83 3.16
N ILE E 912 35.99 -53.25 3.34
CA ILE E 912 37.00 -52.96 2.33
C ILE E 912 38.11 -54.03 2.38
N SER E 913 38.53 -54.42 3.60
CA SER E 913 39.56 -55.44 3.75
C SER E 913 39.30 -56.19 5.03
N TYR E 914 39.69 -57.46 5.06
CA TYR E 914 39.70 -58.24 6.30
C TYR E 914 40.79 -59.31 6.15
N ARG E 915 41.87 -59.22 6.94
CA ARG E 915 42.96 -60.18 6.83
C ARG E 915 43.20 -60.83 8.20
N ILE E 916 43.03 -62.16 8.27
CA ILE E 916 43.07 -62.89 9.54
C ILE E 916 44.48 -62.96 10.13
N LEU E 917 45.51 -63.14 9.29
CA LEU E 917 46.95 -63.11 9.64
C LEU E 917 47.37 -64.39 10.38
N ASP E 918 46.65 -65.50 10.14
CA ASP E 918 47.06 -66.83 10.61
C ASP E 918 48.13 -67.42 9.69
N SER E 919 49.38 -66.97 9.84
CA SER E 919 50.53 -67.49 9.10
C SER E 919 50.58 -67.02 7.63
N SER E 920 49.60 -66.18 7.21
CA SER E 920 49.54 -65.64 5.85
C SER E 920 49.05 -64.18 5.90
N ILE E 921 49.40 -63.36 4.88
CA ILE E 921 48.74 -62.08 4.60
C ILE E 921 47.51 -62.29 3.67
N HIS E 922 47.48 -63.42 2.94
CA HIS E 922 46.34 -64.01 2.24
C HIS E 922 46.53 -63.87 0.73
N ASP F 169 -66.89 -5.17 88.00
CA ASP F 169 -65.82 -6.22 87.90
C ASP F 169 -66.09 -7.22 86.78
N ARG F 170 -65.55 -6.91 85.60
CA ARG F 170 -65.68 -7.71 84.40
C ARG F 170 -64.32 -8.34 84.04
N SER F 171 -63.48 -8.60 85.05
CA SER F 171 -62.21 -9.31 84.90
C SER F 171 -62.31 -10.53 83.97
N ILE F 172 -63.28 -11.41 84.25
CA ILE F 172 -63.37 -12.66 83.53
C ILE F 172 -63.52 -12.35 82.04
N GLN F 173 -64.43 -11.41 81.71
CA GLN F 173 -64.68 -10.98 80.35
C GLN F 173 -63.42 -10.35 79.77
N GLU F 174 -62.72 -9.53 80.56
CA GLU F 174 -61.52 -8.87 80.07
C GLU F 174 -60.48 -9.92 79.64
N ILE F 175 -60.23 -10.89 80.55
CA ILE F 175 -59.33 -12.00 80.32
C ILE F 175 -59.80 -12.86 79.13
N ALA F 176 -61.09 -13.20 79.06
CA ALA F 176 -61.60 -14.06 78.00
C ALA F 176 -61.48 -13.39 76.62
N ARG F 177 -61.80 -12.08 76.54
CA ARG F 177 -61.78 -11.39 75.26
C ARG F 177 -60.35 -11.28 74.77
N SER F 178 -59.42 -10.96 75.70
CA SER F 178 -57.99 -10.83 75.40
C SER F 178 -57.38 -12.10 74.84
N ALA F 179 -57.84 -13.28 75.29
CA ALA F 179 -57.33 -14.56 74.82
C ALA F 179 -58.26 -15.15 73.77
N ASN F 180 -59.37 -14.46 73.47
CA ASN F 180 -60.36 -14.93 72.49
C ASN F 180 -60.92 -16.30 72.87
N VAL F 181 -61.25 -16.49 74.17
CA VAL F 181 -61.92 -17.72 74.59
C VAL F 181 -63.27 -17.32 75.20
N LYS F 182 -64.13 -18.33 75.45
CA LYS F 182 -65.37 -18.15 76.22
C LYS F 182 -65.09 -17.77 77.68
N ASP F 183 -66.08 -17.12 78.29
CA ASP F 183 -65.98 -16.65 79.67
C ASP F 183 -65.70 -17.87 80.54
N SER F 184 -66.45 -18.93 80.27
CA SER F 184 -66.34 -20.17 81.03
C SER F 184 -64.99 -20.87 80.87
N GLU F 185 -64.18 -20.51 79.89
CA GLU F 185 -62.90 -21.19 79.66
C GLU F 185 -61.78 -20.48 80.43
N VAL F 186 -62.16 -19.46 81.22
CA VAL F 186 -61.20 -18.75 82.07
C VAL F 186 -61.35 -19.21 83.52
N ILE F 187 -60.21 -19.35 84.24
CA ILE F 187 -60.21 -19.55 85.68
C ILE F 187 -59.20 -18.61 86.32
N VAL F 188 -59.62 -18.04 87.44
CA VAL F 188 -58.74 -17.13 88.17
C VAL F 188 -58.01 -17.95 89.23
N SER F 189 -56.76 -17.56 89.56
CA SER F 189 -55.88 -18.38 90.37
C SER F 189 -56.41 -18.59 91.79
N THR F 190 -57.19 -17.62 92.30
CA THR F 190 -57.71 -17.70 93.66
C THR F 190 -59.01 -18.51 93.70
N ASP F 191 -59.46 -19.01 92.53
CA ASP F 191 -60.67 -19.83 92.48
C ASP F 191 -60.27 -21.29 92.75
N THR F 192 -60.55 -21.78 93.95
CA THR F 192 -60.16 -23.17 94.23
C THR F 192 -61.39 -24.07 94.26
N ILE F 193 -62.57 -23.59 93.84
CA ILE F 193 -63.79 -24.41 93.81
C ILE F 193 -64.09 -24.93 92.40
N SER F 194 -63.96 -24.07 91.36
CA SER F 194 -64.30 -24.46 89.99
C SER F 194 -63.41 -25.62 89.54
N LEU F 195 -64.02 -26.58 88.83
CA LEU F 195 -63.30 -27.66 88.18
C LEU F 195 -62.39 -27.06 87.10
N LEU F 196 -61.21 -27.63 86.87
CA LEU F 196 -60.34 -27.17 85.79
C LEU F 196 -60.82 -27.71 84.44
N ASP F 197 -61.92 -28.49 84.44
CA ASP F 197 -62.49 -29.12 83.25
C ASP F 197 -62.90 -28.07 82.23
N GLY F 198 -62.31 -28.14 81.03
CA GLY F 198 -62.68 -27.23 79.95
C GLY F 198 -62.00 -25.86 80.07
N LYS F 199 -61.26 -25.63 81.17
CA LYS F 199 -60.56 -24.36 81.33
C LYS F 199 -59.41 -24.28 80.35
N LYS F 200 -59.24 -23.13 79.66
CA LYS F 200 -58.13 -23.03 78.73
C LYS F 200 -57.10 -21.99 79.22
N VAL F 201 -57.53 -21.05 80.06
CA VAL F 201 -56.69 -19.93 80.46
C VAL F 201 -56.81 -19.80 81.97
N VAL F 202 -55.65 -19.62 82.65
CA VAL F 202 -55.63 -19.32 84.06
C VAL F 202 -55.00 -17.93 84.22
N TYR F 203 -55.68 -17.08 84.99
CA TYR F 203 -55.14 -15.75 85.27
C TYR F 203 -54.52 -15.75 86.66
N ASP F 204 -53.22 -15.47 86.73
CA ASP F 204 -52.51 -15.36 88.01
C ASP F 204 -52.76 -13.95 88.58
N ILE F 205 -53.55 -13.86 89.68
CA ILE F 205 -53.89 -12.57 90.27
C ILE F 205 -52.65 -11.86 90.82
N ALA F 206 -51.67 -12.62 91.31
CA ALA F 206 -50.47 -12.08 91.91
C ALA F 206 -49.66 -11.29 90.87
N THR F 207 -49.49 -11.82 89.65
CA THR F 207 -48.61 -11.18 88.70
C THR F 207 -49.42 -10.50 87.59
N GLN F 208 -50.74 -10.68 87.63
CA GLN F 208 -51.72 -10.18 86.67
C GLN F 208 -51.35 -10.64 85.27
N THR F 209 -51.13 -11.96 85.11
CA THR F 209 -50.68 -12.55 83.86
C THR F 209 -51.60 -13.72 83.54
N SER F 210 -52.03 -13.81 82.27
CA SER F 210 -52.80 -14.95 81.76
C SER F 210 -51.82 -15.99 81.22
N TYR F 211 -52.21 -17.28 81.35
CA TYR F 211 -51.44 -18.43 80.87
C TYR F 211 -52.38 -19.46 80.26
N GLY F 212 -51.86 -20.22 79.27
CA GLY F 212 -52.48 -21.45 78.78
C GLY F 212 -52.29 -22.57 79.81
N LEU F 213 -53.34 -23.41 79.97
CA LEU F 213 -53.26 -24.53 80.89
C LEU F 213 -52.77 -25.73 80.10
N PRO F 214 -51.94 -26.64 80.68
CA PRO F 214 -51.56 -27.86 79.97
C PRO F 214 -52.68 -28.85 80.25
N THR F 215 -52.63 -30.03 79.64
CA THR F 215 -53.57 -31.10 79.97
C THR F 215 -53.52 -31.45 81.46
N ILE F 216 -54.70 -31.49 82.08
CA ILE F 216 -54.89 -31.79 83.48
C ILE F 216 -56.07 -32.75 83.53
N PRO F 217 -56.01 -33.87 84.31
CA PRO F 217 -57.13 -34.81 84.39
C PRO F 217 -58.43 -34.16 84.86
N ASP F 218 -59.56 -34.67 84.36
CA ASP F 218 -60.89 -34.22 84.75
C ASP F 218 -61.10 -34.40 86.26
N GLY F 219 -61.88 -33.49 86.86
CA GLY F 219 -62.18 -33.49 88.30
C GLY F 219 -61.14 -32.75 89.18
N SER F 220 -60.20 -31.99 88.60
CA SER F 220 -59.14 -31.38 89.39
C SER F 220 -59.51 -29.92 89.74
N VAL F 221 -58.86 -29.38 90.79
CA VAL F 221 -59.09 -28.01 91.22
C VAL F 221 -57.71 -27.42 91.53
N ILE F 222 -57.62 -26.09 91.64
CA ILE F 222 -56.36 -25.41 91.97
C ILE F 222 -55.99 -25.64 93.44
N SER F 223 -54.73 -26.05 93.72
CA SER F 223 -54.18 -26.04 95.07
C SER F 223 -53.46 -24.70 95.28
N SER F 224 -52.64 -24.34 94.27
CA SER F 224 -52.02 -23.01 94.19
C SER F 224 -51.56 -22.72 92.75
N VAL F 225 -51.20 -21.45 92.53
CA VAL F 225 -50.59 -20.93 91.31
C VAL F 225 -49.49 -19.96 91.71
N SER F 226 -48.26 -20.15 91.19
CA SER F 226 -47.16 -19.30 91.59
C SER F 226 -45.98 -19.42 90.62
N ALA F 227 -45.36 -18.27 90.27
CA ALA F 227 -44.10 -18.26 89.53
C ALA F 227 -44.18 -19.14 88.26
N GLY F 228 -45.30 -19.06 87.52
CA GLY F 228 -45.36 -19.78 86.26
C GLY F 228 -45.79 -21.25 86.41
N LYS F 229 -46.17 -21.67 87.62
CA LYS F 229 -46.50 -23.07 87.85
C LYS F 229 -47.84 -23.16 88.55
N LEU F 230 -48.49 -24.31 88.41
CA LEU F 230 -49.77 -24.49 89.05
C LEU F 230 -49.72 -25.86 89.72
N ASN F 231 -50.20 -25.95 90.96
CA ASN F 231 -50.42 -27.23 91.65
C ASN F 231 -51.93 -27.51 91.66
N TYR F 232 -52.34 -28.74 91.25
CA TYR F 232 -53.77 -29.05 91.37
C TYR F 232 -54.02 -30.22 92.32
N ASN F 233 -55.23 -30.31 92.86
CA ASN F 233 -55.76 -31.45 93.62
C ASN F 233 -56.80 -32.19 92.77
N PRO F 234 -57.02 -33.52 92.99
CA PRO F 234 -56.32 -34.29 94.03
C PRO F 234 -54.85 -34.55 93.69
N GLY F 235 -54.03 -34.78 94.73
CA GLY F 235 -52.68 -35.27 94.52
C GLY F 235 -51.60 -34.17 94.61
N ASP F 236 -52.01 -32.91 94.74
CA ASP F 236 -51.08 -31.77 94.81
C ASP F 236 -50.03 -31.87 93.69
N VAL F 237 -50.49 -32.02 92.43
CA VAL F 237 -49.61 -32.26 91.28
C VAL F 237 -49.21 -30.91 90.67
N GLN F 238 -47.90 -30.66 90.52
CA GLN F 238 -47.39 -29.45 89.90
C GLN F 238 -47.24 -29.60 88.38
N VAL F 239 -47.63 -28.56 87.63
CA VAL F 239 -47.46 -28.53 86.18
C VAL F 239 -46.91 -27.14 85.81
N ASP F 240 -46.21 -27.05 84.68
CA ASP F 240 -45.79 -25.74 84.18
C ASP F 240 -46.91 -25.10 83.36
N LEU F 241 -47.16 -23.81 83.60
CA LEU F 241 -48.14 -23.11 82.80
C LEU F 241 -47.54 -22.76 81.42
N LEU F 242 -48.42 -22.60 80.42
CA LEU F 242 -48.00 -22.42 79.03
C LEU F 242 -48.22 -20.98 78.56
N PRO F 243 -47.51 -20.55 77.47
CA PRO F 243 -47.81 -19.25 76.84
C PRO F 243 -49.17 -19.38 76.18
N LEU F 244 -49.85 -18.24 76.02
CA LEU F 244 -51.11 -18.22 75.29
C LEU F 244 -50.85 -18.64 73.82
N GLU F 245 -51.89 -19.19 73.19
CA GLU F 245 -51.82 -19.69 71.83
C GLU F 245 -51.36 -18.57 70.86
N ASP F 246 -51.87 -17.35 71.07
CA ASP F 246 -51.65 -16.22 70.18
C ASP F 246 -50.56 -15.33 70.75
N SER F 247 -49.46 -15.92 71.24
CA SER F 247 -48.36 -15.11 71.74
C SER F 247 -47.18 -15.23 70.78
N PHE F 248 -46.25 -14.29 70.89
CA PHE F 248 -44.95 -14.35 70.21
C PHE F 248 -44.24 -15.66 70.55
N ILE F 249 -44.08 -15.94 71.87
CA ILE F 249 -43.39 -17.16 72.34
C ILE F 249 -44.01 -18.39 71.69
N ASN F 250 -45.33 -18.51 71.69
CA ASN F 250 -45.92 -19.71 71.11
C ASN F 250 -45.47 -19.89 69.66
N VAL F 251 -45.53 -18.79 68.90
CA VAL F 251 -45.21 -18.83 67.48
C VAL F 251 -43.74 -19.26 67.31
N ILE F 252 -42.84 -18.65 68.08
CA ILE F 252 -41.41 -18.91 67.96
C ILE F 252 -41.10 -20.36 68.36
N ASN F 253 -41.78 -20.84 69.41
CA ASN F 253 -41.63 -22.21 69.85
C ASN F 253 -42.08 -23.15 68.74
N THR F 254 -43.22 -22.86 68.09
CA THR F 254 -43.75 -23.77 67.08
C THR F 254 -42.79 -23.80 65.88
N LEU F 255 -42.31 -22.63 65.43
CA LEU F 255 -41.44 -22.62 64.24
C LEU F 255 -40.12 -23.31 64.54
N GLY F 256 -39.66 -23.19 65.81
CA GLY F 256 -38.41 -23.78 66.27
C GLY F 256 -38.45 -25.31 66.48
N ARG F 257 -39.59 -25.96 66.20
CA ARG F 257 -39.72 -27.40 66.29
C ARG F 257 -38.86 -28.07 65.23
N ASN F 258 -38.55 -29.36 65.43
CA ASN F 258 -37.69 -30.18 64.58
C ASN F 258 -38.11 -30.12 63.11
N ASP F 259 -39.43 -30.17 62.91
CA ASP F 259 -40.03 -30.19 61.58
C ASP F 259 -40.49 -28.78 61.13
N GLY F 260 -39.87 -27.74 61.71
CA GLY F 260 -40.30 -26.37 61.49
C GLY F 260 -40.26 -25.89 60.03
N ALA F 261 -39.36 -26.46 59.19
CA ALA F 261 -39.21 -26.00 57.82
C ALA F 261 -40.53 -26.13 57.05
N LYS F 262 -41.42 -27.03 57.49
CA LYS F 262 -42.70 -27.27 56.83
C LYS F 262 -43.63 -26.05 56.87
N TYR F 263 -43.37 -25.06 57.76
CA TYR F 263 -44.28 -23.92 57.88
C TYR F 263 -43.98 -22.88 56.80
N ILE F 264 -42.80 -22.96 56.16
CA ILE F 264 -42.49 -22.01 55.11
C ILE F 264 -43.12 -22.48 53.80
N GLY F 265 -44.06 -21.71 53.24
CA GLY F 265 -44.71 -22.17 52.02
C GLY F 265 -43.77 -22.15 50.79
N GLU F 266 -44.29 -22.64 49.65
CA GLU F 266 -43.49 -22.85 48.45
C GLU F 266 -44.39 -22.88 47.22
N CYS F 267 -43.81 -22.54 46.05
N CYS F 267 -43.76 -22.62 46.06
CA CYS F 267 -44.52 -22.65 44.78
CA CYS F 267 -44.43 -22.71 44.78
C CYS F 267 -44.54 -24.12 44.34
C CYS F 267 -44.52 -24.17 44.33
N HIS F 268 -45.69 -24.57 43.83
CA HIS F 268 -45.93 -25.97 43.54
C HIS F 268 -45.50 -26.38 42.14
N SER F 269 -45.12 -25.41 41.28
CA SER F 269 -44.69 -25.69 39.91
C SER F 269 -44.07 -24.42 39.35
N VAL F 270 -43.38 -24.53 38.22
CA VAL F 270 -42.94 -23.34 37.51
C VAL F 270 -44.14 -22.57 36.94
N ALA F 271 -45.23 -23.27 36.58
CA ALA F 271 -46.45 -22.59 36.13
C ALA F 271 -46.91 -21.56 37.18
N ASP F 272 -46.83 -21.93 38.47
CA ASP F 272 -47.32 -21.10 39.54
C ASP F 272 -46.33 -19.97 39.79
N LEU F 273 -45.05 -20.30 39.57
CA LEU F 273 -43.96 -19.34 39.69
C LEU F 273 -44.21 -18.19 38.70
N ARG F 274 -44.74 -18.50 37.51
CA ARG F 274 -44.89 -17.48 36.47
C ARG F 274 -46.04 -16.54 36.85
N ASN F 275 -46.87 -16.95 37.83
CA ASN F 275 -47.99 -16.15 38.33
C ASN F 275 -47.68 -15.59 39.70
N THR F 276 -46.41 -15.61 40.12
CA THR F 276 -46.02 -15.09 41.42
C THR F 276 -45.11 -13.89 41.25
N GLU F 277 -45.66 -12.71 41.53
CA GLU F 277 -44.93 -11.48 41.24
C GLU F 277 -44.04 -11.18 42.43
N PRO F 278 -42.70 -11.06 42.25
CA PRO F 278 -41.86 -10.63 43.37
C PRO F 278 -42.09 -9.14 43.64
N THR F 279 -41.69 -8.62 44.81
CA THR F 279 -41.70 -7.18 45.05
C THR F 279 -40.32 -6.67 45.44
N MET F 280 -39.35 -7.56 45.67
CA MET F 280 -38.03 -7.11 46.11
C MET F 280 -36.96 -7.78 45.25
N ASP F 281 -35.96 -7.00 44.88
CA ASP F 281 -34.83 -7.57 44.17
C ASP F 281 -34.18 -8.62 45.07
N GLY F 282 -34.01 -9.83 44.52
CA GLY F 282 -33.29 -10.88 45.22
C GLY F 282 -34.21 -11.68 46.14
N GLN F 283 -35.52 -11.39 46.08
CA GLN F 283 -36.48 -12.10 46.91
C GLN F 283 -36.24 -13.59 46.76
N ARG F 284 -36.14 -14.31 47.88
CA ARG F 284 -35.98 -15.76 47.85
C ARG F 284 -37.36 -16.42 47.73
N ILE F 285 -37.47 -17.47 46.91
CA ILE F 285 -38.69 -18.28 46.87
C ILE F 285 -38.26 -19.75 46.74
N ILE F 286 -39.14 -20.63 47.23
CA ILE F 286 -38.87 -22.06 47.23
C ILE F 286 -39.79 -22.69 46.21
N LEU F 287 -39.19 -23.49 45.31
CA LEU F 287 -39.95 -24.24 44.33
C LEU F 287 -39.93 -25.72 44.70
N LYS F 288 -41.11 -26.34 44.82
CA LYS F 288 -41.23 -27.69 45.32
C LYS F 288 -40.81 -28.70 44.27
N GLN F 289 -41.28 -28.47 43.03
CA GLN F 289 -40.99 -29.28 41.87
C GLN F 289 -41.21 -28.39 40.64
N HIS F 290 -40.67 -28.85 39.50
CA HIS F 290 -40.87 -28.20 38.21
C HIS F 290 -42.34 -28.34 37.76
N THR F 291 -42.86 -29.56 37.77
CA THR F 291 -44.21 -29.83 37.27
C THR F 291 -45.04 -30.41 38.42
N ALA F 292 -46.29 -29.93 38.55
CA ALA F 292 -47.23 -30.43 39.55
C ALA F 292 -47.26 -31.96 39.57
N GLY F 293 -46.98 -32.51 40.76
CA GLY F 293 -47.22 -33.89 41.14
C GLY F 293 -46.09 -34.81 40.69
N THR F 294 -44.83 -34.39 40.90
CA THR F 294 -43.68 -35.16 40.43
C THR F 294 -42.61 -35.22 41.52
N LEU F 295 -42.59 -34.19 42.37
CA LEU F 295 -41.51 -33.99 43.34
C LEU F 295 -40.12 -33.95 42.69
N LEU F 296 -40.01 -33.50 41.43
CA LEU F 296 -38.70 -33.45 40.77
C LEU F 296 -38.41 -32.06 40.23
N GLY F 297 -37.14 -31.64 40.31
CA GLY F 297 -36.70 -30.40 39.68
C GLY F 297 -36.97 -29.15 40.49
N GLY F 298 -37.32 -29.30 41.79
CA GLY F 298 -37.53 -28.18 42.71
C GLY F 298 -36.20 -27.52 43.07
N GLY F 299 -36.27 -26.39 43.80
CA GLY F 299 -35.08 -25.72 44.29
C GLY F 299 -35.43 -24.35 44.86
N VAL F 300 -34.41 -23.50 45.01
CA VAL F 300 -34.57 -22.14 45.46
C VAL F 300 -34.33 -21.21 44.28
N PHE F 301 -35.18 -20.16 44.15
CA PHE F 301 -35.05 -19.12 43.14
C PHE F 301 -34.91 -17.75 43.81
N ARG F 302 -34.27 -16.83 43.11
CA ARG F 302 -34.16 -15.44 43.54
C ARG F 302 -34.67 -14.51 42.43
N ALA F 303 -35.37 -13.44 42.82
CA ALA F 303 -36.04 -12.55 41.87
C ALA F 303 -35.09 -11.48 41.33
N LEU F 304 -35.28 -11.21 40.04
CA LEU F 304 -35.02 -9.92 39.42
C LEU F 304 -36.37 -9.24 39.09
N ILE F 305 -36.63 -8.13 39.79
CA ILE F 305 -37.77 -7.26 39.47
C ILE F 305 -37.76 -6.95 37.97
N ASP F 306 -36.59 -6.58 37.42
CA ASP F 306 -36.49 -6.17 36.03
C ASP F 306 -36.04 -7.35 35.16
N GLY F 307 -36.98 -7.99 34.45
CA GLY F 307 -36.61 -9.15 33.66
C GLY F 307 -36.12 -8.82 32.24
N THR F 308 -35.86 -7.54 31.94
CA THR F 308 -35.35 -7.08 30.63
C THR F 308 -34.17 -7.93 30.15
N GLY F 309 -34.26 -8.43 28.92
CA GLY F 309 -33.12 -9.14 28.33
C GLY F 309 -32.91 -10.54 28.92
N LYS F 310 -33.81 -11.03 29.77
CA LYS F 310 -33.77 -12.44 30.12
C LYS F 310 -34.94 -13.08 29.37
N THR F 311 -34.83 -14.37 29.09
CA THR F 311 -35.89 -15.10 28.41
C THR F 311 -36.20 -16.36 29.20
N ASP F 312 -37.49 -16.65 29.40
CA ASP F 312 -37.94 -17.84 30.11
C ASP F 312 -37.36 -19.07 29.42
N ASN F 313 -36.70 -20.00 30.14
CA ASN F 313 -36.16 -21.18 29.47
C ASN F 313 -36.76 -22.44 30.09
N ASN F 314 -37.79 -22.25 30.94
CA ASN F 314 -38.58 -23.34 31.52
C ASN F 314 -37.73 -24.19 32.48
N GLY F 315 -36.62 -23.66 32.99
CA GLY F 315 -35.82 -24.44 33.92
C GLY F 315 -35.05 -23.60 34.93
N THR F 316 -34.25 -22.62 34.48
CA THR F 316 -33.41 -21.89 35.42
C THR F 316 -33.71 -20.39 35.37
N VAL F 317 -34.39 -19.93 34.30
CA VAL F 317 -34.88 -18.56 34.22
C VAL F 317 -36.39 -18.64 33.91
N ILE F 318 -37.21 -18.25 34.88
CA ILE F 318 -38.67 -18.29 34.79
C ILE F 318 -39.17 -16.85 34.88
N LYS F 319 -39.84 -16.39 33.81
CA LYS F 319 -40.38 -15.03 33.72
C LYS F 319 -41.85 -14.96 34.11
N THR F 320 -42.20 -13.95 34.90
CA THR F 320 -43.58 -13.85 35.33
C THR F 320 -44.39 -13.09 34.27
N VAL F 321 -45.72 -13.18 34.36
CA VAL F 321 -46.66 -12.43 33.53
C VAL F 321 -46.32 -10.95 33.55
N GLY F 322 -45.95 -10.39 34.71
CA GLY F 322 -45.65 -8.97 34.79
C GLY F 322 -44.23 -8.61 34.35
N GLY F 323 -43.42 -9.61 33.95
CA GLY F 323 -42.08 -9.38 33.41
C GLY F 323 -40.90 -9.42 34.41
N ALA F 324 -41.13 -9.90 35.65
CA ALA F 324 -40.03 -10.28 36.54
C ALA F 324 -39.34 -11.56 36.06
N ALA F 325 -38.10 -11.78 36.53
CA ALA F 325 -37.43 -13.04 36.28
C ALA F 325 -37.06 -13.70 37.62
N TRP F 326 -37.47 -14.96 37.77
CA TRP F 326 -36.98 -15.85 38.82
C TRP F 326 -35.79 -16.67 38.29
N LEU F 327 -34.66 -16.57 38.97
CA LEU F 327 -33.42 -17.25 38.61
C LEU F 327 -33.14 -18.39 39.60
N ARG F 328 -32.96 -19.62 39.08
CA ARG F 328 -32.55 -20.74 39.91
C ARG F 328 -31.20 -20.48 40.59
N VAL F 329 -31.14 -20.63 41.92
CA VAL F 329 -29.84 -20.60 42.61
C VAL F 329 -29.09 -21.88 42.23
N ASN F 330 -27.96 -21.70 41.53
CA ASN F 330 -27.32 -22.80 40.83
C ASN F 330 -25.99 -22.30 40.30
N ALA F 331 -24.93 -22.54 41.07
CA ALA F 331 -23.56 -22.14 40.75
C ALA F 331 -23.16 -22.57 39.34
N ASP F 332 -23.37 -23.86 38.96
CA ASP F 332 -22.58 -24.51 37.90
C ASP F 332 -23.45 -25.16 36.83
N ARG F 333 -23.48 -26.49 36.77
CA ARG F 333 -24.04 -27.18 35.63
C ARG F 333 -25.54 -27.36 35.82
N VAL F 334 -26.25 -27.60 34.72
CA VAL F 334 -27.69 -27.79 34.77
C VAL F 334 -27.92 -29.29 34.63
N ASN F 335 -29.10 -29.75 35.00
CA ASN F 335 -29.45 -31.12 34.69
C ASN F 335 -30.88 -31.17 34.17
N PRO F 336 -31.26 -32.20 33.36
CA PRO F 336 -32.60 -32.26 32.77
C PRO F 336 -33.78 -32.16 33.72
N PHE F 337 -33.58 -32.56 34.98
CA PHE F 337 -34.65 -32.48 35.99
C PHE F 337 -35.08 -31.03 36.23
N MET F 338 -34.11 -30.09 36.18
CA MET F 338 -34.38 -28.67 36.37
C MET F 338 -35.38 -28.17 35.32
N PHE F 339 -35.44 -28.85 34.18
CA PHE F 339 -36.25 -28.41 33.06
C PHE F 339 -37.43 -29.36 32.85
N GLY F 340 -37.72 -30.24 33.80
CA GLY F 340 -39.01 -30.96 33.78
C GLY F 340 -38.84 -32.37 33.25
N ALA F 341 -37.58 -32.86 33.17
CA ALA F 341 -37.38 -34.29 32.90
C ALA F 341 -38.02 -35.15 34.00
N LEU F 342 -38.47 -36.36 33.64
CA LEU F 342 -39.11 -37.24 34.62
C LEU F 342 -38.29 -38.51 34.82
N GLY F 343 -37.35 -38.76 33.89
CA GLY F 343 -36.66 -40.04 33.77
C GLY F 343 -37.63 -41.21 33.58
N GLY F 344 -37.16 -42.40 33.95
CA GLY F 344 -37.93 -43.61 33.70
C GLY F 344 -38.24 -43.77 32.22
N SER F 345 -39.50 -44.06 31.89
CA SER F 345 -39.86 -44.27 30.49
C SER F 345 -40.40 -42.97 29.86
N ASN F 346 -40.15 -41.84 30.49
CA ASN F 346 -40.64 -40.61 29.93
C ASN F 346 -39.73 -40.17 28.79
N ASP F 347 -40.35 -39.56 27.76
CA ASP F 347 -39.62 -38.87 26.71
C ASP F 347 -39.13 -37.53 27.22
N ASP F 348 -37.82 -37.42 27.48
CA ASP F 348 -37.17 -36.26 28.06
C ASP F 348 -36.43 -35.44 27.01
N THR F 349 -36.82 -35.58 25.73
CA THR F 349 -36.08 -34.87 24.68
C THR F 349 -36.04 -33.35 24.93
N ILE F 350 -37.20 -32.75 25.17
CA ILE F 350 -37.25 -31.30 25.29
C ILE F 350 -36.41 -30.79 26.48
N PRO F 351 -36.59 -31.32 27.73
CA PRO F 351 -35.70 -30.98 28.86
C PRO F 351 -34.20 -31.09 28.60
N VAL F 352 -33.78 -32.17 27.90
CA VAL F 352 -32.36 -32.35 27.58
C VAL F 352 -31.92 -31.30 26.56
N GLN F 353 -32.81 -31.02 25.57
CA GLN F 353 -32.50 -29.99 24.59
C GLN F 353 -32.37 -28.64 25.30
N SER F 354 -33.28 -28.36 26.25
CA SER F 354 -33.20 -27.12 27.01
C SER F 354 -31.85 -27.01 27.76
N CYS F 355 -31.39 -28.12 28.38
CA CYS F 355 -30.12 -28.06 29.09
C CYS F 355 -28.97 -27.68 28.17
N VAL F 356 -28.87 -28.36 27.02
CA VAL F 356 -27.72 -28.11 26.17
C VAL F 356 -27.83 -26.73 25.53
N ASP F 357 -29.07 -26.20 25.39
CA ASP F 357 -29.26 -24.83 24.86
C ASP F 357 -29.20 -23.75 25.95
N SER F 358 -29.03 -24.15 27.21
CA SER F 358 -29.23 -23.29 28.37
C SER F 358 -28.20 -22.18 28.46
N GLY F 359 -26.95 -22.44 28.06
CA GLY F 359 -25.90 -21.46 28.35
C GLY F 359 -24.86 -22.00 29.34
N LYS F 360 -25.10 -23.21 29.88
CA LYS F 360 -24.14 -23.85 30.78
C LYS F 360 -23.97 -25.32 30.42
N ALA F 361 -22.84 -25.92 30.89
CA ALA F 361 -22.67 -27.34 30.71
C ALA F 361 -23.81 -28.09 31.39
N THR F 362 -24.07 -29.32 30.87
CA THR F 362 -25.11 -30.19 31.38
C THR F 362 -24.45 -31.32 32.19
N GLN F 363 -25.07 -31.70 33.32
CA GLN F 363 -24.64 -32.90 34.05
C GLN F 363 -25.76 -33.93 33.91
N LEU F 364 -25.49 -35.13 33.34
CA LEU F 364 -26.50 -36.19 33.34
C LEU F 364 -26.32 -36.95 34.65
N THR F 365 -27.43 -37.14 35.38
CA THR F 365 -27.40 -37.68 36.75
C THR F 365 -28.12 -39.04 36.81
N ASP F 366 -28.60 -39.46 35.64
CA ASP F 366 -29.51 -40.58 35.51
C ASP F 366 -29.61 -40.92 34.02
N ALA F 367 -30.54 -41.85 33.68
CA ALA F 367 -30.79 -42.27 32.31
C ALA F 367 -32.02 -41.54 31.77
N HIS F 368 -31.90 -40.93 30.58
CA HIS F 368 -33.00 -40.14 30.01
C HIS F 368 -33.27 -40.59 28.57
N TYR F 369 -34.52 -40.99 28.26
CA TYR F 369 -34.94 -41.21 26.87
C TYR F 369 -35.00 -39.88 26.10
N VAL F 370 -34.48 -39.91 24.86
CA VAL F 370 -34.55 -38.79 23.90
C VAL F 370 -34.85 -39.34 22.51
N SER F 371 -35.33 -38.47 21.62
CA SER F 371 -35.41 -38.81 20.21
C SER F 371 -34.14 -38.38 19.48
N ASN F 372 -33.85 -37.06 19.48
CA ASN F 372 -32.74 -36.45 18.74
C ASN F 372 -32.38 -35.15 19.47
N ILE F 373 -31.08 -34.89 19.65
CA ILE F 373 -30.56 -33.76 20.41
C ILE F 373 -29.54 -33.06 19.53
N GLN F 374 -29.47 -31.72 19.60
CA GLN F 374 -28.46 -30.96 18.90
C GLN F 374 -27.62 -30.15 19.89
N LEU F 375 -26.29 -30.21 19.70
CA LEU F 375 -25.35 -29.41 20.44
C LEU F 375 -24.93 -28.26 19.54
N LYS F 376 -25.16 -27.01 19.99
CA LYS F 376 -25.11 -25.90 19.04
C LYS F 376 -24.10 -24.87 19.48
N TYR F 377 -23.71 -24.89 20.77
CA TYR F 377 -23.00 -23.76 21.36
C TYR F 377 -21.71 -24.18 22.05
N ASN F 378 -20.80 -23.21 22.31
CA ASN F 378 -19.56 -23.56 23.02
C ASN F 378 -19.82 -23.82 24.52
N THR F 379 -21.09 -23.73 24.94
CA THR F 379 -21.47 -24.09 26.30
C THR F 379 -22.11 -25.47 26.34
N SER F 380 -22.27 -26.13 25.17
CA SER F 380 -23.09 -27.35 25.08
C SER F 380 -22.32 -28.61 25.54
N SER F 381 -21.39 -28.47 26.49
CA SER F 381 -20.72 -29.60 27.13
C SER F 381 -21.71 -30.52 27.82
N ILE F 382 -21.36 -31.83 27.92
CA ILE F 382 -22.19 -32.77 28.66
C ILE F 382 -21.27 -33.62 29.51
N TYR F 383 -21.59 -33.76 30.81
CA TYR F 383 -20.82 -34.60 31.71
C TYR F 383 -21.73 -35.56 32.46
N GLY F 384 -21.26 -36.81 32.64
CA GLY F 384 -21.94 -37.75 33.53
C GLY F 384 -20.96 -38.24 34.60
N SER F 385 -21.21 -39.45 35.07
CA SER F 385 -20.37 -39.98 36.14
C SER F 385 -20.06 -41.46 35.88
N GLY F 386 -20.21 -41.94 34.65
CA GLY F 386 -20.02 -43.36 34.36
C GLY F 386 -20.36 -43.63 32.89
N LEU F 387 -19.98 -44.79 32.38
CA LEU F 387 -20.13 -45.12 30.97
C LEU F 387 -21.49 -45.82 30.76
N HIS F 388 -22.29 -45.91 31.83
CA HIS F 388 -23.54 -46.66 31.71
C HIS F 388 -24.70 -45.91 32.37
N TYR F 389 -24.58 -45.62 33.66
CA TYR F 389 -25.78 -45.25 34.41
C TYR F 389 -26.23 -43.83 34.11
N SER F 390 -25.28 -42.93 33.80
CA SER F 390 -25.57 -41.56 33.41
C SER F 390 -25.60 -41.56 31.89
N ARG F 391 -26.81 -41.48 31.27
CA ARG F 391 -26.87 -41.73 29.84
C ARG F 391 -28.08 -41.10 29.15
N LEU F 392 -27.94 -40.89 27.82
CA LEU F 392 -29.06 -40.68 26.91
C LEU F 392 -29.39 -42.01 26.23
N HIS F 393 -30.69 -42.29 26.04
CA HIS F 393 -31.16 -43.50 25.42
C HIS F 393 -32.17 -43.10 24.34
N GLN F 394 -31.89 -43.45 23.06
CA GLN F 394 -32.79 -43.10 21.98
C GLN F 394 -34.07 -43.95 22.12
N LEU F 395 -35.21 -43.28 21.95
CA LEU F 395 -36.52 -43.93 22.01
C LEU F 395 -36.68 -44.88 20.84
N PRO F 396 -37.36 -46.03 21.03
CA PRO F 396 -37.44 -47.05 20.00
C PRO F 396 -38.16 -46.57 18.74
N SER F 397 -39.04 -45.58 18.86
CA SER F 397 -39.71 -45.00 17.67
C SER F 397 -38.86 -43.91 16.98
N ALA F 398 -37.75 -43.48 17.57
CA ALA F 398 -36.98 -42.40 16.96
C ALA F 398 -36.04 -42.95 15.88
N THR F 399 -35.65 -42.07 14.98
CA THR F 399 -34.77 -42.45 13.89
C THR F 399 -33.68 -41.37 13.78
N GLY F 400 -32.65 -41.58 12.95
CA GLY F 400 -31.70 -40.50 12.70
C GLY F 400 -30.68 -40.43 13.84
N ASN F 401 -30.06 -39.25 14.01
CA ASN F 401 -28.95 -39.11 14.93
C ASN F 401 -29.48 -38.79 16.34
N CYS F 402 -29.10 -39.62 17.32
CA CYS F 402 -29.42 -39.36 18.72
C CYS F 402 -28.78 -38.04 19.17
N ILE F 403 -27.48 -37.85 18.90
CA ILE F 403 -26.85 -36.55 19.11
C ILE F 403 -26.22 -36.05 17.82
N THR F 404 -26.52 -34.78 17.46
CA THR F 404 -25.83 -34.17 16.34
C THR F 404 -25.00 -33.02 16.88
N ILE F 405 -23.71 -32.99 16.54
CA ILE F 405 -22.91 -31.81 16.84
C ILE F 405 -22.96 -30.93 15.58
N LYS F 406 -23.56 -29.73 15.72
CA LYS F 406 -23.69 -28.74 14.64
C LYS F 406 -22.39 -27.95 14.47
N ASP F 407 -22.28 -27.27 13.31
CA ASP F 407 -21.05 -26.62 12.88
C ASP F 407 -20.84 -25.28 13.57
N THR F 408 -21.80 -24.86 14.41
CA THR F 408 -21.62 -23.68 15.27
C THR F 408 -21.04 -24.06 16.65
N CYS F 409 -20.85 -25.36 16.92
CA CYS F 409 -20.51 -25.91 18.24
C CYS F 409 -19.04 -26.30 18.27
N SER F 410 -18.25 -25.58 19.06
CA SER F 410 -16.80 -25.79 19.19
C SER F 410 -16.40 -25.79 20.66
N LEU F 411 -15.29 -26.47 21.01
CA LEU F 411 -14.58 -26.25 22.27
C LEU F 411 -15.37 -26.76 23.49
N ILE F 412 -16.23 -27.76 23.26
CA ILE F 412 -16.99 -28.36 24.35
C ILE F 412 -16.26 -29.64 24.80
N VAL F 413 -16.70 -30.20 25.94
CA VAL F 413 -16.27 -31.53 26.40
C VAL F 413 -17.53 -32.38 26.52
N LEU F 414 -17.47 -33.61 25.99
CA LEU F 414 -18.46 -34.63 26.27
C LEU F 414 -17.72 -35.71 27.07
N ASP F 415 -18.17 -36.00 28.28
CA ASP F 415 -17.30 -36.72 29.20
C ASP F 415 -18.10 -37.66 30.12
N ALA F 416 -17.77 -38.96 30.07
CA ALA F 416 -18.23 -39.93 31.06
C ALA F 416 -19.77 -40.05 31.07
N PHE F 417 -20.34 -40.38 29.90
CA PHE F 417 -21.75 -40.75 29.90
C PHE F 417 -21.98 -41.75 28.76
N GLY F 418 -23.19 -42.34 28.75
CA GLY F 418 -23.57 -43.28 27.71
C GLY F 418 -24.51 -42.63 26.71
N VAL F 419 -24.42 -43.13 25.47
CA VAL F 419 -25.37 -42.83 24.42
C VAL F 419 -25.82 -44.17 23.86
N TYR F 420 -27.06 -44.58 24.20
CA TYR F 420 -27.54 -45.93 23.90
C TYR F 420 -28.69 -45.92 22.89
N GLY F 421 -28.68 -46.90 21.98
CA GLY F 421 -29.77 -47.14 21.04
C GLY F 421 -30.60 -48.38 21.37
N THR F 422 -31.53 -48.72 20.47
CA THR F 422 -32.44 -49.82 20.75
C THR F 422 -31.65 -51.10 20.99
N GLY F 423 -30.50 -51.25 20.32
CA GLY F 423 -29.85 -52.55 20.45
C GLY F 423 -28.71 -52.54 21.46
N ALA F 424 -28.78 -51.66 22.49
CA ALA F 424 -27.67 -51.50 23.42
C ALA F 424 -27.33 -52.83 24.11
N GLN F 425 -28.37 -53.57 24.52
CA GLN F 425 -28.11 -54.80 25.28
C GLN F 425 -27.63 -55.89 24.31
N GLN F 426 -26.68 -56.74 24.75
CA GLN F 426 -26.13 -57.73 23.84
C GLN F 426 -27.23 -58.66 23.29
N GLY F 427 -27.11 -58.98 21.98
CA GLY F 427 -28.01 -59.86 21.27
C GLY F 427 -29.43 -59.31 21.10
N THR F 428 -29.61 -57.98 21.16
CA THR F 428 -30.93 -57.43 20.96
C THR F 428 -31.04 -56.77 19.59
N SER F 429 -32.28 -56.53 19.17
CA SER F 429 -32.48 -55.94 17.84
C SER F 429 -32.49 -54.41 17.88
N PHE F 430 -32.46 -53.80 16.67
CA PHE F 430 -32.13 -52.40 16.46
C PHE F 430 -33.32 -51.67 15.85
N THR F 431 -33.25 -50.34 15.87
CA THR F 431 -34.16 -49.50 15.08
C THR F 431 -33.38 -48.99 13.87
N ALA F 432 -33.94 -49.25 12.68
CA ALA F 432 -33.26 -48.96 11.42
C ALA F 432 -33.00 -47.47 11.25
N GLY F 433 -31.81 -47.12 10.73
CA GLY F 433 -31.60 -45.72 10.35
C GLY F 433 -31.10 -44.83 11.49
N THR F 434 -30.57 -45.42 12.58
CA THR F 434 -30.17 -44.62 13.74
C THR F 434 -28.65 -44.55 13.81
N THR F 435 -28.15 -43.39 14.29
CA THR F 435 -26.72 -43.12 14.54
C THR F 435 -26.60 -42.58 15.98
N GLY F 436 -25.48 -42.89 16.66
CA GLY F 436 -25.28 -42.39 18.00
C GLY F 436 -24.94 -40.90 18.04
N ILE F 437 -23.70 -40.54 17.66
CA ILE F 437 -23.30 -39.16 17.56
C ILE F 437 -22.93 -38.93 16.10
N TYR F 438 -23.47 -37.85 15.49
CA TYR F 438 -23.16 -37.42 14.13
C TYR F 438 -22.50 -36.03 14.22
N VAL F 439 -21.33 -35.82 13.57
CA VAL F 439 -20.72 -34.49 13.52
C VAL F 439 -20.86 -33.96 12.09
N GLU F 440 -21.68 -32.92 11.89
CA GLU F 440 -22.16 -32.51 10.55
C GLU F 440 -21.06 -31.76 9.83
N THR F 441 -21.11 -31.82 8.49
CA THR F 441 -20.10 -31.16 7.68
C THR F 441 -20.33 -29.65 7.80
N PRO F 442 -19.31 -28.84 8.12
CA PRO F 442 -19.49 -27.40 8.28
C PRO F 442 -19.81 -26.72 6.94
N SER F 443 -20.65 -25.68 6.98
CA SER F 443 -21.12 -24.96 5.77
C SER F 443 -20.46 -23.58 5.69
N GLY F 444 -19.45 -23.28 6.50
CA GLY F 444 -18.80 -22.00 6.42
C GLY F 444 -17.58 -21.94 7.32
N LEU F 445 -16.85 -20.82 7.27
CA LEU F 445 -15.69 -20.57 8.09
C LEU F 445 -15.87 -19.20 8.72
N SER F 446 -15.61 -19.03 10.02
CA SER F 446 -15.79 -17.74 10.67
C SER F 446 -14.44 -17.08 10.84
N ALA F 447 -14.46 -15.80 11.19
CA ALA F 447 -13.19 -15.08 11.32
C ALA F 447 -13.01 -14.59 12.75
N ASP F 448 -13.89 -15.02 13.69
CA ASP F 448 -13.86 -14.55 15.07
C ASP F 448 -13.65 -15.69 16.12
N TYR F 449 -13.20 -16.88 15.67
CA TYR F 449 -12.81 -17.98 16.54
C TYR F 449 -11.84 -17.49 17.61
N PRO F 450 -11.97 -17.89 18.90
CA PRO F 450 -12.95 -18.88 19.41
C PRO F 450 -14.34 -18.42 19.83
N PHE F 451 -14.67 -17.16 19.52
CA PHE F 451 -15.92 -16.56 19.98
C PHE F 451 -16.98 -16.62 18.89
N HIS F 452 -16.83 -17.49 17.91
CA HIS F 452 -17.69 -17.50 16.75
C HIS F 452 -19.07 -17.97 17.18
N THR F 453 -20.11 -17.59 16.42
CA THR F 453 -21.47 -18.07 16.70
C THR F 453 -22.06 -18.62 15.41
N THR F 454 -21.22 -18.62 14.36
CA THR F 454 -21.60 -19.08 13.03
C THR F 454 -20.77 -20.32 12.65
N ALA F 455 -21.16 -21.01 11.56
CA ALA F 455 -20.49 -22.19 11.03
C ALA F 455 -18.97 -22.04 10.98
N ASP F 456 -18.27 -23.09 11.44
CA ASP F 456 -16.82 -23.09 11.45
C ASP F 456 -16.32 -24.54 11.49
N PRO F 457 -15.19 -24.83 10.81
CA PRO F 457 -14.66 -26.19 10.75
C PRO F 457 -13.90 -26.64 11.99
N ARG F 458 -13.52 -25.71 12.88
CA ARG F 458 -12.68 -25.98 14.05
C ARG F 458 -13.59 -26.46 15.19
N ARG F 459 -13.87 -27.78 15.21
CA ARG F 459 -14.62 -28.41 16.29
C ARG F 459 -13.85 -28.19 17.59
N ASP F 460 -12.55 -28.56 17.60
CA ASP F 460 -11.66 -28.35 18.75
C ASP F 460 -12.31 -28.85 20.04
N LEU F 461 -12.87 -30.06 19.99
CA LEU F 461 -13.65 -30.51 21.12
C LEU F 461 -13.19 -31.91 21.49
N CYS F 462 -13.53 -32.35 22.73
CA CYS F 462 -13.04 -33.64 23.22
C CYS F 462 -14.22 -34.50 23.59
N ILE F 463 -14.20 -35.72 23.04
CA ILE F 463 -15.12 -36.76 23.48
C ILE F 463 -14.32 -37.77 24.30
N SER F 464 -14.62 -37.84 25.60
CA SER F 464 -13.76 -38.51 26.57
C SER F 464 -14.59 -39.47 27.42
N LYS F 465 -14.23 -40.77 27.37
CA LYS F 465 -14.85 -41.79 28.23
C LYS F 465 -16.34 -41.77 27.94
N VAL F 466 -16.71 -41.67 26.67
CA VAL F 466 -18.11 -41.80 26.28
C VAL F 466 -18.35 -43.23 25.78
N HIS F 467 -19.51 -43.80 26.11
CA HIS F 467 -19.84 -45.15 25.69
C HIS F 467 -21.06 -45.11 24.75
N ILE F 468 -20.84 -45.49 23.47
CA ILE F 468 -21.91 -45.48 22.48
C ILE F 468 -22.29 -46.93 22.18
N ALA F 469 -23.58 -47.27 22.24
CA ALA F 469 -23.93 -48.66 21.97
C ALA F 469 -25.34 -48.73 21.37
N GLY F 470 -25.56 -49.67 20.44
CA GLY F 470 -26.93 -50.12 20.15
C GLY F 470 -27.56 -49.37 18.99
N PHE F 471 -26.75 -48.71 18.16
CA PHE F 471 -27.25 -47.97 17.00
C PHE F 471 -27.15 -48.85 15.73
N ASP F 472 -27.94 -48.50 14.71
CA ASP F 472 -28.00 -49.24 13.45
C ASP F 472 -26.86 -48.82 12.51
N GLU F 473 -26.88 -47.61 11.97
CA GLU F 473 -25.94 -47.32 10.89
C GLU F 473 -24.51 -47.03 11.39
N TYR F 474 -24.36 -46.19 12.42
CA TYR F 474 -23.07 -45.76 12.97
C TYR F 474 -23.19 -45.53 14.48
N GLY F 475 -22.14 -45.89 15.21
CA GLY F 475 -22.04 -45.40 16.57
C GLY F 475 -21.65 -43.92 16.54
N LEU F 476 -20.43 -43.65 16.07
CA LEU F 476 -19.94 -42.28 15.90
C LEU F 476 -19.63 -42.08 14.43
N ASN F 477 -20.03 -40.93 13.86
CA ASN F 477 -19.84 -40.68 12.43
C ASN F 477 -19.37 -39.23 12.28
N ILE F 478 -18.08 -39.03 11.98
CA ILE F 478 -17.50 -37.70 11.93
C ILE F 478 -17.32 -37.36 10.45
N ASP F 479 -18.11 -36.38 10.00
CA ASP F 479 -18.21 -36.10 8.57
C ASP F 479 -17.08 -35.19 8.12
N SER F 480 -16.92 -35.05 6.80
CA SER F 480 -15.77 -34.32 6.28
C SER F 480 -15.82 -32.84 6.65
N GLY F 481 -14.64 -32.23 6.66
CA GLY F 481 -14.56 -30.79 6.87
C GLY F 481 -14.42 -30.38 8.34
N ASN F 482 -14.48 -31.32 9.30
CA ASN F 482 -14.40 -30.98 10.72
C ASN F 482 -12.99 -31.22 11.25
N PHE F 483 -12.36 -30.17 11.84
CA PHE F 483 -10.99 -30.29 12.37
C PHE F 483 -11.00 -30.54 13.90
N SER F 484 -10.02 -31.32 14.37
CA SER F 484 -9.73 -31.54 15.79
C SER F 484 -10.92 -32.07 16.61
N VAL F 485 -11.68 -33.04 16.06
CA VAL F 485 -12.52 -33.80 16.98
C VAL F 485 -11.58 -34.78 17.71
N THR F 486 -11.21 -34.48 18.96
CA THR F 486 -10.45 -35.41 19.80
C THR F 486 -11.34 -36.51 20.40
N THR F 487 -10.85 -37.77 20.35
CA THR F 487 -11.46 -38.76 21.24
C THR F 487 -10.40 -39.34 22.17
N ASP F 488 -10.86 -39.74 23.37
CA ASP F 488 -9.95 -40.32 24.34
C ASP F 488 -10.77 -41.32 25.16
N SER F 489 -10.38 -42.61 25.14
CA SER F 489 -11.13 -43.61 25.87
C SER F 489 -12.59 -43.69 25.39
N LEU F 490 -12.80 -43.59 24.07
CA LEU F 490 -14.12 -43.87 23.52
C LEU F 490 -14.38 -45.38 23.54
N LEU F 491 -15.61 -45.79 23.91
CA LEU F 491 -15.99 -47.21 23.88
C LEU F 491 -17.26 -47.32 23.01
N VAL F 492 -17.19 -48.13 21.94
CA VAL F 492 -18.34 -48.28 21.05
C VAL F 492 -18.59 -49.78 20.96
N ASN F 493 -19.86 -50.17 21.10
CA ASN F 493 -20.26 -51.55 21.37
C ASN F 493 -21.57 -51.81 20.63
N HIS F 494 -21.75 -53.02 20.08
CA HIS F 494 -23.10 -53.48 19.70
C HIS F 494 -23.74 -52.54 18.67
N ILE F 495 -23.07 -52.40 17.51
CA ILE F 495 -23.54 -51.56 16.42
C ILE F 495 -23.91 -52.48 15.25
N ASN F 496 -25.16 -52.33 14.79
CA ASN F 496 -25.65 -53.19 13.71
C ASN F 496 -24.78 -53.10 12.47
N GLN F 497 -24.23 -51.93 12.13
CA GLN F 497 -23.41 -51.76 10.94
C GLN F 497 -21.98 -51.29 11.28
N VAL F 498 -21.70 -49.98 11.19
CA VAL F 498 -20.32 -49.52 11.34
C VAL F 498 -20.14 -48.85 12.72
N GLY F 499 -19.17 -49.35 13.51
CA GLY F 499 -18.89 -48.77 14.82
C GLY F 499 -18.57 -47.28 14.73
N VAL F 500 -17.47 -46.93 14.04
CA VAL F 500 -16.99 -45.56 13.95
C VAL F 500 -16.60 -45.28 12.49
N ARG F 501 -17.10 -44.14 11.99
CA ARG F 501 -16.76 -43.65 10.66
C ARG F 501 -16.12 -42.27 10.83
N CYS F 502 -15.01 -42.07 10.13
CA CYS F 502 -14.42 -40.74 10.04
C CYS F 502 -14.12 -40.46 8.57
N ALA F 503 -14.46 -39.23 8.12
CA ALA F 503 -14.26 -38.84 6.73
C ALA F 503 -13.56 -37.49 6.70
N THR F 504 -12.67 -37.21 7.68
CA THR F 504 -12.16 -35.85 7.85
C THR F 504 -10.67 -35.86 8.16
N THR F 505 -10.10 -34.69 8.37
CA THR F 505 -8.65 -34.52 8.54
C THR F 505 -8.34 -33.82 9.86
N ASP F 506 -7.09 -33.96 10.31
CA ASP F 506 -6.50 -33.19 11.42
C ASP F 506 -7.16 -33.56 12.74
N TRP F 507 -6.92 -34.79 13.23
CA TRP F 507 -7.47 -35.23 14.51
C TRP F 507 -6.56 -36.27 15.17
N THR F 508 -6.73 -36.41 16.48
CA THR F 508 -6.03 -37.42 17.27
C THR F 508 -7.04 -38.16 18.13
N TRP F 509 -7.00 -39.51 18.06
CA TRP F 509 -7.77 -40.36 18.96
C TRP F 509 -6.81 -41.16 19.82
N THR F 510 -7.09 -41.29 21.13
CA THR F 510 -6.25 -42.17 21.93
C THR F 510 -7.17 -43.15 22.65
N ASN F 511 -6.74 -44.43 22.70
CA ASN F 511 -7.43 -45.50 23.39
C ASN F 511 -8.87 -45.59 22.91
N ILE F 512 -9.05 -45.85 21.62
CA ILE F 512 -10.39 -46.15 21.12
C ILE F 512 -10.64 -47.66 21.23
N GLN F 513 -11.86 -48.05 21.63
CA GLN F 513 -12.19 -49.45 21.69
C GLN F 513 -13.55 -49.66 21.02
N VAL F 514 -13.55 -50.50 19.96
CA VAL F 514 -14.81 -50.79 19.27
C VAL F 514 -14.98 -52.32 19.28
N ASN F 515 -16.21 -52.78 19.59
CA ASN F 515 -16.48 -54.19 19.77
CA ASN F 515 -16.43 -54.21 19.61
C ASN F 515 -17.87 -54.53 19.24
N THR F 516 -17.96 -55.58 18.41
CA THR F 516 -19.22 -56.25 18.08
C THR F 516 -20.03 -55.35 17.16
N CYS F 517 -19.62 -55.31 15.89
CA CYS F 517 -20.26 -54.52 14.86
C CYS F 517 -20.62 -55.49 13.73
N GLY F 518 -21.77 -55.26 13.09
CA GLY F 518 -22.21 -56.16 12.02
C GLY F 518 -21.44 -56.00 10.70
N LYS F 519 -20.92 -54.79 10.47
CA LYS F 519 -19.98 -54.48 9.39
C LYS F 519 -18.64 -54.11 10.03
N GLN F 520 -17.97 -53.06 9.50
CA GLN F 520 -16.67 -52.63 10.03
C GLN F 520 -16.80 -52.13 11.48
N CYS F 521 -15.75 -52.34 12.29
CA CYS F 521 -15.57 -51.55 13.51
C CYS F 521 -15.22 -50.09 13.18
N LEU F 522 -14.41 -49.90 12.15
CA LEU F 522 -13.89 -48.57 11.84
C LEU F 522 -13.83 -48.40 10.32
N VAL F 523 -14.41 -47.28 9.83
CA VAL F 523 -14.24 -46.81 8.45
C VAL F 523 -13.52 -45.47 8.47
N LEU F 524 -12.32 -45.43 7.86
CA LEU F 524 -11.62 -44.19 7.57
C LEU F 524 -11.79 -44.08 6.06
N ASP F 525 -12.49 -43.04 5.61
CA ASP F 525 -12.90 -42.90 4.21
C ASP F 525 -12.65 -41.45 3.81
N GLY F 526 -11.56 -41.21 3.09
CA GLY F 526 -11.20 -39.86 2.74
C GLY F 526 -10.49 -39.11 3.86
N CYS F 527 -9.89 -39.83 4.81
CA CYS F 527 -9.23 -39.15 5.92
C CYS F 527 -7.80 -38.74 5.54
N GLY F 528 -7.25 -37.79 6.29
CA GLY F 528 -5.86 -37.39 6.10
C GLY F 528 -5.40 -36.72 7.39
N ASN F 529 -4.08 -36.74 7.63
CA ASN F 529 -3.47 -36.12 8.78
C ASN F 529 -4.11 -36.56 10.10
N GLY F 530 -4.37 -37.86 10.26
CA GLY F 530 -4.98 -38.41 11.46
C GLY F 530 -3.96 -39.20 12.30
N ARG F 531 -4.21 -39.28 13.62
CA ARG F 531 -3.41 -40.10 14.53
C ARG F 531 -4.36 -40.96 15.34
N ILE F 532 -4.15 -42.28 15.31
CA ILE F 532 -4.80 -43.14 16.31
C ILE F 532 -3.68 -43.73 17.15
N ILE F 533 -3.71 -43.42 18.47
CA ILE F 533 -2.72 -43.90 19.42
C ILE F 533 -3.40 -44.82 20.43
N GLY F 534 -3.21 -46.14 20.27
CA GLY F 534 -3.85 -47.07 21.19
C GLY F 534 -5.28 -47.36 20.71
N GLY F 535 -5.51 -48.56 20.18
CA GLY F 535 -6.85 -48.90 19.75
C GLY F 535 -7.08 -50.41 19.79
N LYS F 536 -8.37 -50.77 19.84
CA LYS F 536 -8.76 -52.16 19.81
C LYS F 536 -10.04 -52.27 18.98
N PHE F 537 -10.01 -53.15 17.96
CA PHE F 537 -11.17 -53.32 17.09
C PHE F 537 -11.46 -54.82 17.00
N ILE F 538 -12.59 -55.25 17.55
CA ILE F 538 -12.78 -56.69 17.69
C ILE F 538 -14.22 -57.06 17.34
N TRP F 539 -14.40 -58.30 16.88
CA TRP F 539 -15.73 -58.85 16.64
C TRP F 539 -16.48 -58.02 15.61
N ALA F 540 -15.77 -57.46 14.63
CA ALA F 540 -16.38 -56.87 13.44
C ALA F 540 -17.05 -57.95 12.55
N ASN F 541 -17.98 -57.54 11.68
CA ASN F 541 -18.63 -58.45 10.76
C ASN F 541 -19.30 -59.55 11.59
N TRP F 542 -20.05 -59.12 12.61
CA TRP F 542 -20.55 -60.02 13.62
C TRP F 542 -21.76 -60.76 13.04
N GLN F 543 -21.63 -62.09 12.94
CA GLN F 543 -22.56 -62.90 12.17
C GLN F 543 -23.99 -62.80 12.69
N PRO F 544 -24.28 -62.86 14.01
CA PRO F 544 -25.65 -62.62 14.47
C PRO F 544 -26.36 -61.35 14.00
N TYR F 545 -25.61 -60.33 13.54
CA TYR F 545 -26.28 -59.08 13.23
C TYR F 545 -26.76 -59.12 11.76
N GLY F 546 -26.49 -60.26 11.11
CA GLY F 546 -27.28 -60.63 9.95
C GLY F 546 -26.78 -60.04 8.63
N THR F 547 -25.58 -59.42 8.63
CA THR F 547 -25.07 -58.79 7.42
C THR F 547 -24.69 -59.87 6.42
N VAL F 548 -25.27 -59.76 5.23
CA VAL F 548 -24.86 -60.57 4.09
C VAL F 548 -23.55 -59.95 3.57
N GLY F 549 -22.50 -60.77 3.47
CA GLY F 549 -21.29 -60.28 2.83
C GLY F 549 -20.18 -60.00 3.84
N GLN F 550 -19.00 -59.67 3.30
CA GLN F 550 -17.80 -59.53 4.07
C GLN F 550 -17.53 -58.03 4.27
N PHE F 551 -17.11 -57.69 5.50
CA PHE F 551 -16.66 -56.34 5.87
C PHE F 551 -15.47 -56.52 6.79
N PRO F 552 -14.33 -55.82 6.57
CA PRO F 552 -13.14 -55.99 7.39
C PRO F 552 -13.37 -55.34 8.76
N GLY F 553 -12.45 -55.56 9.72
CA GLY F 553 -12.48 -54.83 10.97
C GLY F 553 -12.28 -53.34 10.74
N ILE F 554 -11.33 -52.99 9.88
CA ILE F 554 -10.98 -51.60 9.59
C ILE F 554 -10.91 -51.47 8.07
N THR F 555 -11.61 -50.45 7.55
CA THR F 555 -11.45 -50.00 6.17
C THR F 555 -10.63 -48.72 6.23
N ILE F 556 -9.46 -48.71 5.56
CA ILE F 556 -8.75 -47.48 5.22
C ILE F 556 -8.87 -47.33 3.71
N ASN F 557 -9.63 -46.32 3.31
CA ASN F 557 -10.02 -46.11 1.93
C ASN F 557 -9.83 -44.65 1.57
N ASN F 558 -9.06 -44.43 0.51
CA ASN F 558 -8.87 -43.10 -0.06
C ASN F 558 -8.29 -42.12 0.95
N SER F 559 -7.31 -42.57 1.76
CA SER F 559 -6.86 -41.73 2.88
C SER F 559 -5.37 -41.52 2.74
N GLN F 560 -4.78 -40.68 3.59
CA GLN F 560 -3.38 -40.37 3.36
C GLN F 560 -2.78 -39.79 4.63
N ASN F 561 -1.45 -39.95 4.81
CA ASN F 561 -0.72 -39.35 5.92
C ASN F 561 -1.40 -39.74 7.24
N MET F 562 -1.63 -41.05 7.43
CA MET F 562 -2.20 -41.52 8.67
C MET F 562 -1.11 -42.17 9.51
N VAL F 563 -1.09 -41.86 10.82
CA VAL F 563 -0.19 -42.53 11.76
C VAL F 563 -1.05 -43.30 12.75
N ILE F 564 -0.91 -44.62 12.69
CA ILE F 564 -1.74 -45.50 13.51
C ILE F 564 -0.82 -46.44 14.33
N ASN F 565 -0.73 -46.13 15.63
CA ASN F 565 0.18 -46.80 16.54
C ASN F 565 -0.59 -47.55 17.62
N GLY F 566 -0.11 -48.76 17.95
CA GLY F 566 -0.57 -49.48 19.13
C GLY F 566 -2.02 -49.91 18.93
N ILE F 567 -2.34 -50.49 17.75
CA ILE F 567 -3.71 -51.01 17.65
C ILE F 567 -3.73 -52.55 17.51
N GLU F 568 -4.93 -53.10 17.72
CA GLU F 568 -5.15 -54.52 17.62
C GLU F 568 -6.43 -54.72 16.83
N VAL F 569 -6.40 -55.69 15.89
CA VAL F 569 -7.64 -56.14 15.26
C VAL F 569 -7.70 -57.64 15.48
N GLN F 570 -8.80 -58.13 16.07
CA GLN F 570 -8.84 -59.54 16.42
C GLN F 570 -10.31 -60.00 16.40
N ASP F 571 -10.58 -61.28 16.11
CA ASP F 571 -11.90 -61.91 16.24
C ASP F 571 -12.93 -61.33 15.26
N CYS F 572 -12.44 -60.70 14.18
CA CYS F 572 -13.33 -60.14 13.16
C CYS F 572 -13.82 -61.24 12.22
N GLY F 573 -15.06 -61.06 11.70
CA GLY F 573 -15.74 -62.08 10.88
C GLY F 573 -15.09 -62.31 9.51
N GLY F 574 -14.49 -61.25 8.95
CA GLY F 574 -13.87 -61.23 7.63
C GLY F 574 -12.39 -60.83 7.72
N ASN F 575 -11.91 -60.02 6.78
CA ASN F 575 -10.52 -59.58 6.79
C ASN F 575 -10.27 -58.66 7.99
N GLY F 576 -8.97 -58.44 8.32
CA GLY F 576 -8.67 -57.61 9.49
C GLY F 576 -8.77 -56.13 9.14
N ILE F 577 -7.83 -55.69 8.28
CA ILE F 577 -7.74 -54.33 7.78
C ILE F 577 -7.70 -54.41 6.25
N GLU F 578 -8.52 -53.61 5.58
CA GLU F 578 -8.38 -53.46 4.12
C GLU F 578 -7.96 -52.02 3.84
N ILE F 579 -6.76 -51.87 3.25
CA ILE F 579 -6.23 -50.57 2.91
C ILE F 579 -6.35 -50.45 1.38
N SER F 580 -7.13 -49.47 0.92
CA SER F 580 -7.45 -49.29 -0.49
C SER F 580 -7.20 -47.84 -0.89
N GLU F 581 -6.55 -47.67 -2.04
CA GLU F 581 -6.45 -46.35 -2.66
C GLU F 581 -5.84 -45.33 -1.70
N SER F 582 -4.89 -45.78 -0.87
CA SER F 582 -4.38 -44.89 0.15
C SER F 582 -2.88 -44.66 0.01
N TYR F 583 -2.42 -43.44 0.37
CA TYR F 583 -1.00 -43.10 0.38
C TYR F 583 -0.52 -43.03 1.83
N SER F 584 0.80 -43.19 2.03
CA SER F 584 1.52 -42.84 3.24
C SER F 584 0.75 -43.21 4.53
N ILE F 585 0.42 -44.50 4.69
CA ILE F 585 -0.15 -45.03 5.92
C ILE F 585 0.98 -45.57 6.79
N SER F 586 1.17 -44.99 7.99
CA SER F 586 2.28 -45.35 8.85
C SER F 586 1.72 -46.02 10.11
N MET F 587 2.18 -47.25 10.43
CA MET F 587 1.66 -48.05 11.52
C MET F 587 2.87 -48.49 12.33
N ASN F 588 2.89 -48.14 13.64
CA ASN F 588 4.02 -48.48 14.49
C ASN F 588 3.54 -49.24 15.72
N GLY F 589 3.78 -50.55 15.74
CA GLY F 589 3.23 -51.43 16.74
C GLY F 589 1.81 -51.78 16.33
N LEU F 590 1.63 -52.95 15.72
CA LEU F 590 0.34 -53.32 15.14
C LEU F 590 0.15 -54.82 15.43
N ASN F 591 -1.06 -55.20 15.91
CA ASN F 591 -1.38 -56.56 16.32
C ASN F 591 -2.64 -57.00 15.57
N THR F 592 -2.49 -57.89 14.59
CA THR F 592 -3.64 -58.47 13.88
C THR F 592 -3.59 -60.00 13.99
N ASN F 593 -4.65 -60.61 14.56
CA ASN F 593 -4.65 -62.06 14.59
C ASN F 593 -6.08 -62.61 14.70
N ARG F 594 -6.24 -63.87 14.34
CA ARG F 594 -7.48 -64.57 14.59
C ARG F 594 -8.66 -63.76 14.06
N ASN F 595 -8.52 -63.28 12.81
CA ASN F 595 -9.66 -62.72 12.10
C ASN F 595 -10.27 -63.80 11.19
N GLY F 596 -11.08 -63.39 10.20
CA GLY F 596 -11.77 -64.31 9.30
C GLY F 596 -12.59 -65.39 9.99
N ILE F 597 -13.23 -65.07 11.10
CA ILE F 597 -13.83 -66.12 11.92
C ILE F 597 -15.13 -66.62 11.27
N ASN F 598 -15.60 -65.98 10.19
CA ASN F 598 -16.89 -66.41 9.63
C ASN F 598 -16.68 -67.57 8.66
N ALA F 599 -15.45 -67.80 8.23
CA ALA F 599 -15.17 -68.89 7.30
C ALA F 599 -13.68 -69.19 7.38
N ASN F 600 -13.38 -70.41 7.84
CA ASN F 600 -12.01 -70.82 8.14
C ASN F 600 -11.12 -70.68 6.91
N ASN F 601 -9.90 -70.20 7.13
CA ASN F 601 -8.83 -70.26 6.17
C ASN F 601 -9.23 -69.57 4.87
N THR F 602 -9.98 -68.47 4.98
CA THR F 602 -10.48 -67.76 3.81
C THR F 602 -10.00 -66.31 3.75
N PHE F 603 -9.82 -65.64 4.91
CA PHE F 603 -9.62 -64.19 4.91
C PHE F 603 -8.22 -63.84 5.40
N TYR F 604 -7.79 -62.58 5.23
CA TYR F 604 -6.45 -62.20 5.64
C TYR F 604 -6.48 -61.02 6.60
N ASN F 605 -5.42 -60.90 7.39
CA ASN F 605 -5.35 -59.90 8.45
C ASN F 605 -5.16 -58.48 7.87
N ILE F 606 -4.33 -58.38 6.83
CA ILE F 606 -4.16 -57.11 6.12
C ILE F 606 -4.24 -57.33 4.62
N VAL F 607 -5.17 -56.62 3.97
CA VAL F 607 -5.43 -56.73 2.55
C VAL F 607 -5.06 -55.41 1.93
N PHE F 608 -4.07 -55.42 1.05
CA PHE F 608 -3.63 -54.20 0.41
C PHE F 608 -4.20 -54.16 -1.01
N ASN F 609 -4.77 -53.02 -1.36
CA ASN F 609 -5.27 -52.80 -2.72
C ASN F 609 -4.88 -51.40 -3.17
N LYS F 610 -3.94 -51.31 -4.11
CA LYS F 610 -3.55 -50.02 -4.66
C LYS F 610 -3.25 -48.99 -3.56
N SER F 611 -2.38 -49.36 -2.60
CA SER F 611 -2.02 -48.46 -1.49
C SER F 611 -0.53 -48.55 -1.18
N ASP F 612 -0.01 -47.55 -0.48
CA ASP F 612 1.32 -47.62 0.08
C ASP F 612 1.21 -47.57 1.61
N ALA F 613 2.05 -48.36 2.31
CA ALA F 613 2.00 -48.41 3.77
C ALA F 613 3.38 -48.78 4.31
N VAL F 614 3.72 -48.22 5.48
CA VAL F 614 4.94 -48.56 6.21
C VAL F 614 4.49 -49.11 7.58
N ILE F 615 4.72 -50.40 7.81
CA ILE F 615 4.21 -51.09 8.99
C ILE F 615 5.41 -51.59 9.79
N ASN F 616 5.56 -51.10 11.04
CA ASN F 616 6.69 -51.49 11.91
C ASN F 616 6.14 -52.13 13.18
N GLY F 617 6.96 -52.93 13.86
CA GLY F 617 6.56 -53.60 15.11
C GLY F 617 5.27 -54.44 14.94
N PHE F 618 5.12 -55.15 13.80
CA PHE F 618 3.93 -55.97 13.58
C PHE F 618 4.03 -57.25 14.42
N VAL F 619 2.90 -57.70 14.97
CA VAL F 619 2.81 -58.97 15.68
C VAL F 619 1.45 -59.54 15.33
N GLY F 620 1.30 -60.87 15.57
CA GLY F 620 0.02 -61.46 15.22
C GLY F 620 -0.06 -62.93 15.60
N LEU F 621 0.16 -63.26 16.87
CA LEU F 621 0.01 -64.63 17.34
C LEU F 621 -1.45 -65.07 17.18
N ASN F 622 -1.70 -66.05 16.30
CA ASN F 622 -3.05 -66.63 16.12
C ASN F 622 -3.34 -67.58 17.29
N TYR F 623 -4.11 -67.13 18.28
CA TYR F 623 -4.32 -67.90 19.50
C TYR F 623 -5.10 -69.20 19.20
N ALA F 624 -5.85 -69.21 18.10
CA ALA F 624 -6.63 -70.40 17.79
C ALA F 624 -5.72 -71.49 17.21
N ALA F 625 -4.76 -71.08 16.38
CA ALA F 625 -3.78 -72.02 15.83
C ALA F 625 -2.91 -72.50 16.98
N ASN F 626 -2.60 -71.59 17.92
CA ASN F 626 -1.74 -71.93 19.05
C ASN F 626 -2.39 -72.98 19.99
N SER F 627 -3.64 -72.76 20.42
CA SER F 627 -4.26 -73.69 21.35
C SER F 627 -4.73 -74.95 20.63
N GLY F 628 -4.81 -74.93 19.30
CA GLY F 628 -5.26 -76.07 18.51
C GLY F 628 -6.77 -76.29 18.59
N SER F 629 -7.52 -75.22 18.85
CA SER F 629 -8.95 -75.35 19.09
C SER F 629 -9.69 -75.75 17.81
N GLY F 630 -9.16 -75.43 16.63
CA GLY F 630 -9.89 -75.63 15.38
C GLY F 630 -10.92 -74.55 15.04
N ALA F 631 -10.93 -73.43 15.81
CA ALA F 631 -11.82 -72.30 15.55
C ALA F 631 -11.44 -71.70 14.20
N ASN F 632 -12.43 -71.14 13.48
CA ASN F 632 -12.17 -70.49 12.19
C ASN F 632 -11.15 -69.37 12.41
N SER F 633 -10.19 -69.23 11.50
CA SER F 633 -9.27 -68.13 11.61
C SER F 633 -8.71 -67.73 10.24
N SER F 634 -7.97 -66.60 10.23
CA SER F 634 -7.40 -66.05 9.02
C SER F 634 -6.57 -67.13 8.31
N ALA F 635 -6.57 -67.11 6.97
CA ALA F 635 -5.72 -67.94 6.14
C ALA F 635 -4.28 -67.51 6.37
N GLY F 636 -4.07 -66.21 6.62
CA GLY F 636 -2.69 -65.72 6.74
C GLY F 636 -2.70 -64.21 6.97
N ASN F 637 -1.50 -63.61 7.10
CA ASN F 637 -1.38 -62.22 7.51
C ASN F 637 -1.68 -61.25 6.36
N PHE F 638 -1.04 -61.46 5.21
CA PHE F 638 -1.01 -60.41 4.18
C PHE F 638 -1.61 -60.89 2.87
N GLN F 639 -2.39 -60.02 2.22
CA GLN F 639 -2.85 -60.27 0.86
C GLN F 639 -2.66 -58.98 0.04
N PHE F 640 -2.16 -59.14 -1.20
CA PHE F 640 -2.05 -58.02 -2.13
C PHE F 640 -3.02 -58.25 -3.28
N LEU F 641 -4.08 -57.44 -3.37
CA LEU F 641 -5.05 -57.60 -4.44
C LEU F 641 -4.54 -56.91 -5.73
N SER F 642 -3.43 -56.21 -5.61
CA SER F 642 -2.86 -55.54 -6.78
C SER F 642 -1.33 -55.58 -6.67
N ASN F 643 -0.62 -55.28 -7.76
CA ASN F 643 0.84 -55.38 -7.74
C ASN F 643 1.50 -54.00 -7.86
N ASP F 644 0.70 -52.95 -7.72
CA ASP F 644 1.20 -51.57 -7.79
C ASP F 644 1.24 -50.95 -6.39
N CYS F 645 1.30 -51.78 -5.31
CA CYS F 645 1.43 -51.29 -3.95
C CYS F 645 2.92 -51.13 -3.63
N SER F 646 3.28 -50.08 -2.86
CA SER F 646 4.62 -49.91 -2.32
C SER F 646 4.54 -49.99 -0.79
N VAL F 647 5.01 -51.13 -0.27
CA VAL F 647 4.71 -51.50 1.10
C VAL F 647 5.99 -51.97 1.79
N THR F 648 6.23 -51.51 3.03
CA THR F 648 7.23 -52.19 3.88
C THR F 648 6.57 -52.72 5.14
N ILE F 649 6.98 -53.93 5.54
CA ILE F 649 6.44 -54.60 6.71
C ILE F 649 7.63 -55.15 7.50
N ASN F 650 7.61 -54.91 8.81
CA ASN F 650 8.64 -55.35 9.74
C ASN F 650 8.01 -55.81 11.04
N GLY F 651 8.43 -57.01 11.46
CA GLY F 651 7.98 -57.51 12.75
C GLY F 651 8.03 -59.04 12.78
N VAL F 652 7.08 -59.60 13.53
CA VAL F 652 7.00 -61.02 13.76
C VAL F 652 5.86 -61.53 12.90
N VAL F 653 6.21 -61.85 11.63
CA VAL F 653 5.29 -62.30 10.60
C VAL F 653 4.77 -63.69 10.94
N GLU F 654 5.65 -64.55 11.46
CA GLU F 654 5.24 -65.90 11.92
C GLU F 654 5.74 -66.05 13.36
N THR F 655 4.79 -66.24 14.30
CA THR F 655 5.11 -66.18 15.73
C THR F 655 6.13 -67.25 16.16
N GLY F 656 5.87 -68.52 15.77
CA GLY F 656 6.82 -69.54 16.14
C GLY F 656 6.41 -70.30 17.40
N TYR F 657 5.09 -70.56 17.57
CA TYR F 657 4.61 -71.52 18.56
C TYR F 657 4.61 -72.91 17.91
N MET F 658 4.32 -73.96 18.69
CA MET F 658 4.71 -75.30 18.28
C MET F 658 3.94 -75.73 17.03
N GLY F 659 2.61 -75.55 17.03
CA GLY F 659 1.81 -75.94 15.88
C GLY F 659 1.12 -77.30 16.08
N ILE F 660 0.38 -77.44 17.17
CA ILE F 660 -0.17 -78.73 17.57
C ILE F 660 -1.06 -79.32 16.45
N ASN F 661 -1.70 -78.47 15.66
CA ASN F 661 -2.50 -78.91 14.54
C ASN F 661 -1.80 -78.61 13.22
N PHE F 662 -0.45 -78.46 13.24
CA PHE F 662 0.37 -78.37 12.04
C PHE F 662 0.18 -77.03 11.31
N ILE F 663 -0.52 -76.05 11.94
CA ILE F 663 -0.73 -74.75 11.36
C ILE F 663 -0.16 -73.68 12.28
N GLY F 664 -0.13 -72.44 11.78
CA GLY F 664 0.37 -71.30 12.55
C GLY F 664 -0.32 -70.02 12.08
N ASP F 665 0.48 -68.96 11.86
CA ASP F 665 -0.12 -67.67 11.54
C ASP F 665 -0.40 -67.59 10.02
N ASN F 666 0.50 -68.16 9.22
CA ASN F 666 0.43 -68.03 7.76
C ASN F 666 0.23 -69.43 7.15
N ASN F 667 -1.03 -69.79 6.89
CA ASN F 667 -1.39 -71.15 6.52
C ASN F 667 -1.70 -71.23 5.02
N ILE F 668 -1.99 -70.08 4.40
CA ILE F 668 -1.97 -69.94 2.95
C ILE F 668 -1.12 -68.73 2.62
N ILE F 669 -0.20 -68.87 1.65
CA ILE F 669 0.67 -67.76 1.29
C ILE F 669 0.53 -67.53 -0.21
N ASN F 670 0.21 -66.29 -0.56
CA ASN F 670 0.06 -65.86 -1.94
C ASN F 670 1.20 -64.90 -2.26
N PRO F 671 2.21 -65.26 -3.08
CA PRO F 671 3.34 -64.34 -3.30
C PRO F 671 2.85 -63.19 -4.17
N THR F 672 3.62 -62.09 -4.18
CA THR F 672 3.15 -60.93 -4.91
C THR F 672 4.33 -60.40 -5.70
N ASN F 673 4.01 -59.73 -6.80
CA ASN F 673 5.01 -58.97 -7.53
C ASN F 673 4.98 -57.48 -7.18
N SER F 674 4.25 -57.07 -6.14
CA SER F 674 4.29 -55.64 -5.81
C SER F 674 5.67 -55.23 -5.30
N ASP F 675 5.86 -53.92 -5.17
CA ASP F 675 7.09 -53.35 -4.62
C ASP F 675 7.06 -53.48 -3.07
N LEU F 676 7.44 -54.65 -2.57
CA LEU F 676 7.32 -55.05 -1.18
C LEU F 676 8.71 -55.27 -0.60
N SER F 677 8.96 -54.73 0.58
CA SER F 677 10.12 -55.07 1.41
C SER F 677 9.60 -55.59 2.77
N ILE F 678 9.91 -56.85 3.11
CA ILE F 678 9.43 -57.44 4.34
C ILE F 678 10.62 -57.91 5.20
N ASN F 679 10.63 -57.48 6.46
CA ASN F 679 11.65 -57.76 7.46
C ASN F 679 13.02 -57.30 7.02
N GLY F 680 13.10 -56.29 6.14
CA GLY F 680 14.42 -55.93 5.62
C GLY F 680 15.06 -57.02 4.73
N LEU F 681 14.32 -58.03 4.28
CA LEU F 681 14.99 -59.12 3.55
C LEU F 681 15.11 -58.74 2.08
N VAL F 682 16.31 -58.94 1.49
CA VAL F 682 16.46 -58.80 0.04
C VAL F 682 15.61 -59.84 -0.71
N ASN F 683 14.87 -59.40 -1.72
CA ASN F 683 14.06 -60.33 -2.49
C ASN F 683 14.99 -60.97 -3.52
N TYR F 684 15.10 -62.31 -3.55
CA TYR F 684 16.08 -62.95 -4.42
C TYR F 684 15.86 -62.58 -5.90
N SER F 685 14.59 -62.51 -6.34
CA SER F 685 14.17 -62.07 -7.68
C SER F 685 14.71 -60.70 -8.06
N LYS F 686 15.09 -59.84 -7.09
CA LYS F 686 15.44 -58.46 -7.38
C LYS F 686 16.90 -58.15 -7.03
N THR F 687 17.70 -59.18 -6.80
CA THR F 687 19.07 -58.92 -6.37
C THR F 687 20.09 -59.29 -7.46
N GLY F 688 21.21 -58.54 -7.48
CA GLY F 688 22.38 -58.86 -8.27
C GLY F 688 23.58 -59.21 -7.40
N LEU F 689 23.35 -59.38 -6.07
CA LEU F 689 24.44 -59.53 -5.11
C LEU F 689 25.16 -60.85 -5.40
N GLN F 690 26.50 -60.82 -5.30
CA GLN F 690 27.27 -62.04 -5.49
C GLN F 690 27.55 -62.68 -4.14
N THR F 691 27.31 -63.99 -4.06
CA THR F 691 27.48 -64.74 -2.82
C THR F 691 28.27 -66.02 -3.11
N MET F 692 28.80 -66.65 -2.05
CA MET F 692 29.23 -68.05 -2.05
C MET F 692 28.14 -68.89 -2.69
N ASN F 693 28.56 -69.96 -3.39
CA ASN F 693 27.62 -70.93 -3.92
C ASN F 693 28.30 -72.31 -3.86
N GLU F 694 28.31 -72.95 -2.67
CA GLU F 694 29.08 -74.18 -2.50
C GLU F 694 28.52 -75.24 -3.41
N THR F 695 29.41 -76.13 -3.86
CA THR F 695 29.01 -77.17 -4.80
C THR F 695 28.82 -78.47 -4.05
N PRO F 696 27.64 -79.10 -4.14
CA PRO F 696 27.46 -80.43 -3.56
C PRO F 696 28.04 -81.49 -4.51
N THR F 697 28.32 -82.69 -3.98
CA THR F 697 28.65 -83.84 -4.81
C THR F 697 27.42 -84.75 -4.95
N PHE F 698 27.10 -85.10 -6.20
CA PHE F 698 26.04 -86.08 -6.40
C PHE F 698 26.50 -87.44 -5.87
N ASP F 699 25.55 -88.23 -5.37
CA ASP F 699 25.87 -89.60 -5.03
C ASP F 699 24.65 -90.49 -5.31
N GLY F 700 24.95 -91.73 -5.73
CA GLY F 700 24.01 -92.82 -5.94
C GLY F 700 24.78 -94.13 -6.12
N VAL F 701 24.05 -95.25 -6.22
CA VAL F 701 24.65 -96.56 -6.50
C VAL F 701 25.42 -96.43 -7.81
N SER F 702 24.72 -95.95 -8.85
CA SER F 702 25.27 -95.32 -10.04
C SER F 702 25.45 -93.82 -9.79
N THR F 703 26.69 -93.30 -9.93
CA THR F 703 26.96 -91.92 -9.55
C THR F 703 26.77 -90.93 -10.71
N THR F 704 25.89 -91.25 -11.66
CA THR F 704 25.54 -90.35 -12.75
C THR F 704 24.15 -89.76 -12.53
N PRO F 705 24.04 -88.42 -12.35
CA PRO F 705 22.74 -87.77 -12.16
C PRO F 705 21.76 -88.10 -13.30
N VAL F 706 20.56 -88.55 -12.94
CA VAL F 706 19.46 -88.61 -13.89
C VAL F 706 18.50 -87.44 -13.62
N TYR F 707 17.89 -86.88 -14.67
CA TYR F 707 16.95 -85.79 -14.54
C TYR F 707 15.58 -86.18 -15.09
N VAL F 708 14.50 -85.70 -14.47
CA VAL F 708 13.18 -85.92 -15.05
C VAL F 708 12.39 -84.62 -14.98
N SER F 709 11.31 -84.57 -15.75
CA SER F 709 10.50 -83.36 -15.82
C SER F 709 9.83 -83.11 -14.47
N VAL F 710 9.53 -81.82 -14.23
CA VAL F 710 8.81 -81.32 -13.06
C VAL F 710 7.59 -80.54 -13.58
N PRO F 711 6.51 -80.39 -12.77
CA PRO F 711 5.38 -79.54 -13.16
C PRO F 711 5.93 -78.14 -13.40
N SER F 712 5.25 -77.36 -14.28
CA SER F 712 5.80 -76.07 -14.69
C SER F 712 5.79 -75.09 -13.51
N SER F 713 4.97 -75.38 -12.50
CA SER F 713 4.99 -74.54 -11.31
C SER F 713 6.37 -74.46 -10.66
N VAL F 714 7.29 -75.38 -10.99
CA VAL F 714 8.65 -75.34 -10.43
C VAL F 714 9.49 -74.30 -11.18
N GLY F 715 8.98 -73.80 -12.31
CA GLY F 715 9.72 -72.79 -13.08
C GLY F 715 11.03 -73.29 -13.70
N GLN F 716 11.09 -74.56 -14.10
CA GLN F 716 12.24 -75.14 -14.80
C GLN F 716 11.73 -76.38 -15.57
N VAL F 717 12.54 -76.91 -16.49
CA VAL F 717 12.07 -78.02 -17.30
C VAL F 717 12.20 -79.35 -16.54
N ASN F 718 13.40 -79.58 -15.95
CA ASN F 718 13.74 -80.84 -15.31
C ASN F 718 14.18 -80.61 -13.88
N GLY F 719 14.10 -81.67 -13.07
CA GLY F 719 14.83 -81.74 -11.82
C GLY F 719 15.53 -83.08 -11.64
N LEU F 720 16.34 -83.18 -10.58
CA LEU F 720 17.04 -84.41 -10.22
C LEU F 720 16.03 -85.52 -9.90
N ARG F 721 16.14 -86.67 -10.60
CA ARG F 721 15.39 -87.89 -10.33
C ARG F 721 15.81 -88.44 -8.97
N LEU F 722 14.82 -88.79 -8.13
CA LEU F 722 15.08 -89.29 -6.79
C LEU F 722 14.51 -90.71 -6.70
N SER F 723 15.36 -91.68 -6.38
CA SER F 723 14.88 -93.06 -6.26
C SER F 723 15.49 -93.68 -5.02
N GLN F 724 14.74 -94.63 -4.43
CA GLN F 724 15.28 -95.49 -3.38
C GLN F 724 16.32 -96.45 -3.97
N ALA F 725 16.02 -96.96 -5.18
CA ALA F 725 16.87 -97.91 -5.89
C ALA F 725 18.29 -97.34 -6.06
N ASN F 726 18.42 -96.08 -6.52
CA ASN F 726 19.74 -95.50 -6.74
C ASN F 726 20.29 -94.70 -5.56
N LYS F 727 19.44 -94.45 -4.53
CA LYS F 727 19.82 -93.59 -3.41
C LYS F 727 20.39 -92.24 -3.88
N ASP F 728 19.71 -91.61 -4.84
CA ASP F 728 20.16 -90.32 -5.36
C ASP F 728 20.17 -89.30 -4.22
N LYS F 729 21.28 -88.55 -4.10
CA LYS F 729 21.41 -87.59 -3.01
C LYS F 729 22.46 -86.54 -3.37
N LEU F 730 22.41 -85.39 -2.66
CA LEU F 730 23.44 -84.37 -2.80
C LEU F 730 24.11 -84.17 -1.46
N LEU F 731 25.44 -84.33 -1.48
CA LEU F 731 26.28 -84.28 -0.30
C LEU F 731 27.01 -82.94 -0.27
N TYR F 732 26.79 -82.11 0.76
CA TYR F 732 27.66 -80.97 0.99
C TYR F 732 28.71 -81.39 2.01
N SER F 733 29.93 -80.88 1.87
CA SER F 733 30.93 -81.27 2.85
C SER F 733 30.83 -80.40 4.10
N ARG F 734 30.23 -79.21 3.94
CA ARG F 734 29.98 -78.28 5.03
C ARG F 734 29.30 -78.98 6.21
N THR F 735 29.82 -78.70 7.42
CA THR F 735 29.22 -79.21 8.64
C THR F 735 28.44 -78.06 9.31
N ALA F 736 27.34 -78.41 10.02
CA ALA F 736 26.54 -77.50 10.83
C ALA F 736 27.34 -76.97 12.00
N GLY F 737 27.27 -75.65 12.21
CA GLY F 737 27.96 -74.95 13.27
C GLY F 737 26.97 -74.42 14.30
N PRO F 738 27.46 -73.81 15.41
CA PRO F 738 26.59 -73.37 16.52
C PRO F 738 25.60 -72.23 16.22
N GLU F 739 25.85 -71.47 15.13
CA GLU F 739 24.97 -70.44 14.62
CA GLU F 739 24.91 -70.44 14.74
C GLU F 739 23.70 -71.11 14.08
N GLY F 740 23.86 -72.35 13.57
CA GLY F 740 22.76 -73.10 12.97
C GLY F 740 22.74 -73.01 11.43
N ILE F 741 21.69 -73.55 10.81
CA ILE F 741 21.68 -73.68 9.36
C ILE F 741 20.23 -73.61 8.90
N THR F 742 20.00 -73.19 7.64
CA THR F 742 18.69 -73.36 7.01
C THR F 742 18.88 -74.16 5.72
N MET F 743 17.97 -75.11 5.46
CA MET F 743 18.02 -75.91 4.26
C MET F 743 16.60 -76.00 3.71
N ALA F 744 16.49 -75.93 2.38
CA ALA F 744 15.19 -76.01 1.73
C ALA F 744 15.36 -76.52 0.29
N ALA F 745 14.28 -77.07 -0.29
CA ALA F 745 14.33 -77.49 -1.69
C ALA F 745 12.90 -77.72 -2.12
N VAL F 746 12.67 -77.73 -3.45
CA VAL F 746 11.41 -78.23 -3.98
C VAL F 746 11.55 -79.75 -4.11
N ILE F 747 10.54 -80.46 -3.61
CA ILE F 747 10.46 -81.91 -3.78
C ILE F 747 9.07 -82.21 -4.30
N VAL F 748 9.03 -82.99 -5.39
CA VAL F 748 7.80 -83.53 -5.96
C VAL F 748 7.76 -85.03 -5.60
N PRO F 749 7.07 -85.46 -4.52
CA PRO F 749 7.25 -86.81 -3.99
C PRO F 749 6.30 -87.75 -4.76
N THR F 750 6.81 -88.97 -5.04
CA THR F 750 5.95 -90.02 -5.52
C THR F 750 5.49 -90.82 -4.31
N ILE F 751 4.19 -90.81 -4.06
CA ILE F 751 3.69 -91.47 -2.87
C ILE F 751 2.84 -92.64 -3.34
N SER F 752 3.18 -93.84 -2.84
CA SER F 752 2.46 -95.10 -3.07
C SER F 752 2.38 -95.95 -1.78
N GLY F 753 3.20 -96.98 -1.67
CA GLY F 753 3.09 -97.90 -0.54
C GLY F 753 3.89 -97.39 0.65
N ALA F 754 4.01 -98.25 1.68
CA ALA F 754 4.87 -97.97 2.82
C ALA F 754 6.23 -97.45 2.35
N GLU F 755 6.79 -96.43 3.05
CA GLU F 755 8.05 -95.85 2.64
C GLU F 755 8.51 -94.78 3.64
N VAL F 756 9.84 -94.65 3.76
CA VAL F 756 10.49 -93.60 4.54
C VAL F 756 11.20 -92.71 3.52
N PHE F 757 10.78 -91.45 3.37
CA PHE F 757 11.56 -90.50 2.58
C PHE F 757 12.40 -89.66 3.53
N ASN F 758 13.70 -89.56 3.25
CA ASN F 758 14.56 -88.65 4.00
C ASN F 758 14.75 -87.38 3.18
N PHE F 759 13.98 -86.32 3.51
CA PHE F 759 14.03 -85.09 2.73
C PHE F 759 15.41 -84.45 2.81
N MET F 760 15.97 -84.36 4.03
CA MET F 760 17.29 -83.78 4.15
C MET F 760 17.81 -84.13 5.53
N ALA F 761 19.10 -83.93 5.75
CA ALA F 761 19.66 -84.42 7.00
C ALA F 761 20.94 -83.65 7.33
N ILE F 762 21.32 -83.67 8.61
CA ILE F 762 22.62 -83.26 9.10
C ILE F 762 23.22 -84.52 9.74
N GLY F 763 24.42 -84.90 9.29
CA GLY F 763 25.08 -86.16 9.67
C GLY F 763 24.31 -87.40 9.18
N SER F 764 24.41 -88.49 9.95
CA SER F 764 23.65 -89.70 9.67
C SER F 764 23.52 -90.51 10.95
N GLY F 765 22.76 -91.61 10.86
CA GLY F 765 22.48 -92.42 12.03
C GLY F 765 21.46 -91.74 12.93
N PHE F 766 21.14 -92.38 14.06
CA PHE F 766 20.09 -91.95 14.98
C PHE F 766 20.33 -92.68 16.29
N SER F 767 21.14 -92.05 17.15
CA SER F 767 21.59 -92.67 18.38
C SER F 767 21.95 -91.54 19.33
N ASP F 768 22.29 -91.90 20.57
CA ASP F 768 22.70 -90.96 21.61
C ASP F 768 23.91 -90.14 21.16
N THR F 769 24.70 -90.65 20.22
CA THR F 769 25.90 -89.91 19.84
C THR F 769 26.05 -89.80 18.32
N SER F 770 24.94 -89.98 17.58
CA SER F 770 24.95 -89.79 16.14
C SER F 770 25.09 -88.32 15.74
N ASN F 771 24.72 -87.35 16.60
CA ASN F 771 24.87 -85.93 16.27
C ASN F 771 24.22 -85.60 14.94
N SER F 772 22.94 -85.97 14.78
CA SER F 772 22.29 -86.02 13.48
C SER F 772 20.86 -85.46 13.55
N LEU F 773 20.41 -84.90 12.42
CA LEU F 773 19.03 -84.54 12.23
C LEU F 773 18.60 -85.25 10.96
N HIS F 774 17.32 -85.69 10.91
CA HIS F 774 16.67 -86.11 9.69
C HIS F 774 15.28 -85.47 9.62
N LEU F 775 14.89 -84.98 8.44
CA LEU F 775 13.48 -84.68 8.25
C LEU F 775 12.89 -85.74 7.32
N GLN F 776 11.79 -86.35 7.76
CA GLN F 776 11.30 -87.48 7.00
C GLN F 776 9.81 -87.39 6.78
N LEU F 777 9.38 -87.97 5.66
CA LEU F 777 7.98 -88.33 5.52
C LEU F 777 7.90 -89.86 5.66
N VAL F 778 7.10 -90.36 6.59
CA VAL F 778 6.92 -91.80 6.69
C VAL F 778 5.49 -92.16 6.26
N ILE F 779 5.38 -93.04 5.25
CA ILE F 779 4.10 -93.62 4.86
C ILE F 779 4.02 -95.03 5.45
N ASP F 780 2.85 -95.43 5.96
CA ASP F 780 2.68 -96.83 6.30
C ASP F 780 1.78 -97.54 5.28
N ALA F 781 1.60 -98.87 5.49
CA ALA F 781 0.85 -99.73 4.58
C ALA F 781 -0.53 -99.17 4.25
N SER F 782 -1.24 -98.64 5.27
CA SER F 782 -2.56 -98.04 5.05
C SER F 782 -2.50 -96.63 4.43
N GLY F 783 -1.31 -96.01 4.37
CA GLY F 783 -1.15 -94.72 3.72
C GLY F 783 -1.31 -93.54 4.69
N LYS F 784 -1.18 -93.78 5.99
CA LYS F 784 -1.04 -92.70 6.95
C LYS F 784 0.34 -92.04 6.74
N GLN F 785 0.39 -90.71 6.87
CA GLN F 785 1.64 -89.99 6.71
C GLN F 785 2.01 -89.36 8.04
N THR F 786 3.30 -89.48 8.36
CA THR F 786 3.91 -88.91 9.52
C THR F 786 5.05 -88.04 9.01
N ILE F 787 5.11 -86.79 9.48
CA ILE F 787 6.31 -85.98 9.29
C ILE F 787 7.09 -86.08 10.57
N ALA F 788 8.38 -86.38 10.43
CA ALA F 788 9.19 -86.59 11.60
C ALA F 788 10.51 -85.85 11.44
N LEU F 789 10.91 -85.18 12.53
CA LEU F 789 12.26 -84.73 12.76
C LEU F 789 12.84 -85.67 13.80
N LEU F 790 13.96 -86.33 13.44
CA LEU F 790 14.69 -87.21 14.35
C LEU F 790 15.97 -86.50 14.80
N LEU F 791 16.20 -86.47 16.11
CA LEU F 791 17.36 -85.76 16.63
C LEU F 791 18.10 -86.69 17.57
N GLY F 792 19.42 -86.74 17.40
CA GLY F 792 20.31 -87.58 18.19
C GLY F 792 21.57 -86.81 18.55
N GLY F 793 21.87 -86.76 19.84
CA GLY F 793 23.08 -86.09 20.32
C GLY F 793 22.82 -85.66 21.75
N ASP F 794 23.84 -85.06 22.40
CA ASP F 794 23.76 -84.67 23.80
C ASP F 794 23.41 -85.86 24.70
N GLY F 795 23.91 -87.06 24.35
CA GLY F 795 23.66 -88.28 25.09
C GLY F 795 22.24 -88.84 24.92
N THR F 796 21.48 -88.38 23.91
CA THR F 796 20.06 -88.72 23.91
C THR F 796 19.53 -88.76 22.49
N THR F 797 18.27 -89.15 22.34
CA THR F 797 17.62 -89.03 21.04
C THR F 797 16.22 -88.45 21.23
N GLN F 798 15.62 -87.91 20.16
CA GLN F 798 14.23 -87.52 20.25
C GLN F 798 13.55 -87.68 18.90
N ILE F 799 12.32 -88.19 18.95
CA ILE F 799 11.44 -88.33 17.79
C ILE F 799 10.32 -87.28 17.86
N LEU F 800 10.44 -86.27 16.98
CA LEU F 800 9.46 -85.20 16.88
C LEU F 800 8.57 -85.51 15.68
N SER F 801 7.60 -86.39 15.90
CA SER F 801 6.80 -86.86 14.78
C SER F 801 5.36 -86.36 14.92
N GLY F 802 4.68 -86.19 13.79
CA GLY F 802 3.24 -85.96 13.83
C GLY F 802 2.54 -86.61 12.65
N ASP F 803 1.40 -87.23 12.94
CA ASP F 803 0.62 -87.87 11.90
C ASP F 803 -0.29 -86.80 11.35
N LEU F 804 -0.34 -86.71 10.01
CA LEU F 804 -1.10 -85.68 9.31
C LEU F 804 -2.55 -86.12 9.24
N PRO F 805 -3.53 -85.24 9.50
CA PRO F 805 -4.92 -85.52 9.14
C PRO F 805 -5.02 -85.80 7.64
N ASN F 806 -6.10 -86.46 7.21
CA ASN F 806 -6.36 -86.76 5.80
C ASN F 806 -6.20 -85.57 4.87
N ASP F 807 -6.81 -84.43 5.22
CA ASP F 807 -6.84 -83.28 4.33
C ASP F 807 -5.52 -82.50 4.31
N LEU F 808 -4.54 -82.87 5.14
CA LEU F 808 -3.26 -82.19 5.15
C LEU F 808 -2.17 -83.01 4.46
N LYS F 809 -2.49 -84.26 4.05
CA LYS F 809 -1.47 -85.18 3.53
C LYS F 809 -0.85 -84.66 2.23
N LEU F 810 0.47 -84.85 2.06
CA LEU F 810 1.14 -84.54 0.79
C LEU F 810 0.57 -85.44 -0.31
N GLN F 811 0.33 -84.86 -1.49
CA GLN F 811 -0.23 -85.58 -2.64
C GLN F 811 0.91 -85.90 -3.61
N SER F 812 0.90 -87.15 -4.11
CA SER F 812 1.88 -87.65 -5.08
C SER F 812 1.91 -86.78 -6.34
N GLY F 813 3.12 -86.37 -6.75
CA GLY F 813 3.27 -85.62 -8.01
C GLY F 813 3.05 -84.11 -7.88
N VAL F 814 2.68 -83.62 -6.67
CA VAL F 814 2.50 -82.19 -6.49
C VAL F 814 3.80 -81.63 -5.88
N PRO F 815 4.33 -80.48 -6.37
CA PRO F 815 5.56 -79.93 -5.81
C PRO F 815 5.35 -79.21 -4.46
N TYR F 816 6.23 -79.50 -3.48
CA TYR F 816 6.21 -78.87 -2.18
C TYR F 816 7.52 -78.10 -1.98
N HIS F 817 7.48 -76.91 -1.39
CA HIS F 817 8.68 -76.31 -0.83
C HIS F 817 8.87 -76.81 0.61
N ILE F 818 9.98 -77.50 0.87
CA ILE F 818 10.19 -78.12 2.17
C ILE F 818 11.40 -77.43 2.82
N ALA F 819 11.25 -76.95 4.06
CA ALA F 819 12.33 -76.13 4.61
C ALA F 819 12.55 -76.48 6.07
N ILE F 820 13.79 -76.35 6.53
CA ILE F 820 14.05 -76.56 7.93
C ILE F 820 14.95 -75.42 8.37
N GLY F 821 14.76 -74.96 9.61
CA GLY F 821 15.83 -74.26 10.28
C GLY F 821 16.20 -75.07 11.51
N ALA F 822 17.50 -75.10 11.81
CA ALA F 822 18.02 -75.94 12.86
C ALA F 822 19.26 -75.30 13.44
N LYS F 823 19.22 -75.11 14.76
CA LYS F 823 20.37 -74.67 15.54
C LYS F 823 20.13 -75.18 16.95
N PRO F 824 21.12 -75.05 17.86
CA PRO F 824 20.94 -75.51 19.25
C PRO F 824 19.68 -74.90 19.85
N GLY F 825 18.80 -75.76 20.42
CA GLY F 825 17.62 -75.31 21.16
C GLY F 825 16.49 -74.81 20.25
N TYR F 826 16.59 -74.99 18.91
CA TYR F 826 15.64 -74.34 18.02
C TYR F 826 15.57 -75.02 16.65
N PHE F 827 14.44 -75.72 16.38
CA PHE F 827 14.23 -76.53 15.19
C PHE F 827 12.83 -76.29 14.66
N TRP F 828 12.72 -76.01 13.35
CA TRP F 828 11.39 -75.86 12.76
C TRP F 828 11.41 -76.51 11.40
N TRP F 829 10.22 -76.93 10.95
CA TRP F 829 10.09 -77.41 9.58
C TRP F 829 8.80 -76.87 8.95
N SER F 830 8.83 -76.74 7.61
CA SER F 830 7.69 -76.19 6.88
C SER F 830 7.52 -76.95 5.57
N ILE F 831 6.26 -77.24 5.21
CA ILE F 831 5.99 -77.86 3.92
C ILE F 831 4.86 -77.11 3.24
N LEU F 832 5.20 -76.54 2.06
CA LEU F 832 4.38 -75.58 1.32
C LEU F 832 4.01 -76.14 -0.06
N ASN F 833 2.72 -76.41 -0.27
CA ASN F 833 2.23 -76.82 -1.57
C ASN F 833 2.24 -75.61 -2.51
N ILE F 834 3.07 -75.66 -3.55
CA ILE F 834 3.35 -74.46 -4.32
C ILE F 834 2.25 -74.20 -5.35
N GLN F 835 1.31 -75.15 -5.45
CA GLN F 835 0.18 -74.93 -6.34
C GLN F 835 -1.02 -74.33 -5.62
N THR F 836 -1.18 -74.59 -4.32
CA THR F 836 -2.32 -74.09 -3.56
C THR F 836 -1.93 -72.99 -2.55
N GLY F 837 -0.62 -72.85 -2.29
CA GLY F 837 -0.05 -71.97 -1.27
C GLY F 837 -0.30 -72.44 0.17
N LYS F 838 -0.91 -73.64 0.33
CA LYS F 838 -1.24 -74.21 1.64
C LYS F 838 0.00 -74.81 2.30
N ARG F 839 0.16 -74.51 3.59
CA ARG F 839 1.39 -74.83 4.29
C ARG F 839 1.06 -75.57 5.58
N ILE F 840 1.98 -76.48 5.97
CA ILE F 840 1.98 -77.09 7.28
C ILE F 840 3.38 -76.91 7.84
N ARG F 841 3.50 -77.00 9.17
CA ARG F 841 4.74 -76.65 9.82
C ARG F 841 4.58 -76.99 11.29
N ARG F 842 5.74 -77.09 11.96
CA ARG F 842 5.86 -77.30 13.39
C ARG F 842 7.18 -76.68 13.78
N SER F 843 7.26 -76.19 15.02
CA SER F 843 8.46 -75.56 15.54
C SER F 843 8.68 -76.04 16.98
N PHE F 844 9.95 -76.14 17.41
CA PHE F 844 10.33 -76.88 18.60
C PHE F 844 11.40 -76.10 19.34
N ARG F 845 11.05 -75.62 20.55
CA ARG F 845 11.93 -74.87 21.47
C ARG F 845 11.47 -75.19 22.89
N GLY F 846 12.32 -74.88 23.87
CA GLY F 846 12.00 -75.05 25.29
C GLY F 846 11.68 -76.50 25.69
N ALA F 847 10.51 -76.69 26.31
CA ALA F 847 10.02 -77.94 26.89
C ALA F 847 9.71 -78.93 25.76
N TYR F 848 9.74 -78.45 24.51
CA TYR F 848 9.44 -79.35 23.41
C TYR F 848 10.67 -80.18 23.05
N LEU F 849 11.83 -79.77 23.57
CA LEU F 849 13.08 -80.43 23.26
C LEU F 849 13.58 -81.11 24.52
N ALA F 850 14.00 -82.39 24.41
CA ALA F 850 14.57 -83.09 25.56
C ALA F 850 15.85 -82.39 26.04
N VAL F 851 16.66 -81.88 25.10
CA VAL F 851 17.96 -81.24 25.33
C VAL F 851 18.15 -80.27 24.16
N PRO F 852 19.11 -79.31 24.23
CA PRO F 852 19.35 -78.38 23.11
C PRO F 852 19.82 -79.10 21.85
N PHE F 853 20.39 -80.30 22.03
CA PHE F 853 21.14 -80.99 20.97
C PHE F 853 22.32 -80.17 20.46
N ASN F 854 23.11 -79.62 21.38
CA ASN F 854 24.31 -78.88 21.01
C ASN F 854 25.20 -79.68 20.06
N SER F 855 25.38 -80.99 20.34
CA SER F 855 26.44 -81.76 19.68
C SER F 855 26.14 -81.98 18.19
N ILE F 856 24.88 -81.81 17.78
CA ILE F 856 24.52 -81.79 16.38
C ILE F 856 25.32 -80.71 15.65
N PHE F 857 25.85 -79.69 16.38
CA PHE F 857 26.33 -78.44 15.80
C PHE F 857 27.77 -78.15 16.21
N GLY F 858 28.52 -79.21 16.52
CA GLY F 858 29.93 -79.01 16.82
C GLY F 858 30.85 -79.29 15.63
N LEU F 859 30.39 -78.93 14.41
CA LEU F 859 31.30 -78.86 13.26
C LEU F 859 31.82 -80.25 12.90
N THR F 860 30.95 -81.27 12.96
CA THR F 860 31.38 -82.62 12.68
C THR F 860 30.38 -83.30 11.76
N SER F 861 29.17 -82.72 11.60
CA SER F 861 28.07 -83.40 10.91
C SER F 861 27.63 -82.62 9.66
N SER F 862 27.68 -83.28 8.51
CA SER F 862 27.62 -82.58 7.24
C SER F 862 26.19 -82.64 6.66
N LEU F 863 25.90 -81.77 5.67
CA LEU F 863 24.55 -81.57 5.17
C LEU F 863 24.25 -82.43 3.94
N THR F 864 23.02 -82.95 3.87
CA THR F 864 22.64 -83.79 2.73
C THR F 864 21.18 -83.53 2.39
N PHE F 865 20.95 -83.42 1.06
CA PHE F 865 19.62 -83.41 0.48
C PHE F 865 19.25 -84.79 -0.06
N PHE F 866 18.01 -85.22 0.26
CA PHE F 866 17.30 -86.36 -0.31
C PHE F 866 17.78 -87.68 0.29
N SER F 867 18.78 -87.61 1.16
CA SER F 867 19.21 -88.74 1.97
C SER F 867 20.01 -88.21 3.15
N ASP F 868 20.75 -89.09 3.87
CA ASP F 868 21.77 -88.66 4.80
C ASP F 868 23.17 -88.97 4.24
N SER F 869 24.21 -88.64 5.01
CA SER F 869 25.59 -88.77 4.55
C SER F 869 26.13 -90.20 4.69
N ASN F 870 25.25 -91.19 4.76
CA ASN F 870 25.72 -92.56 4.88
C ASN F 870 25.19 -93.38 3.71
N ALA F 871 26.05 -94.23 3.14
CA ALA F 871 25.66 -95.13 2.06
C ALA F 871 24.36 -95.89 2.37
N GLY F 872 24.11 -96.19 3.65
CA GLY F 872 23.01 -97.09 4.00
C GLY F 872 21.66 -96.39 4.22
N GLY F 873 21.67 -95.04 4.28
CA GLY F 873 20.50 -94.19 4.56
C GLY F 873 19.39 -94.31 3.51
N ASP F 874 18.12 -94.26 3.96
CA ASP F 874 17.02 -94.21 3.00
C ASP F 874 17.16 -92.92 2.18
N ALA F 875 16.51 -92.90 1.00
CA ALA F 875 16.56 -91.74 0.12
C ALA F 875 15.15 -91.18 -0.10
N CYS F 876 14.83 -90.73 -1.33
CA CYS F 876 13.50 -90.24 -1.65
C CYS F 876 12.96 -90.90 -2.91
N SER F 877 11.64 -90.80 -3.16
CA SER F 877 11.00 -91.07 -4.45
C SER F 877 10.36 -89.80 -5.01
N GLY F 878 10.81 -89.40 -6.19
CA GLY F 878 10.18 -88.34 -6.94
C GLY F 878 11.21 -87.48 -7.64
N VAL F 879 11.01 -86.16 -7.62
CA VAL F 879 11.98 -85.24 -8.23
C VAL F 879 12.35 -84.16 -7.21
N GLY F 880 13.62 -83.73 -7.25
CA GLY F 880 14.15 -82.65 -6.43
C GLY F 880 14.68 -81.47 -7.26
N ALA F 881 14.55 -80.25 -6.70
CA ALA F 881 14.90 -79.03 -7.43
C ALA F 881 15.13 -77.86 -6.46
N LYS F 882 15.95 -76.89 -6.88
CA LYS F 882 16.13 -75.61 -6.21
C LYS F 882 16.59 -75.86 -4.78
N VAL F 883 17.74 -76.49 -4.67
CA VAL F 883 18.32 -76.79 -3.38
C VAL F 883 18.98 -75.54 -2.80
N TYR F 884 18.65 -75.21 -1.53
CA TYR F 884 19.13 -74.02 -0.84
C TYR F 884 19.74 -74.37 0.51
N VAL F 885 20.95 -73.87 0.76
CA VAL F 885 21.61 -73.91 2.06
C VAL F 885 21.92 -72.46 2.45
N GLY F 886 21.54 -72.11 3.69
CA GLY F 886 21.89 -70.82 4.25
C GLY F 886 22.19 -70.97 5.73
N MET F 887 22.78 -69.91 6.28
CA MET F 887 22.81 -69.71 7.72
C MET F 887 21.39 -69.57 8.29
N PHE F 888 21.31 -69.66 9.62
CA PHE F 888 20.04 -69.87 10.32
C PHE F 888 19.11 -68.69 10.05
N SER F 889 17.87 -69.02 9.62
CA SER F 889 16.74 -68.12 9.48
C SER F 889 15.63 -68.60 10.40
N SER F 890 14.96 -67.63 11.05
CA SER F 890 13.74 -67.90 11.82
C SER F 890 12.63 -68.39 10.87
N GLU F 891 11.62 -69.08 11.41
CA GLU F 891 10.46 -69.35 10.56
C GLU F 891 9.83 -68.01 10.15
N ASN F 892 10.03 -66.98 11.01
CA ASN F 892 9.63 -65.60 10.77
C ASN F 892 10.09 -65.12 9.38
N ASP F 893 11.43 -65.09 9.18
CA ASP F 893 12.04 -64.70 7.91
C ASP F 893 11.68 -65.68 6.79
N TYR F 894 11.59 -66.97 7.12
CA TYR F 894 11.29 -67.91 6.06
C TYR F 894 9.93 -67.53 5.46
N VAL F 895 8.91 -67.36 6.32
CA VAL F 895 7.54 -67.07 5.87
C VAL F 895 7.53 -65.70 5.16
N ALA F 896 8.27 -64.74 5.72
CA ALA F 896 8.30 -63.40 5.13
C ALA F 896 8.76 -63.51 3.67
N SER F 897 9.87 -64.23 3.44
CA SER F 897 10.47 -64.41 2.12
C SER F 897 9.49 -65.07 1.14
N ARG F 898 8.59 -65.95 1.64
CA ARG F 898 7.64 -66.65 0.78
C ARG F 898 6.62 -65.67 0.18
N TYR F 899 6.38 -64.52 0.81
CA TYR F 899 5.57 -63.50 0.17
C TYR F 899 6.21 -62.96 -1.12
N TYR F 900 7.55 -63.01 -1.23
CA TYR F 900 8.19 -62.65 -2.49
C TYR F 900 7.96 -63.73 -3.57
N ASN F 901 8.14 -65.00 -3.20
CA ASN F 901 8.14 -66.10 -4.16
C ASN F 901 8.12 -67.39 -3.36
N LEU F 902 7.26 -68.36 -3.75
CA LEU F 902 7.14 -69.59 -2.94
C LEU F 902 8.41 -70.46 -2.90
N ILE F 903 9.31 -70.37 -3.90
CA ILE F 903 10.33 -71.42 -4.03
C ILE F 903 11.75 -70.85 -4.08
N ASN F 904 11.91 -69.53 -3.95
CA ASN F 904 13.25 -68.99 -4.16
C ASN F 904 14.08 -69.14 -2.89
N PRO F 905 15.40 -68.83 -2.92
CA PRO F 905 16.21 -68.77 -1.70
C PRO F 905 15.55 -67.91 -0.63
N VAL F 906 15.82 -68.27 0.63
CA VAL F 906 15.24 -67.62 1.80
C VAL F 906 15.89 -66.24 2.01
N ASP F 907 17.21 -66.17 2.08
CA ASP F 907 17.78 -64.89 2.47
C ASP F 907 19.12 -64.71 1.77
N PRO F 908 19.18 -63.84 0.72
CA PRO F 908 20.41 -63.62 -0.04
C PRO F 908 21.62 -63.26 0.80
N THR F 909 21.42 -62.66 1.99
CA THR F 909 22.60 -62.23 2.77
C THR F 909 23.18 -63.43 3.55
N LYS F 910 22.42 -64.54 3.61
CA LYS F 910 22.83 -65.73 4.38
C LYS F 910 23.06 -66.92 3.44
N LEU F 911 22.82 -66.73 2.13
CA LEU F 911 22.91 -67.82 1.14
C LEU F 911 24.34 -68.38 1.09
N ILE F 912 24.46 -69.72 1.22
CA ILE F 912 25.72 -70.47 1.19
C ILE F 912 25.78 -71.31 -0.10
N SER F 913 24.63 -71.86 -0.52
CA SER F 913 24.53 -72.59 -1.79
C SER F 913 23.12 -72.41 -2.32
N TYR F 914 23.01 -72.31 -3.65
CA TYR F 914 21.70 -72.46 -4.25
C TYR F 914 21.92 -73.18 -5.59
N ARG F 915 21.19 -74.29 -5.87
CA ARG F 915 21.41 -75.09 -7.08
C ARG F 915 20.05 -75.52 -7.63
N ILE F 916 19.79 -75.14 -8.89
CA ILE F 916 18.48 -75.29 -9.50
C ILE F 916 18.19 -76.77 -9.78
N LEU F 917 19.21 -77.47 -10.30
CA LEU F 917 19.17 -78.87 -10.72
C LEU F 917 18.32 -79.12 -11.98
N ASP F 918 18.27 -78.11 -12.87
CA ASP F 918 17.67 -78.25 -14.19
C ASP F 918 18.72 -78.81 -15.15
N SER F 919 18.95 -80.13 -15.07
CA SER F 919 19.81 -80.90 -15.97
C SER F 919 21.29 -80.64 -15.72
N SER F 920 21.61 -80.16 -14.51
CA SER F 920 22.98 -79.82 -14.19
C SER F 920 23.15 -79.70 -12.67
N ILE F 921 24.34 -80.06 -12.16
CA ILE F 921 24.79 -79.67 -10.83
C ILE F 921 25.89 -78.60 -10.99
C1 GOL G . -6.52 16.82 -11.47
O1 GOL G . -6.91 16.22 -12.72
C2 GOL G . -6.78 15.99 -10.21
O2 GOL G . -5.92 14.86 -10.30
C3 GOL G . -6.57 16.79 -8.91
O3 GOL G . -6.88 16.08 -7.70
C1 GOL H . 13.97 17.51 -11.38
O1 GOL H . 15.30 18.01 -11.40
C2 GOL H . 13.92 16.15 -10.73
O2 GOL H . 14.36 16.38 -9.40
C3 GOL H . 12.51 15.53 -10.75
O3 GOL H . 12.49 14.22 -10.16
C1 GOL I . -5.69 -2.25 -27.42
O1 GOL I . -4.78 -1.20 -27.76
C2 GOL I . -5.37 -2.94 -26.11
O2 GOL I . -4.81 -2.23 -25.01
C3 GOL I . -6.63 -3.56 -25.58
O3 GOL I . -6.58 -4.83 -26.19
C1 GOL J . 20.31 31.96 -44.90
O1 GOL J . 19.30 31.80 -43.91
C2 GOL J . 21.66 31.52 -44.39
O2 GOL J . 21.70 30.08 -44.37
C3 GOL J . 22.87 32.12 -45.11
O3 GOL J . 22.80 33.54 -45.28
C1 GOL K . -3.10 40.74 -53.02
O1 GOL K . -4.50 40.58 -52.72
C2 GOL K . -2.69 42.07 -53.63
O2 GOL K . -1.69 42.76 -52.83
C3 GOL K . -2.21 41.80 -55.03
O3 GOL K . -0.87 41.34 -54.96
C1 GOL L . -2.71 -9.25 8.00
O1 GOL L . -3.83 -10.01 8.44
C2 GOL L . -1.88 -10.02 6.99
O2 GOL L . -2.45 -9.99 5.68
C3 GOL L . -0.44 -9.57 6.92
O3 GOL L . -0.14 -9.19 5.58
C1 GOL M . 8.97 -1.68 -9.87
O1 GOL M . 9.62 -2.57 -10.78
C2 GOL M . 9.54 -1.85 -8.48
O2 GOL M . 10.85 -1.28 -8.44
C3 GOL M . 8.63 -1.25 -7.44
O3 GOL M . 8.97 -1.64 -6.12
C1 GOL N . -6.02 27.32 -36.93
O1 GOL N . -5.10 28.42 -36.86
C2 GOL N . -5.42 26.06 -37.53
O2 GOL N . -5.90 25.79 -38.84
C3 GOL N . -5.55 24.79 -36.67
O3 GOL N . -4.30 24.27 -36.18
C1 GOL O . -29.06 8.37 -20.97
O1 GOL O . -29.44 8.88 -19.69
C2 GOL O . -28.12 9.38 -21.55
O2 GOL O . -27.14 9.55 -20.53
C3 GOL O . -27.52 8.99 -22.87
O3 GOL O . -27.58 7.57 -23.02
C1 GOL P . 27.12 35.07 -22.03
O1 GOL P . 28.04 34.02 -22.33
C2 GOL P . 25.68 34.59 -22.07
O2 GOL P . 25.60 33.19 -21.80
C3 GOL P . 24.82 35.34 -21.10
O3 GOL P . 23.81 36.10 -21.76
C1 GOL Q . -6.12 15.41 -41.35
O1 GOL Q . -5.33 16.56 -41.01
C2 GOL Q . -5.66 14.09 -40.70
O2 GOL Q . -4.24 14.07 -40.66
C3 GOL Q . -6.15 12.76 -41.29
O3 GOL Q . -5.35 11.60 -40.93
C1 GOL R . 21.39 59.35 -35.70
O1 GOL R . 21.49 58.42 -36.83
C2 GOL R . 22.67 60.18 -35.50
O2 GOL R . 22.67 61.06 -34.37
C3 GOL R . 23.95 59.40 -35.50
O3 GOL R . 23.81 58.13 -34.88
C1 GOL S . 20.87 18.07 -19.32
O1 GOL S . 20.10 16.91 -19.10
C2 GOL S . 22.09 17.53 -19.99
O2 GOL S . 22.25 18.23 -21.24
C3 GOL S . 23.24 17.51 -19.02
O3 GOL S . 24.44 17.04 -19.60
C1 GOL T . 18.17 20.66 -36.16
O1 GOL T . 18.33 21.49 -37.32
C2 GOL T . 19.37 20.72 -35.24
O2 GOL T . 19.69 22.09 -35.00
C3 GOL T . 19.14 20.06 -33.89
O3 GOL T . 19.60 18.72 -33.81
C1 GOL U . 25.49 29.61 -25.27
O1 GOL U . 25.23 30.51 -24.20
C2 GOL U . 24.81 28.29 -24.96
O2 GOL U . 23.40 28.44 -25.04
C3 GOL U . 25.25 27.12 -25.81
O3 GOL U . 24.24 26.11 -25.70
C1 GOL V . -4.00 22.08 -43.45
O1 GOL V . -5.40 21.85 -43.38
C2 GOL V . -3.71 23.47 -43.96
O2 GOL V . -4.78 24.34 -43.59
C3 GOL V . -2.45 23.97 -43.32
O3 GOL V . -1.48 24.36 -44.28
C1 GOL W . -22.16 5.31 -25.89
O1 GOL W . -21.31 5.77 -26.94
C2 GOL W . -21.69 5.82 -24.54
O2 GOL W . -22.05 7.18 -24.39
C3 GOL W . -22.26 5.03 -23.39
O3 GOL W . -21.83 3.68 -23.49
C1 GOL X . 1.65 89.99 -71.12
O1 GOL X . 2.88 90.56 -71.53
C2 GOL X . 0.54 90.94 -71.42
O2 GOL X . -0.29 90.35 -72.42
C3 GOL X . -0.27 91.26 -70.19
O3 GOL X . -1.32 92.14 -70.56
C1 GOL Y . -24.13 13.00 -26.39
O1 GOL Y . -24.66 11.74 -26.80
C2 GOL Y . -24.55 13.36 -24.98
O2 GOL Y . -25.03 12.21 -24.27
C3 GOL Y . -23.44 14.04 -24.19
O3 GOL Y . -22.57 14.77 -25.05
C1 GOL Z . -2.20 1.67 -33.98
O1 GOL Z . -0.89 1.24 -33.60
C2 GOL Z . -2.53 1.62 -35.45
O2 GOL Z . -3.85 1.08 -35.57
C3 GOL Z . -2.45 2.96 -36.17
O3 GOL Z . -3.49 3.20 -37.16
C1 GOL AA . 14.40 10.13 -39.72
O1 GOL AA . 13.05 10.19 -40.18
C2 GOL AA . 14.84 11.49 -39.21
O2 GOL AA . 16.23 11.49 -38.88
C3 GOL AA . 14.50 12.60 -40.18
O3 GOL AA . 15.12 13.84 -39.86
C1 GOL BA . 2.22 -23.47 -9.84
O1 GOL BA . 2.70 -24.77 -10.17
C2 GOL BA . 3.38 -22.50 -9.82
O2 GOL BA . 4.25 -22.79 -8.73
C3 GOL BA . 4.13 -22.51 -11.14
O3 GOL BA . 4.75 -21.26 -11.45
C1 GOL CA . -24.14 -9.20 -15.09
O1 GOL CA . -25.53 -8.93 -15.01
C2 GOL CA . -23.41 -9.02 -13.76
O2 GOL CA . -24.26 -8.67 -12.66
C3 GOL CA . -22.35 -10.10 -13.49
O3 GOL CA . -22.52 -10.81 -12.26
C1 GOL DA . 7.64 -0.61 -0.29
O1 GOL DA . 6.79 -1.48 0.45
C2 GOL DA . 6.89 0.64 -0.69
O2 GOL DA . 6.77 1.53 0.43
C3 GOL DA . 7.44 1.31 -1.94
O3 GOL DA . 8.15 0.42 -2.81
S SO4 EA . 14.61 3.18 -19.40
O1 SO4 EA . 14.63 3.22 -20.82
O2 SO4 EA . 15.97 2.84 -18.97
O3 SO4 EA . 13.66 2.22 -18.91
O4 SO4 EA . 14.19 4.46 -18.90
S SO4 FA . -12.70 -21.57 -16.48
O1 SO4 FA . -13.46 -21.67 -17.71
O2 SO4 FA . -11.38 -22.10 -16.72
O3 SO4 FA . -13.43 -22.37 -15.45
O4 SO4 FA . -12.50 -20.19 -16.14
S SO4 GA . 5.95 62.49 -69.97
O1 SO4 GA . 7.42 62.65 -70.15
O2 SO4 GA . 5.30 62.68 -71.23
O3 SO4 GA . 5.61 61.17 -69.53
O4 SO4 GA . 5.42 63.46 -69.03
CL CL HA . 3.32 34.34 -19.11
CL CL IA . 1.73 76.63 -58.15
CL CL JA . -1.35 -16.34 2.17
C CO3 KA . -15.34 1.67 5.02
O1 CO3 KA . -15.75 2.71 4.31
O2 CO3 KA . -16.09 0.65 5.16
O3 CO3 KA . -14.18 1.66 5.57
S SO4 LA . 2.71 50.27 -33.93
O1 SO4 LA . 3.25 50.25 -35.26
O2 SO4 LA . 2.17 51.60 -33.74
O3 SO4 LA . 3.73 50.04 -32.96
O4 SO4 LA . 1.69 49.28 -33.75
C1 GOL MA . -9.80 22.56 -32.22
O1 GOL MA . -11.11 22.11 -31.90
C2 GOL MA . -9.47 22.16 -33.64
O2 GOL MA . -10.66 22.18 -34.41
C3 GOL MA . -8.43 23.04 -34.28
O3 GOL MA . -8.00 24.01 -33.33
S SO4 NA . -17.26 14.88 -24.67
O1 SO4 NA . -16.56 15.97 -25.30
O2 SO4 NA . -16.56 13.65 -24.80
O3 SO4 NA . -18.61 14.70 -25.20
O4 SO4 NA . -17.32 15.20 -23.27
C1 EDO OA . 8.12 -15.57 -19.22
O1 EDO OA . 8.62 -16.90 -19.20
C2 EDO OA . 6.94 -15.40 -20.03
O2 EDO OA . 7.28 -14.55 -21.09
S SO4 PA . 28.79 20.84 -19.33
O1 SO4 PA . 29.83 20.31 -20.20
O2 SO4 PA . 28.36 22.16 -19.72
O3 SO4 PA . 29.20 20.75 -17.97
O4 SO4 PA . 27.60 20.05 -19.51
C1 GOL QA . 4.20 39.38 4.43
O1 GOL QA . 5.29 38.49 4.47
C2 GOL QA . 4.63 40.48 5.35
O2 GOL QA . 4.90 41.63 4.56
C3 GOL QA . 3.74 40.61 6.56
O3 GOL QA . 3.70 41.96 6.99
C1 GOL RA . 35.14 21.48 0.95
O1 GOL RA . 36.36 21.71 1.67
C2 GOL RA . 34.38 22.76 0.71
O2 GOL RA . 33.78 23.24 1.92
C3 GOL RA . 35.25 23.87 0.15
O3 GOL RA . 34.55 25.11 0.07
C1 GOL SA . 27.33 46.82 -20.87
O1 GOL SA . 27.49 47.44 -19.59
C2 GOL SA . 28.47 45.87 -21.17
O2 GOL SA . 29.65 46.61 -21.45
C3 GOL SA . 28.70 44.87 -20.06
O3 GOL SA . 29.97 44.21 -20.14
C1 GOL TA . 36.87 -8.16 -10.17
O1 GOL TA . 35.54 -8.51 -9.82
C2 GOL TA . 37.20 -7.06 -9.21
O2 GOL TA . 36.43 -7.37 -8.05
C3 GOL TA . 38.67 -6.84 -8.90
O3 GOL TA . 38.83 -5.61 -8.18
C1 GOL UA . 1.80 59.88 -40.73
O1 GOL UA . 0.51 59.64 -40.16
C2 GOL UA . 2.37 58.64 -41.39
O2 GOL UA . 2.80 57.71 -40.38
C3 GOL UA . 1.42 57.98 -42.38
O3 GOL UA . 2.00 56.85 -43.04
C1 GOL VA . 32.67 21.24 20.58
O1 GOL VA . 31.55 21.01 21.43
C2 GOL VA . 32.23 21.86 19.28
O2 GOL VA . 31.52 23.05 19.58
C3 GOL VA . 33.37 22.23 18.36
O3 GOL VA . 34.22 21.11 18.13
C1 GOL WA . 33.55 39.55 -12.84
O1 GOL WA . 34.86 39.05 -12.47
C2 GOL WA . 33.39 40.08 -14.27
O2 GOL WA . 33.53 39.14 -15.32
C3 GOL WA . 32.00 40.50 -14.58
O3 GOL WA . 31.91 40.59 -16.01
C1 GOL XA . -7.11 49.19 -6.22
O1 GOL XA . -6.60 48.36 -7.24
C2 GOL XA . -6.17 49.11 -5.05
O2 GOL XA . -5.99 47.75 -4.72
C3 GOL XA . -6.60 49.92 -3.85
O3 GOL XA . -5.49 50.05 -2.97
C1 GOL YA . 47.70 8.63 8.35
O1 GOL YA . 48.70 8.97 7.39
C2 GOL YA . 47.10 7.28 8.03
O2 GOL YA . 47.95 6.25 8.53
C3 GOL YA . 45.69 7.09 8.58
O3 GOL YA . 45.44 5.71 8.84
C1 GOL ZA . 10.84 92.77 -77.86
O1 GOL ZA . 11.07 91.81 -78.88
C2 GOL ZA . 9.49 93.40 -78.08
O2 GOL ZA . 8.51 92.42 -78.48
C3 GOL ZA . 9.05 94.30 -76.92
O3 GOL ZA . 7.69 94.69 -77.03
C1 GOL AB . 40.49 1.46 -3.44
O1 GOL AB . 41.62 2.26 -3.80
C2 GOL AB . 39.75 0.98 -4.69
O2 GOL AB . 40.62 0.34 -5.60
C3 GOL AB . 38.54 0.12 -4.38
O3 GOL AB . 38.59 -1.15 -5.03
C1 GOL BB . 43.48 5.62 -7.37
O1 GOL BB . 42.68 6.76 -7.70
C2 GOL BB . 42.85 4.35 -7.92
O2 GOL BB . 43.09 4.23 -9.31
C3 GOL BB . 43.30 3.08 -7.21
O3 GOL BB . 42.55 1.95 -7.67
C1 GOL CB . 11.17 15.21 13.07
O1 GOL CB . 11.17 14.29 11.96
C2 GOL CB . 9.80 15.49 13.71
O2 GOL CB . 9.37 14.46 14.61
C3 GOL CB . 9.59 16.86 14.33
O3 GOL CB . 10.12 16.98 15.66
C1 GOL DB . 29.34 4.48 24.28
O1 GOL DB . 29.88 3.41 23.52
C2 GOL DB . 29.93 5.79 23.82
O2 GOL DB . 28.89 6.74 23.87
C3 GOL DB . 31.14 6.26 24.61
O3 GOL DB . 31.74 7.43 24.04
C1 GOL EB . 19.05 6.51 15.61
O1 GOL EB . 18.87 6.86 14.24
C2 GOL EB . 19.66 5.12 15.81
O2 GOL EB . 18.70 4.05 15.69
C3 GOL EB . 20.85 4.83 14.92
O3 GOL EB . 21.97 5.57 15.34
C1 GOL FB . 13.97 3.31 13.88
O1 GOL FB . 13.70 1.99 13.43
C2 GOL FB . 15.39 3.40 14.39
O2 GOL FB . 16.05 4.57 13.88
C3 GOL FB . 15.49 3.35 15.90
O3 GOL FB . 16.33 4.39 16.40
S SO4 GB . 16.78 31.43 10.98
O1 SO4 GB . 17.22 32.72 10.53
O2 SO4 GB . 15.94 30.85 9.98
O3 SO4 GB . 16.08 31.68 12.26
O4 SO4 GB . 17.92 30.56 11.19
S SO4 HB . 15.54 83.75 -47.56
O1 SO4 HB . 16.16 84.69 -48.44
O2 SO4 HB . 14.58 82.97 -48.32
O3 SO4 HB . 16.55 82.90 -47.01
O4 SO4 HB . 14.88 84.48 -46.50
S SO4 IB . 43.42 5.18 11.76
O1 SO4 IB . 44.64 5.83 11.35
O2 SO4 IB . 42.34 5.44 10.83
O3 SO4 IB . 43.67 3.74 11.97
O4 SO4 IB . 43.00 5.77 13.01
CL CL JB . 10.02 11.47 11.15
C1 EDO KB . 4.24 14.81 -1.11
O1 EDO KB . 3.06 14.13 -1.52
C2 EDO KB . 3.86 15.94 -0.23
O2 EDO KB . 4.48 17.22 -0.45
C1 GOL LB . -18.72 66.36 -21.67
O1 GOL LB . -17.94 65.97 -22.81
C2 GOL LB . -17.86 66.54 -20.44
O2 GOL LB . -16.58 67.08 -20.79
C3 GOL LB . -18.53 67.33 -19.33
O3 GOL LB . -19.78 66.75 -18.96
S SO4 MB . -1.22 44.70 7.41
O1 SO4 MB . -0.22 43.68 7.56
O2 SO4 MB . -1.30 45.10 5.99
O3 SO4 MB . -2.46 44.16 7.87
O4 SO4 MB . -0.85 45.88 8.20
C1 GOL NB . 5.07 27.49 2.25
O1 GOL NB . 5.39 26.56 3.29
C2 GOL NB . 3.61 27.94 2.10
O2 GOL NB . 2.76 27.63 3.17
C3 GOL NB . 3.39 29.34 1.54
O3 GOL NB . 2.30 30.10 2.08
C1 GOL OB . -16.42 16.90 -18.25
O1 GOL OB . -17.49 16.63 -19.17
C2 GOL OB . -15.81 18.26 -18.52
O2 GOL OB . -16.85 19.23 -18.36
C3 GOL OB . -14.58 18.52 -17.67
O3 GOL OB . -14.89 18.50 -16.30
C1 GOL PB . -17.84 34.48 13.11
O1 GOL PB . -18.46 34.45 11.84
C2 GOL PB . -17.82 33.12 13.73
O2 GOL PB . -17.13 32.10 13.02
C3 GOL PB . -17.17 33.22 15.08
O3 GOL PB . -18.31 33.56 15.85
C1 GOL QB . -13.23 66.10 -28.49
O1 GOL QB . -14.35 65.35 -28.94
C2 GOL QB . -12.12 65.14 -28.11
O2 GOL QB . -11.38 64.57 -29.22
C3 GOL QB . -11.28 65.67 -26.96
O3 GOL QB . -11.89 65.26 -25.73
C1 GOL RB . -13.25 24.67 -29.05
O1 GOL RB . -12.65 24.00 -30.15
C2 GOL RB . -14.71 24.28 -28.92
O2 GOL RB . -14.96 23.14 -29.73
C3 GOL RB . -15.18 24.00 -27.51
O3 GOL RB . -16.53 23.55 -27.61
C1 GOL SB . -4.77 31.81 32.26
O1 GOL SB . -4.09 30.82 33.03
C2 GOL SB . -4.06 33.14 32.33
O2 GOL SB . -4.96 34.20 31.97
C3 GOL SB . -2.78 33.17 31.52
O3 GOL SB . -1.62 33.04 32.35
C1 GOL TB . 4.59 95.33 -57.78
O1 GOL TB . 5.08 94.37 -56.84
C2 GOL TB . 3.17 95.02 -58.21
O2 GOL TB . 3.19 93.99 -59.20
C3 GOL TB . 2.22 94.60 -57.09
O3 GOL TB . 1.06 93.91 -57.57
C1 GOL UB . -20.51 30.47 34.48
O1 GOL UB . -20.44 31.79 33.93
C2 GOL UB . -19.16 30.10 35.04
O2 GOL UB . -18.20 30.98 34.45
C3 GOL UB . -18.74 28.68 34.76
O3 GOL UB . -17.33 28.51 34.94
C1 GOL VB . -10.99 9.97 40.32
O1 GOL VB . -12.33 10.44 40.46
C2 GOL VB . -10.03 11.08 40.67
O2 GOL VB . -10.25 11.54 42.00
C3 GOL VB . -8.57 10.75 40.43
O3 GOL VB . -7.79 11.92 40.62
C1 GOL WB . 7.42 33.59 35.86
O1 GOL WB . 8.41 32.79 35.22
C2 GOL WB . 6.04 33.34 35.28
O2 GOL WB . 5.99 31.97 34.87
C3 GOL WB . 4.89 33.61 36.23
O3 GOL WB . 3.69 33.97 35.54
C1 GOL XB . -7.36 6.78 7.83
O1 GOL XB . -7.76 5.91 6.79
C2 GOL XB . -6.74 8.02 7.22
O2 GOL XB . -7.70 9.03 6.89
C3 GOL XB . -5.47 8.50 7.89
O3 GOL XB . -4.51 7.44 7.89
C1 GOL YB . -20.15 25.31 5.78
O1 GOL YB . -19.53 25.65 4.55
C2 GOL YB . -20.83 23.96 5.70
O2 GOL YB . -19.96 22.99 5.10
C3 GOL YB . -21.31 23.47 7.04
O3 GOL YB . -22.43 22.61 6.83
C1 GOL ZB . -3.10 44.49 18.70
O1 GOL ZB . -3.99 43.35 18.65
C2 GOL ZB . -3.29 45.31 17.45
O2 GOL ZB . -3.57 44.39 16.40
C3 GOL ZB . -4.44 46.30 17.58
O3 GOL ZB . -5.38 46.11 16.54
C1 GOL AC . -15.78 52.16 -11.84
O1 GOL AC . -16.14 52.39 -13.19
C2 GOL AC . -15.98 53.39 -10.97
O2 GOL AC . -15.96 53.02 -9.58
C3 GOL AC . -14.96 54.47 -11.25
O3 GOL AC . -13.63 53.97 -11.14
C1 GOL BC . -29.72 44.57 -20.13
O1 GOL BC . -28.46 44.66 -19.47
C2 GOL BC . -30.58 43.40 -19.65
O2 GOL BC . -30.04 42.12 -19.98
C3 GOL BC . -31.08 43.47 -18.21
O3 GOL BC . -32.31 44.21 -18.16
C1 GOL CC . -19.28 48.14 -2.98
O1 GOL CC . -20.53 48.12 -3.71
C2 GOL CC . -18.47 49.43 -3.15
O2 GOL CC . -17.44 49.59 -2.19
C3 GOL CC . -17.75 49.60 -4.47
O3 GOL CC . -16.48 50.18 -4.21
C1 GOL DC . -24.41 28.25 -13.81
O1 GOL DC . -24.81 27.20 -12.92
C2 GOL DC . -22.92 28.25 -14.07
O2 GOL DC . -22.55 27.12 -14.87
C3 GOL DC . -22.07 28.23 -12.81
O3 GOL DC . -21.48 29.49 -12.53
C1 GOL EC . -23.47 40.66 5.06
O1 GOL EC . -23.07 41.96 5.47
C2 GOL EC . -22.67 39.62 5.80
O2 GOL EC . -22.21 40.13 7.06
C3 GOL EC . -23.40 38.32 6.02
O3 GOL EC . -22.48 37.25 6.18
C1 GOL FC . -27.54 40.51 -24.47
O1 GOL FC . -28.79 40.83 -25.10
C2 GOL FC . -26.37 40.92 -25.36
O2 GOL FC . -26.48 40.10 -26.53
C3 GOL FC . -24.98 40.94 -24.67
O3 GOL FC . -25.00 40.06 -23.54
C1 GOL GC . -9.25 8.71 20.53
O1 GOL GC . -9.25 9.99 21.09
C2 GOL GC . -8.16 8.73 19.53
O2 GOL GC . -7.40 7.57 19.84
C3 GOL GC . -8.74 8.71 18.13
O3 GOL GC . -7.91 9.39 17.20
S SO4 HC . -20.31 17.77 -2.46
O1 SO4 HC . -19.06 18.34 -2.85
O2 SO4 HC . -21.42 18.45 -3.09
O3 SO4 HC . -20.37 17.89 -1.02
O4 SO4 HC . -20.46 16.40 -2.85
S SO4 IC . -17.93 24.82 34.37
O1 SO4 IC . -17.03 24.97 33.25
O2 SO4 IC . -18.97 23.83 34.05
O3 SO4 IC . -17.23 24.40 35.62
O4 SO4 IC . -18.54 26.11 34.60
S SO4 JC . -16.21 78.15 -52.32
O1 SO4 JC . -14.79 77.83 -52.46
O2 SO4 JC . -16.49 79.26 -53.16
O3 SO4 JC . -16.48 78.48 -50.94
O4 SO4 JC . -17.10 77.08 -52.73
C1 EDO KC . 3.57 7.68 23.29
O1 EDO KC . 4.22 8.14 22.12
C2 EDO KC . 3.31 8.95 23.94
O2 EDO KC . 3.52 9.91 22.92
C1 EDO LC . -27.87 16.71 15.83
O1 EDO LC . -26.93 16.91 16.88
C2 EDO LC . -28.16 18.09 15.46
O2 EDO LC . -27.22 18.73 16.32
C1 EDO MC . 3.23 47.04 19.09
O1 EDO MC . 2.16 47.69 19.72
C2 EDO MC . 4.23 46.68 20.14
O2 EDO MC . 5.50 46.92 19.58
C1 GOL NC . 25.18 -35.61 19.05
O1 GOL NC . 25.07 -35.83 17.65
C2 GOL NC . 26.11 -34.44 19.30
O2 GOL NC . 25.44 -33.42 20.04
C3 GOL NC . 27.45 -34.88 19.86
O3 GOL NC . 28.22 -33.83 20.45
C1 GOL OC . 23.35 -44.14 13.38
O1 GOL OC . 24.02 -44.11 14.64
C2 GOL OC . 24.23 -44.56 12.21
O2 GOL OC . 24.59 -45.93 12.41
C3 GOL OC . 23.57 -44.34 10.84
O3 GOL OC . 24.42 -44.63 9.72
S SO4 PC . 23.52 -34.51 -33.64
O1 SO4 PC . 23.70 -35.55 -34.67
O2 SO4 PC . 22.53 -33.55 -34.10
O3 SO4 PC . 24.77 -33.80 -33.39
O4 SO4 PC . 23.07 -35.11 -32.42
S SO4 QC . -29.03 -5.05 48.92
O1 SO4 QC . -28.28 -5.47 47.77
O2 SO4 QC . -29.86 -3.94 48.53
O3 SO4 QC . -28.14 -4.59 49.99
O4 SO4 QC . -29.89 -6.15 49.34
CL CL RC . 2.95 -44.59 20.05
CL CL SC . 28.92 -32.60 3.68
C CO3 TC . -49.36 -13.53 67.30
O1 CO3 TC . -49.76 -12.63 66.51
O2 CO3 TC . -49.79 -14.71 67.21
O3 CO3 TC . -48.51 -13.24 68.21
CL CL UC . -36.24 -21.45 55.31
C1 GOL VC . 8.54 -48.55 -0.32
O1 GOL VC . 8.02 -47.41 -1.00
C2 GOL VC . 9.31 -49.50 -1.23
O2 GOL VC . 10.58 -48.89 -1.51
C3 GOL VC . 9.51 -50.90 -0.65
O3 GOL VC . 9.97 -51.89 -1.58
C1 GOL WC . -17.63 -15.75 26.19
O1 GOL WC . -17.69 -14.36 25.93
C2 GOL WC . -18.61 -16.50 25.32
O2 GOL WC . -18.11 -16.55 23.96
C3 GOL WC . -18.89 -17.86 25.93
O3 GOL WC . -20.14 -18.46 25.51
C1 GOL XC . -4.74 -30.07 5.31
O1 GOL XC . -4.62 -30.80 6.54
C2 GOL XC . -5.65 -30.78 4.33
O2 GOL XC . -6.24 -29.83 3.45
C3 GOL XC . -4.98 -31.88 3.54
O3 GOL XC . -5.40 -33.16 4.01
S SO4 YC . -3.17 -38.28 -7.32
O1 SO4 YC . -1.98 -37.80 -7.93
O2 SO4 YC . -4.30 -38.28 -8.24
O3 SO4 YC . -2.95 -39.64 -6.91
O4 SO4 YC . -3.50 -37.52 -6.12
S SO4 ZC . -11.86 -35.93 33.28
O1 SO4 ZC . -11.02 -34.94 32.68
O2 SO4 ZC . -12.66 -36.57 32.28
O3 SO4 ZC . -11.00 -36.95 33.85
O4 SO4 ZC . -12.72 -35.34 34.29
S SO4 AD . 29.24 -34.59 26.06
O1 SO4 AD . 30.10 -35.74 26.19
O2 SO4 AD . 29.01 -34.36 24.65
O3 SO4 AD . 29.92 -33.43 26.63
O4 SO4 AD . 27.94 -34.79 26.65
C1 GOL BD . 31.22 -67.11 7.47
O1 GOL BD . 31.40 -65.80 6.93
C2 GOL BD . 30.20 -67.94 6.71
O2 GOL BD . 30.72 -68.42 5.47
C3 GOL BD . 29.61 -69.10 7.50
O3 GOL BD . 30.56 -70.13 7.77
C1 GOL CD . -3.62 -33.04 52.57
O1 GOL CD . -4.76 -33.87 52.39
C2 GOL CD . -3.25 -32.95 54.03
O2 GOL CD . -3.47 -34.21 54.68
C3 GOL CD . -1.83 -32.47 54.21
O3 GOL CD . -1.15 -32.55 52.95
C1 GOL DD . 22.41 -44.37 42.88
O1 GOL DD . 21.80 -43.08 42.82
C2 GOL DD . 23.92 -44.28 42.76
O2 GOL DD . 24.34 -43.00 43.22
C3 GOL DD . 24.65 -45.40 43.48
O3 GOL DD . 26.01 -45.55 43.06
C1 GOL ED . 39.47 -52.43 30.92
O1 GOL ED . 38.12 -52.75 31.28
C2 GOL ED . 39.66 -52.30 29.42
O2 GOL ED . 38.97 -53.31 28.67
C3 GOL ED . 41.11 -52.23 28.99
O3 GOL ED . 41.94 -53.00 29.84
C1 GOL FD . 9.47 -70.32 23.03
O1 GOL FD . 8.54 -71.30 22.54
C2 GOL FD . 8.81 -68.98 23.28
O2 GOL FD . 9.15 -68.53 24.60
C3 GOL FD . 9.25 -67.94 22.27
O3 GOL FD . 10.62 -67.58 22.48
C1 GOL GD . -2.77 -58.68 46.32
O1 GOL GD . -3.57 -57.83 45.53
C2 GOL GD . -3.44 -60.02 46.48
O2 GOL GD . -2.44 -60.90 47.01
C3 GOL GD . -4.62 -59.96 47.42
O3 GOL GD . -5.84 -60.39 46.81
C1 GOL HD . -45.59 -6.00 76.32
O1 GOL HD . -46.71 -6.82 75.97
C2 GOL HD . -44.90 -5.41 75.10
O2 GOL HD . -45.87 -4.93 74.16
C3 GOL HD . -43.85 -4.35 75.38
O3 GOL HD . -42.80 -4.83 76.24
S SO4 ID . 25.46 -68.51 23.37
O1 SO4 ID . 24.34 -67.81 22.82
O2 SO4 ID . 26.56 -68.45 22.45
O3 SO4 ID . 25.10 -69.89 23.58
O4 SO4 ID . 25.88 -67.91 24.61
S SO4 JD . 60.22 -55.21 21.01
O1 SO4 JD . 58.82 -54.97 20.71
O2 SO4 JD . 61.05 -54.97 19.84
O3 SO4 JD . 60.37 -56.57 21.40
O4 SO4 JD . 60.67 -54.33 22.09
S SO4 KD . -26.35 -30.84 68.61
O1 SO4 KD . -27.08 -29.95 67.75
O2 SO4 KD . -24.96 -30.89 68.19
O3 SO4 KD . -26.99 -32.15 68.59
O4 SO4 KD . -26.39 -30.34 69.96
C1 GOL LD . 13.59 -62.34 14.34
O1 GOL LD . 12.48 -63.23 14.17
C2 GOL LD . 14.80 -62.82 13.56
O2 GOL LD . 14.41 -63.23 12.25
C3 GOL LD . 15.93 -61.81 13.49
O3 GOL LD . 17.20 -62.46 13.44
C1 GOL MD . -1.29 -78.87 3.64
O1 GOL MD . -2.42 -78.08 3.25
C2 GOL MD . -0.42 -79.27 2.46
O2 GOL MD . 0.32 -78.19 1.87
C3 GOL MD . 0.55 -80.38 2.81
O3 GOL MD . 0.19 -81.52 2.03
C1 GOL ND . -3.43 -44.27 -4.01
O1 GOL ND . -4.52 -43.94 -4.88
C2 GOL ND . -2.33 -45.10 -4.67
O2 GOL ND . -2.05 -44.74 -6.04
C3 GOL ND . -1.05 -45.07 -3.88
O3 GOL ND . -0.58 -46.40 -3.68
C1 GOL OD . -30.98 -48.66 34.06
O1 GOL OD . -31.59 -49.83 33.51
C2 GOL OD . -29.52 -48.96 34.35
O2 GOL OD . -28.81 -47.77 34.72
C3 GOL OD . -29.32 -50.09 35.34
O3 GOL OD . -28.41 -51.08 34.82
S SO4 PD . 3.20 -73.52 22.45
O1 SO4 PD . 4.35 -73.48 21.57
O2 SO4 PD . 2.14 -74.20 21.71
O3 SO4 PD . 3.50 -74.25 23.68
O4 SO4 PD . 2.80 -72.18 22.85
S SO4 QD . 0.92 -60.44 -9.01
O1 SO4 QD . 2.02 -61.32 -9.31
O2 SO4 QD . 0.57 -59.72 -10.21
O3 SO4 QD . 1.34 -59.52 -7.96
O4 SO4 QD . -0.19 -61.22 -8.55
S SO4 RD . 12.12 -95.95 -6.42
O1 SO4 RD . 13.22 -96.89 -6.33
O2 SO4 RD . 11.99 -95.43 -7.77
O3 SO4 RD . 10.88 -96.59 -6.07
O4 SO4 RD . 12.36 -94.85 -5.48
S SO4 SD . -48.97 -30.72 44.10
O1 SO4 SD . -49.29 -31.81 43.22
O2 SO4 SD . -48.72 -29.51 43.34
O3 SO4 SD . -50.09 -30.47 44.97
O4 SO4 SD . -47.82 -31.07 44.90
#